data_6Z9N
#
_entry.id   6Z9N
#
_cell.length_a   67.325
_cell.length_b   197.274
_cell.length_c   172.119
_cell.angle_alpha   90.000
_cell.angle_beta   91.424
_cell.angle_gamma   90.000
#
_symmetry.space_group_name_H-M   'P 1 21 1'
#
loop_
_entity.id
_entity.type
_entity.pdbx_description
1 polymer 'Putative copper transport outer membrane porin OprC'
2 non-polymer 'COPPER (II) ION'
3 water water
#
_entity_poly.entity_id   1
_entity_poly.type   'polypeptide(L)'
_entity_poly.pdbx_seq_one_letter_code
;MEKRMSTQQRAAGNACPTAAFSFDPARLAQRRRWAGAFAALCGLALSPSALLAEEHSQHQDHAVELAPSVVTGVAQSSPL
TIVTNPKEPRQPVPASDGADYLKTIPGFAVIRNGGSNGDPVLRGMFGSRLNILTNGGMMLGACPNRMDAPTSYISPETYD
KLTVIKGPQTVLWGPGASAGTILFEREPERFGELGSRVNASLLAGSNGRFDKVLDAAAGNRLGYLRFTGNHAQSDDYEDG
AGNTVPSRWKKWNGDVAVGWTPDEDTLIELTAGKGDGEARYAGRGMDGSQFKRESLGLRFVKSNVSDVLEKVEAQVYYNY
ADAIMDNFRLRTPDPSSMMPMPMASQVDRRTLGGRLAATWRWDDFKLVTGVDAMRNEHRARGSKYDMMTDYYTDADQFPW
SKDAVFHNYGAFGELTWFAAERDRLIGGLRLDRASVKDYRQTLKSGHMGHAMANPTANDTRADTLPSGFVRYEHDLADSP
TTLYAGLGHAERFPDYWELFSPKRGPNGSVNAFDKIKPEKTTQLDFGLQYNGDKLQAWASGYVGVVQDFILFSYREGMMG
SSTQATNVDARIMGGELGASYQLTGNWKTDASLAYAWGKNSSDDRALPQIPPLEARFGLTYEEGDWSAGSLWRVVAPQNR
IARDQGNVVGKDFDKSAGFGVFSLNGAYRVTRNVKLSAGVDNLFDKDYTEHLNKAGDAGFGFSANETVPEPGRTFWTKVD
FSF
;
_entity_poly.pdbx_strand_id   A,B,C,D
#
loop_
_chem_comp.id
_chem_comp.type
_chem_comp.name
_chem_comp.formula
CU non-polymer 'COPPER (II) ION' 'Cu 2'
#
# COMPACT_ATOMS: atom_id res chain seq x y z
N ALA A 67 57.07 57.48 25.73
CA ALA A 67 56.97 58.73 24.96
C ALA A 67 55.54 59.29 24.99
N PRO A 68 55.42 60.58 25.28
CA PRO A 68 54.09 61.20 25.49
C PRO A 68 53.47 61.59 24.16
N SER A 69 52.27 61.10 23.92
CA SER A 69 51.58 61.30 22.65
C SER A 69 50.44 62.28 22.83
N VAL A 70 49.73 62.52 21.73
CA VAL A 70 48.46 63.22 21.67
C VAL A 70 47.55 62.32 20.85
N VAL A 71 46.34 62.04 21.37
CA VAL A 71 45.49 61.01 20.79
C VAL A 71 44.69 61.61 19.65
N THR A 72 44.56 60.83 18.57
CA THR A 72 43.93 61.29 17.34
C THR A 72 43.04 60.24 16.72
N GLY A 73 43.25 58.96 17.05
CA GLY A 73 42.33 57.89 16.80
C GLY A 73 42.51 56.84 17.90
N VAL A 74 41.60 55.87 17.90
CA VAL A 74 41.79 54.67 18.71
C VAL A 74 41.58 53.45 17.84
N ALA A 75 42.53 52.51 17.94
CA ALA A 75 42.36 51.19 17.38
C ALA A 75 41.17 50.47 18.03
N GLN A 76 40.67 49.47 17.32
CA GLN A 76 39.87 48.40 17.90
C GLN A 76 40.81 47.39 18.54
N SER A 77 40.90 47.41 19.87
CA SER A 77 41.87 46.57 20.57
C SER A 77 41.47 45.09 20.59
N SER A 78 40.18 44.79 20.62
CA SER A 78 39.70 43.41 20.59
C SER A 78 38.49 43.37 19.65
N PRO A 79 37.95 42.18 19.30
CA PRO A 79 36.79 42.15 18.39
C PRO A 79 35.65 43.04 18.87
N LEU A 80 35.34 44.08 18.09
CA LEU A 80 34.26 45.04 18.33
C LEU A 80 34.48 45.90 19.55
N THR A 81 35.64 45.83 20.21
CA THR A 81 35.85 46.46 21.51
C THR A 81 37.01 47.44 21.49
N ILE A 82 36.73 48.66 21.93
CA ILE A 82 37.67 49.78 21.91
C ILE A 82 37.89 50.22 23.35
N VAL A 83 39.13 50.31 23.78
CA VAL A 83 39.40 50.71 25.16
C VAL A 83 40.43 51.82 25.16
N THR A 84 40.07 52.97 25.74
CA THR A 84 40.95 54.13 25.82
C THR A 84 40.95 54.70 27.23
N ASN A 85 41.96 55.52 27.52
CA ASN A 85 42.03 56.26 28.77
C ASN A 85 41.71 57.72 28.48
N PRO A 86 40.58 58.25 28.93
CA PRO A 86 40.18 59.60 28.50
C PRO A 86 40.94 60.69 29.22
N LYS A 87 42.14 60.40 29.72
CA LYS A 87 42.95 61.42 30.36
C LYS A 87 44.08 61.92 29.46
N GLU A 88 44.34 61.21 28.34
CA GLU A 88 45.31 61.55 27.32
C GLU A 88 44.77 62.70 26.46
N PRO A 89 45.62 63.65 26.09
CA PRO A 89 45.14 64.75 25.23
C PRO A 89 44.66 64.23 23.88
N ARG A 90 43.68 64.94 23.31
CA ARG A 90 43.06 64.51 22.07
C ARG A 90 43.12 65.62 21.05
N GLN A 91 43.35 65.28 19.77
CA GLN A 91 43.93 66.30 18.90
C GLN A 91 42.90 67.32 18.44
N PRO A 92 41.69 66.93 17.97
CA PRO A 92 40.64 67.95 17.91
C PRO A 92 40.19 68.13 19.35
N VAL A 93 40.60 69.21 20.03
CA VAL A 93 40.50 69.21 21.50
C VAL A 93 39.05 69.04 21.90
N PRO A 94 38.72 68.09 22.76
CA PRO A 94 37.31 67.80 23.00
C PRO A 94 36.68 68.91 23.85
N ALA A 95 35.38 69.09 23.65
CA ALA A 95 34.65 70.16 24.36
C ALA A 95 34.20 69.70 25.73
N SER A 96 35.00 68.90 26.41
CA SER A 96 34.75 68.58 27.82
C SER A 96 33.36 67.95 28.03
N ASP A 97 32.94 67.10 27.09
CA ASP A 97 31.67 66.39 27.20
C ASP A 97 31.85 64.97 26.65
N GLY A 98 30.82 64.14 26.74
CA GLY A 98 30.98 62.76 26.35
C GLY A 98 31.14 62.56 24.85
N ALA A 99 30.43 63.34 24.04
CA ALA A 99 30.42 63.12 22.60
C ALA A 99 31.77 63.42 21.96
N ASP A 100 32.43 64.49 22.40
CA ASP A 100 33.68 64.85 21.75
C ASP A 100 34.80 63.87 22.03
N TYR A 101 34.67 63.09 23.11
CA TYR A 101 35.60 62.00 23.39
C TYR A 101 35.28 60.76 22.59
N LEU A 102 34.12 60.70 21.95
CA LEU A 102 33.81 59.62 21.03
C LEU A 102 34.18 59.97 19.59
N LYS A 103 34.47 61.25 19.31
CA LYS A 103 34.81 61.68 17.96
C LYS A 103 36.09 61.02 17.48
N THR A 104 36.98 60.64 18.40
CA THR A 104 38.25 60.02 18.03
C THR A 104 38.14 58.54 17.69
N ILE A 105 36.95 57.94 17.82
CA ILE A 105 36.75 56.50 17.70
C ILE A 105 35.95 56.23 16.43
N PRO A 106 36.52 55.55 15.44
CA PRO A 106 35.81 55.37 14.17
C PRO A 106 34.49 54.65 14.40
N GLY A 107 33.45 55.18 13.79
CA GLY A 107 32.07 54.80 14.07
C GLY A 107 31.21 55.96 14.52
N PHE A 108 31.80 56.90 15.26
CA PHE A 108 31.04 57.92 15.95
C PHE A 108 31.03 59.21 15.14
N ALA A 109 29.86 59.78 14.96
CA ALA A 109 29.64 61.15 14.52
C ALA A 109 28.92 61.89 15.63
N VAL A 110 28.93 63.21 15.59
CA VAL A 110 28.28 64.03 16.60
C VAL A 110 27.39 65.06 15.92
N ILE A 111 26.14 65.13 16.34
CA ILE A 111 25.30 66.26 16.00
C ILE A 111 25.80 67.49 16.75
N ARG A 112 25.96 68.62 16.06
CA ARG A 112 26.43 69.82 16.75
C ARG A 112 25.25 70.69 17.09
N ASN A 113 25.21 71.17 18.34
CA ASN A 113 24.16 72.05 18.79
C ASN A 113 24.67 73.44 19.12
N GLY A 114 25.95 73.58 19.41
CA GLY A 114 26.55 74.82 19.81
C GLY A 114 28.01 74.57 20.09
N GLY A 115 28.49 74.92 21.29
CA GLY A 115 29.90 74.77 21.58
C GLY A 115 30.25 73.45 22.22
N SER A 116 29.24 72.84 22.79
CA SER A 116 29.40 71.60 23.50
C SER A 116 28.07 70.91 23.41
N ASN A 117 27.91 69.83 24.18
CA ASN A 117 26.64 69.10 24.33
C ASN A 117 26.12 68.63 22.98
N GLY A 118 26.95 67.96 22.25
CA GLY A 118 26.49 67.34 21.05
C GLY A 118 25.76 66.06 21.33
N ASP A 119 24.95 65.62 20.37
CA ASP A 119 24.28 64.34 20.47
C ASP A 119 25.06 63.28 19.69
N PRO A 120 25.54 62.20 20.31
CA PRO A 120 26.39 61.24 19.60
C PRO A 120 25.60 60.25 18.77
N VAL A 121 26.26 59.78 17.72
CA VAL A 121 25.67 58.90 16.71
C VAL A 121 26.70 57.81 16.41
N LEU A 122 26.28 56.54 16.46
CA LEU A 122 27.12 55.39 16.20
C LEU A 122 26.53 54.60 15.03
N ARG A 123 27.38 54.29 14.05
CA ARG A 123 26.97 53.73 12.76
C ARG A 123 25.61 54.21 12.31
N GLY A 124 25.41 55.52 12.35
CA GLY A 124 24.17 56.10 11.88
C GLY A 124 23.00 56.03 12.83
N MET A 125 23.09 55.24 13.89
CA MET A 125 22.01 55.11 14.84
C MET A 125 22.09 56.21 15.91
N PHE A 126 20.94 56.70 16.33
CA PHE A 126 20.83 57.84 17.21
C PHE A 126 20.15 57.44 18.52
N GLY A 127 20.54 58.11 19.61
CA GLY A 127 19.71 58.14 20.81
C GLY A 127 19.82 56.91 21.69
N SER A 128 18.68 56.48 22.24
CA SER A 128 18.67 55.36 23.18
C SER A 128 19.21 54.07 22.58
N ARG A 129 19.39 54.02 21.25
CA ARG A 129 20.04 52.91 20.57
C ARG A 129 21.48 52.75 20.99
N LEU A 130 22.07 53.83 21.51
CA LEU A 130 23.36 53.81 22.17
C LEU A 130 23.07 53.74 23.65
N ASN A 131 23.83 52.91 24.33
CA ASN A 131 23.58 52.65 25.73
C ASN A 131 24.80 53.14 26.50
N ILE A 132 24.72 54.38 27.02
CA ILE A 132 25.86 55.02 27.66
C ILE A 132 25.75 54.93 29.18
N LEU A 133 26.71 54.26 29.81
CA LEU A 133 26.74 54.14 31.26
C LEU A 133 27.91 54.89 31.87
N THR A 134 27.68 55.48 33.04
CA THR A 134 28.74 56.09 33.83
C THR A 134 28.82 55.38 35.17
N ASN A 135 29.98 54.81 35.47
CA ASN A 135 30.18 53.96 36.66
C ASN A 135 29.08 52.90 36.82
N GLY A 136 28.77 52.21 35.71
CA GLY A 136 27.74 51.20 35.71
C GLY A 136 26.32 51.71 35.77
N GLY A 137 26.11 52.95 36.22
CA GLY A 137 24.79 53.51 36.32
C GLY A 137 24.45 54.35 35.10
N MET A 138 23.19 54.76 35.04
CA MET A 138 22.68 55.40 33.85
C MET A 138 22.12 56.78 34.17
N MET A 139 22.53 57.79 33.41
CA MET A 139 22.10 59.16 33.70
C MET A 139 21.38 59.71 32.49
N LEU A 140 20.09 59.96 32.65
CA LEU A 140 19.24 60.46 31.57
C LEU A 140 18.96 61.93 31.83
N GLY A 141 19.00 62.73 30.77
CA GLY A 141 18.61 64.13 30.87
C GLY A 141 17.12 64.35 30.71
N ALA A 142 16.73 65.64 30.72
CA ALA A 142 15.33 66.02 30.90
C ALA A 142 14.73 66.86 29.77
N CYS A 143 15.52 67.42 28.91
CA CYS A 143 14.93 68.30 27.93
C CYS A 143 14.11 67.48 26.93
N PRO A 144 12.86 67.87 26.65
CA PRO A 144 12.08 67.16 25.63
C PRO A 144 12.78 67.06 24.30
N ASN A 145 13.73 67.96 24.00
CA ASN A 145 14.36 68.01 22.68
C ASN A 145 15.84 67.66 22.76
N ARG A 146 16.22 66.94 23.81
CA ARG A 146 17.54 66.34 24.00
C ARG A 146 18.64 67.39 23.93
N MET A 147 18.32 68.60 24.41
CA MET A 147 19.39 69.58 24.60
C MET A 147 20.37 69.17 25.67
N ASP A 148 20.08 68.15 26.49
CA ASP A 148 21.00 67.66 27.52
C ASP A 148 21.09 66.12 27.44
N ALA A 149 21.57 65.64 26.30
CA ALA A 149 21.73 64.22 26.08
C ALA A 149 22.63 63.59 27.15
N PRO A 150 22.47 62.31 27.41
CA PRO A 150 23.26 61.64 28.46
C PRO A 150 24.75 61.93 28.45
N THR A 151 25.33 62.31 27.31
CA THR A 151 26.77 62.54 27.29
C THR A 151 27.12 63.96 27.72
N SER A 152 26.13 64.81 27.91
CA SER A 152 26.38 66.18 28.33
C SER A 152 26.62 66.30 29.82
N TYR A 153 26.21 65.29 30.59
CA TYR A 153 26.49 65.28 32.03
C TYR A 153 27.81 64.59 32.36
N ILE A 154 28.57 64.17 31.36
CA ILE A 154 29.79 63.40 31.54
C ILE A 154 31.00 64.29 31.28
N SER A 155 31.96 64.29 32.21
CA SER A 155 33.28 64.87 32.00
C SER A 155 34.30 63.74 31.86
N PRO A 156 34.59 63.30 30.63
CA PRO A 156 35.48 62.14 30.47
C PRO A 156 36.83 62.31 31.12
N GLU A 157 37.31 63.55 31.25
CA GLU A 157 38.56 63.82 31.96
C GLU A 157 38.52 63.29 33.40
N THR A 158 37.33 63.09 33.98
CA THR A 158 37.24 62.59 35.35
C THR A 158 37.16 61.08 35.43
N TYR A 159 36.96 60.39 34.32
CA TYR A 159 36.92 58.95 34.41
C TYR A 159 38.32 58.39 34.21
N ASP A 160 38.46 57.09 34.05
CA ASP A 160 39.77 56.45 34.00
C ASP A 160 39.84 55.54 32.79
N LYS A 161 38.70 54.94 32.43
CA LYS A 161 38.59 54.00 31.33
C LYS A 161 37.37 54.38 30.51
N LEU A 162 37.49 54.33 29.18
CA LEU A 162 36.34 54.38 28.28
C LEU A 162 36.35 53.11 27.43
N THR A 163 35.21 52.39 27.42
CA THR A 163 35.05 51.13 26.70
C THR A 163 33.85 51.25 25.76
N VAL A 164 34.05 50.88 24.50
CA VAL A 164 32.98 50.88 23.51
C VAL A 164 32.86 49.47 22.96
N ILE A 165 31.65 48.94 22.94
CA ILE A 165 31.37 47.62 22.40
C ILE A 165 30.37 47.80 21.26
N LYS A 166 30.76 47.40 20.05
CA LYS A 166 30.00 47.78 18.88
C LYS A 166 28.98 46.70 18.56
N GLY A 167 27.73 47.12 18.37
CA GLY A 167 26.66 46.25 17.92
C GLY A 167 25.97 45.52 19.05
N PRO A 168 24.86 44.87 18.75
CA PRO A 168 24.10 44.21 19.82
C PRO A 168 24.83 42.94 20.26
N GLN A 169 25.95 43.12 20.95
CA GLN A 169 26.85 42.00 21.22
C GLN A 169 27.29 41.91 22.67
N THR A 170 26.59 42.61 23.58
CA THR A 170 26.65 42.30 25.01
C THR A 170 25.24 42.36 25.58
N VAL A 171 25.00 41.56 26.61
CA VAL A 171 23.75 41.61 27.35
C VAL A 171 23.97 41.95 28.81
N LEU A 172 25.17 42.44 29.17
CA LEU A 172 25.53 42.59 30.57
C LEU A 172 25.17 43.95 31.16
N TRP A 173 24.79 44.93 30.33
CA TRP A 173 24.74 46.32 30.75
C TRP A 173 23.39 46.99 30.52
N GLY A 174 22.37 46.23 30.17
CA GLY A 174 21.02 46.71 30.24
C GLY A 174 20.25 46.52 28.95
N PRO A 175 19.00 46.98 28.92
CA PRO A 175 18.16 46.74 27.74
C PRO A 175 18.49 47.68 26.58
N GLY A 176 18.16 47.20 25.38
CA GLY A 176 17.98 48.05 24.22
C GLY A 176 19.25 48.54 23.54
N ALA A 177 20.38 47.88 23.76
CA ALA A 177 21.67 48.29 23.20
C ALA A 177 21.82 47.85 21.74
N SER A 178 20.97 48.36 20.85
CA SER A 178 21.02 47.87 19.48
C SER A 178 22.31 48.30 18.77
N ALA A 179 22.72 49.57 18.94
CA ALA A 179 23.87 50.12 18.22
C ALA A 179 25.20 49.89 18.93
N GLY A 180 25.25 50.06 20.25
CA GLY A 180 26.46 49.74 20.97
C GLY A 180 26.35 50.17 22.41
N THR A 181 27.34 49.75 23.19
CA THR A 181 27.45 50.07 24.59
C THR A 181 28.70 50.90 24.84
N ILE A 182 28.57 51.95 25.65
CA ILE A 182 29.65 52.86 26.01
C ILE A 182 29.80 52.90 27.53
N LEU A 183 31.00 52.62 28.02
CA LEU A 183 31.25 52.43 29.45
C LEU A 183 32.36 53.36 29.96
N PHE A 184 31.98 54.50 30.53
CA PHE A 184 32.91 55.34 31.30
C PHE A 184 32.99 54.85 32.75
N GLU A 185 34.19 54.51 33.22
CA GLU A 185 34.26 54.01 34.60
C GLU A 185 35.47 54.57 35.36
N ARG A 186 35.28 54.66 36.68
CA ARG A 186 36.38 54.86 37.61
C ARG A 186 36.83 53.50 38.15
N GLU A 187 38.22 53.33 38.34
CA GLU A 187 38.69 52.11 38.96
C GLU A 187 39.03 52.35 40.43
N PRO A 188 38.80 51.36 41.28
CA PRO A 188 39.11 51.55 42.70
C PRO A 188 40.59 51.76 42.90
N GLU A 189 40.91 52.49 43.96
CA GLU A 189 42.30 52.76 44.29
C GLU A 189 43.03 51.46 44.63
N ARG A 190 44.35 51.57 44.74
CA ARG A 190 45.21 50.43 45.01
C ARG A 190 46.26 50.86 46.02
N PHE A 191 45.82 51.42 47.13
CA PHE A 191 46.77 51.84 48.14
C PHE A 191 47.18 50.63 48.94
N GLY A 192 48.46 50.56 49.28
CA GLY A 192 49.00 49.60 50.21
C GLY A 192 49.26 50.28 51.54
N GLU A 193 50.45 50.87 51.69
CA GLU A 193 50.78 51.67 52.85
C GLU A 193 50.00 52.97 52.83
N LEU A 194 50.02 53.70 53.94
CA LEU A 194 49.29 54.96 53.97
C LEU A 194 49.87 55.91 52.94
N GLY A 195 49.01 56.46 52.08
CA GLY A 195 49.55 57.24 50.98
C GLY A 195 48.53 58.12 50.29
N SER A 196 49.04 58.86 49.31
CA SER A 196 48.30 59.94 48.68
C SER A 196 48.67 60.02 47.20
N ARG A 197 47.84 60.73 46.43
CA ARG A 197 47.96 60.75 44.99
C ARG A 197 47.20 61.97 44.47
N VAL A 198 47.82 62.74 43.59
CA VAL A 198 47.15 63.90 43.01
C VAL A 198 47.45 63.96 41.52
N ASN A 199 46.41 64.04 40.71
CA ASN A 199 46.52 64.32 39.30
C ASN A 199 45.71 65.57 39.01
N ALA A 200 46.25 66.43 38.15
CA ALA A 200 45.64 67.72 37.87
C ALA A 200 46.00 68.11 36.45
N SER A 201 45.12 68.86 35.79
CA SER A 201 45.43 69.33 34.45
C SER A 201 44.80 70.68 34.19
N LEU A 202 45.45 71.48 33.31
CA LEU A 202 45.02 72.81 32.92
C LEU A 202 45.09 72.99 31.41
N LEU A 203 44.04 73.57 30.83
CA LEU A 203 43.99 73.75 29.38
C LEU A 203 43.52 75.16 29.08
N ALA A 204 44.33 75.89 28.33
CA ALA A 204 43.93 77.16 27.76
C ALA A 204 43.92 77.04 26.25
N GLY A 205 42.94 77.67 25.62
CA GLY A 205 42.84 77.62 24.19
C GLY A 205 42.17 78.84 23.60
N SER A 206 41.92 78.83 22.30
CA SER A 206 41.31 79.98 21.66
C SER A 206 39.93 80.27 22.26
N ASN A 207 39.50 81.51 22.08
CA ASN A 207 38.12 81.89 22.33
C ASN A 207 37.74 81.69 23.79
N GLY A 208 38.68 82.02 24.68
CA GLY A 208 38.43 81.96 26.12
C GLY A 208 38.20 80.56 26.65
N ARG A 209 38.82 79.56 26.03
CA ARG A 209 38.77 78.19 26.49
C ARG A 209 39.68 78.03 27.69
N PHE A 210 39.12 77.56 28.80
CA PHE A 210 39.91 77.24 29.99
C PHE A 210 39.29 76.03 30.69
N ASP A 211 40.09 75.00 30.92
CA ASP A 211 39.67 73.82 31.68
C ASP A 211 40.57 73.64 32.89
N LYS A 212 39.98 73.17 33.97
CA LYS A 212 40.72 72.90 35.20
C LYS A 212 40.23 71.55 35.71
N VAL A 213 41.14 70.59 35.92
CA VAL A 213 40.76 69.22 36.23
C VAL A 213 41.56 68.74 37.43
N LEU A 214 40.89 68.14 38.41
CA LEU A 214 41.54 67.65 39.62
C LEU A 214 41.04 66.25 39.96
N ASP A 215 41.98 65.38 40.32
CA ASP A 215 41.71 64.01 40.71
C ASP A 215 42.69 63.70 41.84
N ALA A 216 42.16 63.48 43.05
CA ALA A 216 42.98 63.30 44.24
C ALA A 216 42.38 62.20 45.10
N ALA A 217 43.26 61.45 45.75
CA ALA A 217 42.81 60.35 46.56
C ALA A 217 43.86 60.05 47.61
N ALA A 218 43.40 59.38 48.66
CA ALA A 218 44.26 58.96 49.75
C ALA A 218 43.65 57.70 50.37
N GLY A 219 44.49 56.95 51.07
CA GLY A 219 44.04 55.71 51.67
C GLY A 219 45.19 54.79 51.95
N ASN A 220 44.83 53.63 52.51
CA ASN A 220 45.76 52.50 52.62
C ASN A 220 44.99 51.28 52.14
N ARG A 221 45.53 50.08 52.40
CA ARG A 221 44.88 48.84 51.94
C ARG A 221 43.48 48.63 52.53
N LEU A 222 43.12 49.35 53.60
CA LEU A 222 41.78 49.22 54.16
C LEU A 222 40.71 50.07 53.47
N GLY A 223 41.08 51.00 52.61
CA GLY A 223 40.08 51.78 51.91
C GLY A 223 40.60 53.17 51.59
N TYR A 224 39.76 53.93 50.90
CA TYR A 224 40.23 55.15 50.27
C TYR A 224 39.14 56.21 50.25
N LEU A 225 39.59 57.47 50.24
CA LEU A 225 38.81 58.64 49.84
C LEU A 225 39.34 59.17 48.51
N ARG A 226 38.43 59.48 47.59
CA ARG A 226 38.81 60.01 46.29
C ARG A 226 37.90 61.16 45.90
N PHE A 227 38.49 62.22 45.39
CA PHE A 227 37.73 63.35 44.89
C PHE A 227 38.10 63.63 43.45
N THR A 228 37.11 63.81 42.61
CA THR A 228 37.40 64.24 41.25
C THR A 228 36.50 65.42 40.96
N GLY A 229 36.95 66.26 40.05
CA GLY A 229 36.17 67.43 39.73
C GLY A 229 36.80 68.24 38.64
N ASN A 230 36.00 68.97 37.89
CA ASN A 230 36.55 69.80 36.83
C ASN A 230 35.78 71.12 36.80
N HIS A 231 36.36 72.09 36.09
CA HIS A 231 35.63 73.29 35.72
C HIS A 231 36.16 73.70 34.37
N ALA A 232 35.25 73.95 33.44
CA ALA A 232 35.62 74.21 32.05
C ALA A 232 34.62 75.17 31.44
N GLN A 233 35.09 76.01 30.51
CA GLN A 233 34.31 77.09 29.91
C GLN A 233 34.99 77.58 28.64
N SER A 234 34.18 78.11 27.73
CA SER A 234 34.73 78.83 26.58
C SER A 234 33.69 79.83 26.08
N ASP A 235 34.18 80.86 25.38
CA ASP A 235 33.34 81.84 24.71
C ASP A 235 32.88 81.32 23.34
N ASP A 236 32.11 82.12 22.62
CA ASP A 236 31.67 81.76 21.28
C ASP A 236 32.89 81.55 20.36
N TYR A 237 32.91 80.44 19.64
CA TYR A 237 33.94 80.18 18.65
C TYR A 237 33.56 80.80 17.32
N GLU A 238 34.53 80.80 16.38
CA GLU A 238 34.31 81.37 15.07
C GLU A 238 34.54 80.31 14.01
N ASP A 239 33.83 80.44 12.89
CA ASP A 239 33.91 79.48 11.79
C ASP A 239 35.07 79.80 10.86
N GLY A 240 35.20 78.98 9.81
CA GLY A 240 36.22 79.24 8.79
C GLY A 240 36.12 80.59 8.10
N ALA A 241 34.98 81.28 8.24
CA ALA A 241 34.73 82.55 7.57
C ALA A 241 34.71 83.74 8.53
N GLY A 242 35.14 83.56 9.78
CA GLY A 242 35.23 84.68 10.70
C GLY A 242 33.94 85.06 11.42
N ASN A 243 32.81 84.45 11.08
CA ASN A 243 31.58 84.68 11.85
C ASN A 243 31.68 84.00 13.21
N THR A 244 31.19 84.67 14.24
CA THR A 244 31.09 84.02 15.53
C THR A 244 29.78 83.23 15.63
N VAL A 245 29.88 82.04 16.21
CA VAL A 245 28.76 81.09 16.32
C VAL A 245 28.25 81.09 17.76
N PRO A 246 26.96 81.26 17.98
CA PRO A 246 26.38 81.04 19.32
C PRO A 246 26.80 79.72 19.97
N SER A 247 27.70 79.77 20.95
CA SER A 247 28.43 78.56 21.34
C SER A 247 29.15 78.63 22.70
N ARG A 248 29.03 79.72 23.46
CA ARG A 248 29.69 79.67 24.76
C ARG A 248 29.04 78.58 25.65
N TRP A 249 29.84 78.11 26.62
CA TRP A 249 29.42 77.05 27.54
C TRP A 249 30.26 77.12 28.80
N LYS A 250 29.74 76.50 29.86
CA LYS A 250 30.40 76.48 31.16
C LYS A 250 29.89 75.24 31.89
N LYS A 251 30.78 74.60 32.67
CA LYS A 251 30.54 73.26 33.19
C LYS A 251 31.42 73.07 34.42
N TRP A 252 30.85 72.56 35.50
CA TRP A 252 31.69 72.05 36.58
C TRP A 252 31.09 70.75 37.10
N ASN A 253 31.95 69.98 37.75
CA ASN A 253 31.61 68.66 38.28
C ASN A 253 32.42 68.44 39.54
N GLY A 254 31.78 67.87 40.57
CA GLY A 254 32.43 67.55 41.82
C GLY A 254 31.93 66.22 42.34
N ASP A 255 32.81 65.32 42.76
CA ASP A 255 32.38 63.96 43.02
C ASP A 255 33.30 63.29 44.00
N VAL A 256 32.70 62.69 45.02
CA VAL A 256 33.40 62.04 46.12
C VAL A 256 33.13 60.54 46.03
N ALA A 257 34.12 59.77 46.47
CA ALA A 257 34.00 58.33 46.57
C ALA A 257 34.69 57.90 47.86
N VAL A 258 34.03 57.06 48.64
CA VAL A 258 34.65 56.44 49.82
C VAL A 258 34.57 54.94 49.62
N GLY A 259 35.71 54.28 49.76
CA GLY A 259 35.80 52.85 49.54
C GLY A 259 36.31 52.16 50.79
N TRP A 260 35.72 51.00 51.08
CA TRP A 260 36.14 50.15 52.19
C TRP A 260 36.65 48.82 51.62
N THR A 261 37.89 48.46 51.94
CA THR A 261 38.47 47.20 51.50
C THR A 261 38.90 46.39 52.73
N PRO A 262 37.94 45.80 53.46
CA PRO A 262 38.27 45.19 54.76
C PRO A 262 39.19 43.97 54.66
N ASP A 263 39.09 43.20 53.58
CA ASP A 263 40.10 42.22 53.18
C ASP A 263 40.23 42.25 51.66
N GLU A 264 41.18 41.49 51.12
CA GLU A 264 41.53 41.59 49.71
C GLU A 264 40.42 41.11 48.77
N ASP A 265 39.31 40.58 49.31
CA ASP A 265 38.21 40.08 48.51
C ASP A 265 36.97 40.97 48.55
N THR A 266 36.99 42.04 49.33
CA THR A 266 35.79 42.80 49.64
C THR A 266 35.97 44.26 49.26
N LEU A 267 34.92 44.82 48.67
CA LEU A 267 34.86 46.26 48.41
C LEU A 267 33.45 46.75 48.66
N ILE A 268 33.30 47.80 49.47
CA ILE A 268 32.08 48.58 49.52
C ILE A 268 32.46 50.02 49.23
N GLU A 269 31.91 50.58 48.16
CA GLU A 269 32.21 51.94 47.75
C GLU A 269 30.94 52.77 47.75
N LEU A 270 31.06 54.00 48.19
CA LEU A 270 29.95 54.93 48.30
C LEU A 270 30.34 56.22 47.56
N THR A 271 29.45 56.75 46.72
CA THR A 271 29.82 57.85 45.84
C THR A 271 28.74 58.92 45.83
N ALA A 272 29.17 60.17 45.71
CA ALA A 272 28.18 61.21 45.44
C ALA A 272 28.84 62.40 44.73
N GLY A 273 28.04 63.12 43.97
CA GLY A 273 28.55 64.33 43.35
C GLY A 273 27.43 65.20 42.83
N LYS A 274 27.81 66.43 42.48
CA LYS A 274 26.91 67.31 41.74
C LYS A 274 27.68 67.93 40.60
N GLY A 275 26.93 68.53 39.70
CA GLY A 275 27.52 69.23 38.58
C GLY A 275 26.51 70.23 38.08
N ASP A 276 26.98 71.15 37.26
CA ASP A 276 26.09 72.16 36.72
C ASP A 276 26.72 72.72 35.48
N GLY A 277 25.90 73.35 34.66
CA GLY A 277 26.46 73.94 33.46
C GLY A 277 25.45 74.78 32.73
N GLU A 278 25.98 75.54 31.77
CA GLU A 278 25.16 76.27 30.82
C GLU A 278 25.83 76.16 29.46
N ALA A 279 25.06 76.37 28.40
CA ALA A 279 25.57 76.28 27.05
C ALA A 279 24.64 77.02 26.09
N ARG A 280 25.20 77.90 25.26
CA ARG A 280 24.44 78.59 24.22
C ARG A 280 24.28 77.68 23.01
N TYR A 281 23.05 77.60 22.48
CA TYR A 281 22.69 76.63 21.45
C TYR A 281 22.37 77.38 20.16
N ALA A 282 23.32 77.34 19.23
CA ALA A 282 23.09 77.95 17.93
C ALA A 282 21.96 77.27 17.18
N GLY A 283 21.82 75.96 17.32
CA GLY A 283 20.75 75.24 16.64
C GLY A 283 19.34 75.67 17.08
N ARG A 284 19.11 75.73 18.39
CA ARG A 284 17.77 75.83 18.95
C ARG A 284 17.32 77.29 19.14
N GLY A 285 16.02 77.43 19.46
CA GLY A 285 15.37 78.69 19.82
C GLY A 285 15.50 79.06 21.28
N MET A 286 16.17 78.21 22.06
CA MET A 286 16.39 78.44 23.47
C MET A 286 17.77 77.90 23.84
N ASP A 287 18.42 78.54 24.82
CA ASP A 287 19.70 78.06 25.32
C ASP A 287 19.54 77.38 26.66
N GLY A 288 20.52 76.54 27.00
CA GLY A 288 20.51 75.88 28.27
C GLY A 288 21.19 76.71 29.34
N SER A 289 20.42 77.40 30.17
CA SER A 289 21.01 78.14 31.27
C SER A 289 21.25 77.28 32.51
N GLN A 290 20.72 76.08 32.58
CA GLN A 290 21.00 75.25 33.75
C GLN A 290 20.87 73.78 33.39
N PHE A 291 21.82 73.00 33.87
CA PHE A 291 21.87 71.57 33.66
C PHE A 291 22.43 71.02 34.97
N LYS A 292 21.58 71.08 36.02
CA LYS A 292 21.97 70.65 37.36
C LYS A 292 21.95 69.14 37.40
N ARG A 293 22.96 68.59 38.05
CA ARG A 293 23.10 67.16 38.25
C ARG A 293 23.36 66.93 39.73
N GLU A 294 22.62 65.99 40.32
CA GLU A 294 22.84 65.50 41.67
C GLU A 294 22.90 64.00 41.54
N SER A 295 23.89 63.34 42.15
CA SER A 295 23.96 61.92 41.90
C SER A 295 24.65 61.18 43.05
N LEU A 296 24.16 59.93 43.28
CA LEU A 296 24.46 59.08 44.43
C LEU A 296 24.59 57.63 43.98
N GLY A 297 25.48 56.89 44.63
CA GLY A 297 25.67 55.51 44.25
C GLY A 297 26.32 54.69 45.34
N LEU A 298 26.05 53.38 45.31
CA LEU A 298 26.53 52.40 46.27
C LEU A 298 26.86 51.12 45.52
N ARG A 299 28.01 50.52 45.79
CA ARG A 299 28.30 49.27 45.09
C ARG A 299 29.12 48.37 45.99
N PHE A 300 28.83 47.07 45.88
CA PHE A 300 29.34 45.99 46.71
C PHE A 300 29.95 44.96 45.78
N VAL A 301 31.19 44.56 46.02
CA VAL A 301 31.85 43.55 45.21
C VAL A 301 32.61 42.59 46.12
N LYS A 302 32.27 41.30 46.06
CA LYS A 302 33.03 40.23 46.70
C LYS A 302 33.67 39.34 45.64
N SER A 303 34.85 38.78 45.97
CA SER A 303 35.65 38.02 45.02
C SER A 303 36.15 36.74 45.68
N ASN A 304 36.25 35.68 44.87
CA ASN A 304 36.62 34.33 45.35
C ASN A 304 35.66 33.83 46.42
N VAL A 305 34.36 33.89 46.11
CA VAL A 305 33.36 33.43 47.07
C VAL A 305 33.49 31.94 47.30
N SER A 306 33.76 31.18 46.24
CA SER A 306 33.96 29.73 46.30
C SER A 306 34.93 29.33 45.19
N ASP A 307 35.00 28.02 44.88
CA ASP A 307 35.92 27.56 43.86
C ASP A 307 35.42 27.90 42.45
N VAL A 308 34.12 27.83 42.25
CA VAL A 308 33.54 28.28 40.98
C VAL A 308 33.15 29.76 41.04
N LEU A 309 32.59 30.22 42.15
CA LEU A 309 32.07 31.59 42.23
C LEU A 309 33.26 32.55 42.35
N GLU A 310 33.49 33.33 41.30
CA GLU A 310 34.65 34.22 41.25
C GLU A 310 34.32 35.68 41.56
N LYS A 311 33.03 36.06 41.56
CA LYS A 311 32.69 37.47 41.72
C LYS A 311 31.19 37.59 41.91
N VAL A 312 30.79 38.46 42.83
CA VAL A 312 29.38 38.85 43.01
C VAL A 312 29.36 40.37 43.11
N GLU A 313 28.65 41.02 42.18
CA GLU A 313 28.57 42.47 42.13
C GLU A 313 27.14 42.90 42.37
N ALA A 314 26.96 43.85 43.27
CA ALA A 314 25.69 44.55 43.42
C ALA A 314 25.98 46.05 43.42
N GLN A 315 25.08 46.83 42.82
CA GLN A 315 25.23 48.27 42.84
C GLN A 315 23.87 48.93 42.74
N VAL A 316 23.70 50.05 43.42
CA VAL A 316 22.53 50.92 43.27
C VAL A 316 23.03 52.30 42.87
N TYR A 317 22.32 52.93 41.93
CA TYR A 317 22.66 54.29 41.48
C TYR A 317 21.39 55.12 41.49
N TYR A 318 21.59 56.40 41.83
CA TYR A 318 20.58 57.44 41.71
C TYR A 318 21.24 58.64 41.02
N ASN A 319 20.67 59.06 39.88
CA ASN A 319 21.11 60.26 39.19
C ASN A 319 19.89 61.15 38.97
N TYR A 320 20.07 62.45 39.16
CA TYR A 320 18.98 63.40 39.03
C TYR A 320 19.45 64.57 38.17
N ALA A 321 18.64 64.95 37.19
CA ALA A 321 18.94 66.03 36.27
C ALA A 321 17.87 67.08 36.47
N ASP A 322 18.28 68.34 36.44
CA ASP A 322 17.40 69.46 36.72
C ASP A 322 17.83 70.59 35.80
N ALA A 323 17.03 70.85 34.77
CA ALA A 323 17.47 71.60 33.60
C ALA A 323 16.57 72.79 33.40
N ILE A 324 17.18 73.91 33.07
CA ILE A 324 16.44 75.11 32.71
C ILE A 324 16.93 75.58 31.36
N MET A 325 16.01 75.68 30.42
CA MET A 325 16.25 76.30 29.14
C MET A 325 15.36 77.52 29.06
N ASP A 326 15.89 78.61 28.51
CA ASP A 326 15.09 79.82 28.34
C ASP A 326 15.61 80.58 27.12
N ASN A 327 14.98 81.72 26.84
CA ASN A 327 15.32 82.56 25.70
C ASN A 327 15.70 83.99 26.11
N PHE A 328 16.19 84.17 27.33
CA PHE A 328 16.46 85.53 27.78
C PHE A 328 17.69 85.66 28.66
N ARG A 329 18.31 84.57 29.10
CA ARG A 329 19.48 84.63 29.97
C ARG A 329 20.80 84.55 29.20
N LEU A 330 20.82 83.86 28.08
CA LEU A 330 22.00 83.76 27.24
C LEU A 330 21.76 84.34 25.86
N ARG A 331 20.54 84.78 25.56
CA ARG A 331 20.22 85.52 24.35
C ARG A 331 19.16 86.56 24.75
N THR A 332 18.65 87.30 23.74
CA THR A 332 17.44 88.10 23.98
C THR A 332 16.33 87.65 23.05
N PRO A 333 15.07 87.68 23.51
CA PRO A 333 14.04 86.76 22.98
C PRO A 333 13.86 86.64 21.47
N ASP A 334 14.05 87.73 20.71
CA ASP A 334 13.81 87.78 19.26
C ASP A 334 12.31 87.97 19.00
N PRO A 335 11.89 89.14 18.52
CA PRO A 335 10.46 89.43 18.39
C PRO A 335 9.81 88.96 17.09
N SER A 336 10.56 88.35 16.18
CA SER A 336 9.99 87.75 14.97
C SER A 336 9.62 86.28 15.13
N SER A 337 10.12 85.61 16.18
CA SER A 337 9.98 84.16 16.28
C SER A 337 8.67 83.80 16.97
N MET A 338 8.41 82.48 17.04
CA MET A 338 7.22 81.97 17.72
C MET A 338 7.22 82.31 19.21
N MET A 339 8.37 82.66 19.79
CA MET A 339 8.51 83.01 21.20
C MET A 339 9.10 84.42 21.30
N PRO A 340 8.27 85.45 21.15
CA PRO A 340 8.77 86.83 21.21
C PRO A 340 8.81 87.43 22.61
N MET A 341 8.47 86.67 23.65
CA MET A 341 8.51 87.21 25.01
C MET A 341 9.50 86.39 25.81
N PRO A 342 9.94 86.82 26.98
CA PRO A 342 10.84 85.97 27.77
C PRO A 342 10.13 84.68 28.16
N MET A 343 10.79 83.55 27.96
CA MET A 343 10.18 82.25 28.26
C MET A 343 11.23 81.29 28.82
N ALA A 344 10.85 80.55 29.85
CA ALA A 344 11.76 79.59 30.48
C ALA A 344 11.07 78.25 30.61
N SER A 345 11.81 77.19 30.32
CA SER A 345 11.27 75.85 30.48
C SER A 345 12.14 75.07 31.45
N GLN A 346 11.54 74.63 32.56
CA GLN A 346 12.24 73.83 33.55
C GLN A 346 11.77 72.38 33.46
N VAL A 347 12.72 71.45 33.47
CA VAL A 347 12.44 70.03 33.34
C VAL A 347 13.39 69.26 34.25
N ASP A 348 12.90 68.18 34.86
CA ASP A 348 13.83 67.33 35.60
C ASP A 348 13.62 65.86 35.22
N ARG A 349 14.56 65.04 35.68
CA ARG A 349 14.61 63.62 35.37
C ARG A 349 15.27 62.93 36.55
N ARG A 350 14.53 62.03 37.20
CA ARG A 350 15.00 61.28 38.36
C ARG A 350 15.15 59.82 37.94
N THR A 351 16.35 59.28 38.08
CA THR A 351 16.62 57.93 37.63
C THR A 351 17.17 57.11 38.78
N LEU A 352 16.56 55.97 39.06
CA LEU A 352 17.04 55.07 40.10
C LEU A 352 17.15 53.67 39.52
N GLY A 353 18.32 53.06 39.67
CA GLY A 353 18.45 51.71 39.16
C GLY A 353 19.54 50.97 39.88
N GLY A 354 19.68 49.71 39.54
CA GLY A 354 20.72 48.87 40.12
C GLY A 354 20.88 47.57 39.39
N ARG A 355 21.91 46.84 39.82
CA ARG A 355 22.45 45.69 39.10
C ARG A 355 22.97 44.70 40.11
N LEU A 356 22.70 43.41 39.87
CA LEU A 356 23.20 42.31 40.70
C LEU A 356 23.75 41.25 39.78
N ALA A 357 24.98 40.78 40.03
CA ALA A 357 25.62 39.92 39.04
C ALA A 357 26.62 38.98 39.68
N ALA A 358 26.65 37.74 39.16
CA ALA A 358 27.57 36.69 39.59
C ALA A 358 28.35 36.15 38.41
N THR A 359 29.68 36.10 38.54
CA THR A 359 30.58 35.54 37.54
C THR A 359 31.11 34.21 38.03
N TRP A 360 30.93 33.16 37.22
CA TRP A 360 31.42 31.81 37.54
C TRP A 360 32.50 31.40 36.55
N ARG A 361 33.57 30.78 37.06
CA ARG A 361 34.72 30.42 36.24
C ARG A 361 35.19 29.03 36.64
N TRP A 362 35.25 28.09 35.65
CA TRP A 362 35.88 26.78 35.86
C TRP A 362 36.68 26.36 34.60
N ASP A 363 37.73 27.14 34.35
CA ASP A 363 38.92 26.82 33.56
C ASP A 363 38.69 26.60 32.07
N ASP A 364 37.51 26.15 31.65
CA ASP A 364 37.21 26.20 30.22
C ASP A 364 35.99 27.06 29.91
N PHE A 365 35.24 27.50 30.92
CA PHE A 365 34.02 28.27 30.74
C PHE A 365 33.99 29.43 31.75
N LYS A 366 33.38 30.52 31.32
CA LYS A 366 33.09 31.66 32.17
C LYS A 366 31.61 31.96 31.96
N LEU A 367 30.87 32.11 33.06
CA LEU A 367 29.47 32.47 32.98
C LEU A 367 29.18 33.68 33.86
N VAL A 368 28.42 34.63 33.32
CA VAL A 368 27.99 35.81 34.06
C VAL A 368 26.47 35.87 34.00
N THR A 369 25.82 35.79 35.17
CA THR A 369 24.36 35.89 35.27
C THR A 369 23.97 37.02 36.21
N GLY A 370 22.89 37.72 35.87
CA GLY A 370 22.44 38.83 36.69
C GLY A 370 21.03 39.29 36.38
N VAL A 371 20.58 40.23 37.19
CA VAL A 371 19.31 40.92 37.03
C VAL A 371 19.62 42.41 37.11
N ASP A 372 18.71 43.23 36.60
CA ASP A 372 18.87 44.69 36.70
C ASP A 372 17.51 45.38 36.63
N ALA A 373 17.42 46.57 37.27
CA ALA A 373 16.16 47.30 37.34
C ALA A 373 16.37 48.82 37.22
N MET A 374 15.29 49.52 36.92
CA MET A 374 15.37 50.94 36.64
C MET A 374 13.99 51.63 36.64
N ARG A 375 13.78 52.63 37.51
CA ARG A 375 12.63 53.56 37.45
C ARG A 375 13.15 54.94 37.05
N ASN A 376 12.48 55.59 36.10
CA ASN A 376 12.81 56.99 35.87
C ASN A 376 11.55 57.82 35.67
N GLU A 377 11.57 59.02 36.26
CA GLU A 377 10.43 59.92 36.32
C GLU A 377 10.76 61.27 35.67
N HIS A 378 9.76 61.92 35.08
CA HIS A 378 10.01 63.14 34.30
C HIS A 378 8.93 64.19 34.55
N ARG A 379 9.37 65.41 34.86
CA ARG A 379 8.46 66.51 35.17
C ARG A 379 8.91 67.79 34.45
N ALA A 380 7.94 68.70 34.30
CA ALA A 380 8.14 69.98 33.64
C ALA A 380 7.27 71.04 34.31
N ARG A 381 7.58 72.30 33.98
CA ARG A 381 6.90 73.51 34.46
C ARG A 381 7.54 74.69 33.73
N GLY A 382 6.73 75.60 33.20
CA GLY A 382 7.22 76.74 32.45
C GLY A 382 7.09 78.05 33.22
N SER A 383 7.62 79.11 32.62
CA SER A 383 7.38 80.48 33.03
C SER A 383 6.00 80.91 32.56
N LYS A 384 5.58 82.13 32.91
CA LYS A 384 4.27 82.62 32.45
C LYS A 384 4.40 83.79 31.49
N TYR A 385 4.69 85.00 31.98
CA TYR A 385 4.59 86.25 31.23
C TYR A 385 3.20 86.83 31.02
N ASP A 386 2.92 87.95 31.67
CA ASP A 386 1.66 88.67 31.53
C ASP A 386 1.76 89.65 30.35
N MET A 387 0.78 89.60 29.45
CA MET A 387 0.87 90.39 28.22
C MET A 387 0.64 91.88 28.47
N MET A 388 -0.25 92.24 29.40
CA MET A 388 -0.59 93.65 29.62
C MET A 388 0.27 94.35 30.66
N THR A 389 1.20 93.65 31.30
CA THR A 389 2.01 94.22 32.38
C THR A 389 3.50 94.11 32.13
N ASP A 390 3.94 93.21 31.25
CA ASP A 390 5.35 92.89 31.08
C ASP A 390 5.97 92.43 32.41
N TYR A 391 5.26 91.51 33.10
CA TYR A 391 5.66 91.12 34.45
C TYR A 391 6.71 90.01 34.46
N TYR A 392 6.37 88.85 33.91
CA TYR A 392 7.21 87.65 33.94
C TYR A 392 7.24 86.97 35.30
N THR A 393 6.58 85.81 35.38
CA THR A 393 6.74 84.89 36.49
C THR A 393 7.63 83.76 36.02
N ASP A 394 8.50 83.29 36.91
CA ASP A 394 9.49 82.28 36.57
C ASP A 394 8.93 80.86 36.71
N ALA A 395 9.66 79.89 36.15
CA ALA A 395 9.14 78.52 36.18
C ALA A 395 9.09 77.98 37.60
N ASP A 396 10.09 78.32 38.42
CA ASP A 396 10.14 77.83 39.79
C ASP A 396 9.05 78.40 40.70
N GLN A 397 8.20 79.31 40.21
CA GLN A 397 7.03 79.75 40.95
C GLN A 397 5.81 78.87 40.72
N PHE A 398 5.98 77.68 40.15
CA PHE A 398 4.87 76.83 39.75
C PHE A 398 5.16 75.39 40.12
N PRO A 399 4.12 74.57 40.23
CA PRO A 399 4.35 73.16 40.60
C PRO A 399 4.81 72.36 39.39
N TRP A 400 5.75 71.45 39.66
CA TRP A 400 6.11 70.39 38.71
C TRP A 400 4.88 69.62 38.26
N SER A 401 4.85 69.26 36.99
CA SER A 401 3.77 68.49 36.40
C SER A 401 4.36 67.25 35.73
N LYS A 402 4.20 66.10 36.39
CA LYS A 402 4.67 64.83 35.86
C LYS A 402 4.02 64.53 34.53
N ASP A 403 4.82 64.03 33.60
CA ASP A 403 4.23 63.50 32.39
C ASP A 403 4.59 62.06 32.09
N ALA A 404 5.62 61.49 32.71
CA ALA A 404 6.03 60.15 32.30
C ALA A 404 6.78 59.44 33.40
N VAL A 405 6.50 58.16 33.57
CA VAL A 405 7.31 57.29 34.41
C VAL A 405 7.59 56.01 33.62
N PHE A 406 8.85 55.58 33.62
CA PHE A 406 9.36 54.41 32.91
C PHE A 406 9.93 53.42 33.91
N HIS A 407 9.65 52.13 33.71
CA HIS A 407 10.25 51.04 34.47
C HIS A 407 10.92 50.07 33.50
N ASN A 408 11.99 49.42 33.99
CA ASN A 408 12.49 48.22 33.34
C ASN A 408 13.07 47.24 34.36
N TYR A 409 12.74 45.96 34.21
CA TYR A 409 13.41 44.89 34.94
C TYR A 409 13.92 43.88 33.93
N GLY A 410 15.13 43.36 34.14
CA GLY A 410 15.67 42.39 33.21
C GLY A 410 16.57 41.38 33.90
N ALA A 411 16.72 40.24 33.24
CA ALA A 411 17.63 39.18 33.65
C ALA A 411 18.58 38.87 32.50
N PHE A 412 19.78 38.44 32.81
CA PHE A 412 20.71 38.27 31.70
C PHE A 412 21.69 37.17 32.04
N GLY A 413 22.21 36.54 30.97
CA GLY A 413 23.26 35.55 31.08
C GLY A 413 24.21 35.63 29.91
N GLU A 414 25.51 35.69 30.16
CA GLU A 414 26.53 35.72 29.12
C GLU A 414 27.57 34.63 29.41
N LEU A 415 27.88 33.82 28.39
CA LEU A 415 28.67 32.60 28.55
C LEU A 415 29.80 32.54 27.52
N THR A 416 31.04 32.35 27.98
CA THR A 416 32.19 32.23 27.10
C THR A 416 32.78 30.83 27.21
N TRP A 417 33.02 30.19 26.06
CA TRP A 417 33.72 28.92 25.97
C TRP A 417 35.09 29.16 25.37
N PHE A 418 36.14 28.78 26.10
CA PHE A 418 37.52 28.85 25.60
C PHE A 418 37.91 27.48 25.06
N ALA A 419 37.40 27.14 23.88
CA ALA A 419 37.84 25.93 23.19
C ALA A 419 39.27 26.15 22.69
N ALA A 420 40.19 25.30 23.12
CA ALA A 420 41.60 25.46 22.74
C ALA A 420 42.06 26.86 23.18
N GLU A 421 43.05 27.38 22.48
CA GLU A 421 43.59 28.69 22.76
C GLU A 421 43.52 29.58 21.53
N ARG A 422 42.95 29.09 20.44
CA ARG A 422 42.74 29.87 19.23
C ARG A 422 41.27 29.85 18.80
N ASP A 423 40.37 29.46 19.72
CA ASP A 423 38.94 29.38 19.41
C ASP A 423 38.11 29.79 20.63
N ARG A 424 37.08 30.58 20.37
CA ARG A 424 36.32 31.19 21.45
C ARG A 424 34.89 31.32 20.99
N LEU A 425 33.97 30.98 21.87
CA LEU A 425 32.55 31.05 21.61
C LEU A 425 31.90 31.82 22.73
N ILE A 426 31.11 32.82 22.40
CA ILE A 426 30.42 33.63 23.39
C ILE A 426 28.96 33.73 22.99
N GLY A 427 28.09 33.60 23.96
CA GLY A 427 26.67 33.83 23.74
C GLY A 427 26.09 34.53 24.95
N GLY A 428 25.05 35.31 24.71
CA GLY A 428 24.34 35.93 25.82
C GLY A 428 22.87 36.03 25.51
N LEU A 429 22.06 35.99 26.56
CA LEU A 429 20.63 36.21 26.41
C LEU A 429 20.21 37.16 27.51
N ARG A 430 19.14 37.90 27.24
CA ARG A 430 18.49 38.69 28.26
C ARG A 430 17.04 38.91 27.88
N LEU A 431 16.20 38.97 28.92
CA LEU A 431 14.75 39.08 28.84
C LEU A 431 14.34 40.31 29.62
N ASP A 432 13.45 41.12 29.06
CA ASP A 432 13.19 42.44 29.63
C ASP A 432 11.72 42.71 29.75
N ARG A 433 11.33 43.29 30.88
CA ARG A 433 9.97 43.73 31.11
C ARG A 433 10.07 45.23 31.28
N ALA A 434 9.34 45.96 30.45
CA ALA A 434 9.54 47.39 30.31
C ALA A 434 8.18 48.05 30.24
N SER A 435 7.88 48.93 31.17
CA SER A 435 6.60 49.60 31.19
C SER A 435 6.80 51.11 31.20
N VAL A 436 5.78 51.82 30.72
CA VAL A 436 5.72 53.27 30.79
C VAL A 436 4.28 53.68 31.13
N LYS A 437 4.14 54.65 32.03
CA LYS A 437 2.87 55.30 32.31
C LYS A 437 2.89 56.75 31.84
N ASP A 438 1.80 57.18 31.19
CA ASP A 438 1.64 58.55 30.73
C ASP A 438 0.83 59.33 31.76
N TYR A 439 1.48 60.26 32.47
CA TYR A 439 0.82 61.08 33.47
C TYR A 439 0.28 62.41 32.94
N ARG A 440 0.30 62.65 31.63
CA ARG A 440 -0.25 63.91 31.11
C ARG A 440 -1.78 63.88 31.18
N GLN A 441 -2.38 64.86 31.84
CA GLN A 441 -3.83 64.91 31.82
C GLN A 441 -4.40 65.62 30.59
N THR A 442 -3.69 66.59 30.03
CA THR A 442 -4.22 67.37 28.90
C THR A 442 -3.17 67.46 27.79
N LEU A 443 -3.51 68.18 26.71
CA LEU A 443 -2.55 68.48 25.61
C LEU A 443 -2.88 69.82 24.91
N ALA A 453 -7.74 67.68 26.48
CA ALA A 453 -7.71 66.43 27.24
C ALA A 453 -6.77 65.42 26.58
N ASN A 454 -6.44 64.34 27.30
CA ASN A 454 -5.45 63.38 26.83
C ASN A 454 -6.05 61.99 26.85
N PRO A 455 -6.24 61.37 25.68
CA PRO A 455 -6.91 60.07 25.63
C PRO A 455 -6.09 58.94 26.23
N THR A 456 -4.82 59.15 26.59
CA THR A 456 -4.05 58.12 27.30
C THR A 456 -3.71 58.56 28.73
N ALA A 457 -4.46 59.53 29.27
CA ALA A 457 -4.27 59.97 30.64
C ALA A 457 -4.22 58.79 31.60
N ASN A 458 -3.10 58.70 32.33
CA ASN A 458 -2.81 57.67 33.34
C ASN A 458 -2.77 56.24 32.76
N ASP A 459 -2.73 56.09 31.43
CA ASP A 459 -2.52 54.79 30.80
C ASP A 459 -1.13 54.23 31.09
N THR A 460 -1.06 52.92 31.29
CA THR A 460 0.21 52.21 31.37
C THR A 460 0.28 51.18 30.25
N ARG A 461 1.50 50.84 29.84
CA ARG A 461 1.70 49.89 28.78
C ARG A 461 3.04 49.22 28.99
N ALA A 462 3.17 47.97 28.58
CA ALA A 462 4.45 47.29 28.77
C ALA A 462 4.70 46.26 27.67
N ASP A 463 5.88 45.65 27.74
CA ASP A 463 6.21 44.60 26.79
C ASP A 463 7.35 43.81 27.38
N THR A 464 7.52 42.59 26.86
CA THR A 464 8.55 41.66 27.30
C THR A 464 9.46 41.45 26.10
N LEU A 465 10.75 41.73 26.29
CA LEU A 465 11.65 41.89 25.15
C LEU A 465 12.87 40.98 25.28
N PRO A 466 12.88 39.84 24.57
CA PRO A 466 14.06 38.96 24.62
C PRO A 466 15.12 39.49 23.69
N SER A 467 16.38 39.39 24.10
CA SER A 467 17.50 39.93 23.35
C SER A 467 18.68 39.01 23.54
N GLY A 468 19.56 38.96 22.56
CA GLY A 468 20.74 38.12 22.74
C GLY A 468 21.61 38.10 21.50
N PHE A 469 22.67 37.32 21.59
CA PHE A 469 23.70 37.36 20.56
C PHE A 469 24.61 36.14 20.73
N VAL A 470 25.31 35.82 19.65
CA VAL A 470 26.37 34.83 19.65
C VAL A 470 27.53 35.36 18.81
N ARG A 471 28.73 35.19 19.34
CA ARG A 471 29.92 35.65 18.68
C ARG A 471 30.91 34.50 18.65
N TYR A 472 31.49 34.24 17.48
CA TYR A 472 32.58 33.26 17.36
C TYR A 472 33.88 33.96 17.00
N GLU A 473 34.92 33.70 17.80
CA GLU A 473 36.25 34.24 17.59
C GLU A 473 37.25 33.11 17.41
N HIS A 474 38.08 33.22 16.37
CA HIS A 474 39.06 32.21 16.00
C HIS A 474 40.39 32.85 15.61
N ASP A 475 41.47 32.49 16.32
CA ASP A 475 42.82 32.96 16.00
C ASP A 475 43.51 32.02 15.02
N LEU A 476 44.16 32.59 14.00
CA LEU A 476 44.87 31.82 12.99
C LEU A 476 46.18 31.27 13.54
N ALA A 477 46.50 30.02 13.13
CA ALA A 477 47.67 29.33 13.67
C ALA A 477 48.96 29.95 13.15
N ASP A 478 48.97 30.34 11.88
CA ASP A 478 50.06 31.03 11.21
C ASP A 478 50.36 32.38 11.88
N SER A 479 49.75 33.45 11.37
CA SER A 479 50.06 34.84 11.76
C SER A 479 49.31 35.23 13.01
N PRO A 480 49.69 36.34 13.66
CA PRO A 480 48.89 36.86 14.79
C PRO A 480 47.60 37.53 14.31
N THR A 481 46.73 36.75 13.68
CA THR A 481 45.49 37.23 13.13
C THR A 481 44.33 36.66 13.92
N THR A 482 43.26 37.45 14.07
CA THR A 482 42.00 37.01 14.65
C THR A 482 40.88 37.37 13.69
N LEU A 483 39.98 36.43 13.43
CA LEU A 483 38.77 36.69 12.67
C LEU A 483 37.58 36.55 13.60
N TYR A 484 36.51 37.29 13.31
CA TYR A 484 35.32 37.11 14.14
C TYR A 484 34.06 37.36 13.34
N ALA A 485 33.03 36.60 13.69
CA ALA A 485 31.67 36.77 13.18
C ALA A 485 30.71 36.60 14.33
N GLY A 486 29.67 37.40 14.33
CA GLY A 486 28.66 37.29 15.36
C GLY A 486 27.32 37.72 14.82
N LEU A 487 26.28 37.16 15.42
CA LEU A 487 24.90 37.47 15.07
C LEU A 487 24.20 37.96 16.32
N GLY A 488 23.37 38.98 16.18
CA GLY A 488 22.75 39.58 17.34
C GLY A 488 21.33 40.00 17.04
N HIS A 489 20.51 40.00 18.10
CA HIS A 489 19.14 40.45 18.02
C HIS A 489 18.82 41.23 19.27
N ALA A 490 18.31 42.45 19.09
CA ALA A 490 18.04 43.34 20.21
C ALA A 490 16.65 43.91 20.05
N GLU A 491 15.92 44.02 21.14
CA GLU A 491 14.63 44.69 21.13
C GLU A 491 14.70 45.84 22.11
N ARG A 492 14.31 47.02 21.65
CA ARG A 492 14.39 48.22 22.46
C ARG A 492 12.98 48.77 22.62
N PHE A 493 12.58 48.99 23.87
CA PHE A 493 11.34 49.68 24.13
C PHE A 493 11.53 51.16 23.80
N PRO A 494 10.49 51.84 23.30
CA PRO A 494 10.65 53.26 22.95
C PRO A 494 10.97 54.10 24.18
N ASP A 495 11.70 55.21 23.98
CA ASP A 495 12.15 56.03 25.10
C ASP A 495 11.28 57.27 25.27
N TYR A 496 11.64 58.12 26.23
CA TYR A 496 10.83 59.30 26.55
C TYR A 496 10.57 60.17 25.31
N TRP A 497 11.61 60.38 24.47
CA TRP A 497 11.47 61.27 23.33
C TRP A 497 10.64 60.64 22.23
N GLU A 498 10.72 59.32 22.08
CA GLU A 498 9.98 58.68 21.01
C GLU A 498 8.49 58.57 21.32
N LEU A 499 8.10 58.57 22.59
CA LEU A 499 6.69 58.45 22.90
C LEU A 499 6.01 59.76 23.26
N PHE A 500 6.70 60.67 23.94
CA PHE A 500 6.07 61.89 24.45
C PHE A 500 6.38 63.12 23.61
N SER A 501 7.58 63.24 23.09
CA SER A 501 7.98 64.46 22.39
C SER A 501 7.30 64.69 21.03
N PRO A 502 6.99 63.67 20.23
CA PRO A 502 6.32 63.92 18.94
C PRO A 502 4.89 64.40 19.14
N LYS A 503 4.53 65.48 18.44
CA LYS A 503 3.18 66.01 18.59
C LYS A 503 2.14 65.10 17.94
N ARG A 504 2.49 64.45 16.84
CA ARG A 504 1.61 63.49 16.18
C ARG A 504 2.20 62.09 16.27
N GLY A 505 1.31 61.09 16.32
CA GLY A 505 1.73 59.71 16.23
C GLY A 505 1.48 59.23 14.83
N PRO A 506 1.43 57.91 14.63
CA PRO A 506 1.13 57.37 13.29
C PRO A 506 -0.30 57.67 12.86
N ASN A 507 -0.52 57.64 11.55
CA ASN A 507 -1.85 57.93 11.01
C ASN A 507 -2.88 56.96 11.60
N GLY A 508 -3.88 57.50 12.28
CA GLY A 508 -4.88 56.72 12.96
C GLY A 508 -4.76 56.74 14.46
N SER A 509 -3.63 57.15 15.00
CA SER A 509 -3.37 57.02 16.43
C SER A 509 -3.99 58.16 17.22
N VAL A 510 -4.25 57.90 18.49
CA VAL A 510 -4.68 58.99 19.36
C VAL A 510 -3.48 59.88 19.70
N ASN A 511 -2.28 59.30 19.69
CA ASN A 511 -1.04 60.01 19.99
C ASN A 511 0.11 59.04 19.73
N ALA A 512 1.32 59.41 20.15
CA ALA A 512 2.45 58.51 19.96
C ALA A 512 2.51 57.43 21.02
N PHE A 513 2.20 57.80 22.27
CA PHE A 513 2.28 56.88 23.40
C PHE A 513 1.48 55.61 23.13
N ASP A 514 0.32 55.73 22.49
CA ASP A 514 -0.52 54.57 22.28
C ASP A 514 0.09 53.56 21.31
N LYS A 515 0.83 54.01 20.26
CA LYS A 515 1.08 53.14 19.10
C LYS A 515 2.52 52.94 18.65
N ILE A 516 3.51 53.68 19.15
CA ILE A 516 4.86 53.40 18.69
C ILE A 516 5.28 52.02 19.19
N LYS A 517 5.62 51.14 18.26
CA LYS A 517 6.04 49.81 18.69
C LYS A 517 7.53 49.75 19.02
N PRO A 518 7.95 48.80 19.85
CA PRO A 518 9.39 48.61 20.10
C PRO A 518 10.15 48.33 18.82
N GLU A 519 11.45 48.49 18.92
CA GLU A 519 12.34 48.38 17.77
C GLU A 519 13.12 47.06 17.83
N LYS A 520 13.13 46.30 16.73
CA LYS A 520 13.74 44.97 16.73
C LYS A 520 14.84 44.92 15.67
N THR A 521 16.08 44.77 16.12
CA THR A 521 17.27 44.85 15.28
C THR A 521 17.92 43.47 15.19
N THR A 522 18.23 43.04 13.97
CA THR A 522 18.87 41.76 13.74
C THR A 522 20.09 42.04 12.87
N GLN A 523 21.26 41.79 13.41
CA GLN A 523 22.47 42.30 12.82
C GLN A 523 23.57 41.24 12.86
N LEU A 524 24.39 41.23 11.83
CA LEU A 524 25.53 40.34 11.71
C LEU A 524 26.79 41.19 11.79
N ASP A 525 27.68 40.88 12.71
CA ASP A 525 28.92 41.64 12.88
C ASP A 525 30.11 40.74 12.57
N PHE A 526 31.09 41.29 11.86
CA PHE A 526 32.25 40.52 11.40
C PHE A 526 33.43 41.46 11.21
N GLY A 527 34.62 40.89 11.34
CA GLY A 527 35.84 41.67 11.19
C GLY A 527 37.04 40.84 11.53
N LEU A 528 38.18 41.51 11.66
CA LEU A 528 39.44 40.85 11.94
C LEU A 528 40.35 41.77 12.74
N GLN A 529 41.40 41.18 13.29
CA GLN A 529 42.49 41.89 13.96
C GLN A 529 43.80 41.32 13.45
N TYR A 530 44.76 42.19 13.18
CA TYR A 530 46.14 41.77 12.90
C TYR A 530 47.04 42.60 13.79
N ASN A 531 47.78 41.94 14.68
CA ASN A 531 48.72 42.61 15.58
C ASN A 531 50.12 42.08 15.29
N GLY A 532 50.76 42.65 14.26
CA GLY A 532 52.10 42.29 13.88
C GLY A 532 53.15 43.20 14.48
N ASP A 533 54.40 42.95 14.07
CA ASP A 533 55.52 43.66 14.67
C ASP A 533 55.52 45.13 14.30
N LYS A 534 55.50 45.43 13.02
CA LYS A 534 55.41 46.81 12.58
C LYS A 534 54.00 47.21 12.17
N LEU A 535 53.10 46.25 11.96
CA LEU A 535 51.80 46.53 11.35
C LEU A 535 50.66 46.02 12.23
N GLN A 536 49.87 46.95 12.75
CA GLN A 536 48.63 46.63 13.41
C GLN A 536 47.49 47.07 12.52
N ALA A 537 46.44 46.25 12.42
CA ALA A 537 45.31 46.54 11.56
C ALA A 537 44.07 45.86 12.12
N TRP A 538 42.91 46.42 11.79
CA TRP A 538 41.63 45.92 12.29
C TRP A 538 40.53 46.37 11.34
N ALA A 539 39.50 45.53 11.21
CA ALA A 539 38.30 45.87 10.46
C ALA A 539 37.08 45.35 11.23
N SER A 540 35.94 46.00 11.02
CA SER A 540 34.69 45.50 11.59
C SER A 540 33.53 45.92 10.72
N GLY A 541 32.84 44.97 10.11
CA GLY A 541 31.69 45.31 9.29
C GLY A 541 30.39 44.85 9.92
N TYR A 542 29.28 45.40 9.45
CA TYR A 542 27.98 45.03 9.95
C TYR A 542 26.96 45.10 8.83
N VAL A 543 25.99 44.19 8.90
CA VAL A 543 24.81 44.16 8.06
C VAL A 543 23.65 43.87 8.98
N GLY A 544 22.53 44.55 8.75
CA GLY A 544 21.42 44.39 9.67
C GLY A 544 20.13 44.87 9.04
N VAL A 545 19.04 44.26 9.51
CA VAL A 545 17.68 44.73 9.25
C VAL A 545 17.12 45.19 10.58
N VAL A 546 16.21 46.15 10.52
CA VAL A 546 15.57 46.70 11.69
C VAL A 546 14.09 46.76 11.40
N GLN A 547 13.29 46.01 12.15
CA GLN A 547 11.86 46.06 12.01
C GLN A 547 11.28 47.04 13.02
N ASP A 548 10.38 47.89 12.55
CA ASP A 548 9.72 48.93 13.35
C ASP A 548 10.74 49.94 13.89
N PHE A 549 11.65 50.37 13.01
CA PHE A 549 12.52 51.50 13.27
C PHE A 549 11.67 52.73 13.57
N ILE A 550 12.00 53.43 14.65
CA ILE A 550 11.22 54.57 15.11
C ILE A 550 11.79 55.82 14.43
N LEU A 551 11.09 56.30 13.40
CA LEU A 551 11.48 57.42 12.54
C LEU A 551 10.65 58.64 12.87
N PHE A 552 11.27 59.82 12.80
CA PHE A 552 10.55 61.08 12.98
C PHE A 552 10.32 61.73 11.62
N SER A 553 9.13 62.25 11.40
CA SER A 553 8.85 63.03 10.20
C SER A 553 8.43 64.43 10.62
N TYR A 554 9.20 65.43 10.18
CA TYR A 554 8.84 66.83 10.39
C TYR A 554 7.85 67.28 9.32
N ARG A 555 8.05 66.76 8.10
CA ARG A 555 7.14 66.90 6.97
C ARG A 555 6.66 68.32 6.77
N GLU A 556 5.86 68.85 7.70
CA GLU A 556 5.23 70.15 7.50
C GLU A 556 5.32 70.99 8.78
N GLY A 557 4.95 72.27 8.62
CA GLY A 557 4.73 73.19 9.72
C GLY A 557 3.35 73.80 9.69
N MET A 558 2.84 74.26 10.85
CA MET A 558 1.49 74.82 10.96
C MET A 558 1.42 75.89 12.04
N MET A 559 2.49 76.01 12.84
CA MET A 559 2.67 77.01 13.89
C MET A 559 4.09 76.86 14.41
N GLY A 560 5.03 76.63 13.49
CA GLY A 560 6.31 76.02 13.78
C GLY A 560 6.36 74.59 13.25
N SER A 561 7.56 74.04 13.26
CA SER A 561 7.74 72.68 12.78
C SER A 561 7.22 71.71 13.85
N SER A 562 6.37 70.76 13.44
CA SER A 562 5.84 69.75 14.34
C SER A 562 6.19 68.36 13.81
N THR A 563 6.53 67.46 14.72
CA THR A 563 6.99 66.13 14.35
C THR A 563 5.87 65.09 14.45
N GLN A 564 6.04 64.00 13.70
CA GLN A 564 5.20 62.82 13.81
C GLN A 564 6.08 61.58 13.87
N ALA A 565 5.93 60.80 14.93
CA ALA A 565 6.69 59.56 15.08
C ALA A 565 5.98 58.43 14.33
N THR A 566 6.76 57.52 13.73
CA THR A 566 6.17 56.35 13.07
C THR A 566 7.10 55.14 13.18
N ASN A 567 6.59 53.99 12.73
CA ASN A 567 7.36 52.74 12.68
C ASN A 567 7.58 52.35 11.22
N VAL A 568 8.83 52.05 10.85
CA VAL A 568 9.17 51.59 9.51
C VAL A 568 10.19 50.47 9.59
N ASP A 569 10.34 49.76 8.47
CA ASP A 569 11.36 48.72 8.33
C ASP A 569 12.56 49.29 7.59
N ALA A 570 13.76 48.91 8.02
CA ALA A 570 14.95 49.50 7.42
C ALA A 570 16.06 48.47 7.32
N ARG A 571 16.96 48.73 6.37
CA ARG A 571 18.18 47.94 6.19
C ARG A 571 19.36 48.83 6.51
N ILE A 572 20.38 48.27 7.17
CA ILE A 572 21.57 49.04 7.49
C ILE A 572 22.80 48.18 7.23
N MET A 573 23.90 48.83 6.89
CA MET A 573 25.14 48.12 6.65
C MET A 573 26.29 49.11 6.66
N GLY A 574 27.44 48.67 7.11
CA GLY A 574 28.60 49.54 7.08
C GLY A 574 29.83 48.90 7.67
N GLY A 575 30.75 49.74 8.09
CA GLY A 575 31.95 49.20 8.69
C GLY A 575 32.95 50.28 9.04
N GLU A 576 33.98 49.85 9.76
CA GLU A 576 35.10 50.67 10.12
C GLU A 576 36.36 49.83 9.97
N LEU A 577 37.45 50.46 9.53
CA LEU A 577 38.73 49.79 9.54
C LEU A 577 39.81 50.80 9.87
N GLY A 578 40.98 50.29 10.19
CA GLY A 578 42.10 51.14 10.54
C GLY A 578 43.38 50.33 10.54
N ALA A 579 44.50 51.05 10.47
CA ALA A 579 45.80 50.41 10.38
C ALA A 579 46.87 51.32 10.98
N SER A 580 47.90 50.70 11.55
CA SER A 580 48.97 51.41 12.24
C SER A 580 50.30 50.77 11.87
N TYR A 581 51.17 51.53 11.18
CA TYR A 581 52.46 51.04 10.70
C TYR A 581 53.60 51.84 11.30
N GLN A 582 54.57 51.15 11.89
CA GLN A 582 55.79 51.76 12.43
C GLN A 582 56.86 51.86 11.33
N LEU A 583 57.10 53.07 10.84
CA LEU A 583 58.08 53.29 9.79
C LEU A 583 59.49 53.02 10.28
N THR A 584 60.14 54.03 10.87
CA THR A 584 61.37 53.86 11.61
C THR A 584 61.04 53.67 13.09
N GLY A 585 62.06 53.74 13.96
CA GLY A 585 61.79 53.66 15.38
C GLY A 585 61.14 54.90 15.94
N ASN A 586 61.32 56.04 15.27
CA ASN A 586 60.68 57.28 15.67
C ASN A 586 59.41 57.60 14.87
N TRP A 587 59.33 57.20 13.61
CA TRP A 587 58.24 57.59 12.71
C TRP A 587 57.15 56.54 12.68
N LYS A 588 55.90 56.99 12.65
CA LYS A 588 54.74 56.09 12.62
C LYS A 588 53.61 56.78 11.88
N THR A 589 52.85 56.02 11.11
CA THR A 589 51.69 56.59 10.44
C THR A 589 50.50 55.65 10.58
N ASP A 590 49.31 56.23 10.67
CA ASP A 590 48.09 55.42 10.77
C ASP A 590 46.96 56.03 9.95
N ALA A 591 45.92 55.21 9.78
CA ALA A 591 44.78 55.54 8.94
C ALA A 591 43.54 54.91 9.54
N SER A 592 42.39 55.37 9.06
CA SER A 592 41.10 54.79 9.48
C SER A 592 40.00 55.27 8.54
N LEU A 593 39.04 54.37 8.30
CA LEU A 593 37.90 54.62 7.43
C LEU A 593 36.64 54.24 8.19
N ALA A 594 35.53 54.96 7.92
CA ALA A 594 34.27 54.64 8.58
C ALA A 594 33.11 54.93 7.65
N TYR A 595 32.22 53.94 7.51
CA TYR A 595 31.10 54.01 6.59
C TYR A 595 29.82 53.63 7.31
N ALA A 596 28.72 54.28 6.92
CA ALA A 596 27.40 53.87 7.37
C ALA A 596 26.39 54.07 6.24
N TRP A 597 25.51 53.10 6.07
CA TRP A 597 24.51 53.11 5.01
C TRP A 597 23.18 52.65 5.55
N GLY A 598 22.11 53.34 5.15
CA GLY A 598 20.79 53.01 5.67
C GLY A 598 19.62 53.27 4.74
N LYS A 599 18.76 52.26 4.58
CA LYS A 599 17.61 52.35 3.69
C LYS A 599 16.31 52.21 4.47
N ASN A 600 15.36 53.09 4.18
CA ASN A 600 13.98 53.01 4.66
C ASN A 600 13.20 52.09 3.73
N SER A 601 13.19 50.79 4.05
CA SER A 601 12.54 49.79 3.22
C SER A 601 11.03 49.97 3.13
N SER A 602 10.40 50.61 4.10
CA SER A 602 8.96 50.77 4.01
C SER A 602 8.59 51.84 2.99
N ASP A 603 9.49 52.76 2.68
CA ASP A 603 9.18 53.84 1.76
C ASP A 603 10.18 53.98 0.62
N ASP A 604 11.04 52.97 0.41
CA ASP A 604 11.85 52.86 -0.80
C ASP A 604 12.78 54.06 -0.97
N ARG A 605 13.20 54.65 0.15
CA ARG A 605 14.07 55.81 0.17
C ARG A 605 15.18 55.57 1.20
N ALA A 606 16.14 56.50 1.25
CA ALA A 606 17.22 56.36 2.20
C ALA A 606 16.75 56.71 3.62
N LEU A 607 17.56 56.29 4.63
CA LEU A 607 17.42 56.67 6.03
C LEU A 607 17.98 58.08 6.26
N PRO A 608 17.39 58.85 7.15
CA PRO A 608 17.90 60.19 7.42
C PRO A 608 19.01 60.17 8.47
N GLN A 609 19.73 61.29 8.53
CA GLN A 609 20.80 61.51 9.52
C GLN A 609 21.84 60.39 9.54
N ILE A 610 22.32 60.02 8.35
CA ILE A 610 23.46 59.09 8.22
C ILE A 610 24.70 59.91 7.91
N PRO A 611 25.79 59.75 8.64
CA PRO A 611 26.99 60.53 8.36
C PRO A 611 27.70 60.01 7.13
N PRO A 612 28.42 60.87 6.41
CA PRO A 612 29.09 60.43 5.18
C PRO A 612 30.38 59.68 5.50
N LEU A 613 30.77 58.81 4.57
CA LEU A 613 32.07 58.14 4.63
C LEU A 613 33.15 59.14 5.06
N GLU A 614 34.09 58.67 5.88
CA GLU A 614 35.07 59.55 6.50
C GLU A 614 36.37 58.79 6.74
N ALA A 615 37.49 59.50 6.60
CA ALA A 615 38.81 58.91 6.63
C ALA A 615 39.76 59.81 7.40
N ARG A 616 40.65 59.20 8.16
CA ARG A 616 41.63 59.94 8.94
C ARG A 616 43.03 59.42 8.64
N PHE A 617 43.99 60.34 8.51
CA PHE A 617 45.39 59.99 8.34
C PHE A 617 46.20 60.73 9.38
N GLY A 618 47.07 59.99 10.07
CA GLY A 618 47.99 60.60 11.03
C GLY A 618 49.44 60.24 10.80
N LEU A 619 50.31 61.18 11.16
CA LEU A 619 51.76 61.02 11.10
C LEU A 619 52.31 61.44 12.44
N THR A 620 53.33 60.72 12.90
CA THR A 620 53.76 60.83 14.29
C THR A 620 55.27 60.73 14.36
N TYR A 621 55.89 61.61 15.14
CA TYR A 621 57.31 61.50 15.46
C TYR A 621 57.46 61.49 16.97
N GLU A 622 57.99 60.39 17.52
CA GLU A 622 58.29 60.27 18.94
C GLU A 622 59.78 60.10 19.15
N GLU A 623 60.32 60.78 20.15
CA GLU A 623 61.71 60.62 20.55
C GLU A 623 61.82 60.48 22.07
N GLY A 624 61.02 59.57 22.63
CA GLY A 624 61.08 59.19 24.04
C GLY A 624 61.40 60.32 24.98
N ASP A 625 60.57 61.35 24.96
CA ASP A 625 60.78 62.58 25.70
C ASP A 625 59.75 63.59 25.24
N TRP A 626 59.30 63.42 23.99
CA TRP A 626 58.52 64.42 23.28
C TRP A 626 58.12 63.87 21.92
N SER A 627 57.07 64.45 21.36
CA SER A 627 56.53 63.98 20.10
C SER A 627 55.78 65.11 19.41
N ALA A 628 55.68 64.99 18.08
CA ALA A 628 54.81 65.83 17.27
C ALA A 628 53.88 64.92 16.46
N GLY A 629 52.74 65.47 16.08
CA GLY A 629 51.77 64.74 15.31
C GLY A 629 51.08 65.63 14.31
N SER A 630 50.72 65.03 13.20
CA SER A 630 49.98 65.66 12.12
C SER A 630 48.76 64.80 11.84
N LEU A 631 47.66 65.44 11.46
CA LEU A 631 46.39 64.74 11.30
C LEU A 631 45.61 65.36 10.16
N TRP A 632 45.10 64.51 9.27
CA TRP A 632 44.24 64.96 8.19
C TRP A 632 42.96 64.16 8.23
N ARG A 633 41.84 64.87 8.42
CA ARG A 633 40.52 64.29 8.38
C ARG A 633 39.88 64.62 7.03
N VAL A 634 39.50 63.59 6.28
CA VAL A 634 38.91 63.76 4.96
C VAL A 634 37.52 63.14 4.97
N VAL A 635 36.51 63.95 4.66
CA VAL A 635 35.11 63.54 4.82
C VAL A 635 34.42 63.69 3.48
N ALA A 636 33.80 62.61 3.02
CA ALA A 636 33.09 62.62 1.76
C ALA A 636 31.83 63.47 1.85
N PRO A 637 31.24 63.85 0.72
CA PRO A 637 29.90 64.42 0.77
C PRO A 637 28.90 63.31 1.10
N GLN A 638 27.74 63.72 1.60
CA GLN A 638 26.65 62.79 1.81
C GLN A 638 25.56 63.12 0.80
N ASN A 639 25.30 62.18 -0.10
CA ASN A 639 24.25 62.39 -1.08
C ASN A 639 22.98 61.59 -0.81
N ARG A 640 22.98 60.67 0.15
CA ARG A 640 21.76 60.02 0.59
C ARG A 640 21.16 60.87 1.72
N ILE A 641 19.99 61.45 1.47
CA ILE A 641 19.28 62.21 2.49
C ILE A 641 17.81 61.89 2.34
N ALA A 642 17.10 61.95 3.45
CA ALA A 642 15.63 61.87 3.44
C ALA A 642 15.14 63.17 4.06
N ARG A 643 14.97 64.18 3.20
CA ARG A 643 14.49 65.49 3.62
C ARG A 643 13.26 65.38 4.52
N ASP A 644 13.20 66.25 5.52
CA ASP A 644 12.07 66.40 6.43
C ASP A 644 11.80 65.14 7.26
N GLN A 645 12.74 64.20 7.28
CA GLN A 645 12.72 63.05 8.17
C GLN A 645 13.95 63.07 9.06
N GLY A 646 13.87 62.35 10.19
CA GLY A 646 14.99 62.27 11.10
C GLY A 646 14.61 61.76 12.47
N ASN A 647 15.09 62.45 13.50
CA ASN A 647 14.85 62.07 14.89
C ASN A 647 14.30 63.26 15.65
N VAL A 648 14.20 63.14 16.98
CA VAL A 648 13.68 64.22 17.82
C VAL A 648 14.56 65.46 17.77
N VAL A 649 15.82 65.33 17.38
CA VAL A 649 16.72 66.48 17.41
C VAL A 649 16.80 67.16 16.04
N GLY A 650 17.11 66.40 14.98
CA GLY A 650 17.35 67.00 13.70
C GLY A 650 16.56 66.31 12.60
N LYS A 651 16.43 67.04 11.50
CA LYS A 651 15.89 66.52 10.26
C LYS A 651 16.92 66.74 9.16
N ASP A 652 16.81 65.92 8.13
CA ASP A 652 17.59 66.09 6.92
C ASP A 652 17.01 67.24 6.08
N PHE A 653 17.89 68.04 5.49
CA PHE A 653 17.38 68.91 4.43
C PHE A 653 18.21 68.88 3.16
N ASP A 654 19.53 69.03 3.27
CA ASP A 654 20.34 69.15 2.06
C ASP A 654 21.47 68.13 2.04
N LYS A 655 21.73 67.60 0.85
CA LYS A 655 22.99 66.94 0.59
C LYS A 655 24.14 67.83 1.05
N SER A 656 25.22 67.19 1.48
CA SER A 656 26.30 67.89 2.16
C SER A 656 27.56 67.91 1.29
N ALA A 657 28.39 68.93 1.54
CA ALA A 657 29.70 69.05 0.90
C ALA A 657 30.75 68.29 1.70
N GLY A 658 31.72 67.72 0.98
CA GLY A 658 32.91 67.19 1.61
C GLY A 658 33.90 68.30 1.99
N PHE A 659 34.99 67.87 2.62
CA PHE A 659 35.97 68.78 3.20
C PHE A 659 37.16 67.98 3.72
N GLY A 660 38.29 68.68 3.87
CA GLY A 660 39.42 68.16 4.61
C GLY A 660 39.89 69.17 5.65
N VAL A 661 40.39 68.64 6.76
CA VAL A 661 40.83 69.49 7.86
C VAL A 661 42.15 68.96 8.39
N PHE A 662 43.14 69.85 8.52
CA PHE A 662 44.49 69.47 8.93
C PHE A 662 44.79 69.94 10.36
N SER A 663 45.55 69.13 11.11
CA SER A 663 45.78 69.46 12.50
C SER A 663 47.18 69.05 12.91
N LEU A 664 47.68 69.73 13.93
CA LEU A 664 49.05 69.59 14.40
C LEU A 664 49.10 69.60 15.92
N ASN A 665 50.05 68.87 16.49
CA ASN A 665 50.17 68.72 17.93
C ASN A 665 51.59 68.35 18.30
N GLY A 666 51.95 68.69 19.54
CA GLY A 666 53.19 68.24 20.13
C GLY A 666 52.96 67.89 21.59
N ALA A 667 53.99 67.30 22.18
CA ALA A 667 53.96 66.94 23.60
C ALA A 667 55.39 66.84 24.09
N TYR A 668 55.65 67.32 25.31
CA TYR A 668 56.99 67.23 25.89
C TYR A 668 56.86 66.83 27.34
N ARG A 669 57.65 65.83 27.77
CA ARG A 669 57.72 65.45 29.17
C ARG A 669 58.76 66.33 29.85
N VAL A 670 58.32 67.25 30.70
CA VAL A 670 59.21 68.18 31.37
C VAL A 670 59.93 67.50 32.53
N THR A 671 59.19 66.74 33.34
CA THR A 671 59.72 65.81 34.33
C THR A 671 58.77 64.62 34.43
N ARG A 672 59.00 63.79 35.46
CA ARG A 672 58.10 62.67 35.75
C ARG A 672 56.67 63.14 35.93
N ASN A 673 56.48 64.29 36.59
CA ASN A 673 55.17 64.79 36.96
C ASN A 673 54.53 65.68 35.91
N VAL A 674 55.31 66.52 35.21
CA VAL A 674 54.77 67.61 34.38
C VAL A 674 54.88 67.23 32.91
N LYS A 675 53.75 67.18 32.21
CA LYS A 675 53.72 66.89 30.78
C LYS A 675 53.03 68.05 30.03
N LEU A 676 53.73 68.60 29.04
CA LEU A 676 53.23 69.72 28.25
C LEU A 676 52.69 69.23 26.92
N SER A 677 51.58 69.84 26.48
CA SER A 677 50.99 69.56 25.18
C SER A 677 50.45 70.86 24.59
N ALA A 678 50.25 70.84 23.28
CA ALA A 678 49.76 71.98 22.53
C ALA A 678 49.38 71.49 21.13
N GLY A 679 48.43 72.20 20.53
CA GLY A 679 48.00 71.85 19.19
C GLY A 679 47.41 73.06 18.48
N VAL A 680 47.25 72.90 17.18
CA VAL A 680 46.48 73.80 16.35
C VAL A 680 45.46 72.95 15.61
N ASP A 681 44.19 73.30 15.72
CA ASP A 681 43.11 72.54 15.11
C ASP A 681 42.61 73.32 13.91
N ASN A 682 42.47 72.63 12.79
CA ASN A 682 42.04 73.28 11.56
C ASN A 682 43.04 74.39 11.18
N LEU A 683 44.31 73.96 10.98
CA LEU A 683 45.36 74.92 10.64
C LEU A 683 44.96 75.78 9.46
N PHE A 684 44.29 75.20 8.46
CA PHE A 684 44.00 75.94 7.24
C PHE A 684 42.65 76.61 7.29
N ASP A 685 42.11 76.78 8.50
CA ASP A 685 40.98 77.66 8.74
C ASP A 685 39.83 77.35 7.79
N LYS A 686 39.63 76.07 7.52
CA LYS A 686 38.57 75.65 6.63
C LYS A 686 37.20 76.15 7.12
N ASP A 687 36.35 76.54 6.17
CA ASP A 687 34.95 76.84 6.44
C ASP A 687 34.13 75.58 6.16
N TYR A 688 33.47 75.03 7.17
CA TYR A 688 32.70 73.83 6.87
C TYR A 688 31.68 73.53 7.95
N THR A 689 30.86 72.54 7.65
CA THR A 689 29.76 72.11 8.47
C THR A 689 29.68 70.60 8.29
N GLU A 690 29.42 69.87 9.38
CA GLU A 690 29.15 68.45 9.26
C GLU A 690 27.73 68.27 8.78
N HIS A 691 27.50 67.15 8.08
CA HIS A 691 26.15 66.75 7.66
C HIS A 691 25.17 66.69 8.83
N LEU A 692 25.60 66.23 10.01
CA LEU A 692 24.61 65.94 11.06
C LEU A 692 24.22 67.15 11.91
N ASN A 693 25.01 68.23 11.91
CA ASN A 693 24.78 69.39 12.76
C ASN A 693 23.35 69.95 12.61
N LYS A 694 22.86 70.57 13.69
CA LYS A 694 21.48 71.06 13.74
C LYS A 694 21.25 72.16 12.70
N ALA A 695 19.97 72.43 12.44
CA ALA A 695 19.56 73.53 11.58
C ALA A 695 19.62 74.84 12.37
N GLY A 696 20.49 75.77 11.94
CA GLY A 696 20.78 76.97 12.71
C GLY A 696 19.63 77.95 12.80
N ASP A 697 19.54 78.62 13.96
CA ASP A 697 18.27 79.15 14.49
C ASP A 697 17.51 80.03 13.52
N ALA A 698 18.11 81.16 13.12
CA ALA A 698 17.55 82.25 12.30
C ALA A 698 17.29 83.48 13.17
N GLY A 699 16.98 83.29 14.45
CA GLY A 699 17.07 84.40 15.38
C GLY A 699 18.49 84.91 15.60
N PHE A 700 19.48 84.14 15.11
CA PHE A 700 20.90 84.49 15.17
C PHE A 700 21.48 84.86 13.80
N GLY A 701 20.68 84.79 12.73
CA GLY A 701 21.12 85.11 11.39
C GLY A 701 21.19 83.97 10.37
N PHE A 702 20.69 82.77 10.70
CA PHE A 702 20.77 81.63 9.79
C PHE A 702 19.57 81.59 8.85
N SER A 703 19.79 81.05 7.64
CA SER A 703 18.73 80.89 6.65
C SER A 703 17.85 79.68 6.95
N ALA A 704 17.35 79.61 8.20
CA ALA A 704 16.34 78.65 8.66
C ALA A 704 16.67 77.18 8.38
N ASN A 705 17.67 76.90 7.52
CA ASN A 705 18.09 75.54 7.22
C ASN A 705 19.60 75.32 7.19
N GLU A 706 20.43 76.34 7.04
CA GLU A 706 21.87 76.13 7.08
C GLU A 706 22.25 75.58 8.45
N THR A 707 23.13 74.56 8.44
CA THR A 707 23.52 73.87 9.66
C THR A 707 24.70 74.56 10.33
N VAL A 708 24.90 74.26 11.60
CA VAL A 708 25.82 75.04 12.43
C VAL A 708 27.25 74.81 11.98
N PRO A 709 28.04 75.85 11.77
CA PRO A 709 29.40 75.67 11.24
C PRO A 709 30.38 75.17 12.28
N GLU A 710 31.33 74.37 11.81
CA GLU A 710 32.39 73.88 12.69
C GLU A 710 33.39 75.00 13.00
N PRO A 711 34.13 74.90 14.10
CA PRO A 711 35.09 75.96 14.43
C PRO A 711 36.18 76.02 13.39
N GLY A 712 36.77 77.22 13.25
CA GLY A 712 37.87 77.46 12.33
C GLY A 712 39.22 77.19 12.98
N ARG A 713 40.22 78.02 12.73
CA ARG A 713 41.53 77.75 13.33
C ARG A 713 41.50 78.00 14.82
N THR A 714 42.11 77.10 15.57
CA THR A 714 42.04 77.06 17.02
C THR A 714 43.38 76.57 17.57
N PHE A 715 43.88 77.23 18.61
CA PHE A 715 45.05 76.78 19.32
C PHE A 715 44.70 76.39 20.73
N TRP A 716 45.46 75.44 21.28
CA TRP A 716 45.25 75.02 22.65
C TRP A 716 46.57 74.52 23.22
N THR A 717 46.70 74.63 24.53
CA THR A 717 47.87 74.17 25.25
CA THR A 717 47.87 74.18 25.26
C THR A 717 47.40 73.58 26.58
N LYS A 718 48.07 72.53 27.02
CA LYS A 718 47.57 71.78 28.17
C LYS A 718 48.75 71.25 28.97
N VAL A 719 48.69 71.41 30.27
CA VAL A 719 49.74 70.89 31.13
C VAL A 719 49.08 69.85 32.05
N ASP A 720 49.66 68.67 32.10
CA ASP A 720 49.26 67.61 33.01
C ASP A 720 50.34 67.49 34.06
N PHE A 721 49.97 67.63 35.34
CA PHE A 721 50.94 67.31 36.39
C PHE A 721 50.37 66.27 37.32
N SER A 722 51.23 65.34 37.70
CA SER A 722 50.87 64.17 38.48
C SER A 722 51.96 64.04 39.54
N PHE A 723 51.88 64.87 40.58
CA PHE A 723 52.76 64.71 41.70
C PHE A 723 52.04 63.87 42.76
N ALA B 67 0.08 -9.69 28.32
CA ALA B 67 -1.32 -9.57 28.79
C ALA B 67 -2.01 -8.25 28.37
N PRO B 68 -3.05 -8.35 27.55
CA PRO B 68 -3.69 -7.15 26.99
C PRO B 68 -4.35 -6.31 28.08
N SER B 69 -4.78 -5.11 27.70
CA SER B 69 -5.23 -4.10 28.65
C SER B 69 -5.94 -2.95 27.92
N VAL B 70 -6.92 -2.34 28.61
CA VAL B 70 -7.56 -1.12 28.15
C VAL B 70 -6.91 0.08 28.84
N VAL B 71 -6.56 1.10 28.05
CA VAL B 71 -5.84 2.27 28.57
C VAL B 71 -6.84 3.19 29.23
N THR B 72 -6.60 3.53 30.51
CA THR B 72 -7.33 4.54 31.27
C THR B 72 -6.50 5.79 31.57
N GLY B 73 -5.22 5.80 31.24
CA GLY B 73 -4.34 6.88 31.59
C GLY B 73 -2.95 6.57 31.05
N VAL B 74 -2.17 7.63 30.88
CA VAL B 74 -0.80 7.49 30.39
C VAL B 74 0.11 8.28 31.32
N ALA B 75 1.06 7.59 31.95
CA ALA B 75 2.00 8.27 32.82
C ALA B 75 3.02 9.08 32.01
N GLN B 76 3.59 10.09 32.67
CA GLN B 76 4.78 10.79 32.18
C GLN B 76 5.96 9.85 32.04
N SER B 77 6.39 9.59 30.80
CA SER B 77 7.45 8.63 30.54
C SER B 77 8.82 9.20 30.91
N SER B 78 9.08 10.44 30.52
CA SER B 78 10.29 11.21 30.76
C SER B 78 9.85 12.63 31.16
N PRO B 79 10.74 13.54 31.56
CA PRO B 79 10.29 14.86 32.03
C PRO B 79 9.42 15.59 31.00
N LEU B 80 8.25 16.05 31.45
CA LEU B 80 7.33 16.86 30.63
C LEU B 80 6.78 16.11 29.42
N THR B 81 7.22 14.87 29.22
CA THR B 81 6.95 14.12 27.99
C THR B 81 6.05 12.92 28.28
N ILE B 82 5.07 12.71 27.41
CA ILE B 82 4.19 11.54 27.43
C ILE B 82 4.28 10.88 26.06
N VAL B 83 4.64 9.60 26.01
CA VAL B 83 4.61 8.83 24.76
C VAL B 83 3.64 7.66 24.91
N THR B 84 2.74 7.50 23.93
CA THR B 84 1.70 6.48 23.96
C THR B 84 1.48 5.95 22.54
N ASN B 85 0.98 4.71 22.44
CA ASN B 85 0.56 4.17 21.13
C ASN B 85 -0.95 4.31 21.01
N PRO B 86 -1.45 5.12 20.08
CA PRO B 86 -2.90 5.32 19.95
C PRO B 86 -3.67 4.14 19.37
N LYS B 87 -3.02 3.00 19.16
CA LYS B 87 -3.75 1.84 18.66
C LYS B 87 -4.25 0.94 19.78
N GLU B 88 -3.76 1.11 21.02
CA GLU B 88 -4.39 0.47 22.15
C GLU B 88 -5.83 0.97 22.31
N PRO B 89 -6.74 0.10 22.76
CA PRO B 89 -8.09 0.56 23.09
C PRO B 89 -8.13 1.30 24.42
N ARG B 90 -9.06 2.26 24.52
CA ARG B 90 -9.09 3.21 25.61
C ARG B 90 -10.47 3.22 26.25
N GLN B 91 -10.52 3.53 27.56
CA GLN B 91 -11.71 3.14 28.30
C GLN B 91 -12.89 4.09 28.15
N PRO B 92 -12.84 5.39 28.51
CA PRO B 92 -13.92 6.24 27.96
C PRO B 92 -13.72 6.21 26.45
N VAL B 93 -14.42 5.30 25.77
CA VAL B 93 -14.06 4.95 24.39
C VAL B 93 -14.05 6.20 23.53
N PRO B 94 -12.96 6.48 22.81
CA PRO B 94 -12.84 7.79 22.15
C PRO B 94 -13.64 7.85 20.86
N ALA B 95 -14.19 9.03 20.57
CA ALA B 95 -14.64 9.26 19.21
C ALA B 95 -13.46 9.16 18.27
N SER B 96 -13.72 9.05 16.97
CA SER B 96 -12.59 8.97 16.04
C SER B 96 -12.08 10.39 15.86
N ASP B 97 -11.28 10.85 16.83
CA ASP B 97 -10.85 12.24 16.82
C ASP B 97 -9.68 12.43 17.80
N GLY B 98 -8.76 13.33 17.43
CA GLY B 98 -7.52 13.45 18.17
C GLY B 98 -7.73 13.99 19.58
N ALA B 99 -8.82 14.70 19.80
CA ALA B 99 -9.02 15.28 21.12
C ALA B 99 -9.39 14.21 22.15
N ASP B 100 -10.20 13.22 21.76
CA ASP B 100 -10.64 12.21 22.73
C ASP B 100 -9.46 11.34 23.19
N TYR B 101 -8.53 11.03 22.28
CA TYR B 101 -7.30 10.34 22.60
C TYR B 101 -6.37 11.14 23.51
N LEU B 102 -6.65 12.42 23.74
CA LEU B 102 -5.89 13.24 24.68
C LEU B 102 -6.51 13.27 26.08
N LYS B 103 -7.77 12.86 26.22
CA LYS B 103 -8.43 12.86 27.52
C LYS B 103 -7.76 11.92 28.49
N THR B 104 -7.05 10.92 27.99
CA THR B 104 -6.41 9.91 28.81
C THR B 104 -5.04 10.34 29.31
N ILE B 105 -4.54 11.51 28.90
CA ILE B 105 -3.27 12.04 29.38
C ILE B 105 -3.60 13.16 30.37
N PRO B 106 -3.11 13.10 31.62
CA PRO B 106 -3.47 14.11 32.63
C PRO B 106 -3.03 15.50 32.22
N GLY B 107 -3.96 16.45 32.38
CA GLY B 107 -3.74 17.83 32.00
C GLY B 107 -4.59 18.30 30.85
N PHE B 108 -5.28 17.40 30.16
CA PHE B 108 -6.13 17.71 29.02
C PHE B 108 -7.60 17.61 29.43
N ALA B 109 -8.39 18.65 29.17
CA ALA B 109 -9.85 18.59 29.08
C ALA B 109 -10.25 18.77 27.62
N VAL B 110 -11.56 18.79 27.34
CA VAL B 110 -12.04 18.88 25.97
C VAL B 110 -13.37 19.62 25.95
N ILE B 111 -13.49 20.60 25.07
CA ILE B 111 -14.78 21.26 24.85
C ILE B 111 -15.64 20.33 23.99
N ARG B 112 -16.80 19.92 24.53
CA ARG B 112 -17.69 19.07 23.75
C ARG B 112 -18.59 19.94 22.90
N ASN B 113 -18.65 19.65 21.62
CA ASN B 113 -19.56 20.32 20.71
C ASN B 113 -20.74 19.45 20.34
N GLY B 114 -20.58 18.14 20.44
CA GLY B 114 -21.58 17.18 20.06
C GLY B 114 -21.04 15.80 20.31
N GLY B 115 -20.83 15.01 19.25
CA GLY B 115 -20.45 13.63 19.42
C GLY B 115 -18.98 13.43 19.20
N SER B 116 -18.43 14.18 18.26
CA SER B 116 -17.00 14.16 17.99
C SER B 116 -16.52 15.60 17.84
N ASN B 117 -15.28 15.74 17.40
CA ASN B 117 -14.73 17.03 17.02
C ASN B 117 -14.79 18.01 18.19
N GLY B 118 -14.24 17.58 19.29
CA GLY B 118 -14.10 18.46 20.43
C GLY B 118 -12.83 19.29 20.36
N ASP B 119 -12.83 20.39 21.12
CA ASP B 119 -11.72 21.30 21.13
C ASP B 119 -10.84 21.08 22.36
N PRO B 120 -9.59 20.63 22.21
CA PRO B 120 -8.81 20.20 23.38
C PRO B 120 -8.16 21.35 24.14
N VAL B 121 -8.11 21.20 25.45
CA VAL B 121 -7.56 22.22 26.34
C VAL B 121 -6.43 21.59 27.16
N LEU B 122 -5.26 22.24 27.19
CA LEU B 122 -4.11 21.74 27.94
C LEU B 122 -3.76 22.70 29.07
N ARG B 123 -3.65 22.17 30.29
CA ARG B 123 -3.42 23.00 31.47
C ARG B 123 -4.22 24.29 31.39
N GLY B 124 -5.45 24.24 30.91
CA GLY B 124 -6.32 25.40 30.89
C GLY B 124 -6.18 26.26 29.65
N MET B 125 -5.13 26.05 28.88
CA MET B 125 -4.87 26.84 27.68
C MET B 125 -5.52 26.20 26.46
N PHE B 126 -6.01 27.05 25.56
CA PHE B 126 -6.85 26.64 24.45
C PHE B 126 -6.23 27.03 23.11
N GLY B 127 -6.64 26.34 22.04
CA GLY B 127 -6.38 26.78 20.68
C GLY B 127 -4.94 26.63 20.24
N SER B 128 -4.44 27.63 19.50
CA SER B 128 -3.12 27.56 18.88
C SER B 128 -1.97 27.62 19.86
N ARG B 129 -2.24 27.81 21.18
CA ARG B 129 -1.21 27.60 22.19
C ARG B 129 -0.81 26.13 22.25
N LEU B 130 -1.68 25.24 21.77
CA LEU B 130 -1.33 23.86 21.51
C LEU B 130 -0.84 23.76 20.08
N ASN B 131 0.36 23.26 19.91
CA ASN B 131 0.97 23.11 18.60
C ASN B 131 0.81 21.65 18.19
N ILE B 132 -0.14 21.37 17.30
CA ILE B 132 -0.59 20.01 17.01
C ILE B 132 -0.13 19.59 15.63
N LEU B 133 0.78 18.63 15.55
CA LEU B 133 1.27 18.18 14.26
C LEU B 133 0.84 16.75 13.94
N THR B 134 0.72 16.46 12.63
CA THR B 134 0.51 15.10 12.12
C THR B 134 1.65 14.79 11.15
N ASN B 135 2.53 13.86 11.53
CA ASN B 135 3.74 13.56 10.74
C ASN B 135 4.60 14.81 10.51
N GLY B 136 4.78 15.62 11.54
CA GLY B 136 5.56 16.83 11.46
C GLY B 136 4.95 17.93 10.63
N GLY B 137 3.68 17.81 10.24
CA GLY B 137 3.03 18.80 9.42
C GLY B 137 1.79 19.37 10.10
N MET B 138 1.27 20.46 9.53
CA MET B 138 0.31 21.30 10.20
C MET B 138 -1.00 21.28 9.43
N MET B 139 -1.99 20.60 9.98
CA MET B 139 -3.32 20.53 9.39
C MET B 139 -4.20 21.57 10.07
N LEU B 140 -4.49 22.65 9.37
CA LEU B 140 -5.25 23.75 9.94
C LEU B 140 -6.67 23.71 9.43
N GLY B 141 -7.58 24.03 10.28
CA GLY B 141 -8.96 23.95 9.93
C GLY B 141 -9.49 25.24 9.36
N ALA B 142 -10.63 25.16 8.72
CA ALA B 142 -11.10 26.23 7.87
C ALA B 142 -12.23 27.01 8.52
N CYS B 143 -12.88 26.39 9.53
CA CYS B 143 -14.15 27.02 9.89
C CYS B 143 -13.91 28.17 10.83
N PRO B 144 -14.61 29.30 10.70
CA PRO B 144 -14.28 30.45 11.53
C PRO B 144 -14.77 30.39 12.97
N ASN B 145 -15.53 29.36 13.36
CA ASN B 145 -15.90 29.18 14.75
C ASN B 145 -15.30 27.92 15.34
N ARG B 146 -14.27 27.38 14.69
CA ARG B 146 -13.54 26.20 15.14
C ARG B 146 -14.42 24.96 15.21
N MET B 147 -15.52 24.94 14.41
CA MET B 147 -16.26 23.70 14.19
C MET B 147 -15.33 22.54 13.88
N ASP B 148 -14.23 22.79 13.18
CA ASP B 148 -13.33 21.73 12.75
C ASP B 148 -11.90 21.98 13.21
N ALA B 149 -11.69 22.14 14.50
CA ALA B 149 -10.35 22.40 14.99
C ALA B 149 -9.39 21.28 14.59
N PRO B 150 -8.09 21.55 14.61
CA PRO B 150 -7.10 20.60 14.08
C PRO B 150 -7.35 19.13 14.41
N THR B 151 -7.58 18.81 15.68
CA THR B 151 -7.69 17.39 16.05
C THR B 151 -8.86 16.71 15.36
N SER B 152 -9.82 17.49 14.83
CA SER B 152 -10.97 16.89 14.17
C SER B 152 -10.59 16.16 12.89
N TYR B 153 -9.59 16.63 12.15
CA TYR B 153 -9.18 15.92 10.95
C TYR B 153 -8.27 14.73 11.27
N ILE B 154 -7.97 14.51 12.55
CA ILE B 154 -7.04 13.47 12.99
C ILE B 154 -7.81 12.26 13.50
N SER B 155 -7.50 11.09 12.96
CA SER B 155 -8.04 9.81 13.42
C SER B 155 -6.90 9.05 14.07
N PRO B 156 -6.69 9.22 15.39
CA PRO B 156 -5.49 8.67 16.05
C PRO B 156 -5.21 7.21 15.75
N GLU B 157 -6.25 6.38 15.58
CA GLU B 157 -6.03 4.95 15.40
C GLU B 157 -5.12 4.65 14.22
N THR B 158 -4.89 5.62 13.34
CA THR B 158 -4.04 5.45 12.18
C THR B 158 -2.59 5.86 12.40
N TYR B 159 -2.22 6.33 13.59
CA TYR B 159 -0.84 6.70 13.83
C TYR B 159 -0.20 5.67 14.74
N ASP B 160 1.13 5.60 14.71
CA ASP B 160 1.82 4.65 15.55
C ASP B 160 2.20 5.25 16.89
N LYS B 161 2.59 6.53 16.91
CA LYS B 161 3.06 7.18 18.13
C LYS B 161 2.31 8.48 18.36
N LEU B 162 2.14 8.79 19.64
CA LEU B 162 1.59 10.07 20.08
C LEU B 162 2.52 10.59 21.18
N THR B 163 3.19 11.71 20.91
CA THR B 163 4.06 12.38 21.87
C THR B 163 3.45 13.73 22.29
N VAL B 164 3.45 13.98 23.59
CA VAL B 164 3.05 15.28 24.10
C VAL B 164 4.23 15.81 24.88
N ILE B 165 4.65 17.04 24.57
CA ILE B 165 5.65 17.76 25.33
C ILE B 165 4.92 18.91 26.01
N LYS B 166 5.01 18.97 27.33
CA LYS B 166 4.20 19.90 28.12
C LYS B 166 4.97 21.17 28.40
N GLY B 167 4.31 22.32 28.17
CA GLY B 167 4.92 23.61 28.42
C GLY B 167 5.67 24.16 27.23
N PRO B 168 6.31 25.31 27.38
CA PRO B 168 7.06 25.90 26.26
C PRO B 168 8.50 25.41 26.25
N GLN B 169 8.66 24.09 26.08
CA GLN B 169 9.93 23.42 26.31
C GLN B 169 10.44 22.68 25.08
N THR B 170 10.05 23.11 23.89
CA THR B 170 10.76 22.69 22.69
C THR B 170 10.66 23.79 21.65
N VAL B 171 11.72 23.92 20.85
CA VAL B 171 11.73 24.87 19.71
C VAL B 171 11.76 24.14 18.38
N LEU B 172 11.72 22.80 18.38
CA LEU B 172 11.98 22.03 17.18
C LEU B 172 10.79 21.95 16.23
N TRP B 173 9.55 22.11 16.72
CA TRP B 173 8.37 21.78 15.96
C TRP B 173 7.51 22.99 15.61
N GLY B 174 8.10 24.18 15.55
CA GLY B 174 7.36 25.31 15.04
C GLY B 174 7.08 26.32 16.12
N PRO B 175 6.48 27.45 15.75
CA PRO B 175 6.46 28.61 16.64
C PRO B 175 5.23 28.65 17.55
N GLY B 176 5.40 29.33 18.67
CA GLY B 176 4.27 29.76 19.44
C GLY B 176 3.58 28.71 20.26
N ALA B 177 4.31 27.67 20.68
CA ALA B 177 3.70 26.56 21.43
C ALA B 177 3.87 26.84 22.93
N SER B 178 3.03 27.74 23.43
CA SER B 178 3.11 28.13 24.83
C SER B 178 2.62 27.01 25.77
N ALA B 179 1.49 26.38 25.45
CA ALA B 179 0.94 25.39 26.37
C ALA B 179 1.66 24.04 26.23
N GLY B 180 1.88 23.59 24.99
CA GLY B 180 2.56 22.34 24.75
C GLY B 180 2.57 21.97 23.28
N THR B 181 3.20 20.83 23.02
CA THR B 181 3.34 20.31 21.67
C THR B 181 2.80 18.89 21.63
N ILE B 182 1.97 18.61 20.61
CA ILE B 182 1.26 17.35 20.44
C ILE B 182 1.65 16.79 19.08
N LEU B 183 2.30 15.63 19.08
CA LEU B 183 2.92 15.04 17.89
C LEU B 183 2.34 13.69 17.52
N PHE B 184 1.40 13.64 16.57
CA PHE B 184 0.96 12.39 15.94
C PHE B 184 1.89 12.00 14.79
N GLU B 185 2.50 10.80 14.85
CA GLU B 185 3.37 10.39 13.75
C GLU B 185 3.22 8.90 13.41
N ARG B 186 3.21 8.60 12.10
CA ARG B 186 3.36 7.25 11.57
C ARG B 186 4.84 6.94 11.36
N GLU B 187 5.30 5.83 11.90
CA GLU B 187 6.73 5.65 11.74
C GLU B 187 7.06 4.94 10.42
N PRO B 188 8.21 5.28 9.80
CA PRO B 188 8.55 4.71 8.49
C PRO B 188 8.62 3.19 8.57
N GLU B 189 8.33 2.55 7.45
CA GLU B 189 8.33 1.08 7.43
C GLU B 189 9.76 0.55 7.38
N ARG B 190 9.94 -0.65 7.89
CA ARG B 190 11.25 -1.29 7.87
C ARG B 190 11.08 -2.76 7.51
N PHE B 191 11.75 -3.18 6.46
CA PHE B 191 11.64 -4.54 5.94
C PHE B 191 13.04 -5.10 5.74
N GLY B 192 13.41 -6.07 6.56
CA GLY B 192 14.69 -6.73 6.38
C GLY B 192 14.75 -7.64 5.17
N GLU B 193 13.59 -8.04 4.64
CA GLU B 193 13.51 -8.86 3.45
C GLU B 193 12.17 -8.55 2.79
N LEU B 194 11.86 -9.28 1.72
CA LEU B 194 10.50 -9.20 1.19
C LEU B 194 9.54 -9.66 2.27
N GLY B 195 8.45 -8.92 2.43
CA GLY B 195 7.48 -9.24 3.47
C GLY B 195 6.31 -8.29 3.40
N SER B 196 5.36 -8.51 4.31
CA SER B 196 4.21 -7.62 4.39
C SER B 196 3.55 -7.81 5.74
N ARG B 197 2.85 -6.76 6.19
CA ARG B 197 2.15 -6.81 7.46
C ARG B 197 0.78 -6.17 7.29
N VAL B 198 -0.15 -6.51 8.18
CA VAL B 198 -1.47 -5.88 8.17
C VAL B 198 -2.00 -5.79 9.59
N ASN B 199 -2.59 -4.64 9.91
CA ASN B 199 -3.27 -4.38 11.18
C ASN B 199 -4.70 -4.01 10.89
N ALA B 200 -5.60 -4.40 11.77
CA ALA B 200 -7.00 -4.05 11.53
C ALA B 200 -7.75 -4.13 12.84
N SER B 201 -8.83 -3.38 12.93
CA SER B 201 -9.67 -3.41 14.10
C SER B 201 -11.07 -3.03 13.69
N LEU B 202 -12.04 -3.62 14.38
CA LEU B 202 -13.43 -3.26 14.20
C LEU B 202 -14.00 -3.08 15.59
N LEU B 203 -14.85 -2.07 15.75
CA LEU B 203 -15.40 -1.74 17.06
C LEU B 203 -16.86 -1.41 16.91
N ALA B 204 -17.68 -2.04 17.74
CA ALA B 204 -19.11 -1.79 17.79
C ALA B 204 -19.48 -1.40 19.21
N GLY B 205 -20.42 -0.46 19.32
CA GLY B 205 -20.86 0.04 20.60
C GLY B 205 -22.29 0.55 20.54
N SER B 206 -22.76 1.02 21.69
CA SER B 206 -24.11 1.56 21.80
C SER B 206 -24.36 2.69 20.81
N ASN B 207 -25.64 2.94 20.55
CA ASN B 207 -26.10 4.11 19.82
C ASN B 207 -25.53 4.13 18.40
N GLY B 208 -25.43 2.96 17.78
CA GLY B 208 -25.00 2.89 16.39
C GLY B 208 -23.52 3.12 16.18
N ARG B 209 -22.69 2.90 17.20
CA ARG B 209 -21.26 3.15 17.11
C ARG B 209 -20.54 1.99 16.41
N PHE B 210 -19.83 2.31 15.32
CA PHE B 210 -19.24 1.32 14.41
C PHE B 210 -17.97 1.92 13.85
N ASP B 211 -16.79 1.42 14.24
CA ASP B 211 -15.51 1.89 13.73
C ASP B 211 -14.71 0.73 13.16
N LYS B 212 -14.34 0.82 11.88
CA LYS B 212 -13.37 -0.12 11.35
C LYS B 212 -12.09 0.65 10.97
N VAL B 213 -10.94 -0.03 11.08
CA VAL B 213 -9.63 0.59 10.86
C VAL B 213 -8.71 -0.44 10.21
N LEU B 214 -8.00 -0.03 9.17
CA LEU B 214 -7.08 -0.93 8.47
C LEU B 214 -5.79 -0.18 8.09
N ASP B 215 -4.67 -0.86 8.27
CA ASP B 215 -3.36 -0.28 8.03
C ASP B 215 -2.44 -1.41 7.60
N ALA B 216 -1.90 -1.33 6.38
CA ALA B 216 -1.17 -2.44 5.80
C ALA B 216 -0.03 -1.94 4.91
N ALA B 217 1.06 -2.71 4.91
CA ALA B 217 2.23 -2.36 4.14
C ALA B 217 2.85 -3.63 3.56
N ALA B 218 3.67 -3.43 2.53
CA ALA B 218 4.53 -4.47 1.97
C ALA B 218 5.81 -3.82 1.46
N GLY B 219 6.89 -4.59 1.43
CA GLY B 219 8.11 -4.06 0.88
C GLY B 219 9.29 -4.98 1.11
N ASN B 220 10.46 -4.50 0.65
CA ASN B 220 11.75 -5.16 0.80
C ASN B 220 12.75 -4.16 1.37
N ARG B 221 13.97 -4.64 1.62
CA ARG B 221 15.09 -3.80 2.02
C ARG B 221 15.16 -2.48 1.26
N LEU B 222 14.75 -2.49 0.00
CA LEU B 222 14.91 -1.31 -0.84
C LEU B 222 13.76 -0.31 -0.72
N GLY B 223 12.52 -0.76 -0.72
CA GLY B 223 11.43 0.20 -0.71
C GLY B 223 10.24 -0.31 0.06
N TYR B 224 9.12 0.42 0.02
CA TYR B 224 7.90 -0.05 0.67
C TYR B 224 6.73 0.82 0.22
N LEU B 225 5.53 0.27 0.38
CA LEU B 225 4.31 1.05 0.25
C LEU B 225 3.33 0.59 1.34
N ARG B 226 2.45 1.50 1.74
CA ARG B 226 1.64 1.33 2.94
C ARG B 226 0.30 2.02 2.75
N PHE B 227 -0.77 1.35 3.15
CA PHE B 227 -2.08 1.98 3.18
C PHE B 227 -2.67 1.97 4.58
N THR B 228 -3.12 3.14 5.02
CA THR B 228 -3.85 3.32 6.28
C THR B 228 -5.17 3.99 5.95
N GLY B 229 -6.26 3.36 6.34
CA GLY B 229 -7.57 3.97 6.22
C GLY B 229 -8.32 3.73 7.50
N ASN B 230 -9.51 4.31 7.57
CA ASN B 230 -10.43 4.02 8.67
C ASN B 230 -11.79 4.57 8.29
N HIS B 231 -12.80 4.08 8.97
CA HIS B 231 -14.17 4.53 8.78
C HIS B 231 -14.92 4.27 10.08
N ALA B 232 -15.63 5.29 10.53
CA ALA B 232 -16.18 5.35 11.88
C ALA B 232 -17.45 6.19 11.83
N GLN B 233 -18.31 6.01 12.83
CA GLN B 233 -19.56 6.75 12.81
C GLN B 233 -20.29 6.43 14.09
N SER B 234 -21.20 7.31 14.48
CA SER B 234 -22.16 7.00 15.52
C SER B 234 -23.48 7.69 15.22
N ASP B 235 -24.55 7.13 15.78
CA ASP B 235 -25.81 7.85 15.89
C ASP B 235 -25.74 8.74 17.12
N ASP B 236 -26.80 9.50 17.38
CA ASP B 236 -26.81 10.34 18.57
C ASP B 236 -26.64 9.47 19.81
N TYR B 237 -26.13 10.07 20.88
CA TYR B 237 -26.04 9.41 22.17
C TYR B 237 -27.09 9.97 23.13
N GLU B 238 -27.18 9.39 24.33
CA GLU B 238 -28.11 9.84 25.35
C GLU B 238 -27.36 10.19 26.62
N ASP B 239 -27.95 11.07 27.42
CA ASP B 239 -27.30 11.46 28.65
C ASP B 239 -27.77 10.57 29.80
N GLY B 240 -27.42 10.94 31.02
CA GLY B 240 -27.92 10.22 32.19
C GLY B 240 -29.44 10.22 32.26
N ALA B 241 -30.06 11.33 31.86
CA ALA B 241 -31.49 11.55 32.09
C ALA B 241 -32.35 11.08 30.93
N GLY B 242 -31.83 10.27 30.02
CA GLY B 242 -32.62 9.70 28.95
C GLY B 242 -32.69 10.50 27.65
N ASN B 243 -32.43 11.81 27.68
CA ASN B 243 -32.60 12.64 26.50
C ASN B 243 -31.63 12.26 25.38
N THR B 244 -32.03 12.53 24.15
CA THR B 244 -31.17 12.39 22.97
C THR B 244 -30.42 13.69 22.72
N VAL B 245 -29.10 13.61 22.71
CA VAL B 245 -28.21 14.72 22.39
C VAL B 245 -27.96 14.76 20.88
N PRO B 246 -28.05 15.92 20.24
CA PRO B 246 -27.74 15.98 18.80
C PRO B 246 -26.25 15.73 18.56
N SER B 247 -25.87 14.58 17.98
CA SER B 247 -24.46 14.25 18.00
C SER B 247 -23.99 13.19 17.02
N ARG B 248 -24.83 12.73 16.09
CA ARG B 248 -24.34 11.75 15.11
C ARG B 248 -23.11 12.29 14.36
N TRP B 249 -22.24 11.38 13.96
CA TRP B 249 -21.07 11.82 13.22
C TRP B 249 -20.56 10.66 12.37
N LYS B 250 -19.86 11.02 11.30
CA LYS B 250 -19.36 10.08 10.30
C LYS B 250 -17.98 10.55 9.85
N LYS B 251 -17.12 9.60 9.53
CA LYS B 251 -15.73 9.92 9.25
C LYS B 251 -15.13 8.81 8.40
N TRP B 252 -14.20 9.20 7.52
CA TRP B 252 -13.25 8.29 6.92
C TRP B 252 -11.99 9.06 6.56
N ASN B 253 -10.88 8.33 6.51
CA ASN B 253 -9.67 8.77 5.86
C ASN B 253 -9.03 7.57 5.20
N GLY B 254 -8.12 7.87 4.27
CA GLY B 254 -7.29 6.88 3.64
C GLY B 254 -6.04 7.59 3.19
N ASP B 255 -4.91 6.92 3.30
CA ASP B 255 -3.62 7.58 3.12
C ASP B 255 -2.62 6.55 2.61
N VAL B 256 -1.87 6.90 1.58
CA VAL B 256 -0.84 5.99 1.08
C VAL B 256 0.52 6.59 1.34
N ALA B 257 1.53 5.72 1.31
CA ALA B 257 2.89 6.07 1.69
C ALA B 257 3.85 5.14 0.96
N VAL B 258 4.35 5.59 -0.20
CA VAL B 258 5.45 4.88 -0.87
C VAL B 258 6.76 5.41 -0.33
N GLY B 259 7.67 4.52 0.04
CA GLY B 259 8.94 4.92 0.59
C GLY B 259 10.06 4.17 -0.11
N TRP B 260 11.24 4.80 -0.17
CA TRP B 260 12.36 4.28 -0.93
C TRP B 260 13.64 4.42 -0.11
N THR B 261 14.33 3.31 0.11
CA THR B 261 15.50 3.24 0.99
C THR B 261 16.65 2.61 0.23
N PRO B 262 17.35 3.37 -0.63
CA PRO B 262 18.36 2.76 -1.51
C PRO B 262 19.54 2.15 -0.78
N ASP B 263 19.86 2.63 0.41
CA ASP B 263 20.83 1.95 1.26
C ASP B 263 20.39 2.13 2.72
N GLU B 264 21.23 1.64 3.64
CA GLU B 264 20.90 1.62 5.06
C GLU B 264 20.71 3.01 5.66
N ASP B 265 21.16 4.08 4.97
CA ASP B 265 21.33 5.42 5.54
C ASP B 265 20.50 6.48 4.83
N THR B 266 19.45 6.10 4.11
CA THR B 266 18.75 7.06 3.25
C THR B 266 17.28 6.69 3.14
N LEU B 267 16.39 7.66 3.37
CA LEU B 267 14.95 7.43 3.25
C LEU B 267 14.30 8.58 2.49
N ILE B 268 13.48 8.24 1.51
CA ILE B 268 12.62 9.22 0.85
C ILE B 268 11.22 8.63 0.88
N GLU B 269 10.27 9.39 1.42
CA GLU B 269 8.92 8.90 1.56
C GLU B 269 7.97 9.91 0.93
N LEU B 270 6.91 9.40 0.34
CA LEU B 270 5.89 10.22 -0.32
C LEU B 270 4.56 9.80 0.27
N THR B 271 3.76 10.79 0.66
CA THR B 271 2.48 10.52 1.32
C THR B 271 1.40 11.27 0.57
N ALA B 272 0.20 10.71 0.60
CA ALA B 272 -0.98 11.36 0.01
C ALA B 272 -2.21 10.76 0.67
N GLY B 273 -3.26 11.58 0.81
CA GLY B 273 -4.45 11.11 1.48
C GLY B 273 -5.64 12.03 1.28
N LYS B 274 -6.81 11.47 1.56
CA LYS B 274 -8.08 12.18 1.54
C LYS B 274 -8.83 11.85 2.84
N GLY B 275 -9.84 12.65 3.14
CA GLY B 275 -10.72 12.36 4.27
C GLY B 275 -11.98 13.17 4.16
N ASP B 276 -13.00 12.73 4.87
CA ASP B 276 -14.22 13.53 4.91
C ASP B 276 -15.01 13.12 6.16
N GLY B 277 -16.07 13.86 6.44
CA GLY B 277 -16.85 13.64 7.64
C GLY B 277 -18.01 14.61 7.76
N GLU B 278 -18.76 14.44 8.83
CA GLU B 278 -19.83 15.36 9.20
C GLU B 278 -20.11 15.18 10.69
N ALA B 279 -20.87 16.10 11.25
CA ALA B 279 -21.07 16.10 12.70
C ALA B 279 -22.26 16.99 13.05
N ARG B 280 -23.25 16.43 13.74
CA ARG B 280 -24.25 17.24 14.41
C ARG B 280 -23.57 17.98 15.56
N TYR B 281 -23.87 19.27 15.69
CA TYR B 281 -23.24 20.12 16.70
C TYR B 281 -24.34 20.58 17.64
N ALA B 282 -24.47 19.92 18.79
CA ALA B 282 -25.53 20.26 19.74
C ALA B 282 -25.34 21.65 20.32
N GLY B 283 -24.09 22.12 20.38
CA GLY B 283 -23.80 23.42 20.92
C GLY B 283 -24.16 24.60 20.01
N ARG B 284 -24.29 24.37 18.71
CA ARG B 284 -24.31 25.48 17.77
C ARG B 284 -25.57 25.51 16.92
N GLY B 285 -25.72 26.62 16.20
CA GLY B 285 -26.81 26.88 15.28
C GLY B 285 -26.64 26.29 13.90
N MET B 286 -25.55 25.57 13.65
CA MET B 286 -25.26 25.04 12.33
C MET B 286 -24.46 23.75 12.51
N ASP B 287 -24.73 22.74 11.68
CA ASP B 287 -24.02 21.50 11.82
C ASP B 287 -22.94 21.38 10.76
N GLY B 288 -21.94 20.56 11.02
CA GLY B 288 -20.97 20.30 9.98
C GLY B 288 -21.40 19.15 9.08
N SER B 289 -21.69 19.44 7.82
CA SER B 289 -22.11 18.41 6.88
C SER B 289 -20.98 17.97 5.95
N GLN B 290 -19.78 18.53 6.11
CA GLN B 290 -18.63 18.17 5.27
C GLN B 290 -17.33 18.68 5.88
N PHE B 291 -16.31 17.81 5.95
CA PHE B 291 -14.99 18.16 6.47
C PHE B 291 -13.96 17.46 5.58
N LYS B 292 -13.90 17.91 4.33
CA LYS B 292 -13.05 17.30 3.32
C LYS B 292 -11.59 17.70 3.57
N ARG B 293 -10.70 16.72 3.46
CA ARG B 293 -9.28 16.92 3.64
C ARG B 293 -8.51 16.34 2.45
N GLU B 294 -7.48 17.07 1.99
CA GLU B 294 -6.56 16.56 0.99
C GLU B 294 -5.15 16.75 1.50
N SER B 295 -4.26 15.79 1.23
CA SER B 295 -2.92 15.89 1.78
C SER B 295 -1.88 15.29 0.83
N LEU B 296 -0.77 16.01 0.65
CA LEU B 296 0.43 15.49 0.00
C LEU B 296 1.62 15.83 0.86
N GLY B 297 2.63 14.98 0.83
CA GLY B 297 3.78 15.16 1.68
C GLY B 297 5.01 14.50 1.10
N LEU B 298 6.17 15.07 1.42
CA LEU B 298 7.46 14.59 0.94
C LEU B 298 8.46 14.73 2.08
N ARG B 299 8.91 13.61 2.65
CA ARG B 299 9.94 13.59 3.68
C ARG B 299 11.26 13.09 3.09
N PHE B 300 12.33 13.23 3.86
CA PHE B 300 13.69 12.92 3.43
C PHE B 300 14.64 12.91 4.62
N VAL B 301 15.25 11.76 4.91
CA VAL B 301 16.18 11.61 6.02
C VAL B 301 17.48 11.01 5.48
N LYS B 302 18.62 11.46 6.03
CA LYS B 302 19.91 10.83 5.73
C LYS B 302 20.68 10.67 7.03
N SER B 303 21.14 9.48 7.33
CA SER B 303 21.87 9.21 8.56
C SER B 303 23.37 9.15 8.32
N ASN B 304 24.12 9.22 9.42
CA ASN B 304 25.57 9.10 9.44
C ASN B 304 26.26 9.80 8.26
N VAL B 305 25.83 11.03 7.95
CA VAL B 305 26.47 11.81 6.89
C VAL B 305 27.97 11.93 7.16
N SER B 306 28.34 12.13 8.41
CA SER B 306 29.74 12.22 8.83
C SER B 306 29.81 11.78 10.30
N ASP B 307 31.03 11.81 10.87
CA ASP B 307 31.16 11.41 12.27
C ASP B 307 30.46 12.39 13.20
N VAL B 308 30.31 13.65 12.77
CA VAL B 308 29.59 14.64 13.56
C VAL B 308 28.15 14.80 13.09
N LEU B 309 27.93 14.89 11.77
CA LEU B 309 26.57 15.03 11.26
C LEU B 309 25.90 13.66 11.30
N GLU B 310 24.89 13.50 12.16
CA GLU B 310 24.24 12.21 12.34
C GLU B 310 22.94 12.08 11.55
N LYS B 311 22.28 13.19 11.21
CA LYS B 311 20.98 13.16 10.58
C LYS B 311 20.79 14.45 9.81
N VAL B 312 20.13 14.39 8.66
CA VAL B 312 19.66 15.59 7.96
C VAL B 312 18.23 15.31 7.53
N GLU B 313 17.27 16.06 8.06
CA GLU B 313 15.88 15.80 7.77
C GLU B 313 15.28 17.00 7.04
N ALA B 314 14.57 16.72 5.96
CA ALA B 314 13.81 17.75 5.26
C ALA B 314 12.43 17.21 5.00
N GLN B 315 11.46 18.09 4.82
CA GLN B 315 10.11 17.63 4.58
C GLN B 315 9.24 18.80 4.12
N VAL B 316 8.22 18.49 3.33
CA VAL B 316 7.23 19.45 2.87
C VAL B 316 5.87 18.79 3.07
N TYR B 317 4.88 19.58 3.47
CA TYR B 317 3.54 19.07 3.61
C TYR B 317 2.60 20.05 2.95
N TYR B 318 1.50 19.53 2.45
CA TYR B 318 0.42 20.32 1.89
C TYR B 318 -0.87 19.74 2.48
N ASN B 319 -1.79 20.61 2.90
CA ASN B 319 -2.95 20.18 3.66
C ASN B 319 -4.10 21.11 3.31
N TYR B 320 -5.18 20.57 2.77
CA TYR B 320 -6.29 21.37 2.31
C TYR B 320 -7.54 20.94 3.07
N ALA B 321 -8.10 21.85 3.85
CA ALA B 321 -9.36 21.62 4.51
C ALA B 321 -10.46 22.28 3.70
N ASP B 322 -11.59 21.60 3.57
CA ASP B 322 -12.72 22.09 2.79
C ASP B 322 -13.98 21.72 3.57
N ALA B 323 -14.60 22.71 4.21
CA ALA B 323 -15.64 22.48 5.19
C ALA B 323 -16.93 23.18 4.78
N ILE B 324 -18.03 22.45 4.76
CA ILE B 324 -19.34 23.05 4.58
C ILE B 324 -20.12 22.87 5.86
N MET B 325 -20.97 23.85 6.17
CA MET B 325 -21.82 23.79 7.34
C MET B 325 -23.14 24.47 7.02
N ASP B 326 -24.22 23.92 7.53
CA ASP B 326 -25.54 24.40 7.20
C ASP B 326 -26.45 24.13 8.37
N ASN B 327 -27.70 24.57 8.23
CA ASN B 327 -28.75 24.31 9.20
C ASN B 327 -29.95 23.61 8.57
N PHE B 328 -29.76 22.91 7.44
CA PHE B 328 -30.86 22.15 6.86
C PHE B 328 -30.56 20.70 6.54
N ARG B 329 -29.29 20.25 6.59
CA ARG B 329 -28.92 18.92 6.09
C ARG B 329 -28.86 17.86 7.20
N LEU B 330 -28.35 18.20 8.38
CA LEU B 330 -28.44 17.34 9.54
C LEU B 330 -29.43 17.87 10.57
N ARG B 331 -30.34 18.74 10.15
CA ARG B 331 -31.36 19.27 11.07
C ARG B 331 -32.33 20.12 10.27
N THR B 332 -33.31 20.72 10.96
CA THR B 332 -34.26 21.63 10.34
C THR B 332 -34.16 23.00 11.00
N PRO B 333 -34.18 24.08 10.22
CA PRO B 333 -33.99 25.42 10.80
C PRO B 333 -35.01 25.74 11.87
N ASP B 334 -34.51 26.24 13.01
CA ASP B 334 -35.39 26.72 14.07
C ASP B 334 -36.10 27.97 13.58
N PRO B 335 -37.44 27.96 13.46
CA PRO B 335 -38.12 29.20 13.04
C PRO B 335 -38.00 30.31 14.06
N SER B 336 -38.06 29.98 15.36
CA SER B 336 -37.96 30.96 16.44
C SER B 336 -36.59 31.63 16.51
N SER B 337 -35.67 31.30 15.61
CA SER B 337 -34.28 31.69 15.75
C SER B 337 -33.92 32.79 14.75
N MET B 338 -32.77 33.41 14.98
CA MET B 338 -32.22 34.32 13.98
C MET B 338 -31.77 33.60 12.72
N MET B 339 -31.92 32.28 12.67
CA MET B 339 -31.54 31.47 11.52
C MET B 339 -32.74 30.65 11.05
N PRO B 340 -33.83 31.31 10.60
CA PRO B 340 -35.05 30.57 10.25
C PRO B 340 -35.04 30.04 8.83
N MET B 341 -34.08 30.44 8.03
CA MET B 341 -34.02 30.07 6.65
C MET B 341 -32.83 29.17 6.38
N PRO B 342 -32.88 28.36 5.33
CA PRO B 342 -31.71 27.58 4.95
C PRO B 342 -30.51 28.48 4.70
N MET B 343 -29.41 28.23 5.42
CA MET B 343 -28.12 28.80 5.10
C MET B 343 -27.02 27.77 5.09
N ALA B 344 -26.14 27.89 4.10
CA ALA B 344 -24.87 27.19 4.11
C ALA B 344 -23.74 28.21 4.19
N SER B 345 -22.65 27.79 4.79
CA SER B 345 -21.40 28.54 4.68
C SER B 345 -20.32 27.51 4.37
N GLN B 346 -19.64 27.70 3.25
CA GLN B 346 -18.53 26.83 2.88
C GLN B 346 -17.23 27.62 3.03
N VAL B 347 -16.22 26.98 3.62
CA VAL B 347 -14.94 27.62 3.91
C VAL B 347 -13.83 26.61 3.64
N ASP B 348 -12.65 27.11 3.27
CA ASP B 348 -11.52 26.23 3.03
C ASP B 348 -10.23 26.84 3.57
N ARG B 349 -9.19 26.02 3.59
CA ARG B 349 -7.95 26.37 4.25
C ARG B 349 -6.87 25.57 3.55
N ARG B 350 -5.86 26.26 3.04
CA ARG B 350 -4.82 25.66 2.22
C ARG B 350 -3.50 25.91 2.94
N THR B 351 -2.79 24.85 3.29
CA THR B 351 -1.63 25.00 4.15
C THR B 351 -0.44 24.33 3.50
N LEU B 352 0.55 25.14 3.14
CA LEU B 352 1.83 24.65 2.64
C LEU B 352 2.89 25.00 3.66
N GLY B 353 3.77 24.06 3.98
CA GLY B 353 4.86 24.34 4.89
C GLY B 353 6.00 23.35 4.76
N GLY B 354 7.09 23.60 5.49
CA GLY B 354 8.19 22.67 5.44
C GLY B 354 9.20 22.89 6.54
N ARG B 355 10.21 22.03 6.57
CA ARG B 355 11.11 21.90 7.71
C ARG B 355 12.44 21.32 7.22
N LEU B 356 13.54 22.00 7.53
CA LEU B 356 14.88 21.48 7.29
C LEU B 356 15.57 21.42 8.65
N ALA B 357 16.24 20.30 8.93
CA ALA B 357 16.84 20.13 10.24
C ALA B 357 18.06 19.22 10.14
N ALA B 358 19.08 19.53 10.93
CA ALA B 358 20.31 18.77 11.02
C ALA B 358 20.61 18.46 12.48
N THR B 359 21.04 17.24 12.77
CA THR B 359 21.49 16.89 14.11
C THR B 359 22.98 16.58 14.10
N TRP B 360 23.69 17.11 15.08
CA TRP B 360 25.11 16.86 15.30
C TRP B 360 25.31 16.30 16.71
N ARG B 361 25.98 15.16 16.80
CA ARG B 361 26.29 14.51 18.09
C ARG B 361 27.82 14.36 18.14
N TRP B 362 28.49 15.30 18.77
CA TRP B 362 29.91 15.21 19.00
C TRP B 362 30.18 15.42 20.48
N ASP B 363 31.25 14.81 20.97
CA ASP B 363 31.61 14.95 22.38
C ASP B 363 30.39 14.57 23.27
N ASP B 364 30.26 15.23 24.41
CA ASP B 364 29.11 15.09 25.29
C ASP B 364 27.96 16.02 24.89
N PHE B 365 27.73 16.24 23.59
CA PHE B 365 26.83 17.29 23.13
C PHE B 365 25.99 16.80 21.97
N LYS B 366 24.78 17.32 21.91
CA LYS B 366 23.85 17.03 20.83
C LYS B 366 23.24 18.36 20.46
N LEU B 367 23.06 18.59 19.17
CA LEU B 367 22.57 19.90 18.73
C LEU B 367 21.71 19.70 17.50
N VAL B 368 20.47 20.17 17.55
CA VAL B 368 19.60 20.14 16.38
C VAL B 368 19.35 21.58 15.94
N THR B 369 19.81 21.93 14.75
CA THR B 369 19.66 23.27 14.19
C THR B 369 18.84 23.17 12.92
N GLY B 370 18.03 24.18 12.64
CA GLY B 370 17.18 24.11 11.47
C GLY B 370 16.35 25.35 11.30
N VAL B 371 15.70 25.41 10.15
CA VAL B 371 14.77 26.45 9.77
C VAL B 371 13.46 25.78 9.43
N ASP B 372 12.36 26.52 9.51
CA ASP B 372 11.10 26.03 8.99
C ASP B 372 10.29 27.20 8.43
N ALA B 373 9.28 26.86 7.63
CA ALA B 373 8.45 27.85 6.97
C ALA B 373 7.02 27.32 6.81
N MET B 374 6.08 28.26 6.70
CA MET B 374 4.67 27.92 6.67
C MET B 374 3.90 29.02 5.95
N ARG B 375 2.92 28.61 5.14
CA ARG B 375 2.00 29.54 4.49
C ARG B 375 0.59 28.94 4.55
N ASN B 376 -0.40 29.77 4.80
CA ASN B 376 -1.77 29.25 4.74
C ASN B 376 -2.73 30.36 4.35
N GLU B 377 -3.76 29.97 3.62
CA GLU B 377 -4.72 30.88 3.03
C GLU B 377 -6.11 30.43 3.43
N HIS B 378 -7.02 31.37 3.63
CA HIS B 378 -8.37 31.11 4.10
C HIS B 378 -9.38 31.75 3.16
N ARG B 379 -10.41 31.00 2.76
CA ARG B 379 -11.48 31.58 1.95
C ARG B 379 -12.84 31.12 2.50
N ALA B 380 -13.88 31.89 2.14
CA ALA B 380 -15.25 31.52 2.51
C ALA B 380 -16.20 31.95 1.42
N ARG B 381 -17.41 31.39 1.47
CA ARG B 381 -18.51 31.78 0.59
C ARG B 381 -19.79 31.25 1.19
N GLY B 382 -20.84 32.08 1.15
CA GLY B 382 -22.07 31.79 1.86
C GLY B 382 -23.23 31.62 0.92
N SER B 383 -24.23 30.86 1.37
CA SER B 383 -25.44 30.72 0.59
C SER B 383 -26.23 32.04 0.60
N LYS B 384 -27.13 32.17 -0.36
CA LYS B 384 -28.08 33.28 -0.45
C LYS B 384 -29.49 32.71 -0.50
N TYR B 385 -30.44 33.40 0.13
CA TYR B 385 -31.81 32.92 0.22
C TYR B 385 -32.79 34.05 -0.03
N ASP B 386 -33.57 33.93 -1.11
CA ASP B 386 -34.58 34.92 -1.46
C ASP B 386 -35.80 34.74 -0.54
N MET B 387 -36.01 35.68 0.38
CA MET B 387 -37.07 35.57 1.36
C MET B 387 -38.48 35.72 0.76
N MET B 388 -38.59 35.98 -0.55
CA MET B 388 -39.88 36.25 -1.19
C MET B 388 -40.29 35.19 -2.21
N THR B 389 -39.35 34.69 -3.04
CA THR B 389 -39.65 33.60 -3.98
C THR B 389 -39.01 32.28 -3.56
N ASP B 390 -38.34 32.24 -2.41
CA ASP B 390 -37.87 30.99 -1.79
C ASP B 390 -36.94 30.18 -2.70
N TYR B 391 -36.12 30.85 -3.52
CA TYR B 391 -35.15 30.13 -4.33
C TYR B 391 -33.79 30.19 -3.66
N TYR B 392 -33.63 29.35 -2.64
CA TYR B 392 -32.32 29.04 -2.09
C TYR B 392 -31.36 28.63 -3.21
N THR B 393 -30.25 29.35 -3.33
CA THR B 393 -29.17 28.95 -4.21
C THR B 393 -27.94 28.64 -3.35
N ASP B 394 -27.43 27.40 -3.45
CA ASP B 394 -26.42 26.95 -2.51
C ASP B 394 -25.12 27.74 -2.69
N ALA B 395 -24.26 27.61 -1.68
CA ALA B 395 -23.08 28.44 -1.58
C ALA B 395 -22.02 28.12 -2.64
N ASP B 396 -22.11 27.00 -3.34
CA ASP B 396 -21.04 26.64 -4.28
C ASP B 396 -21.20 27.33 -5.64
N GLN B 397 -22.28 28.09 -5.85
CA GLN B 397 -22.41 28.88 -7.08
C GLN B 397 -21.52 30.13 -7.04
N PHE B 398 -21.70 30.96 -6.01
CA PHE B 398 -20.92 32.18 -5.82
C PHE B 398 -19.43 31.87 -5.72
N PRO B 399 -18.57 32.82 -6.05
CA PRO B 399 -17.14 32.52 -6.09
C PRO B 399 -16.50 32.55 -4.71
N TRP B 400 -15.39 31.80 -4.57
CA TRP B 400 -14.57 31.86 -3.37
C TRP B 400 -14.14 33.31 -3.10
N SER B 401 -14.32 33.76 -1.86
CA SER B 401 -13.82 35.06 -1.42
C SER B 401 -12.80 34.86 -0.28
N LYS B 402 -11.57 35.29 -0.53
CA LYS B 402 -10.45 35.05 0.37
C LYS B 402 -10.35 36.17 1.42
N ASP B 403 -9.97 35.81 2.64
CA ASP B 403 -9.97 36.85 3.67
C ASP B 403 -8.63 36.94 4.40
N ALA B 404 -7.89 35.84 4.48
CA ALA B 404 -6.68 35.87 5.29
C ALA B 404 -5.58 35.10 4.60
N VAL B 405 -4.34 35.56 4.80
CA VAL B 405 -3.17 34.79 4.44
C VAL B 405 -2.12 34.99 5.53
N PHE B 406 -1.56 33.88 6.01
CA PHE B 406 -0.57 33.87 7.06
C PHE B 406 0.73 33.34 6.49
N HIS B 407 1.85 33.80 7.07
CA HIS B 407 3.17 33.27 6.76
C HIS B 407 3.95 33.19 8.07
N ASN B 408 4.85 32.23 8.13
CA ASN B 408 5.85 32.18 9.19
C ASN B 408 7.15 31.64 8.60
N TYR B 409 8.28 32.19 9.06
CA TYR B 409 9.61 31.64 8.79
C TYR B 409 10.35 31.68 10.11
N GLY B 410 11.06 30.61 10.45
CA GLY B 410 11.77 30.57 11.71
C GLY B 410 13.05 29.79 11.58
N ALA B 411 13.99 30.09 12.48
CA ALA B 411 15.24 29.39 12.65
C ALA B 411 15.35 28.92 14.09
N PHE B 412 15.95 27.76 14.33
CA PHE B 412 15.89 27.21 15.69
C PHE B 412 17.11 26.35 15.96
N GLY B 413 17.43 26.23 17.23
CA GLY B 413 18.48 25.33 17.66
C GLY B 413 18.13 24.73 19.01
N GLU B 414 18.60 23.51 19.24
CA GLU B 414 18.41 22.90 20.53
C GLU B 414 19.70 22.17 20.87
N LEU B 415 20.24 22.44 22.05
CA LEU B 415 21.54 21.92 22.45
C LEU B 415 21.36 21.18 23.76
N THR B 416 21.71 19.89 23.77
CA THR B 416 21.70 19.06 24.96
C THR B 416 23.13 18.84 25.45
N TRP B 417 23.33 18.98 26.77
CA TRP B 417 24.61 18.71 27.40
C TRP B 417 24.47 17.48 28.31
N PHE B 418 25.13 16.39 27.96
CA PHE B 418 25.20 15.21 28.83
C PHE B 418 26.39 15.38 29.78
N ALA B 419 26.20 16.28 30.75
CA ALA B 419 27.28 16.70 31.62
C ALA B 419 27.90 15.52 32.38
N ALA B 420 27.06 14.67 32.97
CA ALA B 420 27.51 13.48 33.66
C ALA B 420 26.49 12.39 33.39
N GLU B 421 26.71 11.21 33.97
CA GLU B 421 25.68 10.18 33.89
C GLU B 421 24.35 10.73 34.41
N ARG B 422 24.41 11.47 35.52
CA ARG B 422 23.24 11.83 36.30
C ARG B 422 22.85 13.31 36.17
N ASP B 423 23.36 14.01 35.16
CA ASP B 423 23.05 15.43 34.93
C ASP B 423 22.97 15.70 33.43
N ARG B 424 21.82 16.21 32.99
CA ARG B 424 21.60 16.65 31.62
C ARG B 424 21.14 18.10 31.65
N LEU B 425 21.50 18.85 30.62
CA LEU B 425 21.17 20.26 30.52
C LEU B 425 20.75 20.56 29.09
N ILE B 426 19.52 21.03 28.94
CA ILE B 426 18.98 21.28 27.62
C ILE B 426 18.48 22.71 27.55
N GLY B 427 18.93 23.45 26.52
CA GLY B 427 18.37 24.74 26.23
C GLY B 427 18.19 24.94 24.74
N GLY B 428 17.12 25.61 24.32
CA GLY B 428 16.91 25.87 22.90
C GLY B 428 16.41 27.28 22.66
N LEU B 429 16.56 27.72 21.42
CA LEU B 429 16.13 29.05 21.02
C LEU B 429 15.51 28.96 19.65
N ARG B 430 14.66 29.93 19.35
CA ARG B 430 14.21 30.01 17.97
C ARG B 430 13.76 31.44 17.74
N LEU B 431 13.82 31.85 16.47
CA LEU B 431 13.46 33.20 16.07
C LEU B 431 12.49 33.06 14.91
N ASP B 432 11.38 33.78 14.96
CA ASP B 432 10.32 33.63 13.98
C ASP B 432 9.93 34.97 13.39
N ARG B 433 9.74 34.98 12.09
CA ARG B 433 9.14 36.11 11.41
C ARG B 433 7.71 35.72 11.09
N ALA B 434 6.76 36.44 11.67
CA ALA B 434 5.36 36.10 11.50
C ALA B 434 4.69 37.25 10.76
N SER B 435 3.71 36.93 9.93
CA SER B 435 3.04 37.99 9.18
C SER B 435 1.67 37.51 8.71
N VAL B 436 0.77 38.47 8.58
CA VAL B 436 -0.58 38.22 8.11
C VAL B 436 -0.97 39.36 7.17
N LYS B 437 -1.81 39.05 6.19
CA LYS B 437 -2.41 40.08 5.34
C LYS B 437 -3.92 39.91 5.35
N ASP B 438 -4.64 41.02 5.52
CA ASP B 438 -6.10 41.02 5.55
C ASP B 438 -6.61 41.29 4.13
N TYR B 439 -7.25 40.29 3.51
CA TYR B 439 -7.81 40.45 2.18
C TYR B 439 -9.30 40.71 2.21
N ARG B 440 -9.86 40.98 3.38
CA ARG B 440 -11.28 41.34 3.43
C ARG B 440 -11.44 42.74 2.87
N GLN B 441 -12.19 42.88 1.78
CA GLN B 441 -12.49 44.23 1.31
C GLN B 441 -13.69 44.82 2.05
N THR B 442 -14.44 44.01 2.76
CA THR B 442 -15.64 44.51 3.42
C THR B 442 -15.92 43.66 4.68
N LEU B 443 -16.55 44.28 5.66
CA LEU B 443 -17.00 43.59 6.87
C LEU B 443 -18.53 43.60 6.93
N LYS B 444 -19.09 42.60 7.60
CA LYS B 444 -20.53 42.59 7.89
C LYS B 444 -20.76 43.04 9.34
N SER B 445 -20.52 44.35 9.57
CA SER B 445 -20.56 44.94 10.90
C SER B 445 -21.40 46.21 10.96
N GLY B 446 -22.39 46.34 10.08
CA GLY B 446 -23.21 47.52 9.98
C GLY B 446 -24.50 47.40 10.76
N HIS B 447 -25.59 47.91 10.17
CA HIS B 447 -26.86 47.98 10.86
C HIS B 447 -27.40 46.59 11.18
N MET B 448 -27.71 45.81 10.14
CA MET B 448 -28.14 44.43 10.32
C MET B 448 -27.05 43.50 9.81
N GLY B 449 -25.81 43.77 10.21
CA GLY B 449 -24.68 43.14 9.55
C GLY B 449 -24.50 43.64 8.14
N HIS B 450 -24.90 44.87 7.87
CA HIS B 450 -24.78 45.47 6.55
C HIS B 450 -23.31 45.72 6.20
N ALA B 451 -23.04 45.84 4.91
CA ALA B 451 -21.68 45.97 4.41
C ALA B 451 -21.05 47.29 4.84
N MET B 452 -19.82 47.20 5.31
CA MET B 452 -18.97 48.33 5.70
C MET B 452 -17.63 48.15 5.02
N ALA B 453 -17.06 49.23 4.52
CA ALA B 453 -15.68 49.19 4.04
C ALA B 453 -14.74 48.82 5.18
N ASN B 454 -13.90 47.81 4.94
CA ASN B 454 -13.06 47.30 6.01
C ASN B 454 -11.86 48.21 6.21
N PRO B 455 -11.73 48.87 7.36
CA PRO B 455 -10.65 49.85 7.53
C PRO B 455 -9.25 49.29 7.37
N THR B 456 -9.07 47.97 7.45
CA THR B 456 -7.75 47.38 7.27
C THR B 456 -7.61 46.67 5.93
N ALA B 457 -8.46 46.99 4.94
CA ALA B 457 -8.40 46.32 3.64
C ALA B 457 -7.01 46.34 3.04
N ASN B 458 -6.46 45.14 2.85
CA ASN B 458 -5.17 44.86 2.20
C ASN B 458 -3.98 45.24 3.06
N ASP B 459 -4.23 45.63 4.32
CA ASP B 459 -3.16 45.85 5.28
C ASP B 459 -2.37 44.55 5.51
N THR B 460 -1.11 44.73 5.91
CA THR B 460 -0.22 43.62 6.28
C THR B 460 0.59 43.99 7.51
N ARG B 461 0.37 43.28 8.62
CA ARG B 461 1.21 43.40 9.81
C ARG B 461 2.14 42.19 9.96
N ALA B 462 3.26 42.42 10.63
CA ALA B 462 4.23 41.36 10.88
C ALA B 462 4.95 41.65 12.18
N ASP B 463 5.74 40.67 12.63
CA ASP B 463 6.52 40.81 13.84
C ASP B 463 7.62 39.77 13.86
N THR B 464 8.59 39.99 14.74
CA THR B 464 9.74 39.13 14.92
C THR B 464 9.77 38.71 16.38
N LEU B 465 9.67 37.40 16.62
CA LEU B 465 9.36 36.86 17.95
C LEU B 465 10.37 35.81 18.38
N PRO B 466 11.16 36.08 19.41
CA PRO B 466 12.11 35.06 19.90
C PRO B 466 11.51 34.17 20.98
N SER B 467 11.92 32.91 20.98
CA SER B 467 11.43 31.96 21.97
C SER B 467 12.58 31.08 22.42
N GLY B 468 12.53 30.65 23.65
CA GLY B 468 13.59 29.80 24.13
C GLY B 468 13.20 29.13 25.42
N PHE B 469 14.09 28.25 25.87
CA PHE B 469 13.92 27.57 27.14
C PHE B 469 15.27 27.04 27.57
N VAL B 470 15.39 26.80 28.86
CA VAL B 470 16.48 26.00 29.40
C VAL B 470 15.88 25.09 30.46
N ARG B 471 16.40 23.87 30.56
CA ARG B 471 15.84 22.85 31.45
C ARG B 471 16.98 22.04 32.05
N TYR B 472 16.95 21.86 33.36
CA TYR B 472 17.91 21.04 34.09
C TYR B 472 17.25 19.74 34.53
N GLU B 473 17.86 18.61 34.19
CA GLU B 473 17.43 17.30 34.69
C GLU B 473 18.59 16.66 35.43
N HIS B 474 18.33 16.21 36.66
CA HIS B 474 19.34 15.61 37.51
C HIS B 474 18.80 14.32 38.09
N ASP B 475 19.59 13.25 38.05
CA ASP B 475 19.21 11.94 38.60
C ASP B 475 19.86 11.74 39.97
N LEU B 476 19.05 11.37 40.96
CA LEU B 476 19.60 11.04 42.28
C LEU B 476 20.44 9.76 42.22
N ALA B 477 21.37 9.63 43.16
CA ALA B 477 22.37 8.56 43.06
C ALA B 477 21.84 7.24 43.60
N ASP B 478 21.18 7.28 44.75
CA ASP B 478 20.73 6.05 45.38
C ASP B 478 19.41 5.57 44.78
N SER B 479 18.33 6.44 44.87
CA SER B 479 17.04 5.97 44.38
C SER B 479 16.86 6.28 42.90
N PRO B 480 16.06 5.47 42.18
CA PRO B 480 15.76 5.78 40.77
C PRO B 480 14.83 6.98 40.61
N THR B 481 15.31 8.16 40.99
CA THR B 481 14.56 9.41 40.89
C THR B 481 15.21 10.33 39.87
N THR B 482 14.38 11.10 39.17
CA THR B 482 14.83 12.24 38.39
C THR B 482 14.09 13.49 38.84
N LEU B 483 14.84 14.54 39.12
CA LEU B 483 14.30 15.85 39.40
C LEU B 483 14.54 16.70 38.18
N TYR B 484 13.64 17.65 37.91
CA TYR B 484 13.88 18.55 36.81
C TYR B 484 13.22 19.91 37.02
N ALA B 485 13.84 20.93 36.45
CA ALA B 485 13.28 22.27 36.46
C ALA B 485 13.65 22.94 35.15
N GLY B 486 12.73 23.74 34.63
CA GLY B 486 12.95 24.41 33.37
C GLY B 486 12.29 25.77 33.35
N LEU B 487 12.90 26.66 32.61
CA LEU B 487 12.41 28.01 32.45
C LEU B 487 12.29 28.21 30.94
N GLY B 488 11.20 28.84 30.50
CA GLY B 488 10.91 28.85 29.08
C GLY B 488 10.02 30.03 28.77
N HIS B 489 10.18 30.56 27.54
CA HIS B 489 9.53 31.81 27.14
C HIS B 489 9.08 31.64 25.70
N ALA B 490 7.80 31.85 25.46
CA ALA B 490 7.26 31.69 24.13
C ALA B 490 6.41 32.88 23.77
N GLU B 491 6.62 33.41 22.58
CA GLU B 491 5.77 34.41 21.98
C GLU B 491 5.04 33.75 20.81
N ARG B 492 3.81 34.15 20.58
CA ARG B 492 2.99 33.52 19.55
C ARG B 492 2.25 34.62 18.82
N PHE B 493 2.47 34.71 17.51
CA PHE B 493 1.68 35.62 16.70
C PHE B 493 0.21 35.23 16.77
N PRO B 494 -0.72 36.17 16.58
CA PRO B 494 -2.13 35.83 16.73
C PRO B 494 -2.62 34.87 15.65
N ASP B 495 -3.70 34.18 16.01
CA ASP B 495 -4.45 33.17 15.28
C ASP B 495 -5.15 33.74 14.07
N TYR B 496 -5.62 32.83 13.21
CA TYR B 496 -6.71 33.20 12.31
C TYR B 496 -7.92 33.70 13.10
N TRP B 497 -8.36 32.91 14.08
CA TRP B 497 -9.59 33.22 14.78
C TRP B 497 -9.41 34.39 15.73
N GLU B 498 -8.21 34.59 16.24
CA GLU B 498 -8.05 35.71 17.16
C GLU B 498 -8.09 37.04 16.42
N LEU B 499 -7.79 37.06 15.10
CA LEU B 499 -7.70 38.30 14.33
C LEU B 499 -8.91 38.61 13.46
N PHE B 500 -9.60 37.59 12.94
CA PHE B 500 -10.63 37.83 11.94
C PHE B 500 -12.03 37.57 12.42
N SER B 501 -12.23 36.55 13.23
CA SER B 501 -13.59 36.17 13.62
C SER B 501 -14.23 37.02 14.70
N PRO B 502 -13.50 37.70 15.60
CA PRO B 502 -14.20 38.54 16.58
C PRO B 502 -14.79 39.78 15.92
N LYS B 503 -16.05 40.08 16.26
CA LYS B 503 -16.71 41.23 15.63
C LYS B 503 -16.16 42.57 16.11
N ARG B 504 -15.37 42.62 17.17
CA ARG B 504 -14.83 43.88 17.71
C ARG B 504 -13.45 43.64 18.29
N GLY B 505 -12.53 44.57 18.00
CA GLY B 505 -11.22 44.58 18.64
C GLY B 505 -11.25 45.32 19.97
N PRO B 506 -10.08 45.66 20.49
CA PRO B 506 -10.04 46.45 21.73
C PRO B 506 -10.79 47.76 21.53
N ASN B 507 -11.10 48.44 22.63
CA ASN B 507 -11.86 49.68 22.50
C ASN B 507 -11.00 50.73 21.82
N GLY B 508 -11.65 51.54 21.00
CA GLY B 508 -10.91 52.52 20.23
C GLY B 508 -10.11 51.94 19.09
N SER B 509 -10.22 50.64 18.85
CA SER B 509 -9.61 50.04 17.67
C SER B 509 -10.49 50.28 16.46
N VAL B 510 -9.97 49.81 15.34
CA VAL B 510 -10.69 49.80 14.09
C VAL B 510 -11.30 48.42 13.82
N ASN B 511 -10.49 47.36 14.01
CA ASN B 511 -10.98 46.00 14.09
C ASN B 511 -10.01 45.23 14.98
N ALA B 512 -10.25 43.93 15.14
CA ALA B 512 -9.30 43.12 15.88
C ALA B 512 -7.98 42.99 15.12
N PHE B 513 -8.05 42.81 13.80
CA PHE B 513 -6.84 42.65 12.99
C PHE B 513 -5.81 43.74 13.27
N ASP B 514 -6.26 44.99 13.41
CA ASP B 514 -5.32 46.09 13.48
C ASP B 514 -4.57 46.19 14.81
N LYS B 515 -5.11 45.66 15.91
CA LYS B 515 -4.57 45.98 17.23
C LYS B 515 -4.15 44.79 18.09
N ILE B 516 -4.77 43.61 17.92
CA ILE B 516 -4.51 42.48 18.81
C ILE B 516 -3.02 42.12 18.81
N LYS B 517 -2.44 42.08 19.96
CA LYS B 517 -1.02 41.94 20.18
C LYS B 517 -0.59 40.47 20.27
N PRO B 518 0.64 40.15 19.88
CA PRO B 518 1.20 38.82 20.15
C PRO B 518 1.13 38.49 21.63
N GLU B 519 1.02 37.20 21.92
CA GLU B 519 0.94 36.65 23.28
C GLU B 519 2.31 36.19 23.74
N LYS B 520 2.70 36.51 24.97
CA LYS B 520 4.05 36.22 25.42
C LYS B 520 4.01 35.54 26.78
N THR B 521 4.41 34.28 26.82
CA THR B 521 4.27 33.43 28.00
C THR B 521 5.63 33.11 28.58
N THR B 522 5.78 33.35 29.88
CA THR B 522 7.01 33.02 30.58
C THR B 522 6.62 32.06 31.70
N GLN B 523 7.19 30.86 31.66
CA GLN B 523 6.64 29.81 32.49
C GLN B 523 7.77 29.00 33.08
N LEU B 524 7.60 28.63 34.35
CA LEU B 524 8.52 27.77 35.07
C LEU B 524 7.88 26.39 35.18
N ASP B 525 8.61 25.35 34.73
CA ASP B 525 8.18 23.96 34.74
C ASP B 525 9.11 23.17 35.66
N PHE B 526 8.52 22.36 36.55
CA PHE B 526 9.31 21.53 37.45
C PHE B 526 8.55 20.25 37.70
N GLY B 527 9.28 19.24 38.17
CA GLY B 527 8.66 17.96 38.42
C GLY B 527 9.69 16.92 38.81
N LEU B 528 9.21 15.68 38.89
CA LEU B 528 10.07 14.55 39.21
C LEU B 528 9.51 13.28 38.60
N GLN B 529 10.38 12.27 38.50
CA GLN B 529 10.06 10.93 38.02
C GLN B 529 10.59 9.94 39.04
N TYR B 530 9.82 8.91 39.35
CA TYR B 530 10.29 7.83 40.21
C TYR B 530 10.04 6.50 39.53
N ASN B 531 11.10 5.74 39.25
CA ASN B 531 10.96 4.44 38.61
C ASN B 531 11.47 3.33 39.53
N GLY B 532 10.61 2.89 40.46
CA GLY B 532 10.96 1.87 41.42
C GLY B 532 10.61 0.46 40.95
N ASP B 533 10.89 -0.50 41.83
CA ASP B 533 10.63 -1.90 41.51
C ASP B 533 9.13 -2.15 41.36
N LYS B 534 8.35 -1.71 42.34
CA LYS B 534 6.89 -1.85 42.32
C LYS B 534 6.14 -0.52 42.18
N LEU B 535 6.73 0.61 42.60
CA LEU B 535 6.12 1.93 42.47
C LEU B 535 6.73 2.71 41.31
N GLN B 536 5.87 3.38 40.54
CA GLN B 536 6.29 4.39 39.57
C GLN B 536 5.43 5.64 39.79
N ALA B 537 6.08 6.77 40.04
CA ALA B 537 5.36 8.03 40.25
C ALA B 537 5.99 9.14 39.41
N TRP B 538 5.16 10.13 39.05
CA TRP B 538 5.59 11.30 38.32
C TRP B 538 4.76 12.48 38.77
N ALA B 539 5.40 13.65 38.75
CA ALA B 539 4.78 14.93 39.06
C ALA B 539 5.31 15.99 38.10
N SER B 540 4.42 16.82 37.58
CA SER B 540 4.83 17.96 36.76
C SER B 540 4.01 19.17 37.16
N GLY B 541 4.70 20.23 37.62
CA GLY B 541 4.06 21.48 37.97
C GLY B 541 4.53 22.67 37.13
N TYR B 542 3.74 23.74 37.16
CA TYR B 542 4.06 24.91 36.37
C TYR B 542 3.53 26.18 37.03
N VAL B 543 4.24 27.27 36.78
CA VAL B 543 3.81 28.60 37.20
C VAL B 543 4.37 29.57 36.19
N GLY B 544 3.51 30.46 35.69
CA GLY B 544 3.97 31.31 34.60
C GLY B 544 3.09 32.53 34.52
N VAL B 545 3.58 33.51 33.79
CA VAL B 545 2.84 34.73 33.50
C VAL B 545 2.70 34.84 31.99
N VAL B 546 1.56 35.35 31.56
CA VAL B 546 1.18 35.46 30.17
C VAL B 546 0.94 36.94 29.93
N GLN B 547 1.86 37.60 29.24
CA GLN B 547 1.66 38.99 28.86
C GLN B 547 0.91 39.07 27.54
N ASP B 548 -0.13 39.91 27.52
CA ASP B 548 -1.05 40.03 26.38
C ASP B 548 -1.70 38.70 26.02
N PHE B 549 -2.25 38.02 27.03
CA PHE B 549 -3.13 36.89 26.80
C PHE B 549 -4.35 37.35 25.98
N ILE B 550 -4.62 36.67 24.88
CA ILE B 550 -5.76 37.01 24.04
C ILE B 550 -7.03 36.37 24.59
N LEU B 551 -8.06 37.17 24.77
CA LEU B 551 -9.26 36.77 25.51
C LEU B 551 -10.51 37.31 24.81
N PHE B 552 -11.60 36.53 24.86
CA PHE B 552 -12.82 36.94 24.19
C PHE B 552 -13.85 37.37 25.22
N SER B 553 -14.72 38.30 24.82
CA SER B 553 -15.76 38.86 25.68
C SER B 553 -17.07 38.81 24.93
N TYR B 554 -18.14 38.45 25.61
CA TYR B 554 -19.39 38.18 24.94
C TYR B 554 -20.44 39.20 25.35
N ARG B 555 -21.20 39.65 24.36
CA ARG B 555 -22.24 40.64 24.53
C ARG B 555 -23.46 40.17 23.76
N GLU B 556 -24.63 40.24 24.39
CA GLU B 556 -25.88 39.84 23.74
C GLU B 556 -26.46 41.06 23.04
N GLY B 557 -26.45 41.04 21.71
CA GLY B 557 -26.88 42.17 20.93
C GLY B 557 -28.06 41.88 20.01
N MET B 558 -28.38 42.86 19.16
CA MET B 558 -29.58 42.77 18.33
C MET B 558 -29.49 41.61 17.34
N MET B 559 -28.30 41.28 16.86
CA MET B 559 -28.08 40.08 16.06
C MET B 559 -27.76 38.85 16.91
N GLY B 560 -27.72 38.98 18.23
CA GLY B 560 -27.41 37.85 19.09
C GLY B 560 -25.94 37.50 19.18
N SER B 561 -25.37 37.61 20.38
CA SER B 561 -23.98 37.24 20.69
C SER B 561 -22.94 37.94 19.81
N SER B 562 -22.47 39.10 20.26
CA SER B 562 -21.31 39.77 19.71
C SER B 562 -20.09 39.49 20.56
N THR B 563 -18.93 39.42 19.92
CA THR B 563 -17.71 38.99 20.57
C THR B 563 -16.61 40.04 20.36
N GLN B 564 -15.84 40.33 21.42
CA GLN B 564 -14.76 41.31 21.43
C GLN B 564 -13.45 40.69 21.94
N ALA B 565 -12.36 40.83 21.17
CA ALA B 565 -11.07 40.27 21.56
C ALA B 565 -10.21 41.34 22.21
N THR B 566 -9.60 41.03 23.34
CA THR B 566 -8.73 41.96 24.05
C THR B 566 -7.42 41.28 24.45
N ASN B 567 -6.43 42.10 24.83
CA ASN B 567 -5.15 41.65 25.34
C ASN B 567 -5.12 41.93 26.83
N VAL B 568 -4.94 40.89 27.67
CA VAL B 568 -4.85 41.09 29.11
C VAL B 568 -3.62 40.38 29.66
N ASP B 569 -3.33 40.66 30.93
CA ASP B 569 -2.22 40.05 31.63
C ASP B 569 -2.75 38.98 32.55
N ALA B 570 -2.11 37.81 32.55
CA ALA B 570 -2.65 36.69 33.30
C ALA B 570 -1.55 35.99 34.06
N ARG B 571 -1.90 35.54 35.26
CA ARG B 571 -1.09 34.62 36.05
C ARG B 571 -1.68 33.23 35.82
N ILE B 572 -0.84 32.21 35.70
CA ILE B 572 -1.31 30.83 35.61
C ILE B 572 -0.42 29.89 36.44
N MET B 573 -1.02 28.83 36.94
CA MET B 573 -0.27 27.79 37.64
C MET B 573 -1.13 26.53 37.76
N GLY B 574 -0.47 25.40 38.02
CA GLY B 574 -1.17 24.14 38.20
C GLY B 574 -0.18 22.99 38.17
N GLY B 575 -0.70 21.80 37.84
CA GLY B 575 0.16 20.64 37.70
C GLY B 575 -0.63 19.34 37.56
N GLU B 576 0.13 18.29 37.32
CA GLU B 576 -0.41 16.94 37.19
C GLU B 576 0.51 16.00 37.94
N LEU B 577 -0.06 15.02 38.63
CA LEU B 577 0.78 13.99 39.23
C LEU B 577 0.07 12.66 39.08
N GLY B 578 0.83 11.58 39.26
CA GLY B 578 0.32 10.23 39.01
C GLY B 578 1.26 9.17 39.53
N ALA B 579 0.69 7.97 39.75
CA ALA B 579 1.49 6.87 40.26
C ALA B 579 0.79 5.55 39.96
N SER B 580 1.58 4.50 39.83
CA SER B 580 1.05 3.18 39.59
C SER B 580 1.87 2.18 40.40
N TYR B 581 1.20 1.49 41.32
CA TYR B 581 1.83 0.55 42.25
C TYR B 581 1.44 -0.87 41.87
N GLN B 582 2.44 -1.74 41.79
CA GLN B 582 2.20 -3.13 41.41
C GLN B 582 2.01 -3.92 42.70
N LEU B 583 0.74 -4.26 43.01
CA LEU B 583 0.40 -4.92 44.26
C LEU B 583 1.02 -6.31 44.31
N THR B 584 0.35 -7.29 43.73
CA THR B 584 0.91 -8.59 43.43
C THR B 584 1.27 -8.65 41.96
N GLY B 585 1.69 -9.82 41.49
CA GLY B 585 1.93 -9.98 40.07
C GLY B 585 0.67 -10.03 39.24
N ASN B 586 -0.49 -10.04 39.90
CA ASN B 586 -1.79 -10.04 39.24
C ASN B 586 -2.54 -8.73 39.39
N TRP B 587 -2.08 -7.83 40.26
CA TRP B 587 -2.89 -6.73 40.76
C TRP B 587 -2.14 -5.41 40.66
N LYS B 588 -2.79 -4.41 40.06
CA LYS B 588 -2.22 -3.08 39.91
C LYS B 588 -3.26 -2.03 40.25
N THR B 589 -2.82 -0.95 40.87
CA THR B 589 -3.64 0.24 41.04
C THR B 589 -2.87 1.45 40.52
N ASP B 590 -3.56 2.34 39.81
CA ASP B 590 -2.93 3.58 39.35
C ASP B 590 -3.81 4.78 39.67
N ALA B 591 -3.17 5.92 39.89
CA ALA B 591 -3.87 7.14 40.20
C ALA B 591 -3.24 8.29 39.42
N SER B 592 -4.05 9.33 39.22
CA SER B 592 -3.64 10.52 38.52
C SER B 592 -4.47 11.69 39.00
N LEU B 593 -3.83 12.86 39.12
CA LEU B 593 -4.46 14.11 39.51
C LEU B 593 -3.99 15.22 38.58
N ALA B 594 -4.89 16.16 38.23
CA ALA B 594 -4.60 17.25 37.30
C ALA B 594 -5.32 18.53 37.70
N TYR B 595 -4.58 19.64 37.79
CA TYR B 595 -5.11 20.91 38.29
C TYR B 595 -4.63 22.07 37.46
N ALA B 596 -5.51 23.04 37.23
CA ALA B 596 -5.14 24.24 36.50
C ALA B 596 -5.79 25.43 37.17
N TRP B 597 -5.09 26.57 37.16
CA TRP B 597 -5.54 27.79 37.80
C TRP B 597 -5.15 28.96 36.91
N GLY B 598 -6.08 29.90 36.74
CA GLY B 598 -5.81 31.09 35.94
C GLY B 598 -6.40 32.37 36.49
N LYS B 599 -5.65 33.47 36.45
CA LYS B 599 -6.15 34.78 36.86
C LYS B 599 -5.90 35.83 35.80
N ASN B 600 -6.92 36.65 35.56
CA ASN B 600 -6.86 37.87 34.75
C ASN B 600 -6.34 38.99 35.64
N SER B 601 -5.03 39.17 35.67
CA SER B 601 -4.43 40.23 36.47
C SER B 601 -4.89 41.60 36.04
N SER B 602 -5.15 41.80 34.76
CA SER B 602 -5.58 43.10 34.29
C SER B 602 -6.91 43.54 34.92
N ASP B 603 -7.74 42.59 35.40
CA ASP B 603 -9.08 42.93 35.86
C ASP B 603 -9.47 42.31 37.21
N ASP B 604 -8.51 41.75 37.95
CA ASP B 604 -8.76 41.09 39.24
C ASP B 604 -9.90 40.07 39.15
N ARG B 605 -9.84 39.24 38.10
CA ARG B 605 -10.85 38.25 37.81
C ARG B 605 -10.17 36.93 37.45
N ALA B 606 -10.91 35.84 37.63
CA ALA B 606 -10.44 34.57 37.13
C ALA B 606 -10.39 34.58 35.60
N LEU B 607 -9.42 33.85 35.03
CA LEU B 607 -9.45 33.51 33.61
C LEU B 607 -10.62 32.56 33.33
N PRO B 608 -11.25 32.67 32.18
CA PRO B 608 -12.39 31.80 31.86
C PRO B 608 -11.93 30.45 31.32
N GLN B 609 -12.90 29.54 31.20
CA GLN B 609 -12.69 28.25 30.57
C GLN B 609 -11.51 27.48 31.17
N ILE B 610 -11.40 27.44 32.49
CA ILE B 610 -10.40 26.62 33.17
C ILE B 610 -11.10 25.41 33.75
N PRO B 611 -10.62 24.20 33.49
CA PRO B 611 -11.33 23.01 33.95
C PRO B 611 -11.03 22.74 35.41
N PRO B 612 -11.99 22.20 36.15
CA PRO B 612 -11.80 21.97 37.58
C PRO B 612 -10.88 20.82 37.85
N LEU B 613 -10.57 20.65 39.13
CA LEU B 613 -9.69 19.58 39.60
C LEU B 613 -10.22 18.20 39.22
N GLU B 614 -9.30 17.29 38.98
CA GLU B 614 -9.64 16.04 38.32
C GLU B 614 -8.76 14.93 38.87
N ALA B 615 -9.38 13.78 39.17
CA ALA B 615 -8.68 12.64 39.75
C ALA B 615 -9.20 11.36 39.11
N ARG B 616 -8.32 10.37 38.99
CA ARG B 616 -8.60 9.10 38.33
C ARG B 616 -7.96 7.99 39.13
N PHE B 617 -8.75 6.96 39.42
CA PHE B 617 -8.28 5.83 40.21
C PHE B 617 -8.56 4.58 39.41
N GLY B 618 -7.54 3.74 39.29
CA GLY B 618 -7.63 2.55 38.46
C GLY B 618 -7.19 1.33 39.25
N LEU B 619 -7.77 0.20 38.87
CA LEU B 619 -7.51 -1.07 39.51
C LEU B 619 -7.63 -2.11 38.42
N THR B 620 -6.55 -2.82 38.14
CA THR B 620 -6.59 -3.87 37.14
C THR B 620 -6.20 -5.21 37.77
N TYR B 621 -6.71 -6.28 37.18
CA TYR B 621 -6.32 -7.64 37.51
C TYR B 621 -5.88 -8.30 36.22
N GLU B 622 -4.76 -9.02 36.29
CA GLU B 622 -4.05 -9.55 35.13
C GLU B 622 -3.79 -11.02 35.35
N GLU B 623 -3.77 -11.79 34.26
CA GLU B 623 -3.51 -13.21 34.36
C GLU B 623 -3.27 -13.79 32.96
N GLY B 624 -2.00 -13.96 32.60
CA GLY B 624 -1.60 -14.48 31.31
C GLY B 624 -2.23 -13.84 30.08
N ASP B 625 -3.46 -14.23 29.80
CA ASP B 625 -4.11 -14.01 28.53
C ASP B 625 -5.16 -12.92 28.58
N TRP B 626 -5.41 -12.34 29.75
CA TRP B 626 -6.61 -11.53 29.86
C TRP B 626 -6.48 -10.65 31.08
N SER B 627 -7.35 -9.65 31.14
CA SER B 627 -7.30 -8.71 32.24
C SER B 627 -8.65 -8.07 32.32
N ALA B 628 -8.93 -7.53 33.50
CA ALA B 628 -10.10 -6.71 33.72
C ALA B 628 -9.67 -5.51 34.57
N GLY B 629 -10.39 -4.41 34.40
CA GLY B 629 -10.15 -3.26 35.25
C GLY B 629 -11.40 -2.42 35.47
N SER B 630 -11.35 -1.63 36.54
CA SER B 630 -12.39 -0.67 36.84
C SER B 630 -11.75 0.69 37.10
N LEU B 631 -12.54 1.74 36.86
CA LEU B 631 -11.97 3.08 36.84
C LEU B 631 -12.95 4.07 37.44
N TRP B 632 -12.49 4.84 38.41
CA TRP B 632 -13.23 5.97 38.97
C TRP B 632 -12.64 7.28 38.46
N ARG B 633 -13.47 8.09 37.84
CA ARG B 633 -13.16 9.49 37.56
C ARG B 633 -14.00 10.35 38.47
N VAL B 634 -13.37 11.09 39.38
CA VAL B 634 -14.08 12.07 40.21
C VAL B 634 -13.48 13.44 39.94
N VAL B 635 -14.33 14.39 39.53
CA VAL B 635 -13.88 15.76 39.21
C VAL B 635 -14.60 16.77 40.10
N ALA B 636 -13.85 17.80 40.52
CA ALA B 636 -14.32 18.82 41.45
C ALA B 636 -15.24 19.81 40.74
N PRO B 637 -16.06 20.52 41.49
CA PRO B 637 -16.74 21.66 40.88
C PRO B 637 -15.72 22.74 40.51
N GLN B 638 -16.10 23.59 39.58
CA GLN B 638 -15.30 24.72 39.17
C GLN B 638 -16.05 25.96 39.63
N ASN B 639 -15.51 26.64 40.65
CA ASN B 639 -16.15 27.85 41.12
C ASN B 639 -15.47 29.13 40.66
N ARG B 640 -14.22 29.04 40.19
CA ARG B 640 -13.57 30.18 39.56
C ARG B 640 -14.08 30.30 38.12
N ILE B 641 -14.82 31.35 37.81
CA ILE B 641 -15.38 31.56 36.49
C ILE B 641 -15.28 33.04 36.13
N ALA B 642 -15.67 33.34 34.90
CA ALA B 642 -15.49 34.64 34.30
C ALA B 642 -16.63 34.82 33.29
N ARG B 643 -17.83 35.04 33.84
CA ARG B 643 -19.05 35.10 33.04
C ARG B 643 -18.87 35.98 31.81
N ASP B 644 -19.34 35.47 30.67
CA ASP B 644 -19.34 36.16 29.38
C ASP B 644 -17.92 36.42 28.87
N GLN B 645 -16.92 35.76 29.43
CA GLN B 645 -15.60 35.72 28.83
C GLN B 645 -15.28 34.27 28.53
N GLY B 646 -14.49 34.08 27.47
CA GLY B 646 -14.08 32.76 27.06
C GLY B 646 -13.08 32.86 25.94
N ASN B 647 -13.44 32.28 24.80
CA ASN B 647 -12.61 32.26 23.60
C ASN B 647 -13.54 32.25 22.40
N VAL B 648 -12.98 32.03 21.21
CA VAL B 648 -13.79 32.08 20.01
C VAL B 648 -14.86 30.99 19.99
N VAL B 649 -14.67 29.91 20.74
CA VAL B 649 -15.64 28.82 20.74
C VAL B 649 -16.70 29.00 21.81
N GLY B 650 -16.30 29.25 23.05
CA GLY B 650 -17.26 29.22 24.14
C GLY B 650 -16.97 30.25 25.19
N LYS B 651 -17.92 30.37 26.12
CA LYS B 651 -17.84 31.37 27.15
C LYS B 651 -18.24 30.74 28.48
N ASP B 652 -17.59 31.19 29.54
CA ASP B 652 -18.06 30.90 30.89
C ASP B 652 -19.45 31.47 31.12
N PHE B 653 -20.17 30.85 32.05
CA PHE B 653 -21.42 31.44 32.52
C PHE B 653 -21.79 31.01 33.92
N ASP B 654 -21.70 29.71 34.21
CA ASP B 654 -22.17 29.16 35.48
C ASP B 654 -21.13 28.23 36.09
N LYS B 655 -20.94 28.36 37.41
CA LYS B 655 -20.12 27.39 38.13
C LYS B 655 -20.66 25.99 37.86
N SER B 656 -19.79 24.98 37.86
CA SER B 656 -20.20 23.64 37.49
C SER B 656 -20.29 22.76 38.72
N ALA B 657 -21.05 21.67 38.58
CA ALA B 657 -21.16 20.66 39.61
C ALA B 657 -19.99 19.69 39.54
N GLY B 658 -19.53 19.26 40.70
CA GLY B 658 -18.68 18.08 40.73
C GLY B 658 -19.46 16.82 40.38
N PHE B 659 -18.73 15.77 40.04
CA PHE B 659 -19.36 14.51 39.70
C PHE B 659 -18.33 13.39 39.72
N GLY B 660 -18.83 12.16 39.73
CA GLY B 660 -17.99 10.99 39.58
C GLY B 660 -18.63 10.02 38.61
N VAL B 661 -17.78 9.31 37.87
CA VAL B 661 -18.23 8.34 36.88
C VAL B 661 -17.39 7.09 36.99
N PHE B 662 -18.04 5.92 36.92
CA PHE B 662 -17.39 4.63 37.12
C PHE B 662 -17.46 3.80 35.84
N SER B 663 -16.41 3.01 35.57
CA SER B 663 -16.39 2.24 34.32
C SER B 663 -15.63 0.93 34.47
N LEU B 664 -16.06 -0.08 33.68
CA LEU B 664 -15.50 -1.42 33.66
C LEU B 664 -14.96 -1.77 32.28
N ASN B 665 -13.80 -2.43 32.25
CA ASN B 665 -13.20 -2.85 30.99
C ASN B 665 -12.61 -4.25 31.13
N GLY B 666 -12.55 -4.95 29.99
CA GLY B 666 -11.88 -6.24 29.92
C GLY B 666 -11.16 -6.41 28.60
N ALA B 667 -10.11 -7.20 28.64
CA ALA B 667 -9.35 -7.55 27.46
C ALA B 667 -8.93 -9.00 27.56
N TYR B 668 -8.67 -9.59 26.39
CA TYR B 668 -8.46 -11.03 26.25
C TYR B 668 -7.71 -11.31 24.94
N ARG B 669 -6.53 -11.93 25.04
CA ARG B 669 -5.71 -12.33 23.88
C ARG B 669 -6.13 -13.74 23.42
N VAL B 670 -6.81 -13.83 22.27
CA VAL B 670 -7.31 -15.15 21.83
C VAL B 670 -6.20 -15.97 21.21
N THR B 671 -5.58 -15.45 20.15
CA THR B 671 -4.36 -16.01 19.56
C THR B 671 -3.33 -14.89 19.41
N ARG B 672 -2.18 -15.23 18.82
CA ARG B 672 -1.13 -14.25 18.56
C ARG B 672 -1.53 -13.21 17.52
N ASN B 673 -2.64 -13.42 16.81
CA ASN B 673 -3.16 -12.48 15.83
C ASN B 673 -4.44 -11.78 16.26
N VAL B 674 -5.13 -12.26 17.29
CA VAL B 674 -6.46 -11.75 17.62
C VAL B 674 -6.50 -11.41 19.10
N LYS B 675 -7.06 -10.25 19.43
CA LYS B 675 -7.34 -9.92 20.82
C LYS B 675 -8.68 -9.17 20.89
N LEU B 676 -9.44 -9.48 21.94
CA LEU B 676 -10.76 -8.91 22.15
C LEU B 676 -10.72 -7.94 23.33
N SER B 677 -11.47 -6.86 23.22
CA SER B 677 -11.56 -5.90 24.30
C SER B 677 -12.99 -5.39 24.35
N ALA B 678 -13.37 -4.92 25.54
CA ALA B 678 -14.75 -4.56 25.80
C ALA B 678 -14.80 -3.64 27.00
N GLY B 679 -15.84 -2.82 27.07
CA GLY B 679 -16.02 -1.98 28.23
C GLY B 679 -17.44 -1.45 28.33
N VAL B 680 -17.80 -1.09 29.55
CA VAL B 680 -19.02 -0.32 29.81
C VAL B 680 -18.60 0.99 30.45
N ASP B 681 -19.03 2.11 29.86
CA ASP B 681 -18.65 3.43 30.33
C ASP B 681 -19.81 4.07 31.08
N ASN B 682 -19.49 4.77 32.17
CA ASN B 682 -20.50 5.43 33.01
C ASN B 682 -21.54 4.42 33.48
N LEU B 683 -21.04 3.43 34.24
CA LEU B 683 -21.83 2.22 34.51
C LEU B 683 -23.15 2.56 35.15
N PHE B 684 -23.15 3.53 36.06
CA PHE B 684 -24.33 3.97 36.80
C PHE B 684 -25.11 5.04 36.07
N ASP B 685 -24.84 5.28 34.79
CA ASP B 685 -25.64 6.17 33.95
C ASP B 685 -25.75 7.57 34.55
N LYS B 686 -24.62 8.08 35.04
CA LYS B 686 -24.62 9.40 35.67
C LYS B 686 -24.97 10.48 34.66
N ASP B 687 -25.66 11.51 35.15
CA ASP B 687 -26.12 12.63 34.35
C ASP B 687 -25.18 13.78 34.70
N TYR B 688 -24.24 14.07 33.81
CA TYR B 688 -23.27 15.08 34.17
C TYR B 688 -22.88 15.86 32.93
N THR B 689 -22.38 17.06 33.17
CA THR B 689 -21.82 17.85 32.10
C THR B 689 -20.47 18.35 32.58
N GLU B 690 -19.53 18.47 31.65
CA GLU B 690 -18.24 19.03 31.98
C GLU B 690 -18.33 20.56 31.95
N HIS B 691 -17.53 21.20 32.81
CA HIS B 691 -17.53 22.67 32.87
C HIS B 691 -17.21 23.31 31.50
N LEU B 692 -16.29 22.73 30.73
CA LEU B 692 -15.86 23.34 29.49
C LEU B 692 -16.84 23.15 28.33
N ASN B 693 -17.82 22.25 28.45
CA ASN B 693 -18.66 21.93 27.30
C ASN B 693 -19.41 23.17 26.85
N LYS B 694 -19.53 23.32 25.53
CA LYS B 694 -20.25 24.44 24.92
C LYS B 694 -21.65 24.54 25.52
N ALA B 695 -22.22 25.75 25.52
CA ALA B 695 -23.62 25.94 25.94
C ALA B 695 -24.54 25.75 24.74
N GLY B 696 -25.35 24.61 24.74
CA GLY B 696 -26.03 24.09 23.55
C GLY B 696 -27.37 24.76 23.13
N ASP B 697 -27.74 24.50 21.86
CA ASP B 697 -28.69 25.34 21.14
C ASP B 697 -30.09 25.28 21.72
N ALA B 698 -30.79 26.42 21.69
CA ALA B 698 -32.17 26.49 22.18
C ALA B 698 -33.16 25.85 21.20
N GLY B 699 -32.79 25.71 19.93
CA GLY B 699 -33.63 25.07 18.92
C GLY B 699 -33.71 23.54 19.02
N PHE B 700 -32.89 22.93 19.88
CA PHE B 700 -32.97 21.52 20.23
C PHE B 700 -33.68 21.26 21.57
N GLY B 701 -34.08 22.33 22.27
CA GLY B 701 -34.71 22.20 23.57
C GLY B 701 -33.86 22.59 24.77
N PHE B 702 -32.72 23.24 24.56
CA PHE B 702 -31.85 23.64 25.66
C PHE B 702 -32.28 24.98 26.24
N SER B 703 -32.09 25.13 27.56
CA SER B 703 -32.81 26.11 28.37
C SER B 703 -32.24 27.53 28.28
N ALA B 704 -30.92 27.68 28.44
CA ALA B 704 -30.34 29.02 28.45
C ALA B 704 -28.87 28.97 28.11
N ASN B 705 -28.03 28.86 29.14
CA ASN B 705 -26.66 28.41 28.98
C ASN B 705 -26.44 27.05 29.65
N GLU B 706 -27.47 26.19 29.64
CA GLU B 706 -27.25 24.79 30.02
C GLU B 706 -26.32 24.16 28.99
N THR B 707 -25.22 23.60 29.49
CA THR B 707 -24.14 23.09 28.66
C THR B 707 -24.45 21.67 28.16
N VAL B 708 -23.81 21.31 27.06
CA VAL B 708 -24.07 19.99 26.45
C VAL B 708 -23.76 18.89 27.46
N PRO B 709 -24.67 17.96 27.71
CA PRO B 709 -24.42 16.89 28.67
C PRO B 709 -23.56 15.77 28.07
N GLU B 710 -22.85 15.07 28.96
CA GLU B 710 -21.96 13.97 28.57
C GLU B 710 -22.77 12.73 28.24
N PRO B 711 -22.17 11.67 27.69
CA PRO B 711 -22.94 10.45 27.44
C PRO B 711 -23.21 9.67 28.70
N GLY B 712 -24.39 9.03 28.75
CA GLY B 712 -24.77 8.13 29.82
C GLY B 712 -24.05 6.80 29.71
N ARG B 713 -24.65 5.76 30.27
CA ARG B 713 -24.04 4.44 30.22
C ARG B 713 -23.98 3.94 28.78
N THR B 714 -22.82 3.39 28.39
CA THR B 714 -22.63 2.88 27.04
C THR B 714 -21.68 1.68 27.06
N PHE B 715 -21.76 0.89 26.00
CA PHE B 715 -21.06 -0.38 25.90
C PHE B 715 -20.30 -0.41 24.59
N TRP B 716 -19.12 -1.03 24.62
CA TRP B 716 -18.36 -1.20 23.39
C TRP B 716 -17.57 -2.50 23.48
N THR B 717 -17.40 -3.13 22.30
CA THR B 717 -16.59 -4.33 22.13
CA THR B 717 -16.58 -4.33 22.14
C THR B 717 -15.72 -4.13 20.90
N LYS B 718 -14.49 -4.66 20.93
CA LYS B 718 -13.52 -4.39 19.86
C LYS B 718 -12.63 -5.59 19.61
N VAL B 719 -12.31 -5.83 18.35
CA VAL B 719 -11.37 -6.90 18.00
C VAL B 719 -10.18 -6.29 17.25
N ASP B 720 -8.97 -6.58 17.72
CA ASP B 720 -7.75 -6.13 17.09
C ASP B 720 -7.13 -7.31 16.34
N PHE B 721 -7.20 -7.28 15.01
CA PHE B 721 -6.56 -8.28 14.17
C PHE B 721 -5.13 -7.85 13.83
N SER B 722 -4.21 -8.80 13.83
CA SER B 722 -2.81 -8.48 13.54
C SER B 722 -2.17 -9.68 12.84
N PHE B 723 -2.13 -9.63 11.51
CA PHE B 723 -1.33 -10.56 10.70
C PHE B 723 -0.05 -9.83 10.24
N LEU C 66 -45.17 -22.98 11.96
CA LEU C 66 -43.86 -23.64 12.02
C LEU C 66 -43.65 -24.31 13.39
N ALA C 67 -43.41 -25.62 13.39
CA ALA C 67 -43.21 -26.32 14.65
C ALA C 67 -41.83 -26.97 14.68
N PRO C 68 -41.14 -26.92 15.82
CA PRO C 68 -39.76 -27.41 15.86
C PRO C 68 -39.72 -28.92 15.75
N SER C 69 -38.64 -29.44 15.16
CA SER C 69 -38.54 -30.88 15.02
C SER C 69 -37.08 -31.32 14.97
N VAL C 70 -36.89 -32.64 15.04
CA VAL C 70 -35.60 -33.31 14.93
C VAL C 70 -35.56 -34.04 13.59
N VAL C 71 -34.40 -34.03 12.94
CA VAL C 71 -34.24 -34.56 11.58
C VAL C 71 -33.79 -36.01 11.68
N THR C 72 -34.49 -36.90 10.98
CA THR C 72 -34.09 -38.31 10.89
C THR C 72 -33.89 -38.78 9.47
N GLY C 73 -34.29 -37.96 8.50
CA GLY C 73 -34.04 -38.20 7.10
C GLY C 73 -34.18 -36.89 6.37
N VAL C 74 -33.52 -36.81 5.22
CA VAL C 74 -33.71 -35.69 4.33
C VAL C 74 -34.13 -36.22 2.96
N ALA C 75 -35.15 -35.60 2.38
CA ALA C 75 -35.64 -36.03 1.09
C ALA C 75 -34.79 -35.42 -0.03
N GLN C 76 -34.73 -36.13 -1.15
CA GLN C 76 -34.41 -35.52 -2.42
C GLN C 76 -35.39 -34.39 -2.74
N SER C 77 -34.96 -33.13 -2.61
CA SER C 77 -35.83 -31.99 -2.94
C SER C 77 -36.01 -31.86 -4.44
N SER C 78 -34.97 -32.11 -5.22
CA SER C 78 -34.93 -31.98 -6.66
C SER C 78 -34.34 -33.25 -7.25
N PRO C 79 -34.35 -33.42 -8.57
CA PRO C 79 -33.72 -34.61 -9.16
C PRO C 79 -32.27 -34.79 -8.67
N LEU C 80 -31.96 -35.96 -8.10
CA LEU C 80 -30.59 -36.30 -7.72
C LEU C 80 -29.92 -35.43 -6.69
N THR C 81 -30.55 -34.33 -6.25
CA THR C 81 -29.91 -33.39 -5.34
C THR C 81 -30.71 -33.25 -4.03
N ILE C 82 -30.00 -33.38 -2.91
CA ILE C 82 -30.55 -33.27 -1.55
C ILE C 82 -30.06 -31.95 -0.97
N VAL C 83 -30.95 -31.24 -0.27
CA VAL C 83 -30.57 -29.96 0.33
C VAL C 83 -31.06 -29.91 1.77
N THR C 84 -30.14 -29.66 2.70
CA THR C 84 -30.50 -29.63 4.12
C THR C 84 -29.78 -28.50 4.84
N ASN C 85 -30.39 -28.09 5.95
CA ASN C 85 -29.86 -27.07 6.85
C ASN C 85 -29.10 -27.81 7.95
N PRO C 86 -27.80 -27.74 7.99
CA PRO C 86 -27.09 -28.65 8.90
C PRO C 86 -27.16 -28.19 10.34
N LYS C 87 -27.94 -27.14 10.62
CA LYS C 87 -28.03 -26.64 11.99
C LYS C 87 -29.22 -27.19 12.76
N GLU C 88 -30.15 -27.86 12.06
CA GLU C 88 -31.25 -28.54 12.72
C GLU C 88 -30.72 -29.73 13.52
N PRO C 89 -31.29 -30.02 14.70
CA PRO C 89 -30.95 -31.27 15.41
C PRO C 89 -31.32 -32.51 14.60
N ARG C 90 -30.54 -33.57 14.79
CA ARG C 90 -30.69 -34.81 14.03
C ARG C 90 -30.65 -36.00 14.98
N GLN C 91 -31.50 -37.02 14.73
CA GLN C 91 -31.82 -37.83 15.89
C GLN C 91 -30.81 -38.93 16.17
N PRO C 92 -30.37 -39.75 15.21
CA PRO C 92 -29.14 -40.49 15.52
C PRO C 92 -28.12 -39.37 15.60
N VAL C 93 -27.86 -38.91 16.83
CA VAL C 93 -27.24 -37.59 17.08
C VAL C 93 -25.84 -37.55 16.48
N PRO C 94 -25.54 -36.57 15.63
CA PRO C 94 -24.24 -36.58 14.95
C PRO C 94 -23.10 -36.31 15.93
N ALA C 95 -21.89 -36.71 15.51
CA ALA C 95 -20.69 -36.60 16.34
C ALA C 95 -19.77 -35.48 15.87
N SER C 96 -20.33 -34.29 15.67
CA SER C 96 -19.57 -33.10 15.26
C SER C 96 -18.58 -33.40 14.13
N ASP C 97 -18.96 -34.26 13.20
CA ASP C 97 -18.08 -34.59 12.09
C ASP C 97 -18.93 -34.67 10.83
N GLY C 98 -18.27 -34.53 9.68
CA GLY C 98 -19.01 -34.41 8.44
C GLY C 98 -19.70 -35.70 8.03
N ALA C 99 -19.05 -36.84 8.26
CA ALA C 99 -19.65 -38.12 7.89
C ALA C 99 -20.98 -38.36 8.60
N ASP C 100 -21.13 -37.85 9.83
CA ASP C 100 -22.34 -38.17 10.57
C ASP C 100 -23.56 -37.39 10.09
N TYR C 101 -23.35 -36.19 9.53
CA TYR C 101 -24.49 -35.50 8.93
C TYR C 101 -24.87 -36.11 7.58
N LEU C 102 -24.01 -36.92 6.99
CA LEU C 102 -24.41 -37.63 5.79
C LEU C 102 -25.21 -38.88 6.14
N LYS C 103 -25.08 -39.39 7.38
CA LYS C 103 -25.78 -40.60 7.79
C LYS C 103 -27.29 -40.48 7.58
N THR C 104 -27.81 -39.27 7.66
CA THR C 104 -29.25 -39.00 7.64
C THR C 104 -29.81 -38.87 6.23
N ILE C 105 -28.99 -39.08 5.20
CA ILE C 105 -29.34 -38.90 3.80
C ILE C 105 -29.17 -40.26 3.10
N PRO C 106 -30.21 -40.82 2.51
CA PRO C 106 -30.12 -42.18 1.99
C PRO C 106 -29.15 -42.27 0.82
N GLY C 107 -28.38 -43.36 0.82
CA GLY C 107 -27.20 -43.51 0.01
C GLY C 107 -25.94 -43.60 0.84
N PHE C 108 -25.93 -42.92 1.99
CA PHE C 108 -24.71 -42.77 2.76
C PHE C 108 -24.64 -43.82 3.86
N ALA C 109 -23.46 -44.43 3.98
CA ALA C 109 -23.04 -45.23 5.12
C ALA C 109 -21.72 -44.66 5.61
N VAL C 110 -21.27 -45.12 6.76
CA VAL C 110 -20.06 -44.60 7.37
C VAL C 110 -19.22 -45.75 7.85
N ILE C 111 -17.91 -45.66 7.62
CA ILE C 111 -16.95 -46.55 8.24
C ILE C 111 -16.67 -46.04 9.65
N ARG C 112 -16.79 -46.91 10.66
CA ARG C 112 -16.55 -46.45 12.01
C ARG C 112 -15.09 -46.71 12.36
N ASN C 113 -14.45 -45.69 12.89
CA ASN C 113 -13.07 -45.81 13.35
C ASN C 113 -12.99 -45.73 14.85
N GLY C 114 -13.79 -44.86 15.44
CA GLY C 114 -13.90 -44.75 16.87
C GLY C 114 -15.19 -44.07 17.22
N GLY C 115 -15.07 -42.89 17.85
CA GLY C 115 -16.26 -42.21 18.31
C GLY C 115 -16.67 -41.14 17.33
N SER C 116 -15.73 -40.81 16.44
CA SER C 116 -15.97 -39.79 15.44
C SER C 116 -15.01 -40.10 14.31
N ASN C 117 -14.94 -39.20 13.32
CA ASN C 117 -14.00 -39.29 12.20
C ASN C 117 -14.24 -40.54 11.36
N GLY C 118 -15.45 -40.73 10.93
CA GLY C 118 -15.73 -41.86 10.09
C GLY C 118 -15.45 -41.56 8.64
N ASP C 119 -15.33 -42.62 7.84
CA ASP C 119 -15.06 -42.47 6.42
C ASP C 119 -16.34 -42.70 5.64
N PRO C 120 -16.93 -41.68 5.01
CA PRO C 120 -18.25 -41.85 4.38
C PRO C 120 -18.20 -42.58 3.04
N VAL C 121 -19.33 -43.24 2.73
CA VAL C 121 -19.51 -43.99 1.49
C VAL C 121 -20.85 -43.59 0.88
N LEU C 122 -20.91 -43.38 -0.45
CA LEU C 122 -22.09 -42.78 -1.09
C LEU C 122 -22.97 -43.75 -1.86
N ARG C 123 -22.43 -44.70 -2.61
CA ARG C 123 -23.34 -45.76 -3.10
C ARG C 123 -22.47 -47.00 -3.21
N GLY C 124 -21.85 -47.35 -2.09
CA GLY C 124 -20.80 -48.32 -2.10
C GLY C 124 -19.46 -47.77 -2.50
N MET C 125 -19.43 -46.54 -3.01
CA MET C 125 -18.20 -45.92 -3.48
C MET C 125 -17.54 -45.10 -2.38
N PHE C 126 -16.22 -45.18 -2.34
CA PHE C 126 -15.42 -44.75 -1.21
C PHE C 126 -14.45 -43.67 -1.63
N GLY C 127 -14.10 -42.79 -0.70
CA GLY C 127 -12.90 -41.98 -0.84
C GLY C 127 -13.07 -40.82 -1.80
N SER C 128 -12.05 -40.62 -2.64
CA SER C 128 -12.06 -39.48 -3.56
C SER C 128 -13.17 -39.53 -4.58
N ARG C 129 -13.89 -40.66 -4.68
CA ARG C 129 -15.05 -40.70 -5.56
C ARG C 129 -16.15 -39.78 -5.08
N LEU C 130 -16.10 -39.39 -3.81
CA LEU C 130 -16.92 -38.33 -3.28
C LEU C 130 -16.08 -37.07 -3.36
N ASN C 131 -16.66 -36.02 -3.93
CA ASN C 131 -16.02 -34.71 -4.03
C ASN C 131 -16.61 -33.83 -2.93
N ILE C 132 -15.89 -33.67 -1.82
CA ILE C 132 -16.43 -33.02 -0.62
C ILE C 132 -15.78 -31.65 -0.46
N LEU C 133 -16.57 -30.61 -0.63
CA LEU C 133 -16.11 -29.23 -0.65
C LEU C 133 -16.60 -28.49 0.58
N THR C 134 -15.82 -27.51 1.02
CA THR C 134 -16.24 -26.62 2.12
C THR C 134 -16.06 -25.19 1.68
N ASN C 135 -17.17 -24.50 1.42
CA ASN C 135 -17.14 -23.15 0.88
C ASN C 135 -16.38 -23.09 -0.44
N GLY C 136 -16.76 -23.96 -1.36
CA GLY C 136 -16.12 -24.04 -2.65
C GLY C 136 -14.74 -24.65 -2.59
N GLY C 137 -14.14 -24.67 -1.40
CA GLY C 137 -12.77 -25.07 -1.27
C GLY C 137 -12.62 -26.52 -0.87
N MET C 138 -11.41 -27.04 -1.05
CA MET C 138 -11.18 -28.46 -0.88
C MET C 138 -10.14 -28.66 0.21
N MET C 139 -10.49 -29.43 1.24
CA MET C 139 -9.64 -29.56 2.42
C MET C 139 -9.20 -31.02 2.55
N LEU C 140 -8.00 -31.32 2.11
CA LEU C 140 -7.50 -32.67 2.10
C LEU C 140 -6.69 -32.89 3.36
N GLY C 141 -6.60 -34.15 3.79
CA GLY C 141 -5.89 -34.51 5.00
C GLY C 141 -4.66 -35.38 4.73
N ALA C 142 -3.91 -35.65 5.81
CA ALA C 142 -2.51 -36.02 5.72
C ALA C 142 -2.24 -37.49 6.04
N CYS C 143 -3.12 -38.14 6.78
CA CYS C 143 -2.82 -39.51 7.20
C CYS C 143 -2.77 -40.45 6.01
N PRO C 144 -1.75 -41.30 5.92
CA PRO C 144 -1.67 -42.27 4.82
C PRO C 144 -2.68 -43.38 4.92
N ASN C 145 -3.40 -43.49 6.02
CA ASN C 145 -4.42 -44.52 6.18
C ASN C 145 -5.80 -43.91 6.39
N ARG C 146 -5.95 -42.61 6.12
CA ARG C 146 -7.21 -41.87 6.15
C ARG C 146 -7.80 -41.81 7.56
N MET C 147 -6.94 -41.97 8.58
CA MET C 147 -7.22 -41.58 9.96
C MET C 147 -7.93 -40.22 9.99
N ASP C 148 -7.67 -39.34 9.02
CA ASP C 148 -8.23 -37.99 9.04
C ASP C 148 -8.91 -37.65 7.70
N ALA C 149 -9.82 -38.53 7.25
CA ALA C 149 -10.64 -38.31 6.06
C ALA C 149 -11.20 -36.89 5.97
N PRO C 150 -11.39 -36.33 4.78
CA PRO C 150 -11.71 -34.89 4.68
C PRO C 150 -12.90 -34.46 5.54
N THR C 151 -13.84 -35.35 5.84
CA THR C 151 -14.98 -34.87 6.62
C THR C 151 -14.64 -34.71 8.10
N SER C 152 -13.47 -35.21 8.53
CA SER C 152 -13.04 -35.08 9.91
C SER C 152 -12.66 -33.65 10.25
N TYR C 153 -12.40 -32.83 9.24
CA TYR C 153 -12.09 -31.43 9.48
C TYR C 153 -13.34 -30.56 9.39
N ILE C 154 -14.49 -31.15 9.03
CA ILE C 154 -15.74 -30.44 8.82
C ILE C 154 -16.57 -30.51 10.10
N SER C 155 -17.01 -29.35 10.59
CA SER C 155 -18.01 -29.27 11.67
C SER C 155 -19.32 -28.75 11.10
N PRO C 156 -20.22 -29.63 10.66
CA PRO C 156 -21.43 -29.16 9.96
C PRO C 156 -22.24 -28.15 10.73
N GLU C 157 -22.29 -28.24 12.06
CA GLU C 157 -23.06 -27.27 12.85
C GLU C 157 -22.70 -25.84 12.47
N THR C 158 -21.50 -25.64 11.91
CA THR C 158 -20.95 -24.32 11.65
C THR C 158 -21.26 -23.80 10.26
N TYR C 159 -21.87 -24.59 9.39
CA TYR C 159 -22.23 -24.16 8.05
C TYR C 159 -23.70 -23.79 7.98
N ASP C 160 -24.11 -23.20 6.87
CA ASP C 160 -25.51 -22.85 6.71
C ASP C 160 -26.28 -23.74 5.75
N LYS C 161 -25.62 -24.60 5.00
CA LYS C 161 -26.30 -25.34 3.94
C LYS C 161 -25.46 -26.55 3.59
N LEU C 162 -26.09 -27.72 3.59
CA LEU C 162 -25.46 -28.93 3.07
C LEU C 162 -26.21 -29.32 1.80
N THR C 163 -25.47 -29.61 0.73
CA THR C 163 -26.05 -29.97 -0.56
C THR C 163 -25.33 -31.19 -1.08
N VAL C 164 -26.07 -32.26 -1.40
CA VAL C 164 -25.51 -33.44 -2.03
C VAL C 164 -26.09 -33.55 -3.44
N ILE C 165 -25.24 -33.84 -4.40
CA ILE C 165 -25.65 -34.07 -5.77
C ILE C 165 -25.22 -35.47 -6.10
N LYS C 166 -26.16 -36.33 -6.43
CA LYS C 166 -25.87 -37.75 -6.53
C LYS C 166 -25.45 -38.05 -7.96
N GLY C 167 -24.37 -38.81 -8.10
CA GLY C 167 -23.90 -39.25 -9.39
C GLY C 167 -22.94 -38.28 -10.09
N PRO C 168 -22.38 -38.71 -11.22
CA PRO C 168 -21.53 -37.85 -12.04
C PRO C 168 -22.33 -36.84 -12.85
N GLN C 169 -23.15 -36.05 -12.18
CA GLN C 169 -24.13 -35.21 -12.84
C GLN C 169 -23.86 -33.74 -12.60
N THR C 170 -22.65 -33.36 -12.22
CA THR C 170 -22.29 -31.96 -12.29
C THR C 170 -20.83 -31.84 -12.71
N VAL C 171 -20.48 -30.67 -13.25
CA VAL C 171 -19.09 -30.40 -13.61
C VAL C 171 -18.57 -29.15 -12.93
N LEU C 172 -19.40 -28.47 -12.12
CA LEU C 172 -19.04 -27.12 -11.70
C LEU C 172 -18.05 -27.09 -10.54
N TRP C 173 -17.86 -28.23 -9.84
CA TRP C 173 -17.16 -28.20 -8.56
C TRP C 173 -15.90 -29.06 -8.54
N GLY C 174 -15.41 -29.51 -9.68
CA GLY C 174 -14.07 -30.08 -9.71
C GLY C 174 -13.97 -31.44 -10.37
N PRO C 175 -12.75 -31.96 -10.45
CA PRO C 175 -12.52 -33.24 -11.14
C PRO C 175 -12.93 -34.45 -10.29
N GLY C 176 -13.26 -35.53 -10.99
CA GLY C 176 -13.31 -36.86 -10.38
C GLY C 176 -14.51 -37.15 -9.49
N ALA C 177 -15.65 -36.54 -9.74
CA ALA C 177 -16.82 -36.77 -8.90
C ALA C 177 -17.69 -37.91 -9.45
N SER C 178 -17.16 -39.15 -9.38
CA SER C 178 -17.91 -40.27 -9.98
C SER C 178 -19.08 -40.74 -9.13
N ALA C 179 -19.06 -40.49 -7.83
CA ALA C 179 -20.11 -40.92 -6.92
C ALA C 179 -21.06 -39.79 -6.54
N GLY C 180 -20.52 -38.64 -6.16
CA GLY C 180 -21.36 -37.49 -5.99
C GLY C 180 -20.56 -36.31 -5.48
N THR C 181 -21.28 -35.24 -5.25
CA THR C 181 -20.70 -34.00 -4.79
C THR C 181 -21.41 -33.57 -3.51
N ILE C 182 -20.61 -33.13 -2.54
CA ILE C 182 -21.08 -32.74 -1.21
C ILE C 182 -20.56 -31.32 -0.93
N LEU C 183 -21.47 -30.37 -0.80
CA LEU C 183 -21.13 -28.95 -0.68
C LEU C 183 -21.65 -28.39 0.64
N PHE C 184 -20.78 -28.21 1.64
CA PHE C 184 -21.07 -27.39 2.81
C PHE C 184 -20.78 -25.92 2.50
N GLU C 185 -21.72 -25.03 2.80
CA GLU C 185 -21.58 -23.62 2.45
C GLU C 185 -22.03 -22.72 3.59
N ARG C 186 -21.35 -21.57 3.72
CA ARG C 186 -21.79 -20.44 4.51
C ARG C 186 -22.32 -19.36 3.56
N GLU C 187 -23.50 -18.72 3.94
CA GLU C 187 -24.01 -17.66 3.09
C GLU C 187 -23.67 -16.29 3.68
N PRO C 188 -23.43 -15.30 2.82
CA PRO C 188 -23.09 -13.97 3.32
C PRO C 188 -24.27 -13.35 4.07
N GLU C 189 -23.95 -12.57 5.09
CA GLU C 189 -25.00 -11.87 5.80
C GLU C 189 -25.71 -10.90 4.86
N ARG C 190 -26.91 -10.46 5.25
CA ARG C 190 -27.71 -9.53 4.47
C ARG C 190 -28.24 -8.43 5.36
N PHE C 191 -27.36 -7.88 6.20
CA PHE C 191 -27.70 -6.74 7.04
C PHE C 191 -28.25 -5.59 6.21
N GLY C 192 -29.37 -5.03 6.67
CA GLY C 192 -30.00 -3.90 6.02
C GLY C 192 -29.53 -2.55 6.54
N GLU C 193 -29.40 -2.40 7.85
CA GLU C 193 -28.83 -1.21 8.48
C GLU C 193 -27.78 -1.69 9.45
N LEU C 194 -27.45 -0.92 10.47
CA LEU C 194 -26.59 -1.51 11.48
C LEU C 194 -27.36 -2.59 12.24
N GLY C 195 -26.63 -3.52 12.83
CA GLY C 195 -27.29 -4.54 13.62
C GLY C 195 -26.35 -5.67 13.96
N SER C 196 -26.85 -6.56 14.80
CA SER C 196 -26.10 -7.70 15.28
C SER C 196 -26.99 -8.93 15.17
N ARG C 197 -26.41 -10.10 15.44
CA ARG C 197 -27.08 -11.38 15.21
C ARG C 197 -26.24 -12.52 15.78
N VAL C 198 -26.74 -13.23 16.77
CA VAL C 198 -26.00 -14.35 17.34
C VAL C 198 -26.92 -15.56 17.38
N ASN C 199 -26.31 -16.74 17.36
CA ASN C 199 -26.98 -18.02 17.35
C ASN C 199 -26.03 -18.95 18.06
N ALA C 200 -26.54 -19.81 18.94
CA ALA C 200 -25.66 -20.61 19.78
C ALA C 200 -26.36 -21.91 20.17
N SER C 201 -25.55 -22.86 20.64
CA SER C 201 -26.00 -24.22 20.89
C SER C 201 -25.25 -24.82 22.07
N LEU C 202 -25.97 -25.55 22.90
CA LEU C 202 -25.36 -26.42 23.90
C LEU C 202 -25.94 -27.81 23.75
N LEU C 203 -25.12 -28.83 23.98
CA LEU C 203 -25.60 -30.18 23.86
C LEU C 203 -24.90 -31.02 24.90
N ALA C 204 -25.68 -31.76 25.67
CA ALA C 204 -25.15 -32.67 26.65
C ALA C 204 -25.74 -34.04 26.36
N GLY C 205 -24.96 -35.07 26.68
CA GLY C 205 -25.35 -36.41 26.30
C GLY C 205 -24.53 -37.41 27.06
N SER C 206 -24.89 -38.68 26.87
CA SER C 206 -24.29 -39.75 27.63
C SER C 206 -22.80 -39.83 27.33
N ASN C 207 -22.10 -40.59 28.17
CA ASN C 207 -20.69 -40.87 27.97
C ASN C 207 -19.88 -39.59 27.90
N GLY C 208 -20.33 -38.55 28.58
CA GLY C 208 -19.51 -37.35 28.69
C GLY C 208 -19.52 -36.50 27.46
N ARG C 209 -20.66 -36.44 26.76
CA ARG C 209 -20.77 -35.65 25.54
C ARG C 209 -21.22 -34.23 25.85
N PHE C 210 -20.37 -33.24 25.50
CA PHE C 210 -20.69 -31.82 25.62
C PHE C 210 -20.29 -31.08 24.33
N ASP C 211 -21.19 -30.24 23.82
CA ASP C 211 -20.96 -29.48 22.60
C ASP C 211 -21.33 -28.03 22.81
N LYS C 212 -20.54 -27.15 22.23
CA LYS C 212 -20.72 -25.72 22.37
C LYS C 212 -20.56 -25.17 20.96
N VAL C 213 -21.48 -24.31 20.50
CA VAL C 213 -21.47 -23.83 19.11
C VAL C 213 -21.91 -22.37 19.06
N LEU C 214 -21.06 -21.50 18.48
CA LEU C 214 -21.35 -20.07 18.46
C LEU C 214 -21.27 -19.54 17.02
N ASP C 215 -22.07 -18.51 16.74
CA ASP C 215 -22.19 -17.98 15.38
C ASP C 215 -22.72 -16.54 15.47
N ALA C 216 -21.80 -15.59 15.53
CA ALA C 216 -22.14 -14.18 15.61
C ALA C 216 -21.77 -13.42 14.33
N ALA C 217 -22.49 -12.33 14.09
CA ALA C 217 -22.25 -11.49 12.92
C ALA C 217 -22.71 -10.07 13.23
N ALA C 218 -22.09 -9.11 12.57
CA ALA C 218 -22.51 -7.72 12.69
C ALA C 218 -22.08 -7.01 11.43
N GLY C 219 -22.74 -5.89 11.13
CA GLY C 219 -22.44 -5.13 9.93
C GLY C 219 -23.65 -4.33 9.46
N ASN C 220 -23.53 -3.79 8.25
CA ASN C 220 -24.59 -3.02 7.61
C ASN C 220 -24.59 -3.37 6.13
N ARG C 221 -25.27 -2.52 5.32
CA ARG C 221 -25.32 -2.73 3.87
C ARG C 221 -23.93 -2.86 3.25
N LEU C 222 -22.90 -2.32 3.89
CA LEU C 222 -21.56 -2.24 3.32
C LEU C 222 -20.65 -3.39 3.76
N GLY C 223 -21.17 -4.37 4.48
CA GLY C 223 -20.40 -5.56 4.82
C GLY C 223 -20.51 -5.90 6.28
N TYR C 224 -19.69 -6.89 6.68
CA TYR C 224 -19.96 -7.64 7.90
C TYR C 224 -18.70 -8.34 8.41
N LEU C 225 -18.62 -8.46 9.74
CA LEU C 225 -17.72 -9.40 10.41
C LEU C 225 -18.55 -10.61 10.85
N ARG C 226 -17.97 -11.81 10.71
CA ARG C 226 -18.67 -13.04 11.07
C ARG C 226 -17.72 -14.00 11.75
N PHE C 227 -18.06 -14.42 12.97
CA PHE C 227 -17.31 -15.44 13.66
C PHE C 227 -18.19 -16.68 13.78
N THR C 228 -17.60 -17.85 13.58
CA THR C 228 -18.29 -19.10 13.83
C THR C 228 -17.29 -20.05 14.45
N GLY C 229 -17.74 -20.86 15.41
CA GLY C 229 -16.83 -21.75 16.08
C GLY C 229 -17.60 -22.69 16.99
N ASN C 230 -16.94 -23.79 17.33
CA ASN C 230 -17.58 -24.81 18.12
C ASN C 230 -16.52 -25.44 19.03
N HIS C 231 -17.02 -26.20 20.01
CA HIS C 231 -16.17 -27.03 20.85
C HIS C 231 -16.99 -28.24 21.26
N ALA C 232 -16.45 -29.43 21.04
CA ALA C 232 -17.23 -30.66 21.21
C ALA C 232 -16.30 -31.77 21.71
N GLN C 233 -16.86 -32.71 22.48
CA GLN C 233 -16.06 -33.82 22.99
C GLN C 233 -16.95 -34.91 23.56
N SER C 234 -16.38 -36.11 23.68
CA SER C 234 -17.06 -37.23 24.31
C SER C 234 -16.03 -38.21 24.86
N ASP C 235 -16.42 -38.93 25.92
CA ASP C 235 -15.62 -40.03 26.42
C ASP C 235 -15.93 -41.28 25.61
N ASP C 236 -15.27 -42.39 25.92
CA ASP C 236 -15.59 -43.62 25.20
C ASP C 236 -17.05 -43.99 25.41
N TYR C 237 -17.69 -44.41 24.34
CA TYR C 237 -19.05 -44.88 24.49
C TYR C 237 -19.03 -46.37 24.84
N GLU C 238 -20.21 -46.91 25.14
CA GLU C 238 -20.34 -48.33 25.37
C GLU C 238 -21.32 -48.91 24.38
N ASP C 239 -21.17 -50.19 24.09
CA ASP C 239 -22.03 -50.85 23.12
C ASP C 239 -23.23 -51.51 23.81
N GLY C 240 -24.07 -52.16 23.01
CA GLY C 240 -25.28 -52.78 23.55
C GLY C 240 -25.04 -53.95 24.50
N ALA C 241 -23.78 -54.26 24.82
CA ALA C 241 -23.44 -55.29 25.78
C ALA C 241 -22.63 -54.74 26.95
N GLY C 242 -22.50 -53.40 27.06
CA GLY C 242 -21.86 -52.77 28.19
C GLY C 242 -20.36 -52.62 28.08
N ASN C 243 -19.73 -53.30 27.11
CA ASN C 243 -18.30 -53.18 26.87
C ASN C 243 -17.95 -51.78 26.40
N THR C 244 -16.95 -51.17 27.03
CA THR C 244 -16.43 -49.87 26.61
C THR C 244 -15.66 -49.98 25.30
N VAL C 245 -15.94 -49.07 24.37
CA VAL C 245 -15.33 -49.07 23.04
C VAL C 245 -14.35 -47.91 22.98
N PRO C 246 -13.07 -48.15 22.70
CA PRO C 246 -12.09 -47.04 22.59
C PRO C 246 -12.52 -46.02 21.56
N SER C 247 -12.82 -44.79 22.00
CA SER C 247 -13.63 -43.93 21.14
C SER C 247 -13.69 -42.47 21.54
N ARG C 248 -13.08 -42.07 22.64
CA ARG C 248 -13.17 -40.66 23.03
C ARG C 248 -12.63 -39.77 21.90
N TRP C 249 -13.13 -38.54 21.85
CA TRP C 249 -12.66 -37.58 20.85
C TRP C 249 -12.91 -36.16 21.34
N LYS C 250 -12.18 -35.22 20.78
CA LYS C 250 -12.31 -33.82 21.12
C LYS C 250 -11.95 -33.04 19.86
N LYS C 251 -12.45 -31.79 19.78
CA LYS C 251 -12.45 -30.99 18.55
C LYS C 251 -12.82 -29.54 18.89
N TRP C 252 -12.19 -28.60 18.20
CA TRP C 252 -12.68 -27.22 18.21
C TRP C 252 -12.34 -26.58 16.87
N ASN C 253 -12.98 -25.44 16.62
CA ASN C 253 -12.90 -24.72 15.37
C ASN C 253 -13.24 -23.27 15.64
N GLY C 254 -12.53 -22.36 14.96
CA GLY C 254 -12.83 -20.95 15.03
C GLY C 254 -12.50 -20.36 13.67
N ASP C 255 -13.43 -19.59 13.11
CA ASP C 255 -13.34 -19.17 11.72
C ASP C 255 -13.91 -17.78 11.61
N VAL C 256 -13.12 -16.87 11.03
CA VAL C 256 -13.51 -15.48 10.83
C VAL C 256 -13.79 -15.27 9.35
N ALA C 257 -14.74 -14.38 9.08
CA ALA C 257 -15.05 -13.97 7.73
C ALA C 257 -15.30 -12.46 7.77
N VAL C 258 -14.64 -11.71 6.89
CA VAL C 258 -14.90 -10.28 6.73
C VAL C 258 -15.41 -10.08 5.33
N GLY C 259 -16.58 -9.50 5.22
CA GLY C 259 -17.23 -9.32 3.95
C GLY C 259 -17.43 -7.85 3.66
N TRP C 260 -17.13 -7.45 2.43
CA TRP C 260 -17.30 -6.09 1.95
C TRP C 260 -18.27 -6.15 0.79
N THR C 261 -19.29 -5.30 0.81
CA THR C 261 -20.35 -5.36 -0.19
C THR C 261 -20.71 -3.94 -0.60
N PRO C 262 -19.85 -3.31 -1.43
CA PRO C 262 -19.96 -1.85 -1.63
C PRO C 262 -21.13 -1.43 -2.48
N ASP C 263 -21.80 -2.38 -3.12
CA ASP C 263 -23.17 -2.22 -3.59
C ASP C 263 -23.77 -3.63 -3.66
N GLU C 264 -25.07 -3.68 -4.00
CA GLU C 264 -25.82 -4.93 -4.10
C GLU C 264 -25.35 -5.80 -5.27
N ASP C 265 -24.28 -5.41 -5.95
CA ASP C 265 -23.79 -6.17 -7.08
C ASP C 265 -22.34 -6.60 -6.90
N THR C 266 -21.76 -6.38 -5.72
CA THR C 266 -20.37 -6.71 -5.50
C THR C 266 -20.22 -7.35 -4.12
N LEU C 267 -19.22 -8.22 -4.00
CA LEU C 267 -18.90 -8.83 -2.72
C LEU C 267 -17.47 -9.29 -2.76
N ILE C 268 -16.66 -8.81 -1.84
CA ILE C 268 -15.37 -9.43 -1.56
C ILE C 268 -15.43 -9.93 -0.12
N GLU C 269 -14.97 -11.16 0.10
CA GLU C 269 -15.03 -11.80 1.40
C GLU C 269 -13.73 -12.53 1.65
N LEU C 270 -13.13 -12.27 2.81
CA LEU C 270 -11.89 -12.88 3.23
C LEU C 270 -12.18 -13.81 4.41
N THR C 271 -11.33 -14.82 4.60
CA THR C 271 -11.68 -15.98 5.42
C THR C 271 -10.44 -16.52 6.09
N ALA C 272 -10.49 -16.73 7.38
CA ALA C 272 -9.41 -17.49 7.99
C ALA C 272 -9.95 -18.21 9.22
N GLY C 273 -9.24 -19.26 9.62
CA GLY C 273 -9.61 -19.98 10.81
C GLY C 273 -8.66 -21.12 11.04
N LYS C 274 -8.91 -21.86 12.13
CA LYS C 274 -8.15 -23.06 12.46
C LYS C 274 -9.00 -23.99 13.32
N GLY C 275 -8.45 -25.15 13.64
CA GLY C 275 -9.08 -26.10 14.54
C GLY C 275 -8.12 -27.22 14.88
N ASP C 276 -8.55 -28.09 15.77
CA ASP C 276 -7.70 -29.18 16.22
C ASP C 276 -8.58 -30.24 16.86
N GLY C 277 -7.97 -31.39 17.12
CA GLY C 277 -8.72 -32.43 17.77
C GLY C 277 -7.97 -33.73 17.91
N GLU C 278 -8.35 -34.53 18.90
CA GLU C 278 -7.83 -35.87 19.11
C GLU C 278 -8.97 -36.85 18.87
N ALA C 279 -8.65 -38.15 18.90
CA ALA C 279 -9.61 -39.20 18.59
C ALA C 279 -9.06 -40.62 18.84
N ARG C 280 -9.69 -41.41 19.71
CA ARG C 280 -9.17 -42.74 19.98
C ARG C 280 -9.78 -43.74 19.00
N TYR C 281 -8.92 -44.50 18.30
CA TYR C 281 -9.34 -45.28 17.12
C TYR C 281 -9.37 -46.77 17.46
N ALA C 282 -10.55 -47.27 17.79
CA ALA C 282 -10.68 -48.66 18.20
C ALA C 282 -10.17 -49.61 17.13
N GLY C 283 -10.46 -49.31 15.86
CA GLY C 283 -10.10 -50.23 14.79
C GLY C 283 -8.60 -50.28 14.53
N ARG C 284 -7.93 -49.15 14.61
CA ARG C 284 -6.52 -49.04 14.23
C ARG C 284 -5.61 -49.60 15.33
N GLY C 285 -4.31 -49.58 15.06
CA GLY C 285 -3.33 -49.87 16.07
C GLY C 285 -2.58 -48.62 16.49
N MET C 286 -3.18 -47.46 16.24
CA MET C 286 -2.63 -46.18 16.61
C MET C 286 -3.78 -45.18 16.68
N ASP C 287 -3.62 -44.14 17.50
CA ASP C 287 -4.65 -43.12 17.69
C ASP C 287 -4.19 -41.77 17.15
N GLY C 288 -5.16 -40.86 16.97
CA GLY C 288 -4.85 -39.52 16.54
C GLY C 288 -4.79 -38.48 17.63
N SER C 289 -3.59 -38.09 18.05
CA SER C 289 -3.43 -37.07 19.08
C SER C 289 -3.47 -35.65 18.54
N GLN C 290 -3.36 -35.46 17.23
CA GLN C 290 -3.41 -34.12 16.67
C GLN C 290 -4.01 -34.19 15.26
N PHE C 291 -4.93 -33.25 14.97
CA PHE C 291 -5.52 -33.05 13.64
C PHE C 291 -5.64 -31.54 13.51
N LYS C 292 -4.51 -30.90 13.25
CA LYS C 292 -4.46 -29.45 13.15
C LYS C 292 -4.90 -29.02 11.75
N ARG C 293 -5.70 -27.98 11.67
CA ARG C 293 -6.12 -27.39 10.41
C ARG C 293 -5.90 -25.90 10.49
N GLU C 294 -5.29 -25.32 9.45
CA GLU C 294 -5.23 -23.88 9.26
C GLU C 294 -5.88 -23.58 7.91
N SER C 295 -6.62 -22.47 7.81
CA SER C 295 -7.40 -22.20 6.61
C SER C 295 -7.42 -20.73 6.25
N LEU C 296 -7.24 -20.44 4.96
CA LEU C 296 -7.35 -19.09 4.42
C LEU C 296 -8.18 -19.13 3.15
N GLY C 297 -8.87 -18.02 2.86
CA GLY C 297 -9.66 -17.95 1.64
C GLY C 297 -10.04 -16.54 1.26
N LEU C 298 -10.14 -16.31 -0.06
CA LEU C 298 -10.61 -15.04 -0.62
C LEU C 298 -11.56 -15.30 -1.79
N ARG C 299 -12.55 -14.43 -1.95
CA ARG C 299 -13.72 -14.70 -2.79
C ARG C 299 -14.30 -13.42 -3.33
N PHE C 300 -14.54 -13.37 -4.64
CA PHE C 300 -15.07 -12.19 -5.32
C PHE C 300 -16.28 -12.60 -6.14
N VAL C 301 -17.37 -11.83 -6.01
CA VAL C 301 -18.61 -12.08 -6.75
C VAL C 301 -19.20 -10.75 -7.22
N LYS C 302 -19.29 -10.55 -8.53
CA LYS C 302 -20.05 -9.46 -9.10
C LYS C 302 -21.25 -10.02 -9.86
N SER C 303 -22.43 -9.48 -9.60
CA SER C 303 -23.68 -9.90 -10.22
C SER C 303 -24.22 -8.83 -11.18
N ASN C 304 -25.14 -9.26 -12.05
CA ASN C 304 -25.85 -8.40 -13.00
C ASN C 304 -24.91 -7.44 -13.73
N VAL C 305 -23.80 -8.00 -14.23
CA VAL C 305 -22.76 -7.27 -14.93
C VAL C 305 -23.22 -6.77 -16.30
N SER C 306 -24.28 -7.35 -16.86
CA SER C 306 -24.73 -7.08 -18.22
C SER C 306 -26.06 -7.83 -18.42
N ASP C 307 -26.68 -7.64 -19.59
CA ASP C 307 -27.94 -8.33 -19.87
C ASP C 307 -27.77 -9.83 -19.96
N VAL C 308 -26.60 -10.30 -20.40
CA VAL C 308 -26.32 -11.73 -20.47
C VAL C 308 -25.51 -12.19 -19.25
N LEU C 309 -24.53 -11.42 -18.80
CA LEU C 309 -23.60 -11.86 -17.76
C LEU C 309 -24.24 -11.62 -16.40
N GLU C 310 -24.87 -12.66 -15.83
CA GLU C 310 -25.62 -12.53 -14.59
C GLU C 310 -24.75 -12.59 -13.34
N LYS C 311 -23.52 -13.11 -13.44
CA LYS C 311 -22.71 -13.41 -12.27
C LYS C 311 -21.30 -13.79 -12.73
N VAL C 312 -20.30 -13.28 -12.02
CA VAL C 312 -18.91 -13.70 -12.19
C VAL C 312 -18.35 -13.95 -10.80
N GLU C 313 -17.81 -15.15 -10.57
CA GLU C 313 -17.29 -15.51 -9.26
C GLU C 313 -15.88 -16.03 -9.42
N ALA C 314 -14.97 -15.47 -8.64
CA ALA C 314 -13.63 -16.00 -8.44
C ALA C 314 -13.45 -16.29 -6.96
N GLN C 315 -12.67 -17.33 -6.65
CA GLN C 315 -12.31 -17.63 -5.28
C GLN C 315 -10.99 -18.39 -5.28
N VAL C 316 -10.23 -18.21 -4.22
CA VAL C 316 -9.01 -18.95 -3.97
C VAL C 316 -9.06 -19.37 -2.51
N TYR C 317 -8.45 -20.51 -2.19
CA TYR C 317 -8.51 -21.06 -0.84
C TYR C 317 -7.18 -21.71 -0.53
N TYR C 318 -6.73 -21.56 0.72
CA TYR C 318 -5.59 -22.32 1.22
C TYR C 318 -6.04 -23.08 2.46
N ASN C 319 -5.76 -24.38 2.50
CA ASN C 319 -6.07 -25.23 3.63
C ASN C 319 -4.81 -26.01 3.96
N TYR C 320 -4.57 -26.23 5.26
CA TYR C 320 -3.39 -26.95 5.68
C TYR C 320 -3.79 -27.92 6.78
N ALA C 321 -3.28 -29.14 6.70
CA ALA C 321 -3.56 -30.18 7.68
C ALA C 321 -2.25 -30.61 8.31
N ASP C 322 -2.29 -30.89 9.61
CA ASP C 322 -1.10 -31.24 10.38
C ASP C 322 -1.52 -32.25 11.44
N ALA C 323 -1.12 -33.50 11.22
CA ALA C 323 -1.69 -34.64 11.91
C ALA C 323 -0.57 -35.40 12.64
N ILE C 324 -0.70 -35.53 13.95
CA ILE C 324 0.25 -36.31 14.74
C ILE C 324 -0.49 -37.54 15.24
N MET C 325 0.20 -38.68 15.23
CA MET C 325 -0.45 -39.94 15.60
C MET C 325 0.56 -40.87 16.25
N ASP C 326 0.23 -41.33 17.45
CA ASP C 326 1.10 -42.16 18.25
C ASP C 326 0.32 -43.36 18.74
N ASN C 327 1.03 -44.24 19.45
CA ASN C 327 0.39 -45.35 20.15
C ASN C 327 0.71 -45.31 21.64
N PHE C 328 0.96 -44.11 22.18
CA PHE C 328 1.28 -44.01 23.59
C PHE C 328 0.58 -42.86 24.31
N ARG C 329 -0.08 -41.93 23.63
CA ARG C 329 -0.75 -40.83 24.32
C ARG C 329 -2.20 -41.18 24.71
N LEU C 330 -3.01 -41.60 23.76
CA LEU C 330 -4.38 -41.98 24.08
C LEU C 330 -4.49 -43.47 24.33
N ARG C 331 -3.37 -44.17 24.33
CA ARG C 331 -3.30 -45.58 24.71
C ARG C 331 -1.90 -45.84 25.28
N THR C 332 -1.53 -47.10 25.37
CA THR C 332 -0.17 -47.50 25.74
C THR C 332 0.25 -48.62 24.80
N PRO C 333 1.56 -48.71 24.50
CA PRO C 333 2.08 -49.62 23.47
C PRO C 333 1.48 -51.02 23.39
N ASP C 334 1.12 -51.59 24.55
CA ASP C 334 0.57 -52.94 24.62
C ASP C 334 1.48 -53.93 23.89
N PRO C 335 2.69 -54.18 24.41
CA PRO C 335 3.63 -55.05 23.70
C PRO C 335 3.10 -56.46 23.57
N SER C 336 3.25 -57.01 22.35
CA SER C 336 2.80 -58.31 21.86
C SER C 336 2.16 -58.08 20.48
N SER C 337 1.98 -56.82 20.11
CA SER C 337 1.14 -56.46 18.97
C SER C 337 1.91 -55.78 17.85
N MET C 338 3.08 -56.32 17.48
CA MET C 338 3.84 -55.90 16.30
C MET C 338 4.23 -54.42 16.31
N MET C 339 3.89 -53.71 17.37
CA MET C 339 4.38 -52.36 17.56
C MET C 339 4.61 -52.12 19.04
N PRO C 340 5.47 -52.92 19.70
CA PRO C 340 5.61 -52.82 21.15
C PRO C 340 6.32 -51.58 21.63
N MET C 341 6.87 -50.81 20.78
CA MET C 341 7.57 -49.63 21.23
C MET C 341 6.68 -48.42 21.15
N PRO C 342 7.04 -47.33 21.81
CA PRO C 342 6.42 -46.04 21.47
C PRO C 342 6.68 -45.67 20.02
N MET C 343 5.63 -45.22 19.33
CA MET C 343 5.66 -44.91 17.91
C MET C 343 4.90 -43.62 17.66
N ALA C 344 5.43 -42.73 16.82
CA ALA C 344 4.67 -41.53 16.47
C ALA C 344 4.95 -41.15 15.02
N SER C 345 3.89 -40.75 14.32
CA SER C 345 3.96 -40.28 12.94
C SER C 345 3.40 -38.87 12.92
N GLN C 346 4.10 -37.97 12.26
CA GLN C 346 3.53 -36.72 11.85
C GLN C 346 3.33 -36.81 10.34
N VAL C 347 2.38 -36.03 9.84
CA VAL C 347 2.05 -35.95 8.42
C VAL C 347 1.35 -34.61 8.24
N ASP C 348 1.60 -33.95 7.11
CA ASP C 348 0.87 -32.74 6.85
C ASP C 348 0.43 -32.75 5.37
N ARG C 349 -0.52 -31.88 5.07
CA ARG C 349 -1.11 -31.80 3.75
C ARG C 349 -1.41 -30.34 3.49
N ARG C 350 -0.73 -29.76 2.49
CA ARG C 350 -0.85 -28.34 2.15
C ARG C 350 -1.57 -28.22 0.82
N THR C 351 -2.75 -27.60 0.83
CA THR C 351 -3.63 -27.53 -0.33
C THR C 351 -3.88 -26.08 -0.69
N LEU C 352 -3.67 -25.74 -1.96
CA LEU C 352 -3.95 -24.40 -2.45
C LEU C 352 -4.72 -24.53 -3.75
N GLY C 353 -5.78 -23.78 -3.90
CA GLY C 353 -6.52 -23.91 -5.14
C GLY C 353 -7.39 -22.70 -5.32
N GLY C 354 -8.08 -22.68 -6.45
CA GLY C 354 -8.99 -21.60 -6.75
C GLY C 354 -9.88 -22.01 -7.91
N ARG C 355 -10.82 -21.13 -8.22
CA ARG C 355 -11.88 -21.46 -9.15
C ARG C 355 -12.46 -20.14 -9.64
N LEU C 356 -12.75 -20.06 -10.93
CA LEU C 356 -13.22 -18.82 -11.56
C LEU C 356 -14.35 -19.16 -12.53
N ALA C 357 -15.49 -18.47 -12.45
CA ALA C 357 -16.63 -18.93 -13.24
C ALA C 357 -17.65 -17.84 -13.50
N ALA C 358 -18.18 -17.82 -14.73
CA ALA C 358 -19.20 -16.87 -15.15
C ALA C 358 -20.49 -17.59 -15.53
N THR C 359 -21.60 -16.94 -15.20
CA THR C 359 -22.96 -17.41 -15.48
C THR C 359 -23.63 -16.45 -16.44
N TRP C 360 -24.09 -16.96 -17.59
CA TRP C 360 -24.81 -16.20 -18.60
C TRP C 360 -26.26 -16.69 -18.68
N ARG C 361 -27.21 -15.80 -18.38
CA ARG C 361 -28.64 -16.09 -18.46
C ARG C 361 -29.27 -15.23 -19.54
N TRP C 362 -29.78 -15.87 -20.60
CA TRP C 362 -30.50 -15.19 -21.65
C TRP C 362 -31.59 -16.10 -22.18
N ASP C 363 -32.78 -15.54 -22.38
CA ASP C 363 -33.89 -16.22 -23.07
C ASP C 363 -34.23 -17.49 -22.28
N ASP C 364 -34.34 -18.65 -22.94
CA ASP C 364 -34.65 -19.91 -22.27
C ASP C 364 -33.40 -20.69 -21.89
N PHE C 365 -32.26 -20.01 -21.76
CA PHE C 365 -30.98 -20.67 -21.58
C PHE C 365 -30.22 -20.07 -20.40
N LYS C 366 -29.31 -20.87 -19.90
CA LYS C 366 -28.40 -20.53 -18.82
C LYS C 366 -27.12 -21.29 -19.12
N LEU C 367 -26.00 -20.64 -18.93
CA LEU C 367 -24.72 -21.30 -19.12
C LEU C 367 -23.76 -20.85 -18.04
N VAL C 368 -23.08 -21.81 -17.42
CA VAL C 368 -22.07 -21.53 -16.42
C VAL C 368 -20.75 -22.04 -16.98
N THR C 369 -19.80 -21.13 -17.19
CA THR C 369 -18.51 -21.53 -17.74
C THR C 369 -17.37 -21.12 -16.81
N GLY C 370 -16.31 -21.92 -16.77
CA GLY C 370 -15.22 -21.58 -15.86
C GLY C 370 -14.05 -22.55 -15.91
N VAL C 371 -13.10 -22.25 -15.01
CA VAL C 371 -11.81 -22.92 -14.85
C VAL C 371 -11.52 -23.10 -13.36
N ASP C 372 -10.66 -24.07 -13.04
CA ASP C 372 -10.24 -24.31 -11.65
C ASP C 372 -8.87 -25.00 -11.62
N ALA C 373 -8.20 -24.93 -10.45
CA ALA C 373 -6.84 -25.47 -10.30
C ALA C 373 -6.54 -25.79 -8.84
N MET C 374 -5.47 -26.57 -8.63
CA MET C 374 -5.20 -27.10 -7.31
C MET C 374 -3.84 -27.78 -7.23
N ARG C 375 -2.99 -27.34 -6.30
CA ARG C 375 -1.76 -28.05 -5.90
C ARG C 375 -1.95 -28.53 -4.47
N ASN C 376 -1.55 -29.77 -4.17
CA ASN C 376 -1.44 -30.18 -2.78
C ASN C 376 -0.11 -30.87 -2.57
N GLU C 377 0.39 -30.78 -1.34
CA GLU C 377 1.70 -31.28 -0.93
C GLU C 377 1.56 -32.19 0.28
N HIS C 378 2.34 -33.26 0.33
CA HIS C 378 2.23 -34.22 1.42
C HIS C 378 3.64 -34.61 1.89
N ARG C 379 3.92 -34.39 3.17
CA ARG C 379 5.18 -34.78 3.81
C ARG C 379 4.91 -35.64 5.05
N ALA C 380 5.99 -36.20 5.61
CA ALA C 380 5.86 -37.12 6.73
C ALA C 380 7.19 -37.19 7.50
N ARG C 381 7.11 -37.49 8.79
CA ARG C 381 8.26 -37.82 9.63
C ARG C 381 7.81 -38.81 10.68
N GLY C 382 8.62 -39.85 10.91
CA GLY C 382 8.27 -40.92 11.81
C GLY C 382 9.09 -40.95 13.10
N SER C 383 8.73 -41.91 13.94
CA SER C 383 9.47 -42.16 15.17
C SER C 383 10.61 -43.15 14.92
N LYS C 384 11.45 -43.33 15.92
CA LYS C 384 12.54 -44.29 15.87
C LYS C 384 12.74 -44.92 17.24
N TYR C 385 13.23 -46.16 17.25
CA TYR C 385 13.51 -46.90 18.48
C TYR C 385 14.85 -47.63 18.40
N MET C 387 17.34 -51.58 20.61
CA MET C 387 17.29 -52.39 21.83
C MET C 387 17.99 -51.72 23.01
N MET C 388 19.28 -51.38 22.83
CA MET C 388 20.05 -50.83 23.94
C MET C 388 19.66 -49.39 24.25
N THR C 389 19.49 -48.56 23.21
CA THR C 389 19.24 -47.13 23.32
C THR C 389 18.15 -46.77 24.34
N ASP C 390 16.90 -46.69 23.90
CA ASP C 390 15.74 -46.45 24.78
C ASP C 390 15.90 -45.19 25.66
N TYR C 392 13.39 -44.31 21.51
CA TYR C 392 13.36 -43.16 22.39
C TYR C 392 13.06 -41.88 21.60
N THR C 393 13.40 -41.90 20.31
CA THR C 393 13.46 -40.69 19.48
C THR C 393 12.14 -40.50 18.76
N ASP C 394 11.41 -39.44 19.10
CA ASP C 394 10.11 -39.20 18.48
C ASP C 394 10.32 -38.70 17.05
N ALA C 395 9.21 -38.31 16.40
CA ALA C 395 9.30 -37.47 15.21
C ALA C 395 9.24 -36.01 15.66
N ASP C 396 9.25 -35.09 14.69
CA ASP C 396 9.38 -33.65 14.91
C ASP C 396 10.79 -33.29 15.39
N GLN C 397 11.59 -34.32 15.72
CA GLN C 397 13.03 -34.22 15.92
C GLN C 397 13.80 -34.79 14.73
N PHE C 398 13.11 -35.09 13.63
CA PHE C 398 13.67 -35.36 12.30
C PHE C 398 13.23 -34.22 11.38
N PRO C 399 13.57 -34.22 10.06
CA PRO C 399 13.00 -33.17 9.20
C PRO C 399 11.83 -33.66 8.36
N TRP C 400 11.08 -32.72 7.77
CA TRP C 400 9.97 -33.02 6.87
C TRP C 400 10.46 -33.72 5.60
N SER C 401 10.08 -34.97 5.40
CA SER C 401 10.43 -35.71 4.17
C SER C 401 9.20 -35.77 3.27
N LYS C 402 9.21 -34.96 2.22
CA LYS C 402 8.14 -34.93 1.22
C LYS C 402 8.04 -36.27 0.50
N ASP C 403 6.87 -36.53 -0.07
CA ASP C 403 6.74 -37.75 -0.84
C ASP C 403 5.77 -37.64 -2.01
N ALA C 404 5.03 -36.53 -2.13
CA ALA C 404 4.00 -36.48 -3.17
C ALA C 404 3.55 -35.05 -3.39
N VAL C 405 3.38 -34.67 -4.64
CA VAL C 405 2.77 -33.39 -5.01
C VAL C 405 1.84 -33.63 -6.18
N PHE C 406 0.61 -33.16 -6.04
CA PHE C 406 -0.47 -33.32 -7.01
C PHE C 406 -0.81 -31.94 -7.58
N HIS C 407 -1.18 -31.93 -8.85
CA HIS C 407 -1.74 -30.74 -9.47
C HIS C 407 -3.01 -31.10 -10.19
N ASN C 408 -3.89 -30.12 -10.34
CA ASN C 408 -4.95 -30.25 -11.33
C ASN C 408 -5.23 -28.88 -11.96
N TYR C 409 -5.41 -28.85 -13.28
CA TYR C 409 -6.04 -27.72 -13.97
C TYR C 409 -7.23 -28.27 -14.77
N GLY C 410 -8.35 -27.57 -14.71
CA GLY C 410 -9.53 -28.00 -15.45
C GLY C 410 -10.37 -26.83 -15.90
N ALA C 411 -11.19 -27.07 -16.92
CA ALA C 411 -12.11 -26.08 -17.47
C ALA C 411 -13.47 -26.74 -17.61
N PHE C 412 -14.54 -25.95 -17.49
CA PHE C 412 -15.83 -26.62 -17.38
C PHE C 412 -16.92 -25.75 -17.96
N GLY C 413 -17.95 -26.41 -18.50
CA GLY C 413 -19.13 -25.74 -19.00
C GLY C 413 -20.41 -26.51 -18.71
N GLU C 414 -21.43 -25.83 -18.20
CA GLU C 414 -22.72 -26.44 -17.91
C GLU C 414 -23.83 -25.57 -18.52
N LEU C 415 -24.66 -26.18 -19.37
CA LEU C 415 -25.73 -25.47 -20.07
C LEU C 415 -27.08 -26.08 -19.70
N THR C 416 -28.04 -25.21 -19.38
CA THR C 416 -29.42 -25.60 -19.08
C THR C 416 -30.34 -25.02 -20.14
N TRP C 417 -31.08 -25.87 -20.83
CA TRP C 417 -32.10 -25.42 -21.76
C TRP C 417 -33.46 -25.58 -21.09
N PHE C 418 -34.15 -24.46 -20.89
CA PHE C 418 -35.52 -24.45 -20.36
C PHE C 418 -36.50 -24.55 -21.54
N ALA C 419 -36.69 -25.78 -22.02
CA ALA C 419 -37.58 -26.02 -23.16
C ALA C 419 -39.04 -25.94 -22.69
N ALA C 420 -39.51 -24.71 -22.52
CA ALA C 420 -40.91 -24.44 -22.19
C ALA C 420 -41.39 -25.12 -20.91
N GLU C 421 -41.23 -24.44 -19.77
CA GLU C 421 -41.98 -24.65 -18.54
C GLU C 421 -41.95 -26.08 -17.97
N ARG C 422 -42.15 -27.10 -18.80
CA ARG C 422 -42.34 -28.45 -18.26
C ARG C 422 -41.33 -29.47 -18.80
N ASP C 423 -40.30 -29.03 -19.54
CA ASP C 423 -39.20 -29.89 -19.95
C ASP C 423 -37.89 -29.12 -19.88
N ARG C 424 -36.83 -29.84 -19.52
CA ARG C 424 -35.55 -29.26 -19.20
C ARG C 424 -34.44 -30.16 -19.73
N LEU C 425 -33.41 -29.57 -20.29
CA LEU C 425 -32.25 -30.32 -20.75
C LEU C 425 -31.00 -29.68 -20.17
N ILE C 426 -30.16 -30.51 -19.55
CA ILE C 426 -28.91 -30.07 -18.93
C ILE C 426 -27.77 -30.93 -19.46
N GLY C 427 -26.65 -30.30 -19.76
CA GLY C 427 -25.46 -31.03 -20.17
C GLY C 427 -24.25 -30.31 -19.66
N GLY C 428 -23.16 -31.05 -19.52
CA GLY C 428 -21.97 -30.43 -19.00
C GLY C 428 -20.72 -31.17 -19.35
N LEU C 429 -19.63 -30.45 -19.60
CA LEU C 429 -18.35 -31.02 -19.99
C LEU C 429 -17.25 -30.46 -19.10
N ARG C 430 -16.19 -31.27 -18.92
CA ARG C 430 -15.04 -30.98 -18.08
C ARG C 430 -13.83 -31.61 -18.75
N LEU C 431 -12.77 -30.84 -18.96
CA LEU C 431 -11.49 -31.39 -19.39
C LEU C 431 -10.48 -31.12 -18.29
N ASP C 432 -9.82 -32.17 -17.80
CA ASP C 432 -8.94 -32.06 -16.64
C ASP C 432 -7.53 -32.51 -17.00
N ARG C 433 -6.54 -31.79 -16.49
CA ARG C 433 -5.14 -32.17 -16.67
C ARG C 433 -4.58 -32.41 -15.27
N ALA C 434 -4.34 -33.67 -14.96
CA ALA C 434 -4.00 -34.12 -13.62
C ALA C 434 -2.57 -34.64 -13.61
N SER C 435 -1.74 -34.13 -12.70
CA SER C 435 -0.38 -34.64 -12.57
C SER C 435 -0.04 -34.87 -11.10
N VAL C 436 0.81 -35.87 -10.87
CA VAL C 436 1.43 -36.14 -9.58
C VAL C 436 2.92 -36.35 -9.81
N LYS C 437 3.74 -35.94 -8.83
CA LYS C 437 5.16 -36.27 -8.80
C LYS C 437 5.52 -37.00 -7.50
N ASP C 438 6.23 -38.12 -7.64
CA ASP C 438 6.71 -38.94 -6.52
C ASP C 438 8.05 -38.42 -6.02
N TYR C 439 8.06 -37.82 -4.82
CA TYR C 439 9.29 -37.32 -4.23
C TYR C 439 9.95 -38.32 -3.26
N ARG C 440 9.61 -39.60 -3.36
CA ARG C 440 10.19 -40.63 -2.49
C ARG C 440 11.48 -41.19 -3.08
N GLN C 441 12.60 -40.96 -2.40
CA GLN C 441 13.90 -41.45 -2.87
C GLN C 441 14.15 -42.91 -2.50
N THR C 442 13.56 -43.38 -1.40
CA THR C 442 13.80 -44.69 -0.85
C THR C 442 12.48 -45.41 -0.61
N LEU C 443 12.48 -46.73 -0.77
CA LEU C 443 11.29 -47.54 -0.52
C LEU C 443 11.69 -48.82 0.23
N LYS C 444 10.67 -49.52 0.72
CA LYS C 444 10.86 -50.78 1.46
C LYS C 444 9.90 -51.87 0.95
N ALA C 453 16.20 -48.48 -3.05
CA ALA C 453 16.05 -47.32 -3.93
C ALA C 453 14.68 -47.31 -4.64
N ASN C 454 14.08 -46.13 -4.74
CA ASN C 454 12.75 -46.00 -5.34
C ASN C 454 12.88 -45.86 -6.85
N PRO C 455 12.50 -46.87 -7.64
CA PRO C 455 12.71 -46.81 -9.10
C PRO C 455 11.88 -45.74 -9.80
N THR C 456 11.01 -45.00 -9.07
CA THR C 456 10.29 -43.86 -9.64
C THR C 456 10.66 -42.55 -8.96
N ALA C 457 11.80 -42.50 -8.26
CA ALA C 457 12.18 -41.30 -7.53
C ALA C 457 12.19 -40.07 -8.45
N ASN C 458 11.51 -39.01 -7.99
CA ASN C 458 11.38 -37.73 -8.69
C ASN C 458 10.66 -37.84 -10.04
N ASP C 459 10.08 -39.00 -10.37
CA ASP C 459 9.28 -39.13 -11.58
C ASP C 459 7.97 -38.35 -11.48
N THR C 460 7.54 -37.75 -12.59
CA THR C 460 6.22 -37.14 -12.68
C THR C 460 5.38 -37.90 -13.69
N ARG C 461 4.10 -38.09 -13.38
CA ARG C 461 3.16 -38.69 -14.32
C ARG C 461 1.91 -37.83 -14.39
N ALA C 462 1.27 -37.81 -15.57
CA ALA C 462 0.15 -36.91 -15.82
C ALA C 462 -0.84 -37.51 -16.82
N ASP C 463 -2.01 -36.87 -16.93
CA ASP C 463 -3.05 -37.35 -17.82
C ASP C 463 -4.07 -36.23 -18.07
N THR C 464 -4.89 -36.45 -19.10
CA THR C 464 -5.91 -35.52 -19.54
C THR C 464 -7.23 -36.28 -19.60
N LEU C 465 -8.22 -35.87 -18.81
CA LEU C 465 -9.43 -36.67 -18.60
C LEU C 465 -10.69 -35.85 -18.87
N PRO C 466 -11.42 -36.14 -19.94
CA PRO C 466 -12.68 -35.43 -20.16
C PRO C 466 -13.78 -36.13 -19.39
N SER C 467 -14.67 -35.33 -18.80
CA SER C 467 -15.82 -35.84 -18.08
C SER C 467 -17.03 -35.04 -18.52
N GLY C 468 -18.19 -35.65 -18.39
CA GLY C 468 -19.40 -34.91 -18.74
C GLY C 468 -20.66 -35.70 -18.48
N PHE C 469 -21.78 -35.05 -18.79
CA PHE C 469 -23.07 -35.65 -18.51
C PHE C 469 -24.16 -34.90 -19.28
N VAL C 470 -25.24 -35.61 -19.54
CA VAL C 470 -26.48 -35.01 -20.02
C VAL C 470 -27.59 -35.48 -19.08
N ARG C 471 -28.53 -34.59 -18.78
CA ARG C 471 -29.67 -34.93 -17.93
C ARG C 471 -30.95 -34.41 -18.55
N TYR C 472 -31.99 -35.23 -18.54
CA TYR C 472 -33.30 -34.83 -19.03
C TYR C 472 -34.32 -34.93 -17.90
N GLU C 473 -35.00 -33.82 -17.61
CA GLU C 473 -36.05 -33.75 -16.61
C GLU C 473 -37.32 -33.21 -17.26
N HIS C 474 -38.44 -33.91 -17.04
CA HIS C 474 -39.73 -33.61 -17.65
C HIS C 474 -40.82 -33.68 -16.59
N ASP C 475 -41.58 -32.60 -16.40
CA ASP C 475 -42.71 -32.59 -15.47
C ASP C 475 -43.99 -33.02 -16.18
N LEU C 476 -44.80 -33.84 -15.49
CA LEU C 476 -45.99 -34.46 -16.09
C LEU C 476 -47.13 -33.46 -16.27
N ALA C 477 -47.99 -33.79 -17.24
CA ALA C 477 -49.06 -32.90 -17.66
C ALA C 477 -50.22 -32.91 -16.68
N ASP C 478 -50.61 -34.10 -16.21
CA ASP C 478 -51.80 -34.23 -15.37
C ASP C 478 -51.50 -33.86 -13.92
N SER C 479 -50.78 -34.73 -13.22
CA SER C 479 -50.49 -34.66 -11.79
C SER C 479 -49.10 -34.09 -11.53
N PRO C 480 -48.85 -33.49 -10.35
CA PRO C 480 -47.57 -32.78 -10.10
C PRO C 480 -46.38 -33.70 -9.83
N THR C 481 -45.91 -34.39 -10.86
CA THR C 481 -44.72 -35.23 -10.75
C THR C 481 -43.65 -34.77 -11.73
N THR C 482 -42.41 -35.23 -11.48
CA THR C 482 -41.24 -34.94 -12.29
C THR C 482 -40.49 -36.23 -12.51
N LEU C 483 -40.14 -36.52 -13.75
CA LEU C 483 -39.38 -37.72 -14.06
C LEU C 483 -38.03 -37.29 -14.63
N TYR C 484 -37.00 -38.11 -14.44
CA TYR C 484 -35.71 -37.69 -14.95
C TYR C 484 -34.83 -38.89 -15.30
N ALA C 485 -34.01 -38.67 -16.32
CA ALA C 485 -32.96 -39.59 -16.71
C ALA C 485 -31.75 -38.79 -17.17
N GLY C 486 -30.57 -39.31 -16.88
CA GLY C 486 -29.35 -38.67 -17.29
C GLY C 486 -28.28 -39.71 -17.48
N LEU C 487 -27.32 -39.39 -18.31
CA LEU C 487 -26.18 -40.26 -18.55
C LEU C 487 -24.91 -39.50 -18.20
N GLY C 488 -23.97 -40.22 -17.57
CA GLY C 488 -22.80 -39.59 -17.01
C GLY C 488 -21.53 -40.36 -17.24
N HIS C 489 -20.46 -39.66 -17.58
CA HIS C 489 -19.13 -40.24 -17.69
C HIS C 489 -18.16 -39.39 -16.89
N ALA C 490 -17.41 -40.01 -16.00
CA ALA C 490 -16.48 -39.28 -15.15
C ALA C 490 -15.18 -40.04 -15.15
N GLU C 491 -14.07 -39.31 -15.16
CA GLU C 491 -12.75 -39.90 -15.16
C GLU C 491 -11.96 -39.30 -14.02
N ARG C 492 -11.39 -40.14 -13.18
CA ARG C 492 -10.72 -39.70 -11.97
C ARG C 492 -9.26 -40.12 -11.99
N PHE C 493 -8.39 -39.16 -11.76
CA PHE C 493 -6.99 -39.44 -11.53
C PHE C 493 -6.84 -40.06 -10.14
N PRO C 494 -5.89 -41.00 -9.97
CA PRO C 494 -5.79 -41.71 -8.69
C PRO C 494 -5.38 -40.78 -7.54
N ASP C 495 -6.04 -41.00 -6.39
CA ASP C 495 -5.76 -40.51 -5.03
C ASP C 495 -4.28 -40.39 -4.67
N TYR C 496 -3.95 -39.61 -3.64
CA TYR C 496 -2.74 -39.91 -2.88
C TYR C 496 -2.76 -41.36 -2.38
N TRP C 497 -3.85 -41.76 -1.72
CA TRP C 497 -3.87 -43.07 -1.08
C TRP C 497 -3.68 -44.18 -2.08
N GLU C 498 -4.29 -44.04 -3.27
CA GLU C 498 -4.26 -45.13 -4.24
C GLU C 498 -2.88 -45.32 -4.84
N LEU C 499 -2.07 -44.26 -4.89
CA LEU C 499 -0.75 -44.35 -5.53
C LEU C 499 0.37 -44.61 -4.54
N PHE C 500 0.37 -43.94 -3.38
CA PHE C 500 1.49 -44.02 -2.44
C PHE C 500 1.27 -44.99 -1.29
N SER C 501 0.04 -45.18 -0.87
CA SER C 501 -0.17 -45.94 0.35
C SER C 501 -0.08 -47.44 0.16
N PRO C 502 -0.37 -48.01 -1.02
CA PRO C 502 -0.10 -49.45 -1.18
C PRO C 502 1.39 -49.75 -1.09
N LYS C 503 1.71 -50.88 -0.46
CA LYS C 503 3.10 -51.31 -0.35
C LYS C 503 3.54 -52.06 -1.60
N ARG C 504 2.64 -52.81 -2.23
CA ARG C 504 2.90 -53.48 -3.48
C ARG C 504 1.97 -52.89 -4.55
N GLY C 505 2.47 -52.82 -5.79
CA GLY C 505 1.65 -52.42 -6.92
C GLY C 505 1.05 -53.62 -7.61
N PRO C 506 0.45 -53.42 -8.78
CA PRO C 506 -0.10 -54.55 -9.53
C PRO C 506 1.00 -55.49 -10.01
N ASN C 507 0.58 -56.67 -10.45
CA ASN C 507 1.52 -57.80 -10.58
C ASN C 507 2.39 -57.64 -11.81
N GLY C 508 3.69 -57.51 -11.57
CA GLY C 508 4.62 -57.10 -12.59
C GLY C 508 4.62 -55.60 -12.70
N SER C 509 5.10 -54.92 -11.67
CA SER C 509 5.16 -53.47 -11.71
C SER C 509 6.13 -53.00 -10.65
N VAL C 510 6.87 -51.93 -10.97
CA VAL C 510 7.91 -51.45 -10.06
C VAL C 510 7.31 -51.09 -8.70
N ASN C 511 6.09 -50.55 -8.71
CA ASN C 511 5.31 -50.26 -7.52
C ASN C 511 3.90 -49.88 -7.96
N ALA C 512 3.26 -48.96 -7.25
CA ALA C 512 1.89 -48.57 -7.57
C ALA C 512 1.82 -47.21 -8.27
N PHE C 513 2.62 -46.23 -7.83
CA PHE C 513 2.71 -44.95 -8.51
C PHE C 513 2.92 -45.13 -10.03
N ASP C 514 3.59 -46.19 -10.44
CA ASP C 514 3.91 -46.31 -11.85
C ASP C 514 2.74 -46.82 -12.68
N LYS C 515 1.92 -47.73 -12.14
CA LYS C 515 1.04 -48.53 -13.01
C LYS C 515 -0.45 -48.48 -12.67
N ILE C 516 -0.88 -47.76 -11.64
CA ILE C 516 -2.31 -47.66 -11.36
C ILE C 516 -2.93 -46.67 -12.36
N LYS C 517 -4.03 -47.14 -13.08
CA LYS C 517 -4.63 -46.29 -14.10
C LYS C 517 -5.76 -45.41 -13.55
N PRO C 518 -6.03 -44.27 -14.17
CA PRO C 518 -7.24 -43.51 -13.82
C PRO C 518 -8.47 -44.37 -13.93
N GLU C 519 -9.46 -44.08 -13.09
CA GLU C 519 -10.71 -44.82 -13.03
C GLU C 519 -11.76 -44.11 -13.90
N LYS C 520 -12.48 -44.87 -14.72
CA LYS C 520 -13.44 -44.28 -15.66
C LYS C 520 -14.81 -44.91 -15.45
N THR C 521 -15.80 -44.06 -15.17
CA THR C 521 -17.13 -44.50 -14.75
C THR C 521 -18.19 -43.99 -15.73
N THR C 522 -19.09 -44.88 -16.12
CA THR C 522 -20.17 -44.56 -17.02
C THR C 522 -21.42 -45.03 -16.31
N GLN C 523 -22.35 -44.11 -16.07
CA GLN C 523 -23.46 -44.41 -15.21
C GLN C 523 -24.71 -43.74 -15.72
N LEU C 524 -25.83 -44.45 -15.59
CA LEU C 524 -27.14 -43.95 -15.97
C LEU C 524 -27.92 -43.65 -14.70
N ASP C 525 -28.46 -42.44 -14.61
CA ASP C 525 -29.22 -42.02 -13.43
C ASP C 525 -30.65 -41.71 -13.82
N PHE C 526 -31.60 -42.17 -13.00
CA PHE C 526 -33.01 -41.98 -13.29
C PHE C 526 -33.78 -41.96 -11.98
N GLY C 527 -34.96 -41.38 -12.01
CA GLY C 527 -35.75 -41.23 -10.81
C GLY C 527 -36.96 -40.38 -11.10
N LEU C 528 -37.65 -40.00 -10.02
CA LEU C 528 -38.92 -39.29 -10.11
C LEU C 528 -39.13 -38.50 -8.84
N GLN C 529 -39.96 -37.48 -8.92
CA GLN C 529 -40.41 -36.74 -7.75
C GLN C 529 -41.93 -36.73 -7.77
N TYR C 530 -42.53 -36.72 -6.58
CA TYR C 530 -43.97 -36.50 -6.45
C TYR C 530 -44.19 -35.45 -5.37
N ASN C 531 -45.01 -34.44 -5.70
CA ASN C 531 -45.24 -33.29 -4.81
C ASN C 531 -46.73 -33.09 -4.58
N GLY C 532 -47.42 -34.14 -4.14
CA GLY C 532 -48.82 -34.03 -3.76
C GLY C 532 -49.01 -33.26 -2.45
N ASP C 533 -50.28 -32.95 -2.18
CA ASP C 533 -50.58 -32.08 -1.04
C ASP C 533 -50.26 -32.78 0.28
N LYS C 534 -50.78 -33.99 0.47
CA LYS C 534 -50.50 -34.75 1.67
C LYS C 534 -49.36 -35.74 1.49
N LEU C 535 -49.14 -36.23 0.29
CA LEU C 535 -48.12 -37.24 0.01
C LEU C 535 -46.99 -36.65 -0.80
N GLN C 536 -45.76 -37.00 -0.45
CA GLN C 536 -44.56 -36.50 -1.12
C GLN C 536 -43.58 -37.66 -1.18
N ALA C 537 -43.38 -38.23 -2.36
CA ALA C 537 -42.44 -39.32 -2.54
C ALA C 537 -41.34 -38.94 -3.54
N TRP C 538 -40.26 -39.72 -3.54
CA TRP C 538 -39.12 -39.55 -4.42
C TRP C 538 -38.38 -40.88 -4.56
N ALA C 539 -37.71 -41.06 -5.69
CA ALA C 539 -36.94 -42.27 -5.95
C ALA C 539 -35.79 -41.90 -6.86
N SER C 540 -34.70 -42.67 -6.77
CA SER C 540 -33.54 -42.39 -7.62
C SER C 540 -32.67 -43.62 -7.74
N GLY C 541 -32.67 -44.24 -8.93
CA GLY C 541 -31.83 -45.37 -9.21
C GLY C 541 -30.68 -45.04 -10.15
N TYR C 542 -29.76 -45.99 -10.24
CA TYR C 542 -28.59 -45.85 -11.10
C TYR C 542 -28.09 -47.23 -11.52
N VAL C 543 -27.50 -47.27 -12.71
CA VAL C 543 -26.80 -48.42 -13.25
C VAL C 543 -25.52 -47.88 -13.85
N GLY C 544 -24.42 -48.60 -13.68
CA GLY C 544 -23.17 -48.10 -14.21
C GLY C 544 -22.12 -49.18 -14.30
N VAL C 545 -21.17 -48.95 -15.20
CA VAL C 545 -19.97 -49.76 -15.31
C VAL C 545 -18.83 -48.88 -14.86
N VAL C 546 -17.81 -49.49 -14.28
CA VAL C 546 -16.60 -48.78 -13.90
C VAL C 546 -15.42 -49.53 -14.51
N GLN C 547 -14.75 -48.91 -15.47
CA GLN C 547 -13.55 -49.49 -16.05
C GLN C 547 -12.32 -49.01 -15.30
N ASP C 548 -11.44 -49.95 -14.98
CA ASP C 548 -10.21 -49.75 -14.20
C ASP C 548 -10.52 -49.14 -12.83
N PHE C 549 -11.42 -49.82 -12.12
CA PHE C 549 -11.74 -49.54 -10.72
C PHE C 549 -10.53 -49.85 -9.86
N ILE C 550 -10.08 -48.87 -9.09
CA ILE C 550 -8.96 -49.06 -8.19
C ILE C 550 -9.46 -49.81 -6.97
N LEU C 551 -8.76 -50.91 -6.62
CA LEU C 551 -9.19 -51.83 -5.56
C LEU C 551 -7.97 -52.26 -4.75
N PHE C 552 -8.11 -52.23 -3.43
CA PHE C 552 -7.04 -52.74 -2.57
C PHE C 552 -7.24 -54.21 -2.29
N SER C 553 -6.12 -54.95 -2.21
CA SER C 553 -6.12 -56.37 -1.89
C SER C 553 -5.14 -56.67 -0.75
N TYR C 554 -5.58 -57.54 0.14
CA TYR C 554 -4.93 -57.73 1.43
C TYR C 554 -4.36 -59.15 1.53
N ARG C 555 -3.13 -59.25 2.01
CA ARG C 555 -2.42 -60.51 2.19
C ARG C 555 -1.91 -60.58 3.64
N GLU C 556 -1.39 -61.75 4.02
CA GLU C 556 -0.90 -61.97 5.38
C GLU C 556 0.52 -61.43 5.56
N GLY C 557 1.53 -62.22 5.19
CA GLY C 557 2.93 -61.83 5.29
C GLY C 557 3.39 -61.47 6.70
N SER C 561 0.88 -58.01 7.11
CA SER C 561 -0.44 -57.48 6.76
C SER C 561 -0.34 -56.42 5.64
N SER C 562 0.23 -56.81 4.50
CA SER C 562 0.55 -55.87 3.45
C SER C 562 -0.63 -55.71 2.48
N THR C 563 -0.51 -54.69 1.62
CA THR C 563 -1.62 -54.25 0.78
C THR C 563 -1.13 -53.98 -0.64
N GLN C 564 -1.92 -54.40 -1.64
CA GLN C 564 -1.58 -54.17 -3.05
C GLN C 564 -2.76 -53.55 -3.82
N ALA C 565 -2.46 -52.52 -4.63
CA ALA C 565 -3.46 -51.90 -5.51
C ALA C 565 -3.45 -52.55 -6.90
N THR C 566 -4.64 -52.75 -7.46
CA THR C 566 -4.81 -53.30 -8.80
C THR C 566 -5.96 -52.56 -9.49
N ASN C 567 -6.10 -52.78 -10.79
CA ASN C 567 -7.18 -52.18 -11.58
C ASN C 567 -8.11 -53.31 -12.03
N VAL C 568 -9.41 -53.16 -11.82
CA VAL C 568 -10.38 -54.16 -12.28
C VAL C 568 -11.56 -53.43 -12.92
N ASP C 569 -12.31 -54.18 -13.72
CA ASP C 569 -13.57 -53.68 -14.25
C ASP C 569 -14.69 -54.08 -13.30
N ALA C 570 -15.67 -53.20 -13.14
CA ALA C 570 -16.70 -53.42 -12.13
C ALA C 570 -18.04 -52.96 -12.66
N ARG C 571 -19.10 -53.71 -12.33
CA ARG C 571 -20.49 -53.36 -12.61
C ARG C 571 -21.12 -52.91 -11.30
N ILE C 572 -21.90 -51.84 -11.33
CA ILE C 572 -22.56 -51.34 -10.12
C ILE C 572 -23.98 -50.89 -10.43
N MET C 573 -24.89 -51.16 -9.48
CA MET C 573 -26.26 -50.69 -9.57
C MET C 573 -26.83 -50.45 -8.17
N GLY C 574 -27.85 -49.61 -8.11
CA GLY C 574 -28.57 -49.47 -6.87
C GLY C 574 -29.64 -48.41 -6.94
N GLY C 575 -29.94 -47.79 -5.81
CA GLY C 575 -30.90 -46.70 -5.81
C GLY C 575 -31.46 -46.46 -4.44
N GLU C 576 -32.23 -45.39 -4.35
CA GLU C 576 -32.80 -44.97 -3.09
C GLU C 576 -34.21 -44.46 -3.37
N LEU C 577 -35.07 -44.52 -2.36
CA LEU C 577 -36.39 -43.91 -2.49
C LEU C 577 -36.89 -43.57 -1.11
N GLY C 578 -37.92 -42.74 -1.08
CA GLY C 578 -38.46 -42.27 0.18
C GLY C 578 -39.83 -41.69 -0.03
N ALA C 579 -40.67 -41.79 1.02
CA ALA C 579 -42.04 -41.31 0.97
C ALA C 579 -42.39 -40.62 2.28
N SER C 580 -43.23 -39.60 2.19
CA SER C 580 -43.63 -38.83 3.36
C SER C 580 -45.11 -38.45 3.21
N TYR C 581 -45.95 -38.88 4.14
CA TYR C 581 -47.39 -38.71 4.07
C TYR C 581 -47.92 -38.03 5.32
N GLN C 582 -48.81 -37.05 5.15
CA GLN C 582 -49.38 -36.30 6.27
C GLN C 582 -50.76 -36.85 6.63
N LEU C 583 -50.81 -37.69 7.66
CA LEU C 583 -52.04 -38.40 8.07
C LEU C 583 -53.17 -37.47 8.53
N THR C 584 -52.97 -36.80 9.67
CA THR C 584 -53.77 -35.66 10.11
C THR C 584 -52.89 -34.41 10.02
N GLY C 585 -53.40 -33.26 10.46
CA GLY C 585 -52.58 -32.06 10.51
C GLY C 585 -51.53 -32.08 11.60
N ASN C 586 -51.55 -33.12 12.43
CA ASN C 586 -50.58 -33.34 13.49
C ASN C 586 -49.71 -34.57 13.28
N TRP C 587 -50.18 -35.58 12.57
CA TRP C 587 -49.44 -36.83 12.40
C TRP C 587 -48.78 -36.89 11.03
N LYS C 588 -47.53 -37.32 11.03
CA LYS C 588 -46.70 -37.39 9.84
C LYS C 588 -45.93 -38.70 9.93
N THR C 589 -45.93 -39.46 8.87
CA THR C 589 -45.14 -40.68 8.82
C THR C 589 -44.28 -40.63 7.57
N ASP C 590 -43.07 -41.18 7.64
CA ASP C 590 -42.26 -41.26 6.42
C ASP C 590 -41.32 -42.45 6.45
N ALA C 591 -40.72 -42.71 5.29
CA ALA C 591 -39.86 -43.87 5.11
C ALA C 591 -38.84 -43.60 4.02
N SER C 592 -37.81 -44.44 3.98
CA SER C 592 -36.87 -44.46 2.86
C SER C 592 -36.18 -45.80 2.81
N LEU C 593 -35.68 -46.13 1.63
CA LEU C 593 -34.93 -47.34 1.39
C LEU C 593 -33.68 -46.98 0.58
N ALA C 594 -32.55 -47.63 0.87
CA ALA C 594 -31.32 -47.41 0.10
C ALA C 594 -30.64 -48.73 -0.16
N TYR C 595 -30.23 -48.95 -1.42
CA TYR C 595 -29.62 -50.21 -1.83
C TYR C 595 -28.44 -49.93 -2.75
N ALA C 596 -27.33 -50.61 -2.51
CA ALA C 596 -26.15 -50.58 -3.37
C ALA C 596 -25.74 -52.00 -3.72
N TRP C 597 -25.23 -52.18 -4.95
CA TRP C 597 -24.86 -53.49 -5.45
C TRP C 597 -23.60 -53.34 -6.28
N GLY C 598 -22.62 -54.22 -6.04
CA GLY C 598 -21.34 -54.11 -6.73
C GLY C 598 -20.69 -55.43 -7.09
N LYS C 599 -20.28 -55.58 -8.35
CA LYS C 599 -19.64 -56.79 -8.84
C LYS C 599 -18.26 -56.49 -9.38
N ASN C 600 -17.27 -57.20 -8.87
CA ASN C 600 -15.92 -57.27 -9.43
C ASN C 600 -16.03 -58.21 -10.63
N SER C 601 -16.28 -57.63 -11.81
CA SER C 601 -16.56 -58.43 -12.99
C SER C 601 -15.30 -58.91 -13.69
N SER C 602 -14.12 -58.55 -13.19
CA SER C 602 -12.90 -59.18 -13.68
C SER C 602 -12.72 -60.57 -13.10
N ASP C 603 -13.07 -60.77 -11.82
CA ASP C 603 -12.86 -62.05 -11.13
C ASP C 603 -14.17 -62.75 -10.78
N ASP C 604 -15.28 -62.40 -11.43
CA ASP C 604 -16.60 -62.97 -11.11
C ASP C 604 -16.88 -62.93 -9.59
N ARG C 605 -16.26 -61.98 -8.90
CA ARG C 605 -16.47 -61.74 -7.48
C ARG C 605 -17.47 -60.61 -7.28
N ALA C 606 -17.97 -60.50 -6.06
CA ALA C 606 -18.69 -59.30 -5.67
C ALA C 606 -17.69 -58.20 -5.31
N LEU C 607 -18.11 -56.95 -5.47
CA LEU C 607 -17.31 -55.83 -5.00
C LEU C 607 -17.26 -55.82 -3.47
N PRO C 608 -16.17 -55.35 -2.88
CA PRO C 608 -16.07 -55.27 -1.43
C PRO C 608 -16.56 -53.95 -0.85
N GLN C 609 -16.76 -53.96 0.47
CA GLN C 609 -17.15 -52.79 1.26
C GLN C 609 -18.42 -52.11 0.75
N ILE C 610 -19.43 -52.91 0.43
CA ILE C 610 -20.76 -52.42 0.06
C ILE C 610 -21.64 -52.41 1.29
N PRO C 611 -22.34 -51.30 1.59
CA PRO C 611 -23.30 -51.33 2.68
C PRO C 611 -24.55 -52.10 2.28
N PRO C 612 -25.18 -52.79 3.22
CA PRO C 612 -26.36 -53.60 2.88
C PRO C 612 -27.62 -52.77 2.74
N LEU C 613 -28.65 -53.40 2.19
CA LEU C 613 -29.97 -52.80 2.10
C LEU C 613 -30.37 -52.23 3.46
N GLU C 614 -31.06 -51.09 3.44
CA GLU C 614 -31.26 -50.27 4.64
C GLU C 614 -32.58 -49.54 4.51
N ALA C 615 -33.32 -49.47 5.62
CA ALA C 615 -34.67 -48.89 5.60
C ALA C 615 -34.90 -48.06 6.84
N ARG C 616 -35.61 -46.95 6.70
CA ARG C 616 -35.89 -46.09 7.82
C ARG C 616 -37.37 -45.78 7.87
N PHE C 617 -37.92 -45.75 9.07
CA PHE C 617 -39.34 -45.48 9.25
C PHE C 617 -39.44 -44.44 10.34
N GLY C 618 -40.26 -43.43 10.11
CA GLY C 618 -40.42 -42.36 11.06
C GLY C 618 -41.88 -42.00 11.23
N LEU C 619 -42.17 -41.46 12.41
CA LEU C 619 -43.51 -41.06 12.81
C LEU C 619 -43.31 -39.87 13.73
N THR C 620 -44.10 -38.83 13.52
CA THR C 620 -43.88 -37.57 14.19
C THR C 620 -45.23 -36.95 14.52
N TYR C 621 -45.25 -36.19 15.61
CA TYR C 621 -46.44 -35.48 16.03
C TYR C 621 -46.05 -34.02 16.21
N GLU C 622 -46.80 -33.12 15.56
CA GLU C 622 -46.55 -31.69 15.63
C GLU C 622 -47.80 -31.00 16.16
N GLU C 623 -47.61 -30.06 17.08
CA GLU C 623 -48.73 -29.32 17.63
C GLU C 623 -48.24 -27.92 18.04
N GLY C 624 -48.30 -26.99 17.10
CA GLY C 624 -48.00 -25.62 17.42
C GLY C 624 -46.53 -25.40 17.73
N ASP C 625 -46.18 -25.36 19.01
CA ASP C 625 -44.81 -25.03 19.38
C ASP C 625 -44.04 -26.22 19.91
N TRP C 626 -44.46 -27.44 19.59
CA TRP C 626 -43.72 -28.59 20.10
C TRP C 626 -43.97 -29.80 19.23
N SER C 627 -43.09 -30.79 19.37
CA SER C 627 -43.11 -31.93 18.49
C SER C 627 -42.42 -33.11 19.16
N ALA C 628 -42.91 -34.31 18.85
CA ALA C 628 -42.29 -35.57 19.23
C ALA C 628 -42.12 -36.41 17.97
N GLY C 629 -41.17 -37.32 18.00
CA GLY C 629 -40.91 -38.15 16.85
C GLY C 629 -40.23 -39.46 17.22
N SER C 630 -40.41 -40.44 16.34
CA SER C 630 -39.94 -41.79 16.62
C SER C 630 -39.33 -42.35 15.35
N LEU C 631 -38.22 -43.07 15.50
CA LEU C 631 -37.43 -43.55 14.37
C LEU C 631 -37.23 -45.05 14.47
N TRP C 632 -37.40 -45.75 13.35
CA TRP C 632 -36.94 -47.13 13.29
C TRP C 632 -36.04 -47.30 12.09
N ARG C 633 -34.83 -47.80 12.34
CA ARG C 633 -33.85 -48.05 11.30
C ARG C 633 -33.61 -49.55 11.27
N VAL C 634 -33.82 -50.15 10.10
CA VAL C 634 -33.80 -51.60 9.93
C VAL C 634 -32.84 -51.92 8.81
N VAL C 635 -31.85 -52.76 9.09
CA VAL C 635 -30.77 -53.02 8.14
C VAL C 635 -30.73 -54.50 7.86
N ALA C 636 -30.86 -54.85 6.58
CA ALA C 636 -30.72 -56.23 6.15
C ALA C 636 -29.28 -56.67 6.31
N PRO C 637 -29.02 -57.96 6.29
CA PRO C 637 -27.62 -58.42 6.36
C PRO C 637 -26.94 -58.27 5.01
N GLN C 638 -25.63 -58.23 5.06
CA GLN C 638 -24.83 -58.25 3.85
C GLN C 638 -24.27 -59.66 3.67
N ASN C 639 -24.68 -60.35 2.61
CA ASN C 639 -24.10 -61.64 2.27
C ASN C 639 -23.27 -61.63 0.99
N ARG C 640 -23.11 -60.47 0.34
CA ARG C 640 -22.14 -60.30 -0.73
C ARG C 640 -20.90 -59.67 -0.11
N ILE C 641 -19.81 -60.43 -0.02
CA ILE C 641 -18.55 -59.86 0.44
C ILE C 641 -17.43 -60.35 -0.45
N ALA C 642 -16.32 -59.65 -0.43
CA ALA C 642 -15.12 -60.08 -1.12
C ALA C 642 -14.02 -60.08 -0.07
N ARG C 643 -13.84 -61.23 0.59
CA ARG C 643 -12.85 -61.35 1.66
C ARG C 643 -11.49 -60.80 1.21
N ASP C 644 -10.82 -60.13 2.13
CA ASP C 644 -9.45 -59.65 2.00
C ASP C 644 -9.29 -58.61 0.90
N GLN C 645 -10.38 -58.09 0.36
CA GLN C 645 -10.32 -56.97 -0.58
C GLN C 645 -11.15 -55.81 -0.06
N GLY C 646 -10.65 -54.60 -0.25
CA GLY C 646 -11.37 -53.40 0.14
C GLY C 646 -10.75 -52.15 -0.42
N ASN C 647 -10.27 -51.28 0.47
CA ASN C 647 -9.68 -50.00 0.10
C ASN C 647 -8.55 -49.72 1.07
N VAL C 648 -8.12 -48.46 1.13
CA VAL C 648 -6.96 -48.16 1.95
C VAL C 648 -7.29 -48.32 3.42
N VAL C 649 -8.56 -48.16 3.77
CA VAL C 649 -8.96 -48.12 5.17
C VAL C 649 -9.40 -49.50 5.68
N GLY C 650 -10.27 -50.18 4.95
CA GLY C 650 -10.79 -51.42 5.46
C GLY C 650 -10.87 -52.50 4.40
N LYS C 651 -10.94 -53.74 4.88
CA LYS C 651 -11.18 -54.90 4.05
C LYS C 651 -12.48 -55.55 4.48
N ASP C 652 -13.04 -56.34 3.57
CA ASP C 652 -14.13 -57.23 3.88
C ASP C 652 -13.57 -58.49 4.53
N PHE C 653 -14.22 -58.98 5.59
CA PHE C 653 -13.86 -60.31 6.03
C PHE C 653 -15.04 -61.25 6.24
N ASP C 654 -16.05 -60.84 7.00
CA ASP C 654 -17.17 -61.75 7.23
C ASP C 654 -18.47 -61.12 6.78
N LYS C 655 -19.43 -61.98 6.46
CA LYS C 655 -20.79 -61.53 6.27
C LYS C 655 -21.28 -60.83 7.54
N SER C 656 -22.31 -60.00 7.38
CA SER C 656 -22.82 -59.17 8.46
C SER C 656 -24.19 -59.64 8.95
N ALA C 657 -24.46 -59.38 10.22
CA ALA C 657 -25.79 -59.61 10.74
C ALA C 657 -26.62 -58.35 10.57
N GLY C 658 -27.88 -58.53 10.16
CA GLY C 658 -28.85 -57.45 10.22
C GLY C 658 -29.15 -56.98 11.63
N PHE C 659 -30.07 -56.02 11.79
CA PHE C 659 -30.40 -55.48 13.11
C PHE C 659 -31.51 -54.46 12.97
N GLY C 660 -32.13 -54.11 14.09
CA GLY C 660 -33.08 -53.01 14.14
C GLY C 660 -32.74 -52.10 15.31
N VAL C 661 -32.96 -50.80 15.09
CA VAL C 661 -32.61 -49.80 16.07
C VAL C 661 -33.76 -48.80 16.16
N PHE C 662 -34.21 -48.52 17.39
CA PHE C 662 -35.32 -47.62 17.65
C PHE C 662 -34.85 -46.42 18.44
N SER C 663 -35.45 -45.25 18.16
CA SER C 663 -35.09 -44.07 18.93
C SER C 663 -36.27 -43.09 19.00
N LEU C 664 -36.20 -42.17 19.97
CA LEU C 664 -37.25 -41.24 20.31
C LEU C 664 -36.66 -39.83 20.47
N ASN C 665 -37.45 -38.83 20.10
CA ASN C 665 -37.03 -37.45 20.28
C ASN C 665 -38.25 -36.58 20.49
N GLY C 666 -37.99 -35.37 21.02
CA GLY C 666 -39.01 -34.35 21.13
C GLY C 666 -38.34 -33.00 21.11
N ALA C 667 -39.15 -31.97 20.89
CA ALA C 667 -38.63 -30.61 20.85
C ALA C 667 -39.71 -29.63 21.31
N TYR C 668 -39.30 -28.59 22.03
CA TYR C 668 -40.20 -27.55 22.52
C TYR C 668 -39.62 -26.18 22.17
N ARG C 669 -40.48 -25.30 21.63
CA ARG C 669 -40.14 -23.90 21.45
C ARG C 669 -40.49 -23.17 22.74
N VAL C 670 -39.48 -22.92 23.56
CA VAL C 670 -39.67 -22.15 24.78
C VAL C 670 -40.07 -20.72 24.45
N THR C 671 -39.42 -20.11 23.45
CA THR C 671 -39.74 -18.78 22.95
C THR C 671 -39.32 -18.70 21.48
N ARG C 672 -39.55 -17.52 20.88
CA ARG C 672 -39.02 -17.24 19.55
C ARG C 672 -37.50 -17.33 19.51
N ASN C 673 -36.85 -17.24 20.67
CA ASN C 673 -35.41 -17.21 20.79
C ASN C 673 -34.80 -18.54 21.22
N VAL C 674 -35.59 -19.43 21.83
CA VAL C 674 -35.04 -20.53 22.63
C VAL C 674 -35.78 -21.82 22.30
N LYS C 675 -35.04 -22.86 21.92
CA LYS C 675 -35.64 -24.12 21.51
C LYS C 675 -34.96 -25.31 22.19
N LEU C 676 -35.76 -26.17 22.81
CA LEU C 676 -35.26 -27.36 23.48
C LEU C 676 -35.40 -28.59 22.59
N SER C 677 -34.44 -29.50 22.70
CA SER C 677 -34.49 -30.80 22.04
C SER C 677 -33.90 -31.84 22.99
N ALA C 678 -34.28 -33.09 22.74
CA ALA C 678 -33.82 -34.21 23.55
C ALA C 678 -34.17 -35.48 22.80
N GLY C 679 -33.37 -36.51 23.02
CA GLY C 679 -33.65 -37.78 22.40
C GLY C 679 -32.96 -38.90 23.11
N VAL C 680 -33.49 -40.11 22.91
CA VAL C 680 -32.82 -41.33 23.29
C VAL C 680 -32.59 -42.07 21.98
N ASP C 681 -31.33 -42.42 21.71
CA ASP C 681 -30.96 -43.21 20.54
C ASP C 681 -30.70 -44.64 20.97
N ASN C 682 -31.23 -45.59 20.20
CA ASN C 682 -31.06 -47.00 20.48
C ASN C 682 -31.70 -47.37 21.82
N LEU C 683 -33.00 -47.03 21.92
CA LEU C 683 -33.76 -47.19 23.16
C LEU C 683 -33.58 -48.57 23.75
N PHE C 684 -33.76 -49.61 22.92
CA PHE C 684 -33.65 -51.00 23.35
C PHE C 684 -32.24 -51.54 23.28
N ASP C 685 -31.25 -50.64 23.33
CA ASP C 685 -29.86 -50.95 23.64
C ASP C 685 -29.34 -52.12 22.79
N LYS C 686 -29.71 -52.13 21.52
CA LYS C 686 -29.29 -53.22 20.65
C LYS C 686 -27.76 -53.32 20.58
N ASP C 687 -27.24 -54.54 20.72
CA ASP C 687 -25.82 -54.85 20.56
C ASP C 687 -25.59 -55.14 19.09
N TYR C 688 -24.90 -54.24 18.38
CA TYR C 688 -24.77 -54.43 16.95
C TYR C 688 -23.53 -53.76 16.38
N THR C 689 -23.20 -54.16 15.16
CA THR C 689 -22.10 -53.61 14.40
C THR C 689 -22.58 -53.38 12.97
N GLU C 690 -22.00 -52.38 12.33
CA GLU C 690 -22.28 -52.11 10.93
C GLU C 690 -21.23 -52.77 10.06
N HIS C 691 -21.66 -53.20 8.87
CA HIS C 691 -20.79 -53.95 7.96
C HIS C 691 -19.50 -53.21 7.61
N LEU C 692 -19.60 -51.90 7.33
CA LEU C 692 -18.44 -51.16 6.83
C LEU C 692 -17.43 -50.77 7.90
N ASN C 693 -17.75 -50.98 9.17
CA ASN C 693 -16.86 -50.58 10.25
C ASN C 693 -15.54 -51.36 10.22
N LYS C 694 -14.48 -50.73 10.73
CA LYS C 694 -13.12 -51.24 10.63
C LYS C 694 -12.93 -52.52 11.48
N ALA C 695 -11.69 -53.01 11.52
CA ALA C 695 -11.30 -54.13 12.40
C ALA C 695 -11.71 -53.86 13.85
N ASP C 697 -9.24 -55.87 16.46
CA ASP C 697 -7.96 -55.16 16.55
C ASP C 697 -6.89 -56.00 17.30
N ALA C 698 -7.29 -56.55 18.46
CA ALA C 698 -6.51 -57.43 19.36
C ALA C 698 -5.84 -56.66 20.49
N GLY C 699 -5.17 -55.54 20.19
CA GLY C 699 -4.49 -54.77 21.23
C GLY C 699 -5.43 -54.07 22.19
N PHE C 700 -6.71 -53.98 21.89
CA PHE C 700 -7.72 -53.33 22.73
C PHE C 700 -8.76 -54.29 23.26
N GLY C 701 -8.63 -55.59 22.96
CA GLY C 701 -9.66 -56.57 23.18
C GLY C 701 -9.96 -57.31 21.89
N PHE C 702 -11.24 -57.50 21.56
CA PHE C 702 -11.66 -57.97 20.23
C PHE C 702 -11.06 -59.32 19.86
N SER C 703 -11.08 -59.64 18.55
CA SER C 703 -10.64 -60.94 18.04
C SER C 703 -10.73 -60.98 16.51
N ALA C 704 -9.58 -60.93 15.84
CA ALA C 704 -9.50 -61.10 14.39
C ALA C 704 -10.28 -59.97 13.73
N ASN C 705 -11.28 -60.27 12.90
CA ASN C 705 -11.98 -59.26 12.10
C ASN C 705 -13.35 -58.94 12.68
N GLU C 706 -13.42 -58.88 14.00
CA GLU C 706 -14.57 -58.30 14.72
C GLU C 706 -14.61 -56.80 14.46
N THR C 707 -15.69 -56.33 13.86
CA THR C 707 -15.81 -54.92 13.54
C THR C 707 -16.22 -54.11 14.79
N VAL C 708 -15.87 -52.82 14.78
CA VAL C 708 -16.20 -51.87 15.85
C VAL C 708 -17.69 -51.93 16.17
N PRO C 709 -18.08 -51.86 17.43
CA PRO C 709 -19.50 -51.91 17.77
C PRO C 709 -20.14 -50.55 17.72
N GLU C 710 -21.41 -50.53 17.36
CA GLU C 710 -22.10 -49.25 17.44
C GLU C 710 -22.46 -48.92 18.89
N PRO C 711 -22.75 -47.67 19.22
CA PRO C 711 -23.15 -47.35 20.59
C PRO C 711 -24.47 -48.02 20.96
N GLY C 712 -24.67 -48.17 22.28
CA GLY C 712 -25.91 -48.65 22.83
C GLY C 712 -26.87 -47.52 23.15
N ARG C 713 -27.63 -47.67 24.22
CA ARG C 713 -28.57 -46.62 24.55
C ARG C 713 -27.83 -45.33 24.91
N THR C 714 -28.24 -44.25 24.26
CA THR C 714 -27.63 -42.93 24.35
C THR C 714 -28.73 -41.91 24.57
N PHE C 715 -28.48 -41.00 25.51
CA PHE C 715 -29.36 -39.87 25.78
C PHE C 715 -28.67 -38.57 25.42
N TRP C 716 -29.46 -37.56 25.07
CA TRP C 716 -28.90 -36.26 24.73
C TRP C 716 -29.98 -35.19 24.84
N THR C 717 -29.52 -33.97 25.09
CA THR C 717 -30.41 -32.81 25.16
CA THR C 717 -30.40 -32.80 25.17
C THR C 717 -29.68 -31.63 24.53
N LYS C 718 -30.44 -30.71 23.95
CA LYS C 718 -29.82 -29.65 23.13
C LYS C 718 -30.68 -28.39 23.17
N VAL C 719 -30.09 -27.27 23.54
CA VAL C 719 -30.82 -26.01 23.52
C VAL C 719 -30.19 -25.14 22.46
N ASP C 720 -31.03 -24.48 21.66
CA ASP C 720 -30.61 -23.53 20.64
C ASP C 720 -31.15 -22.17 21.06
N PHE C 721 -30.24 -21.25 21.43
CA PHE C 721 -30.56 -19.84 21.57
C PHE C 721 -30.39 -19.16 20.23
N SER C 722 -31.24 -18.16 20.00
CA SER C 722 -31.12 -17.29 18.84
C SER C 722 -31.52 -15.88 19.26
N PHE C 723 -30.67 -14.91 18.97
CA PHE C 723 -31.08 -13.51 19.07
C PHE C 723 -30.15 -12.64 18.18
N LEU D 66 -16.13 -23.01 -68.14
CA LEU D 66 -16.35 -24.19 -68.97
C LEU D 66 -15.02 -24.85 -69.33
N ALA D 67 -14.03 -24.04 -69.71
CA ALA D 67 -12.79 -24.57 -70.27
C ALA D 67 -12.10 -25.51 -69.29
N PRO D 68 -11.58 -26.65 -69.74
CA PRO D 68 -11.02 -27.65 -68.83
C PRO D 68 -9.66 -27.18 -68.34
N SER D 69 -9.09 -27.93 -67.39
CA SER D 69 -7.84 -27.50 -66.78
C SER D 69 -7.16 -28.69 -66.11
N VAL D 70 -5.89 -28.50 -65.74
CA VAL D 70 -5.16 -29.46 -64.93
C VAL D 70 -5.09 -28.93 -63.51
N VAL D 71 -5.52 -29.73 -62.54
CA VAL D 71 -5.59 -29.31 -61.15
C VAL D 71 -4.18 -29.20 -60.59
N THR D 72 -3.82 -28.02 -60.07
CA THR D 72 -2.55 -27.80 -59.38
C THR D 72 -2.69 -27.57 -57.89
N GLY D 73 -3.88 -27.26 -57.42
CA GLY D 73 -4.19 -27.14 -56.00
C GLY D 73 -5.69 -27.21 -55.81
N VAL D 74 -6.10 -27.46 -54.58
CA VAL D 74 -7.52 -27.49 -54.25
C VAL D 74 -7.71 -26.55 -53.06
N ALA D 75 -8.60 -25.57 -53.23
CA ALA D 75 -8.91 -24.61 -52.17
C ALA D 75 -9.73 -25.27 -51.06
N GLN D 76 -9.62 -24.70 -49.85
CA GLN D 76 -10.59 -24.93 -48.79
C GLN D 76 -11.97 -24.46 -49.24
N SER D 77 -12.88 -25.37 -49.56
CA SER D 77 -14.16 -24.96 -50.12
C SER D 77 -15.14 -24.45 -49.06
N SER D 78 -14.95 -24.83 -47.80
CA SER D 78 -15.74 -24.35 -46.67
C SER D 78 -14.89 -24.52 -45.41
N PRO D 79 -15.35 -24.00 -44.23
CA PRO D 79 -14.50 -24.09 -43.03
C PRO D 79 -13.92 -25.47 -42.82
N LEU D 80 -12.59 -25.54 -42.75
CA LEU D 80 -11.85 -26.74 -42.36
C LEU D 80 -11.86 -27.88 -43.36
N THR D 81 -12.67 -27.80 -44.44
CA THR D 81 -12.84 -28.94 -45.31
C THR D 81 -12.60 -28.60 -46.77
N ILE D 82 -12.16 -29.63 -47.51
CA ILE D 82 -11.78 -29.57 -48.91
C ILE D 82 -12.59 -30.64 -49.63
N VAL D 83 -13.19 -30.29 -50.78
CA VAL D 83 -13.91 -31.24 -51.61
C VAL D 83 -13.37 -31.17 -53.02
N THR D 84 -12.90 -32.30 -53.55
CA THR D 84 -12.33 -32.38 -54.90
C THR D 84 -12.93 -33.54 -55.67
N ASN D 85 -12.78 -33.48 -56.99
CA ASN D 85 -13.05 -34.61 -57.85
C ASN D 85 -11.74 -35.28 -58.22
N PRO D 86 -11.46 -36.49 -57.77
CA PRO D 86 -10.17 -37.11 -58.11
C PRO D 86 -10.06 -37.57 -59.56
N LYS D 87 -11.12 -37.50 -60.36
CA LYS D 87 -11.07 -38.01 -61.73
C LYS D 87 -10.52 -36.98 -62.73
N GLU D 88 -10.11 -35.79 -62.26
CA GLU D 88 -9.56 -34.62 -62.95
C GLU D 88 -8.04 -34.70 -63.01
N PRO D 89 -7.41 -34.39 -64.14
CA PRO D 89 -5.94 -34.48 -64.23
C PRO D 89 -5.23 -33.49 -63.31
N ARG D 90 -4.18 -33.98 -62.64
CA ARG D 90 -3.42 -33.22 -61.66
C ARG D 90 -1.97 -33.02 -62.11
N GLN D 91 -1.36 -31.89 -61.69
CA GLN D 91 -0.18 -31.44 -62.45
C GLN D 91 1.11 -32.18 -62.14
N PRO D 92 1.56 -32.31 -60.92
CA PRO D 92 2.56 -33.36 -60.71
C PRO D 92 1.80 -34.67 -60.83
N VAL D 93 2.02 -35.44 -61.88
CA VAL D 93 1.07 -36.52 -62.18
C VAL D 93 1.11 -37.58 -61.08
N PRO D 94 -0.01 -37.91 -60.45
CA PRO D 94 0.04 -38.79 -59.27
C PRO D 94 0.09 -40.26 -59.66
N ALA D 95 0.70 -41.06 -58.80
CA ALA D 95 0.63 -42.49 -58.99
C ALA D 95 -0.78 -42.98 -58.66
N SER D 96 -1.14 -44.17 -59.11
CA SER D 96 -2.45 -44.65 -58.67
C SER D 96 -2.36 -44.84 -57.17
N ASP D 97 -2.69 -43.79 -56.43
CA ASP D 97 -2.19 -43.71 -55.08
C ASP D 97 -2.95 -42.69 -54.26
N GLY D 98 -3.49 -43.09 -53.11
CA GLY D 98 -4.22 -42.14 -52.28
C GLY D 98 -3.35 -41.00 -51.78
N ALA D 99 -2.11 -41.32 -51.40
CA ALA D 99 -1.19 -40.28 -50.93
C ALA D 99 -0.88 -39.25 -52.02
N ASP D 100 -0.70 -39.69 -53.26
CA ASP D 100 -0.32 -38.74 -54.30
C ASP D 100 -1.46 -37.79 -54.68
N TYR D 101 -2.72 -38.20 -54.52
CA TYR D 101 -3.86 -37.31 -54.77
C TYR D 101 -4.07 -36.30 -53.65
N LEU D 102 -3.33 -36.41 -52.56
CA LEU D 102 -3.42 -35.47 -51.44
C LEU D 102 -2.36 -34.39 -51.53
N LYS D 103 -1.35 -34.59 -52.39
CA LYS D 103 -0.28 -33.62 -52.56
C LYS D 103 -0.82 -32.29 -53.07
N THR D 104 -1.96 -32.32 -53.77
CA THR D 104 -2.55 -31.10 -54.29
C THR D 104 -3.31 -30.30 -53.25
N ILE D 105 -3.31 -30.74 -52.00
CA ILE D 105 -4.11 -30.12 -50.94
C ILE D 105 -3.15 -29.53 -49.91
N PRO D 106 -3.15 -28.21 -49.74
CA PRO D 106 -2.24 -27.57 -48.78
C PRO D 106 -2.33 -28.23 -47.42
N GLY D 107 -1.18 -28.57 -46.87
CA GLY D 107 -1.09 -29.24 -45.59
C GLY D 107 -0.55 -30.65 -45.66
N PHE D 108 -0.54 -31.27 -46.84
CA PHE D 108 -0.13 -32.66 -47.02
C PHE D 108 1.29 -32.73 -47.59
N ALA D 109 2.13 -33.53 -46.95
CA ALA D 109 3.42 -34.01 -47.45
C ALA D 109 3.40 -35.52 -47.53
N VAL D 110 4.22 -36.10 -48.40
CA VAL D 110 4.26 -37.56 -48.57
C VAL D 110 5.66 -38.06 -48.31
N ILE D 111 5.76 -39.14 -47.52
CA ILE D 111 7.04 -39.79 -47.31
C ILE D 111 7.27 -40.71 -48.49
N ARG D 112 8.33 -40.45 -49.26
CA ARG D 112 8.53 -41.23 -50.48
C ARG D 112 9.23 -42.54 -50.16
N ASN D 113 8.78 -43.60 -50.80
CA ASN D 113 9.35 -44.92 -50.62
C ASN D 113 9.91 -45.51 -51.89
N GLY D 114 9.48 -45.01 -53.05
CA GLY D 114 9.75 -45.60 -54.34
C GLY D 114 9.00 -44.78 -55.35
N GLY D 115 8.12 -45.42 -56.12
CA GLY D 115 7.43 -44.70 -57.18
C GLY D 115 5.96 -44.55 -56.90
N SER D 116 5.46 -45.45 -56.08
CA SER D 116 4.11 -45.32 -55.58
C SER D 116 4.16 -45.55 -54.08
N ASN D 117 3.00 -45.67 -53.44
CA ASN D 117 2.86 -46.14 -52.05
C ASN D 117 3.65 -45.28 -51.08
N GLY D 118 3.48 -43.98 -51.18
CA GLY D 118 3.98 -43.12 -50.13
C GLY D 118 3.08 -43.12 -48.92
N ASP D 119 3.65 -42.66 -47.79
CA ASP D 119 2.93 -42.50 -46.54
C ASP D 119 2.56 -41.04 -46.35
N PRO D 120 1.27 -40.69 -46.24
CA PRO D 120 0.87 -39.27 -46.24
C PRO D 120 0.97 -38.63 -44.87
N VAL D 121 1.28 -37.34 -44.87
CA VAL D 121 1.51 -36.57 -43.65
C VAL D 121 0.63 -35.32 -43.67
N LEU D 122 -0.17 -35.13 -42.62
CA LEU D 122 -1.05 -33.96 -42.52
C LEU D 122 -0.59 -33.08 -41.38
N ARG D 123 -0.37 -31.80 -41.68
CA ARG D 123 0.22 -30.84 -40.75
C ARG D 123 1.26 -31.48 -39.84
N GLY D 124 2.16 -32.25 -40.42
CA GLY D 124 3.24 -32.88 -39.70
C GLY D 124 2.89 -34.23 -39.13
N MET D 125 1.60 -34.50 -38.97
CA MET D 125 1.11 -35.65 -38.26
C MET D 125 1.05 -36.82 -39.24
N PHE D 126 1.37 -38.00 -38.72
CA PHE D 126 1.60 -39.17 -39.53
C PHE D 126 0.73 -40.32 -39.06
N GLY D 127 0.35 -41.19 -39.98
CA GLY D 127 -0.11 -42.53 -39.57
C GLY D 127 -1.58 -42.56 -39.26
N SER D 128 -1.93 -43.26 -38.20
CA SER D 128 -3.33 -43.47 -37.85
C SER D 128 -3.99 -42.21 -37.27
N ARG D 129 -3.23 -41.12 -37.06
CA ARG D 129 -3.80 -39.82 -36.71
C ARG D 129 -4.60 -39.25 -37.86
N LEU D 130 -4.29 -39.70 -39.07
CA LEU D 130 -5.12 -39.47 -40.25
C LEU D 130 -6.09 -40.62 -40.34
N ASN D 131 -7.37 -40.30 -40.46
CA ASN D 131 -8.42 -41.31 -40.52
C ASN D 131 -8.90 -41.43 -41.97
N ILE D 132 -8.49 -42.50 -42.66
CA ILE D 132 -8.66 -42.59 -44.11
C ILE D 132 -9.69 -43.67 -44.43
N LEU D 133 -10.75 -43.29 -45.12
CA LEU D 133 -11.87 -44.20 -45.37
C LEU D 133 -12.15 -44.33 -46.86
N THR D 134 -12.62 -45.51 -47.25
CA THR D 134 -13.06 -45.77 -48.62
C THR D 134 -14.51 -46.21 -48.53
N ASN D 135 -15.41 -45.42 -49.11
CA ASN D 135 -16.87 -45.65 -49.02
C ASN D 135 -17.31 -45.90 -47.56
N GLY D 136 -16.82 -45.07 -46.65
CA GLY D 136 -17.18 -45.18 -45.26
C GLY D 136 -16.53 -46.32 -44.51
N GLY D 137 -15.88 -47.26 -45.19
CA GLY D 137 -15.16 -48.33 -44.55
C GLY D 137 -13.65 -48.08 -44.48
N MET D 138 -12.97 -48.98 -43.78
CA MET D 138 -11.58 -48.74 -43.40
C MET D 138 -10.72 -49.91 -43.84
N MET D 139 -9.78 -49.63 -44.74
CA MET D 139 -8.90 -50.65 -45.31
C MET D 139 -7.51 -50.47 -44.73
N LEU D 140 -7.02 -51.49 -44.03
CA LEU D 140 -5.79 -51.41 -43.24
C LEU D 140 -4.75 -52.34 -43.82
N GLY D 141 -3.50 -51.92 -43.77
CA GLY D 141 -2.41 -52.72 -44.31
C GLY D 141 -1.86 -53.71 -43.32
N ALA D 142 -0.92 -54.53 -43.81
CA ALA D 142 -0.38 -55.65 -43.06
C ALA D 142 1.11 -55.57 -42.81
N CYS D 143 1.86 -54.78 -43.56
CA CYS D 143 3.31 -54.82 -43.39
C CYS D 143 3.68 -54.17 -42.07
N PRO D 144 4.55 -54.79 -41.27
CA PRO D 144 4.96 -54.20 -39.98
C PRO D 144 5.74 -52.92 -40.13
N ASN D 145 6.05 -52.52 -41.37
CA ASN D 145 6.82 -51.32 -41.66
C ASN D 145 6.07 -50.37 -42.58
N ARG D 146 4.76 -50.58 -42.72
CA ARG D 146 3.88 -49.70 -43.47
C ARG D 146 4.35 -49.54 -44.91
N MET D 147 4.89 -50.62 -45.50
CA MET D 147 5.11 -50.61 -46.93
C MET D 147 3.81 -50.57 -47.71
N ASP D 148 2.71 -50.99 -47.07
CA ASP D 148 1.39 -50.94 -47.67
C ASP D 148 0.46 -50.09 -46.80
N ALA D 149 0.83 -48.83 -46.59
CA ALA D 149 -0.03 -47.91 -45.86
C ALA D 149 -1.40 -47.83 -46.55
N PRO D 150 -2.44 -47.50 -45.80
CA PRO D 150 -3.80 -47.59 -46.36
C PRO D 150 -4.02 -46.89 -47.70
N THR D 151 -3.38 -45.75 -47.95
CA THR D 151 -3.58 -45.10 -49.24
C THR D 151 -2.99 -45.90 -50.40
N SER D 152 -2.09 -46.83 -50.12
CA SER D 152 -1.53 -47.69 -51.15
C SER D 152 -2.55 -48.64 -51.77
N TYR D 153 -3.62 -48.99 -51.05
CA TYR D 153 -4.67 -49.83 -51.62
C TYR D 153 -5.74 -49.01 -52.34
N ILE D 154 -5.64 -47.69 -52.28
CA ILE D 154 -6.61 -46.76 -52.87
C ILE D 154 -6.10 -46.27 -54.21
N SER D 155 -6.95 -46.35 -55.25
CA SER D 155 -6.73 -45.73 -56.55
C SER D 155 -7.75 -44.61 -56.73
N PRO D 156 -7.42 -43.36 -56.40
CA PRO D 156 -8.43 -42.30 -56.38
C PRO D 156 -9.24 -42.14 -57.65
N GLU D 157 -8.72 -42.55 -58.82
CA GLU D 157 -9.42 -42.33 -60.07
C GLU D 157 -10.70 -43.14 -60.17
N THR D 158 -10.82 -44.18 -59.36
CA THR D 158 -12.02 -44.99 -59.31
C THR D 158 -13.05 -44.46 -58.31
N TYR D 159 -12.73 -43.36 -57.63
CA TYR D 159 -13.62 -42.74 -56.66
C TYR D 159 -14.15 -41.43 -57.22
N ASP D 160 -15.31 -41.01 -56.74
CA ASP D 160 -15.98 -39.84 -57.28
C ASP D 160 -15.76 -38.58 -56.44
N LYS D 161 -15.51 -38.74 -55.14
CA LYS D 161 -15.30 -37.59 -54.27
C LYS D 161 -14.14 -37.88 -53.33
N LEU D 162 -13.28 -36.88 -53.18
CA LEU D 162 -12.29 -36.88 -52.12
C LEU D 162 -12.63 -35.69 -51.23
N THR D 163 -12.76 -35.95 -49.93
CA THR D 163 -13.13 -34.96 -48.93
C THR D 163 -12.15 -35.03 -47.78
N VAL D 164 -11.61 -33.87 -47.39
CA VAL D 164 -10.76 -33.80 -46.20
C VAL D 164 -11.42 -32.87 -45.21
N ILE D 165 -11.53 -33.33 -43.96
CA ILE D 165 -11.84 -32.48 -42.81
C ILE D 165 -10.56 -32.37 -41.99
N LYS D 166 -10.09 -31.14 -41.75
CA LYS D 166 -8.81 -30.89 -41.09
C LYS D 166 -9.00 -30.69 -39.59
N GLY D 167 -8.17 -31.34 -38.78
CA GLY D 167 -8.24 -31.20 -37.33
C GLY D 167 -9.27 -32.13 -36.67
N PRO D 168 -9.24 -32.20 -35.36
CA PRO D 168 -10.18 -33.12 -34.67
C PRO D 168 -11.57 -32.52 -34.59
N GLN D 169 -12.18 -32.36 -35.76
CA GLN D 169 -13.40 -31.57 -35.92
C GLN D 169 -14.56 -32.35 -36.53
N THR D 170 -14.52 -33.67 -36.45
CA THR D 170 -15.73 -34.45 -36.65
C THR D 170 -15.67 -35.73 -35.83
N VAL D 171 -16.85 -36.20 -35.42
CA VAL D 171 -17.00 -37.46 -34.71
C VAL D 171 -17.71 -38.51 -35.55
N LEU D 172 -18.18 -38.15 -36.74
CA LEU D 172 -19.07 -39.02 -37.48
C LEU D 172 -18.39 -40.25 -38.08
N TRP D 173 -17.06 -40.32 -38.10
CA TRP D 173 -16.42 -41.25 -39.02
C TRP D 173 -15.37 -42.13 -38.36
N GLY D 174 -15.31 -42.18 -37.05
CA GLY D 174 -14.46 -43.14 -36.42
C GLY D 174 -13.58 -42.49 -35.39
N PRO D 175 -12.84 -43.30 -34.63
CA PRO D 175 -12.07 -42.76 -33.51
C PRO D 175 -10.66 -42.39 -33.90
N GLY D 176 -10.11 -41.44 -33.16
CA GLY D 176 -8.70 -41.11 -33.24
C GLY D 176 -8.32 -40.27 -34.41
N ALA D 177 -9.26 -39.49 -34.97
CA ALA D 177 -8.95 -38.64 -36.10
C ALA D 177 -8.39 -37.31 -35.59
N SER D 178 -7.19 -37.38 -35.01
CA SER D 178 -6.58 -36.21 -34.40
C SER D 178 -6.10 -35.19 -35.44
N ALA D 179 -5.46 -35.65 -36.52
CA ALA D 179 -4.93 -34.72 -37.53
C ALA D 179 -5.99 -34.31 -38.55
N GLY D 180 -6.77 -35.28 -39.04
CA GLY D 180 -7.85 -34.99 -39.96
C GLY D 180 -8.56 -36.27 -40.39
N THR D 181 -9.61 -36.08 -41.18
CA THR D 181 -10.34 -37.17 -41.77
C THR D 181 -10.35 -37.06 -43.30
N ILE D 182 -10.20 -38.20 -43.96
CA ILE D 182 -10.03 -38.29 -45.41
C ILE D 182 -11.05 -39.30 -45.94
N LEU D 183 -11.94 -38.83 -46.81
CA LEU D 183 -13.07 -39.62 -47.30
C LEU D 183 -13.03 -39.70 -48.82
N PHE D 184 -12.64 -40.87 -49.34
CA PHE D 184 -12.91 -41.25 -50.73
C PHE D 184 -14.26 -41.97 -50.79
N GLU D 185 -15.16 -41.53 -51.68
CA GLU D 185 -16.40 -42.28 -51.82
C GLU D 185 -16.87 -42.33 -53.28
N ARG D 186 -17.76 -43.29 -53.56
CA ARG D 186 -18.40 -43.43 -54.86
C ARG D 186 -19.88 -43.11 -54.71
N GLU D 187 -20.35 -42.06 -55.38
CA GLU D 187 -21.74 -41.64 -55.24
C GLU D 187 -22.68 -42.70 -55.82
N PRO D 188 -23.80 -42.99 -55.14
CA PRO D 188 -24.73 -44.00 -55.66
C PRO D 188 -25.30 -43.57 -56.99
N GLU D 189 -25.41 -44.53 -57.91
CA GLU D 189 -25.99 -44.25 -59.21
C GLU D 189 -27.42 -43.79 -59.04
N ARG D 190 -27.88 -43.00 -59.98
CA ARG D 190 -29.31 -42.79 -60.10
C ARG D 190 -29.69 -42.79 -61.57
N PHE D 191 -30.88 -43.31 -61.83
CA PHE D 191 -31.39 -43.52 -63.18
C PHE D 191 -32.89 -43.23 -63.15
N GLY D 192 -33.32 -42.16 -63.82
CA GLY D 192 -34.73 -41.91 -64.00
C GLY D 192 -35.38 -42.74 -65.09
N GLU D 193 -34.64 -43.65 -65.70
CA GLU D 193 -35.09 -44.46 -66.83
C GLU D 193 -33.96 -45.42 -67.18
N LEU D 194 -34.27 -46.47 -67.94
CA LEU D 194 -33.27 -47.50 -68.28
C LEU D 194 -32.21 -46.90 -69.19
N GLY D 195 -31.01 -46.69 -68.67
CA GLY D 195 -29.94 -46.10 -69.45
C GLY D 195 -28.59 -46.59 -68.99
N SER D 196 -27.53 -45.97 -69.49
CA SER D 196 -26.18 -46.37 -69.10
C SER D 196 -25.23 -45.19 -69.29
N ARG D 197 -24.24 -45.12 -68.43
CA ARG D 197 -23.23 -44.06 -68.50
C ARG D 197 -21.86 -44.72 -68.45
N VAL D 198 -20.92 -44.22 -69.25
CA VAL D 198 -19.60 -44.83 -69.36
C VAL D 198 -18.53 -43.76 -69.20
N ASN D 199 -17.47 -44.12 -68.46
CA ASN D 199 -16.43 -43.19 -68.09
C ASN D 199 -15.09 -43.90 -68.21
N ALA D 200 -14.16 -43.32 -68.98
CA ALA D 200 -12.88 -43.99 -69.17
C ALA D 200 -11.76 -42.97 -69.37
N SER D 201 -10.56 -43.36 -68.97
CA SER D 201 -9.40 -42.51 -69.17
C SER D 201 -8.17 -43.36 -69.44
N LEU D 202 -7.29 -42.82 -70.27
CA LEU D 202 -6.00 -43.43 -70.54
C LEU D 202 -4.92 -42.38 -70.32
N LEU D 203 -3.84 -42.79 -69.68
CA LEU D 203 -2.73 -41.89 -69.45
C LEU D 203 -1.40 -42.58 -69.74
N ALA D 204 -0.51 -41.86 -70.42
CA ALA D 204 0.79 -42.38 -70.81
C ALA D 204 1.83 -41.30 -70.53
N GLY D 205 3.02 -41.73 -70.15
CA GLY D 205 4.06 -40.76 -69.90
C GLY D 205 5.42 -41.40 -69.83
N SER D 206 6.40 -40.57 -69.49
CA SER D 206 7.79 -40.99 -69.37
C SER D 206 7.94 -42.25 -68.54
N ASN D 207 8.91 -43.08 -68.94
CA ASN D 207 9.42 -44.19 -68.14
C ASN D 207 8.37 -45.29 -67.97
N GLY D 208 7.69 -45.62 -69.06
CA GLY D 208 6.77 -46.72 -69.07
C GLY D 208 5.44 -46.44 -68.44
N ARG D 209 5.14 -45.19 -68.08
CA ARG D 209 3.90 -44.91 -67.36
C ARG D 209 2.69 -45.08 -68.28
N PHE D 210 1.72 -45.86 -67.80
CA PHE D 210 0.51 -46.23 -68.56
C PHE D 210 -0.59 -46.54 -67.56
N ASP D 211 -1.68 -45.79 -67.61
CA ASP D 211 -2.80 -45.92 -66.68
C ASP D 211 -4.07 -46.08 -67.50
N LYS D 212 -4.74 -47.21 -67.36
CA LYS D 212 -6.10 -47.30 -67.86
C LYS D 212 -7.05 -47.18 -66.66
N VAL D 213 -8.25 -46.66 -66.93
CA VAL D 213 -9.29 -46.47 -65.92
C VAL D 213 -10.65 -46.63 -66.59
N LEU D 214 -11.54 -47.40 -65.96
CA LEU D 214 -12.89 -47.61 -66.48
C LEU D 214 -13.93 -47.56 -65.36
N ASP D 215 -15.07 -46.97 -65.69
CA ASP D 215 -16.18 -46.80 -64.75
C ASP D 215 -17.45 -46.84 -65.60
N ALA D 216 -18.21 -47.94 -65.51
CA ALA D 216 -19.44 -48.07 -66.29
C ALA D 216 -20.58 -48.56 -65.42
N ALA D 217 -21.78 -48.08 -65.74
CA ALA D 217 -22.99 -48.38 -65.00
C ALA D 217 -24.17 -48.43 -65.95
N ALA D 218 -25.11 -49.33 -65.66
CA ALA D 218 -26.43 -49.34 -66.29
C ALA D 218 -27.49 -49.58 -65.22
N GLY D 219 -28.67 -49.01 -65.43
CA GLY D 219 -29.74 -49.22 -64.47
C GLY D 219 -31.02 -48.51 -64.89
N ASN D 220 -32.04 -48.69 -64.06
CA ASN D 220 -33.35 -48.05 -64.21
C ASN D 220 -33.78 -47.52 -62.86
N ARG D 221 -35.00 -46.96 -62.80
CA ARG D 221 -35.50 -46.41 -61.55
C ARG D 221 -35.42 -47.40 -60.40
N LEU D 222 -35.55 -48.69 -60.69
CA LEU D 222 -35.60 -49.71 -59.64
C LEU D 222 -34.23 -50.16 -59.15
N GLY D 223 -33.18 -50.00 -59.96
CA GLY D 223 -31.88 -50.48 -59.54
C GLY D 223 -30.81 -50.15 -60.56
N TYR D 224 -29.61 -50.67 -60.32
CA TYR D 224 -28.48 -50.46 -61.22
C TYR D 224 -27.39 -51.46 -60.84
N LEU D 225 -26.37 -51.54 -61.70
CA LEU D 225 -25.17 -52.28 -61.38
C LEU D 225 -24.01 -51.65 -62.13
N ARG D 226 -22.91 -51.42 -61.44
CA ARG D 226 -21.82 -50.60 -61.96
C ARG D 226 -20.49 -51.32 -61.78
N PHE D 227 -19.63 -51.22 -62.78
CA PHE D 227 -18.27 -51.71 -62.67
C PHE D 227 -17.31 -50.54 -62.77
N THR D 228 -16.33 -50.51 -61.86
CA THR D 228 -15.25 -49.55 -61.90
C THR D 228 -13.96 -50.31 -61.67
N GLY D 229 -12.97 -50.09 -62.52
CA GLY D 229 -11.72 -50.77 -62.34
C GLY D 229 -10.63 -49.93 -62.95
N ASN D 230 -9.40 -50.31 -62.68
CA ASN D 230 -8.29 -49.60 -63.30
C ASN D 230 -7.08 -50.51 -63.36
N HIS D 231 -6.18 -50.19 -64.29
CA HIS D 231 -4.86 -50.80 -64.37
C HIS D 231 -3.83 -49.70 -64.65
N ALA D 232 -2.66 -49.83 -64.05
CA ALA D 232 -1.67 -48.75 -64.06
C ALA D 232 -0.30 -49.28 -63.66
N GLN D 233 0.75 -48.63 -64.15
CA GLN D 233 2.09 -49.18 -63.95
C GLN D 233 3.09 -48.15 -64.40
N SER D 234 4.33 -48.29 -63.91
CA SER D 234 5.46 -47.51 -64.41
C SER D 234 6.78 -48.24 -64.13
N ASP D 235 7.77 -48.06 -65.04
CA ASP D 235 9.14 -48.48 -64.78
C ASP D 235 9.79 -47.50 -63.80
N ASP D 236 11.05 -47.74 -63.47
CA ASP D 236 11.76 -46.82 -62.60
C ASP D 236 11.76 -45.42 -63.20
N TYR D 237 11.97 -44.42 -62.35
CA TYR D 237 12.09 -43.05 -62.82
C TYR D 237 13.52 -42.57 -62.65
N GLU D 238 13.85 -41.44 -63.29
CA GLU D 238 15.15 -40.80 -63.08
C GLU D 238 15.01 -39.54 -62.24
N ASP D 239 16.09 -39.21 -61.53
CA ASP D 239 16.12 -37.98 -60.76
C ASP D 239 16.65 -36.84 -61.64
N GLY D 240 16.86 -35.67 -61.04
CA GLY D 240 17.45 -34.59 -61.78
C GLY D 240 18.90 -34.81 -62.13
N ALA D 241 19.54 -35.81 -61.53
CA ALA D 241 20.94 -36.13 -61.77
C ALA D 241 21.12 -37.36 -62.67
N GLY D 242 20.12 -37.71 -63.47
CA GLY D 242 20.29 -38.77 -64.44
C GLY D 242 20.39 -40.18 -63.87
N ASN D 243 20.29 -40.37 -62.56
CA ASN D 243 20.33 -41.69 -61.96
C ASN D 243 18.98 -42.38 -62.01
N THR D 244 19.02 -43.69 -62.20
CA THR D 244 17.82 -44.51 -62.15
C THR D 244 17.53 -44.91 -60.70
N VAL D 245 16.32 -44.61 -60.24
CA VAL D 245 15.88 -44.87 -58.86
C VAL D 245 15.08 -46.16 -58.83
N PRO D 246 15.28 -47.03 -57.82
CA PRO D 246 14.44 -48.23 -57.70
C PRO D 246 12.99 -47.86 -57.41
N SER D 247 12.09 -48.00 -58.38
CA SER D 247 10.81 -47.36 -58.17
C SER D 247 9.64 -47.92 -58.97
N ARG D 248 9.88 -48.94 -59.81
CA ARG D 248 8.81 -49.45 -60.67
C ARG D 248 7.65 -49.96 -59.82
N TRP D 249 6.43 -49.81 -60.34
CA TRP D 249 5.27 -50.32 -59.64
C TRP D 249 4.22 -50.76 -60.66
N LYS D 250 3.27 -51.58 -60.19
CA LYS D 250 2.18 -52.06 -61.01
C LYS D 250 0.94 -52.25 -60.14
N LYS D 251 -0.23 -51.90 -60.69
CA LYS D 251 -1.46 -51.89 -59.91
C LYS D 251 -2.67 -52.21 -60.79
N TRP D 252 -3.63 -52.93 -60.22
CA TRP D 252 -4.97 -53.06 -60.80
C TRP D 252 -6.01 -53.15 -59.69
N ASN D 253 -7.25 -52.85 -60.06
CA ASN D 253 -8.41 -52.93 -59.18
C ASN D 253 -9.65 -53.25 -60.00
N GLY D 254 -10.54 -54.02 -59.41
CA GLY D 254 -11.86 -54.23 -59.98
C GLY D 254 -12.91 -54.22 -58.88
N ASP D 255 -14.02 -53.56 -59.11
CA ASP D 255 -15.05 -53.37 -58.10
C ASP D 255 -16.41 -53.38 -58.79
N VAL D 256 -17.36 -54.17 -58.27
CA VAL D 256 -18.72 -54.17 -58.77
C VAL D 256 -19.65 -53.65 -57.68
N ALA D 257 -20.84 -53.25 -58.11
CA ALA D 257 -21.79 -52.58 -57.21
C ALA D 257 -23.20 -52.85 -57.73
N VAL D 258 -23.91 -53.78 -57.06
CA VAL D 258 -25.33 -54.02 -57.31
C VAL D 258 -26.11 -53.09 -56.42
N GLY D 259 -27.11 -52.41 -56.98
CA GLY D 259 -27.89 -51.44 -56.23
C GLY D 259 -29.36 -51.59 -56.53
N TRP D 260 -30.19 -51.25 -55.54
CA TRP D 260 -31.63 -51.48 -55.59
C TRP D 260 -32.34 -50.32 -54.94
N THR D 261 -33.26 -49.70 -55.68
CA THR D 261 -34.06 -48.56 -55.20
C THR D 261 -35.53 -48.87 -55.38
N PRO D 262 -36.19 -49.48 -54.39
CA PRO D 262 -37.60 -49.90 -54.59
C PRO D 262 -38.57 -48.75 -54.60
N ASP D 263 -38.25 -47.65 -53.94
CA ASP D 263 -38.88 -46.36 -54.22
C ASP D 263 -37.80 -45.30 -54.11
N GLU D 264 -38.17 -44.04 -54.32
CA GLU D 264 -37.16 -42.99 -54.33
C GLU D 264 -36.72 -42.58 -52.93
N ASP D 265 -37.25 -43.21 -51.88
CA ASP D 265 -36.84 -42.97 -50.49
C ASP D 265 -35.95 -44.06 -49.93
N THR D 266 -35.55 -45.05 -50.74
CA THR D 266 -34.85 -46.23 -50.26
C THR D 266 -33.67 -46.57 -51.15
N LEU D 267 -32.66 -47.23 -50.58
CA LEU D 267 -31.50 -47.66 -51.35
C LEU D 267 -30.77 -48.77 -50.60
N ILE D 268 -30.57 -49.90 -51.26
CA ILE D 268 -29.72 -50.97 -50.75
C ILE D 268 -28.65 -51.22 -51.79
N GLU D 269 -27.39 -51.24 -51.37
CA GLU D 269 -26.31 -51.41 -52.32
C GLU D 269 -25.29 -52.41 -51.82
N LEU D 270 -24.89 -53.32 -52.69
CA LEU D 270 -23.99 -54.41 -52.39
C LEU D 270 -22.73 -54.26 -53.25
N THR D 271 -21.57 -54.30 -52.61
CA THR D 271 -20.31 -54.05 -53.29
C THR D 271 -19.36 -55.20 -53.03
N ALA D 272 -18.50 -55.47 -54.01
CA ALA D 272 -17.43 -56.43 -53.86
C ALA D 272 -16.35 -56.14 -54.88
N GLY D 273 -15.11 -56.43 -54.53
CA GLY D 273 -14.04 -56.23 -55.48
C GLY D 273 -12.71 -56.70 -54.93
N LYS D 274 -11.72 -56.72 -55.80
CA LYS D 274 -10.39 -57.12 -55.39
C LYS D 274 -9.37 -56.25 -56.11
N GLY D 275 -8.10 -56.43 -55.76
CA GLY D 275 -7.02 -55.79 -56.48
C GLY D 275 -5.70 -56.40 -56.07
N ASP D 276 -4.66 -56.01 -56.81
CA ASP D 276 -3.31 -56.50 -56.54
C ASP D 276 -2.32 -55.45 -57.04
N GLY D 277 -1.08 -55.54 -56.57
CA GLY D 277 -0.03 -54.69 -57.11
C GLY D 277 1.33 -55.07 -56.57
N GLU D 278 2.36 -54.55 -57.23
CA GLU D 278 3.74 -54.72 -56.80
C GLU D 278 4.47 -53.39 -56.90
N ALA D 279 5.51 -53.23 -56.09
CA ALA D 279 6.22 -51.96 -56.02
C ALA D 279 7.67 -52.18 -55.60
N ARG D 280 8.61 -51.57 -56.33
CA ARG D 280 10.01 -51.54 -55.92
C ARG D 280 10.23 -50.39 -54.94
N TYR D 281 10.96 -50.66 -53.85
CA TYR D 281 11.22 -49.64 -52.83
C TYR D 281 12.70 -49.28 -52.80
N ALA D 282 13.00 -48.01 -53.01
CA ALA D 282 14.36 -47.51 -52.90
C ALA D 282 14.79 -47.37 -51.45
N GLY D 283 13.88 -47.04 -50.56
CA GLY D 283 14.27 -46.81 -49.20
C GLY D 283 14.30 -48.00 -48.26
N ARG D 284 14.02 -49.23 -48.72
CA ARG D 284 13.87 -50.35 -47.82
C ARG D 284 14.73 -51.53 -48.26
N GLY D 285 15.08 -52.39 -47.30
CA GLY D 285 15.83 -53.58 -47.62
C GLY D 285 15.04 -54.65 -48.35
N MET D 286 13.85 -54.31 -48.83
CA MET D 286 12.91 -55.32 -49.33
C MET D 286 11.86 -54.64 -50.21
N ASP D 287 11.35 -55.36 -51.20
CA ASP D 287 10.35 -54.81 -52.11
C ASP D 287 9.02 -55.50 -51.90
N GLY D 288 7.94 -54.78 -52.21
CA GLY D 288 6.60 -55.35 -52.20
C GLY D 288 6.29 -56.07 -53.49
N SER D 289 6.20 -57.39 -53.44
CA SER D 289 5.89 -58.16 -54.63
C SER D 289 4.43 -58.50 -54.76
N GLN D 290 3.65 -58.30 -53.69
CA GLN D 290 2.20 -58.51 -53.75
C GLN D 290 1.52 -57.65 -52.69
N PHE D 291 0.40 -57.04 -53.08
CA PHE D 291 -0.48 -56.28 -52.21
C PHE D 291 -1.90 -56.65 -52.60
N LYS D 292 -2.26 -57.91 -52.32
CA LYS D 292 -3.59 -58.39 -52.65
C LYS D 292 -4.63 -57.79 -51.70
N ARG D 293 -5.77 -57.44 -52.27
CA ARG D 293 -6.91 -56.91 -51.54
C ARG D 293 -8.17 -57.63 -52.01
N GLU D 294 -9.05 -57.96 -51.04
CA GLU D 294 -10.41 -58.44 -51.32
C GLU D 294 -11.39 -57.66 -50.44
N SER D 295 -12.55 -57.34 -51.02
CA SER D 295 -13.41 -56.34 -50.42
C SER D 295 -14.86 -56.72 -50.70
N LEU D 296 -15.71 -56.60 -49.66
CA LEU D 296 -17.15 -56.84 -49.70
C LEU D 296 -17.81 -55.87 -48.74
N GLY D 297 -19.01 -55.41 -49.08
CA GLY D 297 -19.68 -54.45 -48.21
C GLY D 297 -21.15 -54.30 -48.57
N LEU D 298 -21.91 -53.84 -47.59
CA LEU D 298 -23.36 -53.74 -47.70
C LEU D 298 -23.82 -52.41 -47.14
N ARG D 299 -24.39 -51.54 -47.99
CA ARG D 299 -24.92 -50.23 -47.58
C ARG D 299 -26.44 -50.18 -47.72
N PHE D 300 -27.08 -49.37 -46.87
CA PHE D 300 -28.54 -49.32 -46.78
C PHE D 300 -28.95 -47.96 -46.23
N VAL D 301 -29.67 -47.17 -47.02
CA VAL D 301 -30.12 -45.85 -46.62
C VAL D 301 -31.63 -45.75 -46.79
N LYS D 302 -32.31 -45.13 -45.81
CA LYS D 302 -33.74 -44.82 -45.89
C LYS D 302 -33.94 -43.34 -45.59
N SER D 303 -34.91 -42.73 -46.26
CA SER D 303 -35.08 -41.29 -46.24
C SER D 303 -36.54 -40.92 -45.94
N ASN D 304 -36.70 -39.71 -45.39
CA ASN D 304 -38.00 -39.16 -44.97
C ASN D 304 -38.76 -40.11 -44.06
N VAL D 305 -38.04 -40.74 -43.12
CA VAL D 305 -38.67 -41.68 -42.20
C VAL D 305 -39.86 -41.03 -41.48
N SER D 306 -39.72 -39.78 -41.08
CA SER D 306 -40.84 -38.98 -40.61
C SER D 306 -40.54 -37.51 -40.94
N ASP D 307 -41.46 -36.62 -40.54
CA ASP D 307 -41.22 -35.20 -40.70
C ASP D 307 -40.00 -34.72 -39.92
N VAL D 308 -39.46 -35.56 -39.02
CA VAL D 308 -38.35 -35.18 -38.16
C VAL D 308 -37.11 -36.03 -38.39
N LEU D 309 -37.27 -37.32 -38.69
CA LEU D 309 -36.14 -38.23 -38.95
C LEU D 309 -35.95 -38.31 -40.46
N GLU D 310 -34.98 -37.57 -40.99
CA GLU D 310 -34.90 -37.41 -42.44
C GLU D 310 -33.98 -38.43 -43.13
N LYS D 311 -33.12 -39.12 -42.38
CA LYS D 311 -32.20 -40.07 -42.97
C LYS D 311 -31.77 -41.08 -41.91
N VAL D 312 -31.77 -42.36 -42.26
CA VAL D 312 -31.14 -43.38 -41.42
C VAL D 312 -30.32 -44.31 -42.32
N GLU D 313 -29.08 -44.59 -41.92
CA GLU D 313 -28.17 -45.31 -42.79
C GLU D 313 -27.36 -46.32 -42.01
N ALA D 314 -27.02 -47.42 -42.67
CA ALA D 314 -26.18 -48.43 -42.05
C ALA D 314 -25.29 -49.05 -43.11
N GLN D 315 -24.16 -49.58 -42.68
CA GLN D 315 -23.25 -50.21 -43.63
C GLN D 315 -22.32 -51.15 -42.86
N VAL D 316 -21.97 -52.23 -43.55
CA VAL D 316 -20.93 -53.16 -43.10
C VAL D 316 -19.84 -53.17 -44.18
N TYR D 317 -18.62 -53.48 -43.76
CA TYR D 317 -17.52 -53.56 -44.70
C TYR D 317 -16.56 -54.64 -44.25
N TYR D 318 -16.01 -55.35 -45.23
CA TYR D 318 -15.01 -56.38 -45.02
C TYR D 318 -13.87 -56.09 -45.99
N ASN D 319 -12.66 -55.99 -45.45
CA ASN D 319 -11.48 -55.65 -46.24
C ASN D 319 -10.36 -56.57 -45.83
N TYR D 320 -9.82 -57.30 -46.79
CA TYR D 320 -8.70 -58.20 -46.54
C TYR D 320 -7.50 -57.72 -47.35
N ALA D 321 -6.39 -57.50 -46.67
CA ALA D 321 -5.12 -57.26 -47.35
C ALA D 321 -4.22 -58.47 -47.13
N ASP D 322 -3.47 -58.83 -48.17
CA ASP D 322 -2.60 -59.99 -48.11
C ASP D 322 -1.36 -59.63 -48.92
N ALA D 323 -0.28 -59.30 -48.23
CA ALA D 323 0.91 -58.75 -48.84
C ALA D 323 2.10 -59.69 -48.71
N ILE D 324 2.89 -59.78 -49.78
CA ILE D 324 4.16 -60.49 -49.76
C ILE D 324 5.24 -59.49 -50.11
N MET D 325 6.33 -59.51 -49.37
CA MET D 325 7.55 -58.82 -49.75
C MET D 325 8.70 -59.81 -49.74
N ASP D 326 9.58 -59.68 -50.74
CA ASP D 326 10.80 -60.47 -50.86
C ASP D 326 11.92 -59.53 -51.28
N ASN D 327 13.16 -59.99 -51.07
CA ASN D 327 14.32 -59.29 -51.60
C ASN D 327 14.98 -60.04 -52.77
N PHE D 328 14.22 -60.88 -53.49
CA PHE D 328 14.74 -61.60 -54.64
C PHE D 328 13.85 -61.57 -55.88
N ARG D 329 12.55 -61.23 -55.75
CA ARG D 329 11.64 -61.21 -56.89
C ARG D 329 11.67 -59.90 -57.68
N LEU D 330 12.01 -58.79 -57.05
CA LEU D 330 12.14 -57.51 -57.75
C LEU D 330 13.51 -56.91 -57.55
N ARG D 331 14.48 -57.70 -57.08
CA ARG D 331 15.84 -57.24 -56.84
C ARG D 331 16.65 -58.49 -56.51
N THR D 332 17.94 -58.30 -56.27
CA THR D 332 18.74 -59.45 -55.86
C THR D 332 19.43 -59.12 -54.55
N PRO D 333 19.50 -60.08 -53.63
CA PRO D 333 19.97 -59.77 -52.27
C PRO D 333 21.36 -59.15 -52.30
N ASP D 334 21.46 -57.93 -51.76
CA ASP D 334 22.74 -57.29 -51.56
C ASP D 334 23.52 -58.10 -50.54
N PRO D 335 24.53 -58.88 -50.98
CA PRO D 335 25.22 -59.77 -50.04
C PRO D 335 26.04 -58.98 -49.03
N SER D 336 27.06 -58.26 -49.48
CA SER D 336 27.83 -57.41 -48.58
C SER D 336 26.91 -56.37 -47.96
N SER D 337 26.48 -56.64 -46.71
CA SER D 337 25.66 -55.80 -45.85
C SER D 337 25.18 -56.66 -44.68
N MET D 338 23.95 -56.44 -44.23
CA MET D 338 23.24 -57.46 -43.48
C MET D 338 22.24 -58.11 -44.43
N MET D 339 21.47 -59.06 -43.90
CA MET D 339 20.37 -59.67 -44.63
C MET D 339 20.80 -60.09 -46.05
N PRO D 340 21.80 -60.99 -46.16
CA PRO D 340 22.33 -61.32 -47.49
C PRO D 340 21.89 -62.66 -48.04
N MET D 341 20.61 -63.03 -47.91
CA MET D 341 20.16 -64.30 -48.44
C MET D 341 18.68 -64.21 -48.75
N PRO D 342 18.22 -64.92 -49.77
CA PRO D 342 16.80 -64.91 -50.12
C PRO D 342 15.88 -65.11 -48.93
N MET D 343 15.00 -64.15 -48.69
CA MET D 343 13.97 -64.31 -47.67
C MET D 343 12.75 -63.50 -48.05
N ALA D 344 11.59 -64.03 -47.76
CA ALA D 344 10.33 -63.35 -47.99
C ALA D 344 9.63 -63.13 -46.66
N SER D 345 8.41 -62.62 -46.75
CA SER D 345 7.60 -62.36 -45.57
C SER D 345 6.19 -62.12 -46.05
N GLN D 346 5.28 -63.01 -45.70
CA GLN D 346 3.87 -62.82 -45.97
C GLN D 346 3.19 -62.31 -44.70
N VAL D 347 2.25 -61.38 -44.87
CA VAL D 347 1.48 -60.81 -43.78
C VAL D 347 0.09 -60.52 -44.34
N ASP D 348 -0.90 -60.53 -43.46
CA ASP D 348 -2.24 -60.26 -43.92
C ASP D 348 -3.00 -59.50 -42.85
N ARG D 349 -4.12 -58.90 -43.24
CA ARG D 349 -4.89 -58.05 -42.35
C ARG D 349 -6.35 -58.11 -42.74
N ARG D 350 -7.18 -58.61 -41.83
CA ARG D 350 -8.59 -58.83 -42.06
C ARG D 350 -9.37 -57.87 -41.19
N THR D 351 -10.31 -57.15 -41.79
CA THR D 351 -10.99 -56.06 -41.10
C THR D 351 -12.48 -56.13 -41.38
N LEU D 352 -13.25 -56.21 -40.32
CA LEU D 352 -14.70 -56.13 -40.43
C LEU D 352 -15.17 -54.93 -39.62
N GLY D 353 -16.17 -54.23 -40.15
CA GLY D 353 -16.70 -53.09 -39.43
C GLY D 353 -18.06 -52.70 -39.94
N GLY D 354 -18.69 -51.76 -39.22
CA GLY D 354 -19.98 -51.27 -39.62
C GLY D 354 -20.29 -49.94 -38.98
N ARG D 355 -21.26 -49.26 -39.57
CA ARG D 355 -21.72 -47.95 -39.11
C ARG D 355 -23.24 -47.99 -39.06
N LEU D 356 -23.82 -47.33 -38.07
CA LEU D 356 -25.26 -47.12 -37.99
C LEU D 356 -25.48 -45.65 -37.64
N ALA D 357 -26.17 -44.91 -38.50
CA ALA D 357 -26.29 -43.49 -38.29
C ALA D 357 -27.71 -43.03 -38.59
N ALA D 358 -28.22 -42.17 -37.70
CA ALA D 358 -29.53 -41.53 -37.84
C ALA D 358 -29.35 -40.03 -37.97
N THR D 359 -30.07 -39.42 -38.89
CA THR D 359 -30.02 -37.98 -39.05
C THR D 359 -31.41 -37.40 -38.79
N TRP D 360 -31.47 -36.34 -38.01
CA TRP D 360 -32.72 -35.65 -37.77
C TRP D 360 -32.55 -34.16 -38.08
N ARG D 361 -33.54 -33.58 -38.76
CA ARG D 361 -33.58 -32.14 -39.01
C ARG D 361 -34.93 -31.64 -38.51
N TRP D 362 -34.90 -30.58 -37.72
CA TRP D 362 -36.12 -29.95 -37.23
C TRP D 362 -35.78 -28.58 -36.66
N ASP D 363 -36.44 -27.55 -37.17
CA ASP D 363 -36.19 -26.16 -36.78
C ASP D 363 -34.80 -25.71 -37.20
N ASP D 364 -34.00 -25.25 -36.25
CA ASP D 364 -32.64 -24.82 -36.57
C ASP D 364 -31.59 -25.87 -36.24
N PHE D 365 -31.98 -27.15 -36.23
CA PHE D 365 -31.09 -28.17 -35.71
C PHE D 365 -30.97 -29.32 -36.70
N LYS D 366 -29.77 -29.87 -36.78
CA LYS D 366 -29.49 -31.11 -37.48
C LYS D 366 -28.66 -31.93 -36.50
N LEU D 367 -29.11 -33.15 -36.21
CA LEU D 367 -28.45 -34.00 -35.23
C LEU D 367 -28.23 -35.38 -35.85
N VAL D 368 -26.97 -35.82 -35.86
CA VAL D 368 -26.57 -37.09 -36.44
C VAL D 368 -26.02 -37.94 -35.29
N THR D 369 -26.77 -38.98 -34.93
CA THR D 369 -26.44 -39.85 -33.82
C THR D 369 -26.14 -41.25 -34.33
N GLY D 370 -25.21 -41.94 -33.68
CA GLY D 370 -24.91 -43.25 -34.21
C GLY D 370 -23.94 -44.04 -33.36
N VAL D 371 -23.81 -45.30 -33.74
CA VAL D 371 -22.84 -46.21 -33.17
C VAL D 371 -21.99 -46.72 -34.31
N ASP D 372 -20.77 -47.16 -33.98
CA ASP D 372 -19.92 -47.81 -34.95
C ASP D 372 -19.09 -48.86 -34.22
N ALA D 373 -18.55 -49.81 -35.00
CA ALA D 373 -17.72 -50.87 -34.45
C ALA D 373 -16.76 -51.40 -35.51
N MET D 374 -15.71 -52.06 -35.03
CA MET D 374 -14.60 -52.48 -35.89
C MET D 374 -13.83 -53.63 -35.24
N ARG D 375 -13.51 -54.65 -36.03
CA ARG D 375 -12.58 -55.71 -35.62
C ARG D 375 -11.53 -55.94 -36.70
N ASN D 376 -10.27 -56.07 -36.30
CA ASN D 376 -9.22 -56.37 -37.26
C ASN D 376 -8.19 -57.32 -36.68
N GLU D 377 -7.78 -58.26 -37.53
CA GLU D 377 -6.91 -59.37 -37.20
C GLU D 377 -5.65 -59.32 -38.05
N HIS D 378 -4.53 -59.75 -37.49
CA HIS D 378 -3.25 -59.60 -38.17
C HIS D 378 -2.43 -60.86 -38.00
N ARG D 379 -2.03 -61.47 -39.13
CA ARG D 379 -1.18 -62.64 -39.11
C ARG D 379 0.08 -62.41 -39.96
N ALA D 380 1.13 -63.16 -39.65
CA ALA D 380 2.40 -63.10 -40.36
C ALA D 380 3.00 -64.48 -40.39
N ARG D 381 4.00 -64.65 -41.26
CA ARG D 381 4.77 -65.88 -41.36
C ARG D 381 5.95 -65.60 -42.26
N GLY D 382 7.12 -66.08 -41.86
CA GLY D 382 8.35 -65.77 -42.57
C GLY D 382 8.86 -66.92 -43.43
N SER D 383 9.96 -66.64 -44.11
CA SER D 383 10.66 -67.67 -44.85
C SER D 383 11.80 -68.22 -44.01
N LYS D 384 12.25 -69.42 -44.37
CA LYS D 384 13.47 -70.03 -43.82
C LYS D 384 14.40 -70.41 -44.96
N TYR D 385 15.70 -70.27 -44.70
CA TYR D 385 16.73 -70.51 -45.70
C TYR D 385 17.86 -71.32 -45.06
N ASP D 386 17.88 -72.63 -45.35
CA ASP D 386 18.95 -73.53 -44.93
C ASP D 386 20.28 -72.95 -45.40
N MET D 387 21.08 -72.42 -44.45
CA MET D 387 22.29 -71.68 -44.82
C MET D 387 23.24 -72.53 -45.64
N MET D 388 23.41 -73.80 -45.27
CA MET D 388 24.12 -74.74 -46.14
C MET D 388 23.12 -75.50 -46.99
N THR D 389 23.57 -75.91 -48.18
CA THR D 389 22.70 -76.48 -49.23
C THR D 389 21.49 -75.57 -49.39
N ASP D 390 21.72 -74.41 -50.02
CA ASP D 390 20.74 -73.33 -50.04
C ASP D 390 19.37 -73.89 -50.43
N TYR D 391 18.64 -74.34 -49.43
CA TYR D 391 17.25 -74.72 -49.64
C TYR D 391 16.40 -73.66 -48.96
N TYR D 392 15.75 -72.84 -49.78
CA TYR D 392 14.89 -71.76 -49.33
C TYR D 392 13.45 -72.28 -49.31
N THR D 393 12.70 -71.89 -48.28
CA THR D 393 11.29 -72.26 -48.15
C THR D 393 10.45 -70.98 -48.06
N ASP D 394 9.64 -70.70 -49.09
CA ASP D 394 8.84 -69.48 -49.06
C ASP D 394 7.82 -69.54 -47.94
N ALA D 395 7.34 -68.36 -47.54
CA ALA D 395 6.48 -68.25 -46.37
C ALA D 395 5.19 -69.08 -46.49
N ASP D 396 4.74 -69.41 -47.72
CA ASP D 396 3.46 -70.11 -47.85
C ASP D 396 3.55 -71.61 -47.56
N GLN D 397 4.76 -72.14 -47.31
CA GLN D 397 4.94 -73.52 -46.86
C GLN D 397 4.91 -73.64 -45.34
N PHE D 398 4.55 -72.58 -44.63
CA PHE D 398 4.50 -72.54 -43.17
C PHE D 398 3.09 -72.18 -42.75
N PRO D 399 2.76 -72.16 -41.44
CA PRO D 399 1.40 -71.76 -41.07
C PRO D 399 1.30 -70.29 -40.69
N TRP D 400 0.10 -69.72 -40.82
CA TRP D 400 -0.20 -68.38 -40.33
C TRP D 400 -0.05 -68.34 -38.81
N SER D 401 0.88 -67.54 -38.31
CA SER D 401 0.95 -67.23 -36.88
C SER D 401 0.49 -65.79 -36.68
N LYS D 402 -0.70 -65.63 -36.09
CA LYS D 402 -1.28 -64.33 -35.82
C LYS D 402 -0.67 -63.71 -34.57
N ASP D 403 -0.80 -62.39 -34.46
CA ASP D 403 -0.18 -61.69 -33.34
C ASP D 403 -0.98 -60.53 -32.78
N ALA D 404 -1.98 -60.01 -33.50
CA ALA D 404 -2.71 -58.85 -32.99
C ALA D 404 -4.17 -58.94 -33.43
N VAL D 405 -5.08 -58.67 -32.49
CA VAL D 405 -6.50 -58.49 -32.78
C VAL D 405 -6.93 -57.20 -32.08
N PHE D 406 -7.42 -56.24 -32.85
CA PHE D 406 -7.92 -54.98 -32.34
C PHE D 406 -9.44 -54.98 -32.42
N HIS D 407 -10.10 -54.36 -31.44
CA HIS D 407 -11.53 -54.13 -31.48
C HIS D 407 -11.81 -52.67 -31.16
N ASN D 408 -12.90 -52.15 -31.71
CA ASN D 408 -13.40 -50.84 -31.30
C ASN D 408 -14.92 -50.80 -31.45
N TYR D 409 -15.60 -50.27 -30.44
CA TYR D 409 -17.01 -49.93 -30.50
C TYR D 409 -17.15 -48.47 -30.07
N GLY D 410 -18.04 -47.72 -30.70
CA GLY D 410 -18.17 -46.32 -30.38
C GLY D 410 -19.57 -45.79 -30.55
N ALA D 411 -19.89 -44.74 -29.77
CA ALA D 411 -21.14 -44.00 -29.88
C ALA D 411 -20.83 -42.54 -30.16
N PHE D 412 -21.64 -41.88 -31.00
CA PHE D 412 -21.29 -40.52 -31.43
C PHE D 412 -22.53 -39.73 -31.80
N GLY D 413 -22.40 -38.42 -31.67
CA GLY D 413 -23.42 -37.48 -32.09
C GLY D 413 -22.86 -36.14 -32.51
N GLU D 414 -23.41 -35.54 -33.57
CA GLU D 414 -23.01 -34.21 -34.01
C GLU D 414 -24.25 -33.36 -34.14
N LEU D 415 -24.33 -32.32 -33.32
CA LEU D 415 -25.44 -31.37 -33.32
C LEU D 415 -24.96 -30.06 -33.91
N THR D 416 -25.70 -29.56 -34.90
CA THR D 416 -25.43 -28.27 -35.51
C THR D 416 -26.63 -27.36 -35.33
N TRP D 417 -26.40 -26.17 -34.77
CA TRP D 417 -27.44 -25.18 -34.53
C TRP D 417 -27.33 -24.08 -35.59
N PHE D 418 -28.35 -23.97 -36.43
CA PHE D 418 -28.44 -22.91 -37.43
C PHE D 418 -29.04 -21.68 -36.77
N ALA D 419 -28.19 -20.96 -36.03
CA ALA D 419 -28.65 -19.78 -35.29
C ALA D 419 -28.92 -18.64 -36.27
N ALA D 420 -30.18 -18.22 -36.35
CA ALA D 420 -30.61 -17.38 -37.47
C ALA D 420 -30.03 -17.99 -38.73
N GLU D 421 -28.93 -17.41 -39.21
CA GLU D 421 -28.32 -17.92 -40.44
C GLU D 421 -26.92 -17.35 -40.61
N ARG D 422 -26.68 -16.11 -40.18
CA ARG D 422 -25.33 -15.61 -40.27
C ARG D 422 -24.46 -16.14 -39.16
N ASP D 423 -24.94 -17.17 -38.45
CA ASP D 423 -24.25 -17.82 -37.35
C ASP D 423 -24.54 -19.30 -37.38
N ARG D 424 -23.50 -20.11 -37.30
CA ARG D 424 -23.61 -21.56 -37.23
C ARG D 424 -22.80 -22.02 -36.03
N LEU D 425 -23.36 -22.95 -35.25
CA LEU D 425 -22.67 -23.49 -34.09
C LEU D 425 -22.76 -25.00 -34.17
N ILE D 426 -21.60 -25.65 -34.22
CA ILE D 426 -21.52 -27.09 -34.37
C ILE D 426 -20.68 -27.63 -33.24
N GLY D 427 -21.23 -28.60 -32.50
CA GLY D 427 -20.45 -29.35 -31.54
C GLY D 427 -20.70 -30.84 -31.73
N GLY D 428 -19.71 -31.64 -31.30
CA GLY D 428 -19.83 -33.08 -31.44
C GLY D 428 -19.14 -33.82 -30.32
N LEU D 429 -19.67 -35.01 -29.99
CA LEU D 429 -19.11 -35.86 -28.95
C LEU D 429 -19.04 -37.29 -29.45
N ARG D 430 -18.08 -38.03 -28.92
CA ARG D 430 -18.11 -39.46 -29.17
C ARG D 430 -17.31 -40.15 -28.08
N LEU D 431 -17.74 -41.37 -27.74
CA LEU D 431 -17.11 -42.23 -26.74
C LEU D 431 -16.75 -43.55 -27.40
N ASP D 432 -15.53 -44.03 -27.15
CA ASP D 432 -15.01 -45.22 -27.79
C ASP D 432 -14.48 -46.20 -26.76
N ARG D 433 -14.73 -47.48 -27.01
CA ARG D 433 -14.21 -48.59 -26.22
C ARG D 433 -13.21 -49.30 -27.13
N ALA D 434 -11.93 -49.18 -26.81
CA ALA D 434 -10.84 -49.70 -27.63
C ALA D 434 -10.16 -50.81 -26.86
N SER D 435 -9.76 -51.87 -27.57
CA SER D 435 -9.10 -52.98 -26.91
C SER D 435 -8.26 -53.73 -27.94
N VAL D 436 -7.12 -54.25 -27.49
CA VAL D 436 -6.23 -55.06 -28.32
C VAL D 436 -5.81 -56.29 -27.50
N LYS D 437 -5.73 -57.44 -28.16
CA LYS D 437 -5.16 -58.64 -27.57
C LYS D 437 -3.88 -59.03 -28.31
N ASP D 438 -2.77 -59.10 -27.58
CA ASP D 438 -1.48 -59.60 -28.07
C ASP D 438 -1.50 -61.14 -28.16
N TYR D 439 -1.42 -61.68 -29.37
CA TYR D 439 -1.38 -63.14 -29.52
C TYR D 439 0.02 -63.69 -29.69
N ARG D 440 1.05 -62.85 -29.63
CA ARG D 440 2.41 -63.35 -29.74
C ARG D 440 2.75 -64.24 -28.55
N GLN D 441 3.48 -65.33 -28.81
CA GLN D 441 3.97 -66.18 -27.71
C GLN D 441 5.45 -66.00 -27.45
N THR D 442 6.24 -65.70 -28.49
CA THR D 442 7.69 -65.49 -28.38
C THR D 442 8.07 -64.17 -29.03
N LEU D 443 9.05 -63.48 -28.46
CA LEU D 443 9.62 -62.28 -29.05
C LEU D 443 11.03 -62.54 -29.55
N LYS D 444 11.50 -61.67 -30.44
CA LYS D 444 12.88 -61.80 -30.90
C LYS D 444 13.73 -60.62 -30.40
N SER D 445 13.93 -60.55 -29.07
CA SER D 445 14.65 -59.45 -28.43
C SER D 445 15.76 -59.93 -27.50
N GLY D 446 16.07 -61.23 -27.51
CA GLY D 446 17.17 -61.77 -26.74
C GLY D 446 18.51 -61.45 -27.38
N HIS D 447 19.55 -62.07 -26.85
CA HIS D 447 20.88 -61.95 -27.42
C HIS D 447 20.85 -62.34 -28.89
N MET D 448 21.30 -61.41 -29.75
CA MET D 448 21.23 -61.59 -31.22
C MET D 448 19.83 -61.99 -31.65
N GLY D 449 18.82 -61.37 -31.04
CA GLY D 449 17.43 -61.69 -31.36
C GLY D 449 17.03 -63.12 -31.09
N HIS D 450 17.67 -63.77 -30.12
CA HIS D 450 17.27 -65.12 -29.73
C HIS D 450 15.83 -65.11 -29.21
N ALA D 451 15.10 -66.19 -29.49
CA ALA D 451 13.68 -66.29 -29.16
C ALA D 451 13.49 -66.46 -27.65
N MET D 452 12.90 -65.45 -27.01
CA MET D 452 12.44 -65.50 -25.63
C MET D 452 10.91 -65.51 -25.60
N ALA D 453 10.35 -66.05 -24.51
CA ALA D 453 8.90 -66.06 -24.39
C ALA D 453 8.40 -64.64 -24.10
N ASN D 454 7.19 -64.35 -24.60
CA ASN D 454 6.67 -62.99 -24.60
C ASN D 454 5.99 -62.67 -23.29
N PRO D 455 6.52 -61.74 -22.50
CA PRO D 455 5.90 -61.41 -21.20
C PRO D 455 4.45 -60.96 -21.27
N THR D 456 3.89 -60.67 -22.44
CA THR D 456 2.51 -60.23 -22.53
C THR D 456 1.62 -61.25 -23.26
N ALA D 457 2.07 -62.49 -23.36
CA ALA D 457 1.33 -63.51 -24.11
C ALA D 457 -0.14 -63.55 -23.72
N ASN D 458 -1.00 -63.32 -24.70
CA ASN D 458 -2.46 -63.36 -24.59
C ASN D 458 -2.97 -62.34 -23.58
N ASP D 459 -2.15 -61.34 -23.27
CA ASP D 459 -2.64 -60.14 -22.60
C ASP D 459 -3.66 -59.42 -23.49
N THR D 460 -4.68 -58.87 -22.84
CA THR D 460 -5.65 -57.99 -23.48
C THR D 460 -5.66 -56.71 -22.67
N ARG D 461 -5.62 -55.56 -23.37
CA ARG D 461 -5.70 -54.28 -22.70
C ARG D 461 -6.73 -53.42 -23.43
N ALA D 462 -7.41 -52.57 -22.66
CA ALA D 462 -8.52 -51.82 -23.19
C ALA D 462 -8.52 -50.41 -22.60
N ASP D 463 -9.36 -49.56 -23.18
CA ASP D 463 -9.54 -48.21 -22.67
C ASP D 463 -10.80 -47.62 -23.26
N THR D 464 -11.28 -46.58 -22.59
CA THR D 464 -12.49 -45.87 -22.97
C THR D 464 -12.09 -44.43 -23.11
N LEU D 465 -12.43 -43.83 -24.24
CA LEU D 465 -11.79 -42.62 -24.71
C LEU D 465 -12.85 -41.65 -25.22
N PRO D 466 -13.10 -40.56 -24.50
CA PRO D 466 -14.05 -39.56 -25.02
C PRO D 466 -13.32 -38.58 -25.95
N SER D 467 -13.91 -38.31 -27.11
CA SER D 467 -13.48 -37.21 -27.96
C SER D 467 -14.64 -36.26 -28.20
N GLY D 468 -14.30 -35.03 -28.50
CA GLY D 468 -15.30 -34.11 -29.00
C GLY D 468 -14.68 -32.83 -29.51
N PHE D 469 -15.55 -31.99 -30.08
CA PHE D 469 -15.17 -30.68 -30.59
C PHE D 469 -16.36 -29.75 -30.47
N VAL D 470 -16.07 -28.47 -30.62
CA VAL D 470 -17.09 -27.46 -30.84
C VAL D 470 -16.54 -26.48 -31.88
N ARG D 471 -17.43 -26.00 -32.75
CA ARG D 471 -17.00 -25.07 -33.78
C ARG D 471 -18.07 -24.01 -33.97
N TYR D 472 -17.62 -22.76 -34.07
CA TYR D 472 -18.45 -21.59 -34.29
C TYR D 472 -18.06 -20.94 -35.62
N GLU D 473 -19.01 -20.86 -36.53
CA GLU D 473 -18.84 -20.19 -37.81
C GLU D 473 -19.76 -18.97 -37.86
N HIS D 474 -19.21 -17.83 -38.29
CA HIS D 474 -19.94 -16.57 -38.32
C HIS D 474 -19.73 -15.90 -39.67
N ASP D 475 -20.82 -15.47 -40.31
CA ASP D 475 -20.80 -14.82 -41.62
C ASP D 475 -20.87 -13.30 -41.44
N LEU D 476 -19.91 -12.58 -42.03
CA LEU D 476 -19.91 -11.12 -41.96
C LEU D 476 -21.12 -10.55 -42.70
N ALA D 477 -21.36 -9.26 -42.45
CA ALA D 477 -22.58 -8.57 -42.85
C ALA D 477 -22.50 -7.99 -44.26
N ASP D 478 -21.34 -7.45 -44.64
CA ASP D 478 -21.16 -6.70 -45.88
C ASP D 478 -20.39 -7.46 -46.95
N SER D 479 -19.26 -8.11 -46.58
CA SER D 479 -18.47 -8.92 -47.50
C SER D 479 -18.98 -10.35 -47.54
N PRO D 480 -18.66 -11.11 -48.58
CA PRO D 480 -18.85 -12.57 -48.49
C PRO D 480 -17.69 -13.20 -47.73
N THR D 481 -17.69 -12.99 -46.42
CA THR D 481 -16.59 -13.38 -45.55
C THR D 481 -17.12 -14.32 -44.48
N THR D 482 -16.34 -15.35 -44.16
CA THR D 482 -16.66 -16.26 -43.08
C THR D 482 -15.46 -16.35 -42.15
N LEU D 483 -15.73 -16.26 -40.86
CA LEU D 483 -14.71 -16.37 -39.84
C LEU D 483 -15.08 -17.57 -39.00
N TYR D 484 -14.09 -18.37 -38.62
CA TYR D 484 -14.42 -19.54 -37.84
C TYR D 484 -13.35 -19.84 -36.80
N ALA D 485 -13.82 -20.37 -35.69
CA ALA D 485 -12.97 -20.86 -34.65
C ALA D 485 -13.63 -22.11 -34.08
N GLY D 486 -12.79 -23.05 -33.66
CA GLY D 486 -13.29 -24.30 -33.14
C GLY D 486 -12.27 -24.85 -32.19
N LEU D 487 -12.74 -25.64 -31.23
CA LEU D 487 -11.87 -26.28 -30.27
C LEU D 487 -12.23 -27.76 -30.25
N GLY D 488 -11.23 -28.63 -30.27
CA GLY D 488 -11.45 -30.06 -30.43
C GLY D 488 -10.46 -30.80 -29.58
N HIS D 489 -10.89 -31.99 -29.11
CA HIS D 489 -10.06 -32.86 -28.28
C HIS D 489 -10.28 -34.29 -28.71
N ALA D 490 -9.20 -34.99 -29.02
CA ALA D 490 -9.29 -36.33 -29.58
C ALA D 490 -8.33 -37.23 -28.85
N GLU D 491 -8.70 -38.50 -28.74
CA GLU D 491 -7.91 -39.50 -28.05
C GLU D 491 -7.90 -40.74 -28.92
N ARG D 492 -6.74 -41.36 -29.04
CA ARG D 492 -6.53 -42.40 -30.03
C ARG D 492 -5.83 -43.55 -29.36
N PHE D 493 -6.46 -44.73 -29.39
CA PHE D 493 -5.78 -45.92 -28.92
C PHE D 493 -4.58 -46.21 -29.81
N PRO D 494 -3.53 -46.82 -29.28
CA PRO D 494 -2.32 -47.04 -30.08
C PRO D 494 -2.57 -47.90 -31.31
N ASP D 495 -1.84 -47.55 -32.37
CA ASP D 495 -1.72 -48.24 -33.66
C ASP D 495 -1.32 -49.71 -33.56
N TYR D 496 -1.52 -50.49 -34.61
CA TYR D 496 -0.82 -51.78 -34.65
C TYR D 496 0.68 -51.58 -34.63
N TRP D 497 1.18 -50.72 -35.53
CA TRP D 497 2.60 -50.44 -35.62
C TRP D 497 3.12 -49.74 -34.38
N GLU D 498 2.28 -48.96 -33.71
CA GLU D 498 2.81 -48.32 -32.52
C GLU D 498 3.01 -49.31 -31.38
N LEU D 499 2.34 -50.48 -31.40
CA LEU D 499 2.42 -51.41 -30.27
C LEU D 499 3.25 -52.67 -30.54
N PHE D 500 3.17 -53.25 -31.74
CA PHE D 500 3.82 -54.52 -32.05
C PHE D 500 5.10 -54.39 -32.85
N SER D 501 5.33 -53.25 -33.48
CA SER D 501 6.49 -53.12 -34.35
C SER D 501 7.76 -52.67 -33.64
N PRO D 502 7.73 -51.75 -32.68
CA PRO D 502 8.99 -51.37 -32.02
C PRO D 502 9.59 -52.57 -31.27
N LYS D 503 10.91 -52.68 -31.32
CA LYS D 503 11.62 -53.78 -30.67
C LYS D 503 11.72 -53.58 -29.17
N ARG D 504 11.53 -52.35 -28.69
CA ARG D 504 11.58 -52.04 -27.28
C ARG D 504 10.49 -51.01 -26.96
N GLY D 505 9.96 -51.09 -25.73
CA GLY D 505 9.07 -50.08 -25.20
C GLY D 505 9.79 -49.04 -24.36
N PRO D 506 9.04 -48.27 -23.57
CA PRO D 506 9.63 -47.21 -22.75
C PRO D 506 10.67 -47.77 -21.79
N ASN D 507 11.57 -46.89 -21.36
CA ASN D 507 12.71 -47.31 -20.55
C ASN D 507 12.24 -47.97 -19.27
N GLY D 508 12.65 -49.23 -19.08
CA GLY D 508 12.29 -49.96 -17.88
C GLY D 508 10.95 -50.66 -17.92
N SER D 509 10.28 -50.66 -19.07
CA SER D 509 9.05 -51.42 -19.24
C SER D 509 9.43 -52.84 -19.70
N VAL D 510 8.46 -53.57 -20.21
CA VAL D 510 8.64 -54.95 -20.56
C VAL D 510 8.65 -55.18 -22.08
N ASN D 511 7.89 -54.39 -22.83
CA ASN D 511 7.78 -54.40 -24.29
C ASN D 511 6.95 -53.17 -24.63
N ALA D 512 6.71 -52.93 -25.91
CA ALA D 512 5.96 -51.73 -26.26
C ALA D 512 4.49 -51.88 -25.87
N PHE D 513 3.87 -53.00 -26.28
CA PHE D 513 2.49 -53.35 -25.97
C PHE D 513 2.01 -52.99 -24.57
N ASP D 514 2.89 -53.07 -23.58
CA ASP D 514 2.47 -52.99 -22.19
C ASP D 514 2.40 -51.57 -21.66
N LYS D 515 3.16 -50.62 -22.21
CA LYS D 515 3.22 -49.31 -21.59
C LYS D 515 2.77 -48.14 -22.47
N ILE D 516 2.80 -48.28 -23.79
CA ILE D 516 2.49 -47.16 -24.69
C ILE D 516 1.05 -46.69 -24.47
N LYS D 517 0.90 -45.44 -24.10
CA LYS D 517 -0.42 -44.94 -23.73
C LYS D 517 -1.16 -44.32 -24.91
N PRO D 518 -2.48 -44.21 -24.82
CA PRO D 518 -3.22 -43.47 -25.86
C PRO D 518 -2.70 -42.05 -26.03
N GLU D 519 -2.88 -41.52 -27.23
CA GLU D 519 -2.47 -40.17 -27.61
C GLU D 519 -3.64 -39.21 -27.49
N LYS D 520 -3.44 -38.11 -26.77
CA LYS D 520 -4.54 -37.21 -26.43
C LYS D 520 -4.22 -35.80 -26.95
N THR D 521 -4.93 -35.38 -28.00
CA THR D 521 -4.68 -34.14 -28.69
C THR D 521 -5.77 -33.12 -28.37
N THR D 522 -5.37 -31.91 -28.02
CA THR D 522 -6.30 -30.82 -27.76
C THR D 522 -5.90 -29.64 -28.64
N GLN D 523 -6.75 -29.25 -29.57
CA GLN D 523 -6.28 -28.38 -30.64
C GLN D 523 -7.29 -27.30 -30.99
N LEU D 524 -6.77 -26.08 -31.16
CA LEU D 524 -7.56 -24.91 -31.51
C LEU D 524 -7.38 -24.60 -32.99
N ASP D 525 -8.49 -24.40 -33.69
CA ASP D 525 -8.54 -24.32 -35.14
C ASP D 525 -9.31 -23.07 -35.53
N PHE D 526 -8.80 -22.34 -36.51
CA PHE D 526 -9.44 -21.08 -36.87
C PHE D 526 -9.03 -20.68 -38.28
N GLY D 527 -9.82 -19.81 -38.87
CA GLY D 527 -9.50 -19.31 -40.18
C GLY D 527 -10.72 -18.65 -40.80
N LEU D 528 -10.63 -18.41 -42.11
CA LEU D 528 -11.61 -17.60 -42.80
C LEU D 528 -11.74 -18.06 -44.25
N GLN D 529 -12.86 -17.66 -44.85
CA GLN D 529 -13.17 -17.86 -46.26
C GLN D 529 -13.60 -16.52 -46.85
N TYR D 530 -13.09 -16.17 -48.02
CA TYR D 530 -13.54 -14.98 -48.74
C TYR D 530 -14.00 -15.42 -50.11
N ASN D 531 -15.29 -15.25 -50.40
CA ASN D 531 -15.88 -15.74 -51.64
C ASN D 531 -16.27 -14.56 -52.51
N GLY D 532 -15.25 -13.82 -52.97
CA GLY D 532 -15.49 -12.64 -53.77
C GLY D 532 -15.92 -12.97 -55.18
N ASP D 533 -16.17 -11.91 -55.94
CA ASP D 533 -16.47 -12.05 -57.37
C ASP D 533 -15.21 -12.42 -58.15
N LYS D 534 -14.11 -11.71 -57.89
CA LYS D 534 -12.86 -11.96 -58.58
C LYS D 534 -11.75 -12.49 -57.66
N LEU D 535 -11.90 -12.42 -56.34
CA LEU D 535 -10.92 -12.97 -55.40
C LEU D 535 -11.59 -13.99 -54.49
N GLN D 536 -11.08 -15.21 -54.47
CA GLN D 536 -11.45 -16.24 -53.50
C GLN D 536 -10.22 -16.58 -52.68
N ALA D 537 -10.27 -16.35 -51.39
CA ALA D 537 -9.16 -16.67 -50.51
C ALA D 537 -9.65 -17.51 -49.35
N TRP D 538 -8.70 -18.16 -48.68
CA TRP D 538 -9.03 -18.97 -47.53
C TRP D 538 -7.79 -19.09 -46.66
N ALA D 539 -8.02 -19.49 -45.40
CA ALA D 539 -6.94 -19.60 -44.45
C ALA D 539 -7.42 -20.52 -43.33
N SER D 540 -6.47 -21.19 -42.69
CA SER D 540 -6.78 -22.12 -41.63
C SER D 540 -5.54 -22.30 -40.77
N GLY D 541 -5.61 -21.85 -39.52
CA GLY D 541 -4.55 -22.06 -38.57
C GLY D 541 -4.94 -23.12 -37.54
N TYR D 542 -3.93 -23.54 -36.79
CA TYR D 542 -4.12 -24.46 -35.68
C TYR D 542 -2.99 -24.26 -34.68
N VAL D 543 -3.33 -24.42 -33.41
CA VAL D 543 -2.36 -24.62 -32.33
C VAL D 543 -2.99 -25.64 -31.39
N GLY D 544 -2.15 -26.47 -30.82
CA GLY D 544 -2.65 -27.57 -30.03
C GLY D 544 -1.50 -28.27 -29.35
N VAL D 545 -1.84 -29.06 -28.34
CA VAL D 545 -0.87 -29.82 -27.56
C VAL D 545 -1.27 -31.29 -27.55
N VAL D 546 -0.26 -32.14 -27.42
CA VAL D 546 -0.43 -33.58 -27.50
C VAL D 546 0.15 -34.19 -26.23
N GLN D 547 -0.72 -34.65 -25.32
CA GLN D 547 -0.25 -35.47 -24.22
C GLN D 547 -0.06 -36.91 -24.68
N ASP D 548 1.14 -37.46 -24.45
CA ASP D 548 1.51 -38.83 -24.82
C ASP D 548 1.53 -39.03 -26.34
N PHE D 549 2.02 -38.04 -27.08
CA PHE D 549 2.39 -38.25 -28.47
C PHE D 549 3.34 -39.45 -28.58
N ILE D 550 3.02 -40.39 -29.46
CA ILE D 550 3.76 -41.64 -29.57
C ILE D 550 4.92 -41.43 -30.53
N LEU D 551 6.14 -41.61 -30.03
CA LEU D 551 7.36 -41.20 -30.72
C LEU D 551 8.27 -42.40 -30.91
N PHE D 552 9.08 -42.38 -31.98
CA PHE D 552 9.99 -43.47 -32.26
C PHE D 552 11.44 -42.99 -32.17
N SER D 553 12.30 -43.83 -31.57
CA SER D 553 13.72 -43.55 -31.42
C SER D 553 14.53 -44.69 -32.01
N TYR D 554 15.53 -44.34 -32.80
CA TYR D 554 16.34 -45.30 -33.51
C TYR D 554 17.71 -45.40 -32.85
N ARG D 555 18.21 -46.62 -32.77
CA ARG D 555 19.59 -46.90 -32.40
C ARG D 555 20.14 -47.92 -33.38
N GLU D 556 21.41 -47.77 -33.75
CA GLU D 556 22.12 -48.78 -34.52
C GLU D 556 23.08 -49.49 -33.56
N GLY D 557 23.01 -50.81 -33.54
CA GLY D 557 23.83 -51.58 -32.61
C GLY D 557 23.76 -53.07 -32.86
N MET D 558 23.03 -53.81 -32.00
CA MET D 558 22.99 -55.28 -31.94
C MET D 558 23.08 -55.88 -33.33
N MET D 559 21.90 -56.06 -33.93
CA MET D 559 21.78 -56.38 -35.34
C MET D 559 21.80 -55.13 -36.22
N GLY D 560 21.88 -53.95 -35.63
CA GLY D 560 21.79 -52.72 -36.39
C GLY D 560 20.65 -51.82 -35.94
N SER D 561 19.78 -51.42 -36.86
CA SER D 561 18.76 -50.42 -36.56
C SER D 561 17.63 -51.06 -35.75
N SER D 562 17.37 -50.52 -34.56
CA SER D 562 16.34 -51.03 -33.66
C SER D 562 15.55 -49.87 -33.08
N THR D 563 14.22 -49.97 -33.11
CA THR D 563 13.32 -48.89 -32.70
C THR D 563 12.81 -49.10 -31.28
N GLN D 564 12.56 -47.98 -30.59
CA GLN D 564 11.95 -47.93 -29.27
C GLN D 564 10.81 -46.92 -29.28
N ALA D 565 9.62 -47.34 -28.85
CA ALA D 565 8.48 -46.44 -28.81
C ALA D 565 8.39 -45.78 -27.44
N THR D 566 8.19 -44.47 -27.43
CA THR D 566 8.02 -43.72 -26.18
C THR D 566 6.77 -42.84 -26.26
N ASN D 567 6.42 -42.28 -25.11
CA ASN D 567 5.33 -41.32 -24.96
C ASN D 567 5.93 -39.99 -24.50
N VAL D 568 5.79 -38.95 -25.31
CA VAL D 568 6.26 -37.62 -24.93
C VAL D 568 5.13 -36.62 -25.05
N ASP D 569 5.33 -35.45 -24.43
CA ASP D 569 4.39 -34.35 -24.50
C ASP D 569 4.88 -33.37 -25.56
N ALA D 570 3.98 -32.92 -26.44
CA ALA D 570 4.38 -32.18 -27.63
C ALA D 570 3.47 -30.99 -27.85
N ARG D 571 4.05 -29.91 -28.38
CA ARG D 571 3.33 -28.73 -28.81
C ARG D 571 3.34 -28.64 -30.33
N ILE D 572 2.21 -28.27 -30.92
CA ILE D 572 2.11 -28.15 -32.38
C ILE D 572 1.40 -26.86 -32.76
N MET D 573 1.81 -26.29 -33.88
CA MET D 573 1.05 -25.22 -34.51
C MET D 573 1.44 -25.14 -35.99
N GLY D 574 0.62 -24.43 -36.77
CA GLY D 574 0.93 -24.23 -38.17
C GLY D 574 -0.24 -23.60 -38.90
N GLY D 575 -0.32 -23.84 -40.20
CA GLY D 575 -1.43 -23.29 -40.93
C GLY D 575 -1.26 -23.41 -42.41
N GLU D 576 -2.36 -23.18 -43.12
CA GLU D 576 -2.42 -23.19 -44.57
C GLU D 576 -3.25 -21.99 -44.99
N LEU D 577 -2.95 -21.46 -46.18
CA LEU D 577 -3.77 -20.39 -46.73
C LEU D 577 -3.52 -20.31 -48.22
N GLY D 578 -4.47 -19.72 -48.93
CA GLY D 578 -4.37 -19.68 -50.38
C GLY D 578 -5.34 -18.68 -50.94
N ALA D 579 -5.20 -18.43 -52.24
CA ALA D 579 -5.97 -17.37 -52.88
C ALA D 579 -5.99 -17.57 -54.37
N SER D 580 -7.07 -17.09 -54.97
CA SER D 580 -7.34 -17.22 -56.39
C SER D 580 -7.86 -15.86 -56.86
N TYR D 581 -7.26 -15.29 -57.89
CA TYR D 581 -7.73 -14.01 -58.43
C TYR D 581 -7.86 -14.15 -59.93
N GLN D 582 -9.02 -13.75 -60.46
CA GLN D 582 -9.27 -13.79 -61.90
C GLN D 582 -8.92 -12.43 -62.48
N LEU D 583 -7.73 -12.33 -63.11
CA LEU D 583 -7.21 -11.05 -63.61
C LEU D 583 -8.03 -10.51 -64.76
N THR D 584 -8.29 -11.33 -65.78
CA THR D 584 -9.23 -10.98 -66.84
C THR D 584 -10.21 -12.14 -67.01
N GLY D 585 -10.95 -12.12 -68.11
CA GLY D 585 -11.78 -13.26 -68.44
C GLY D 585 -10.99 -14.49 -68.83
N ASN D 586 -9.75 -14.32 -69.28
CA ASN D 586 -8.93 -15.44 -69.73
C ASN D 586 -7.76 -15.75 -68.81
N TRP D 587 -7.50 -14.93 -67.80
CA TRP D 587 -6.28 -15.03 -67.02
C TRP D 587 -6.61 -15.28 -65.55
N LYS D 588 -5.96 -16.27 -64.97
CA LYS D 588 -6.17 -16.69 -63.59
C LYS D 588 -4.82 -16.81 -62.90
N THR D 589 -4.74 -16.39 -61.65
CA THR D 589 -3.57 -16.64 -60.83
C THR D 589 -4.03 -17.21 -59.49
N ASP D 590 -3.23 -18.11 -58.92
CA ASP D 590 -3.53 -18.60 -57.58
C ASP D 590 -2.25 -18.93 -56.84
N ALA D 591 -2.35 -18.98 -55.52
CA ALA D 591 -1.18 -19.20 -54.69
C ALA D 591 -1.62 -19.86 -53.39
N SER D 592 -0.72 -20.63 -52.80
CA SER D 592 -1.02 -21.30 -51.54
C SER D 592 0.25 -21.46 -50.72
N LEU D 593 0.08 -21.42 -49.40
CA LEU D 593 1.19 -21.59 -48.47
C LEU D 593 0.74 -22.53 -47.36
N ALA D 594 1.65 -23.42 -46.95
CA ALA D 594 1.39 -24.42 -45.90
C ALA D 594 2.58 -24.54 -44.97
N TYR D 595 2.32 -24.58 -43.65
CA TYR D 595 3.39 -24.54 -42.66
C TYR D 595 3.09 -25.44 -41.48
N ALA D 596 4.10 -26.18 -41.01
CA ALA D 596 3.95 -27.04 -39.83
C ALA D 596 5.17 -26.89 -38.93
N TRP D 597 4.92 -26.82 -37.62
CA TRP D 597 5.93 -26.61 -36.59
C TRP D 597 5.61 -27.53 -35.43
N GLY D 598 6.62 -28.22 -34.91
CA GLY D 598 6.39 -29.19 -33.84
C GLY D 598 7.48 -29.20 -32.80
N LYS D 599 7.09 -29.48 -31.55
CA LYS D 599 8.06 -29.52 -30.46
C LYS D 599 7.81 -30.71 -29.55
N ASN D 600 8.88 -31.47 -29.31
CA ASN D 600 8.97 -32.47 -28.24
C ASN D 600 9.29 -31.76 -26.93
N SER D 601 8.26 -31.20 -26.30
CA SER D 601 8.55 -30.47 -25.06
C SER D 601 8.89 -31.39 -23.89
N SER D 602 8.70 -32.70 -24.03
CA SER D 602 9.27 -33.62 -23.03
C SER D 602 10.79 -33.46 -22.94
N ASP D 603 11.44 -33.05 -24.03
CA ASP D 603 12.89 -33.07 -24.12
C ASP D 603 13.49 -31.82 -24.74
N ASP D 604 12.72 -30.74 -24.87
CA ASP D 604 13.18 -29.49 -25.46
C ASP D 604 13.90 -29.72 -26.79
N ARG D 605 13.30 -30.54 -27.64
CA ARG D 605 13.80 -30.82 -28.97
C ARG D 605 12.66 -30.63 -29.96
N ALA D 606 13.02 -30.31 -31.20
CA ALA D 606 12.03 -30.34 -32.26
C ALA D 606 11.38 -31.72 -32.35
N LEU D 607 10.15 -31.76 -32.85
CA LEU D 607 9.55 -33.03 -33.24
C LEU D 607 10.19 -33.51 -34.54
N PRO D 608 10.26 -34.81 -34.76
CA PRO D 608 10.78 -35.32 -36.02
C PRO D 608 9.75 -35.31 -37.14
N GLN D 609 10.23 -35.33 -38.36
CA GLN D 609 9.39 -35.57 -39.53
C GLN D 609 8.33 -34.50 -39.74
N ILE D 610 8.67 -33.24 -39.48
CA ILE D 610 7.80 -32.11 -39.80
C ILE D 610 8.26 -31.54 -41.14
N PRO D 611 7.40 -31.49 -42.16
CA PRO D 611 7.84 -31.00 -43.49
C PRO D 611 7.93 -29.49 -43.50
N PRO D 612 8.89 -28.93 -44.24
CA PRO D 612 9.15 -27.50 -44.14
C PRO D 612 8.08 -26.66 -44.82
N LEU D 613 8.19 -25.36 -44.59
CA LEU D 613 7.37 -24.37 -45.27
C LEU D 613 7.38 -24.56 -46.79
N GLU D 614 6.20 -24.42 -47.39
CA GLU D 614 6.17 -24.45 -48.84
C GLU D 614 5.01 -23.64 -49.38
N ALA D 615 5.21 -23.20 -50.62
CA ALA D 615 4.32 -22.29 -51.32
C ALA D 615 4.23 -22.75 -52.76
N ARG D 616 3.11 -22.44 -53.40
CA ARG D 616 2.77 -22.86 -54.75
C ARG D 616 2.20 -21.65 -55.46
N PHE D 617 2.57 -21.46 -56.73
CA PHE D 617 2.08 -20.34 -57.51
C PHE D 617 1.63 -20.85 -58.86
N GLY D 618 0.37 -20.57 -59.21
CA GLY D 618 -0.20 -20.95 -60.48
C GLY D 618 -0.52 -19.74 -61.34
N LEU D 619 -0.46 -19.95 -62.65
CA LEU D 619 -0.87 -18.95 -63.63
C LEU D 619 -1.47 -19.68 -64.81
N THR D 620 -2.73 -19.39 -65.11
CA THR D 620 -3.45 -20.10 -66.16
C THR D 620 -3.99 -19.13 -67.20
N TYR D 621 -4.17 -19.65 -68.42
CA TYR D 621 -4.83 -18.92 -69.49
C TYR D 621 -5.92 -19.83 -70.06
N GLU D 622 -7.12 -19.27 -70.20
CA GLU D 622 -8.33 -19.99 -70.55
C GLU D 622 -8.92 -19.33 -71.79
N GLU D 623 -9.56 -20.15 -72.62
CA GLU D 623 -10.16 -19.60 -73.83
C GLU D 623 -11.16 -20.53 -74.49
N GLY D 624 -12.41 -20.51 -74.03
CA GLY D 624 -13.44 -21.36 -74.61
C GLY D 624 -13.27 -22.82 -74.23
N ASP D 625 -12.46 -23.54 -74.98
CA ASP D 625 -12.36 -24.97 -74.81
C ASP D 625 -10.93 -25.43 -74.60
N TRP D 626 -10.07 -24.55 -74.13
CA TRP D 626 -8.68 -24.95 -73.99
C TRP D 626 -8.01 -24.08 -72.95
N SER D 627 -6.93 -24.59 -72.39
CA SER D 627 -6.35 -24.04 -71.18
C SER D 627 -4.87 -24.34 -71.17
N ALA D 628 -4.07 -23.33 -70.80
CA ALA D 628 -2.66 -23.53 -70.49
C ALA D 628 -2.35 -22.92 -69.13
N GLY D 629 -1.55 -23.65 -68.34
CA GLY D 629 -1.11 -23.12 -67.07
C GLY D 629 0.35 -23.46 -66.81
N SER D 630 0.92 -22.70 -65.87
CA SER D 630 2.29 -22.87 -65.41
C SER D 630 2.32 -22.82 -63.89
N LEU D 631 3.17 -23.64 -63.30
CA LEU D 631 3.16 -23.85 -61.86
C LEU D 631 4.55 -23.72 -61.29
N TRP D 632 4.65 -23.06 -60.14
CA TRP D 632 5.93 -22.85 -59.46
C TRP D 632 5.80 -23.34 -58.03
N ARG D 633 6.53 -24.40 -57.69
CA ARG D 633 6.57 -24.92 -56.33
C ARG D 633 7.89 -24.53 -55.67
N VAL D 634 7.80 -23.89 -54.51
CA VAL D 634 8.98 -23.41 -53.77
C VAL D 634 8.91 -23.96 -52.35
N VAL D 635 9.94 -24.70 -51.94
CA VAL D 635 9.96 -25.37 -50.64
C VAL D 635 11.17 -24.92 -49.84
N ALA D 636 10.94 -24.56 -48.57
CA ALA D 636 11.97 -24.05 -47.70
C ALA D 636 12.82 -25.19 -47.15
N PRO D 637 14.00 -24.86 -46.61
CA PRO D 637 14.75 -25.88 -45.88
C PRO D 637 14.11 -26.18 -44.52
N GLN D 638 14.15 -27.45 -44.12
CA GLN D 638 13.75 -27.84 -42.78
C GLN D 638 15.01 -27.90 -41.92
N ASN D 639 15.10 -26.99 -40.95
CA ASN D 639 16.23 -26.98 -40.03
C ASN D 639 15.89 -27.56 -38.68
N ARG D 640 14.63 -27.50 -38.27
CA ARG D 640 14.18 -28.19 -37.05
C ARG D 640 14.12 -29.71 -37.33
N ILE D 641 15.04 -30.48 -36.76
CA ILE D 641 15.02 -31.92 -36.91
C ILE D 641 15.27 -32.57 -35.57
N ALA D 642 15.06 -33.87 -35.52
CA ALA D 642 15.26 -34.66 -34.31
C ALA D 642 16.00 -35.92 -34.72
N ARG D 643 17.30 -35.76 -34.96
CA ARG D 643 18.16 -36.85 -35.42
C ARG D 643 17.87 -38.16 -34.69
N ASP D 644 17.69 -39.22 -35.46
CA ASP D 644 17.44 -40.58 -35.00
C ASP D 644 16.09 -40.72 -34.28
N GLN D 645 15.17 -39.77 -34.48
CA GLN D 645 13.82 -39.87 -33.97
C GLN D 645 12.85 -39.78 -35.13
N GLY D 646 11.63 -40.28 -34.93
CA GLY D 646 10.66 -40.25 -36.00
C GLY D 646 9.42 -41.08 -35.76
N ASN D 647 9.15 -42.00 -36.69
CA ASN D 647 7.96 -42.85 -36.63
C ASN D 647 8.39 -44.25 -37.06
N VAL D 648 7.40 -45.08 -37.41
CA VAL D 648 7.69 -46.47 -37.74
C VAL D 648 8.40 -46.59 -39.08
N VAL D 649 8.14 -45.67 -40.00
CA VAL D 649 8.73 -45.73 -41.33
C VAL D 649 10.11 -45.09 -41.34
N GLY D 650 10.19 -43.81 -41.01
CA GLY D 650 11.42 -43.07 -41.19
C GLY D 650 11.82 -42.31 -39.94
N LYS D 651 13.10 -41.91 -39.94
CA LYS D 651 13.70 -41.11 -38.89
C LYS D 651 14.31 -39.85 -39.48
N ASP D 652 14.20 -38.76 -38.74
CA ASP D 652 15.00 -37.58 -39.02
C ASP D 652 16.48 -37.92 -38.92
N PHE D 653 17.29 -37.33 -39.82
CA PHE D 653 18.75 -37.43 -39.72
C PHE D 653 19.45 -36.14 -40.11
N ASP D 654 19.13 -35.56 -41.27
CA ASP D 654 19.83 -34.37 -41.73
C ASP D 654 18.88 -33.24 -42.09
N LYS D 655 19.27 -32.02 -41.73
CA LYS D 655 18.61 -30.81 -42.21
C LYS D 655 18.56 -30.82 -43.74
N SER D 656 17.45 -30.33 -44.30
CA SER D 656 17.17 -30.49 -45.72
C SER D 656 17.35 -29.17 -46.45
N ALA D 657 17.56 -29.28 -47.76
CA ALA D 657 17.78 -28.14 -48.64
C ALA D 657 16.48 -27.62 -49.22
N GLY D 658 16.43 -26.29 -49.38
CA GLY D 658 15.38 -25.68 -50.18
C GLY D 658 15.49 -26.09 -51.64
N PHE D 659 14.46 -25.75 -52.41
CA PHE D 659 14.45 -26.05 -53.84
C PHE D 659 13.21 -25.43 -54.46
N GLY D 660 13.22 -25.36 -55.79
CA GLY D 660 12.06 -24.93 -56.55
C GLY D 660 11.83 -25.77 -57.80
N VAL D 661 10.57 -26.02 -58.14
CA VAL D 661 10.23 -26.85 -59.30
C VAL D 661 9.19 -26.12 -60.15
N PHE D 662 9.52 -25.88 -61.41
CA PHE D 662 8.59 -25.29 -62.36
C PHE D 662 7.96 -26.38 -63.22
N SER D 663 6.68 -26.22 -63.59
CA SER D 663 5.95 -27.22 -64.37
C SER D 663 4.93 -26.54 -65.28
N LEU D 664 4.61 -27.20 -66.39
CA LEU D 664 3.69 -26.67 -67.38
C LEU D 664 2.59 -27.69 -67.66
N ASN D 665 1.39 -27.20 -67.97
CA ASN D 665 0.25 -28.06 -68.27
C ASN D 665 -0.68 -27.33 -69.22
N GLY D 666 -1.46 -28.11 -69.95
CA GLY D 666 -2.45 -27.55 -70.86
C GLY D 666 -3.55 -28.58 -71.05
N ALA D 667 -4.69 -28.11 -71.54
CA ALA D 667 -5.82 -29.01 -71.70
C ALA D 667 -6.75 -28.48 -72.78
N TYR D 668 -7.42 -29.42 -73.45
CA TYR D 668 -8.23 -29.14 -74.64
C TYR D 668 -9.46 -30.05 -74.66
N ARG D 669 -10.65 -29.46 -74.80
CA ARG D 669 -11.91 -30.21 -74.88
C ARG D 669 -12.31 -30.33 -76.35
N VAL D 670 -11.73 -31.31 -77.03
CA VAL D 670 -12.11 -31.63 -78.39
C VAL D 670 -13.33 -32.53 -78.31
N THR D 671 -14.43 -32.11 -78.91
CA THR D 671 -15.79 -32.64 -78.70
C THR D 671 -16.20 -32.84 -77.24
N ARG D 672 -17.50 -32.94 -77.02
CA ARG D 672 -18.08 -32.87 -75.68
C ARG D 672 -18.13 -34.24 -75.03
N ASN D 673 -17.44 -35.22 -75.63
CA ASN D 673 -17.22 -36.53 -75.05
C ASN D 673 -15.76 -36.83 -74.77
N VAL D 674 -14.83 -36.12 -75.40
CA VAL D 674 -13.40 -36.40 -75.29
C VAL D 674 -12.69 -35.18 -74.74
N LYS D 675 -11.70 -35.41 -73.89
CA LYS D 675 -10.92 -34.35 -73.28
C LYS D 675 -9.44 -34.74 -73.33
N LEU D 676 -8.59 -33.79 -73.70
CA LEU D 676 -7.16 -34.05 -73.76
C LEU D 676 -6.45 -33.21 -72.71
N SER D 677 -5.39 -33.76 -72.14
CA SER D 677 -4.60 -32.97 -71.20
C SER D 677 -3.18 -33.50 -71.26
N ALA D 678 -2.24 -32.62 -70.92
CA ALA D 678 -0.82 -32.91 -71.03
C ALA D 678 -0.09 -32.08 -69.99
N GLY D 679 1.12 -32.52 -69.64
CA GLY D 679 1.94 -31.73 -68.75
C GLY D 679 3.38 -32.15 -68.86
N VAL D 680 4.27 -31.19 -68.64
CA VAL D 680 5.67 -31.50 -68.35
C VAL D 680 5.91 -31.07 -66.90
N ASP D 681 6.36 -32.02 -66.07
CA ASP D 681 6.65 -31.81 -64.66
C ASP D 681 8.14 -31.78 -64.41
N ASN D 682 8.55 -30.87 -63.52
CA ASN D 682 9.96 -30.52 -63.25
C ASN D 682 10.69 -30.17 -64.55
N LEU D 683 10.25 -29.04 -65.13
CA LEU D 683 10.69 -28.67 -66.48
C LEU D 683 12.20 -28.55 -66.56
N PHE D 684 12.82 -27.96 -65.54
CA PHE D 684 14.26 -27.73 -65.54
C PHE D 684 15.04 -28.92 -65.02
N ASP D 685 14.40 -30.08 -64.87
CA ASP D 685 15.05 -31.32 -64.48
C ASP D 685 15.84 -31.17 -63.18
N LYS D 686 15.22 -30.51 -62.19
CA LYS D 686 15.90 -30.24 -60.93
C LYS D 686 16.23 -31.54 -60.20
N ASP D 687 17.37 -31.56 -59.53
CA ASP D 687 17.82 -32.72 -58.79
C ASP D 687 17.60 -32.38 -57.32
N TYR D 688 16.55 -32.95 -56.73
CA TYR D 688 16.17 -32.54 -55.38
C TYR D 688 15.51 -33.71 -54.67
N THR D 689 15.44 -33.61 -53.35
CA THR D 689 14.78 -34.60 -52.52
C THR D 689 13.95 -33.86 -51.49
N GLU D 690 12.87 -34.49 -51.05
CA GLU D 690 12.01 -33.95 -50.00
C GLU D 690 12.53 -34.36 -48.63
N HIS D 691 12.34 -33.47 -47.65
CA HIS D 691 12.81 -33.74 -46.30
C HIS D 691 12.27 -35.06 -45.73
N LEU D 692 11.08 -35.48 -46.17
CA LEU D 692 10.41 -36.60 -45.52
C LEU D 692 10.68 -37.95 -46.16
N ASN D 693 11.34 -37.99 -47.33
CA ASN D 693 11.56 -39.26 -48.00
C ASN D 693 12.45 -40.17 -47.13
N LYS D 694 12.51 -41.44 -47.51
CA LYS D 694 13.29 -42.42 -46.76
C LYS D 694 14.78 -42.35 -47.14
N ALA D 695 15.60 -42.95 -46.30
CA ALA D 695 17.00 -43.17 -46.64
C ALA D 695 17.11 -44.38 -47.57
N GLY D 696 17.83 -44.22 -48.71
CA GLY D 696 17.96 -45.29 -49.69
C GLY D 696 18.95 -46.38 -49.27
N ASP D 697 18.74 -47.60 -49.82
CA ASP D 697 19.20 -48.82 -49.15
C ASP D 697 20.70 -49.06 -49.19
N ALA D 698 21.47 -48.28 -49.95
CA ALA D 698 22.93 -48.45 -50.02
C ALA D 698 23.34 -49.72 -50.76
N GLY D 699 22.58 -50.81 -50.59
CA GLY D 699 22.63 -51.96 -51.46
C GLY D 699 21.97 -51.65 -52.80
N PHE D 700 21.81 -50.33 -53.04
CA PHE D 700 21.40 -49.75 -54.30
C PHE D 700 22.33 -48.63 -54.76
N GLY D 701 23.20 -48.11 -53.89
CA GLY D 701 24.13 -47.05 -54.23
C GLY D 701 24.10 -45.84 -53.30
N PHE D 702 23.23 -45.86 -52.31
CA PHE D 702 22.93 -44.68 -51.50
C PHE D 702 23.86 -44.60 -50.30
N SER D 703 24.84 -43.70 -50.38
CA SER D 703 25.85 -43.55 -49.35
C SER D 703 25.27 -42.88 -48.10
N ALA D 704 25.65 -43.40 -46.93
CA ALA D 704 25.14 -42.95 -45.64
C ALA D 704 23.61 -43.00 -45.62
N ASN D 705 22.98 -41.83 -45.46
CA ASN D 705 21.52 -41.70 -45.46
C ASN D 705 21.09 -40.60 -46.42
N GLU D 706 21.47 -40.78 -47.69
CA GLU D 706 20.81 -40.09 -48.80
C GLU D 706 19.31 -40.33 -48.73
N THR D 707 18.52 -39.26 -48.79
CA THR D 707 17.09 -39.41 -48.98
C THR D 707 16.78 -39.79 -50.43
N VAL D 708 15.68 -40.50 -50.61
CA VAL D 708 15.32 -40.91 -51.98
C VAL D 708 15.06 -39.67 -52.82
N PRO D 709 15.69 -39.53 -54.00
CA PRO D 709 15.50 -38.31 -54.79
C PRO D 709 14.14 -38.32 -55.48
N GLU D 710 13.65 -37.11 -55.76
CA GLU D 710 12.37 -36.95 -56.44
C GLU D 710 12.53 -37.18 -57.94
N PRO D 711 11.45 -37.39 -58.68
CA PRO D 711 11.58 -37.58 -60.13
C PRO D 711 12.07 -36.31 -60.81
N GLY D 712 12.89 -36.49 -61.84
CA GLY D 712 13.32 -35.41 -62.71
C GLY D 712 12.25 -35.06 -63.72
N ARG D 713 12.67 -34.40 -64.80
CA ARG D 713 11.71 -33.97 -65.82
C ARG D 713 10.98 -35.16 -66.41
N THR D 714 9.65 -35.06 -66.46
CA THR D 714 8.78 -36.12 -66.96
C THR D 714 7.64 -35.48 -67.73
N PHE D 715 7.07 -36.26 -68.63
CA PHE D 715 6.06 -35.81 -69.58
C PHE D 715 4.87 -36.76 -69.45
N TRP D 716 3.66 -36.22 -69.58
CA TRP D 716 2.48 -37.07 -69.56
C TRP D 716 1.40 -36.48 -70.45
N THR D 717 0.64 -37.37 -71.07
CA THR D 717 -0.54 -37.01 -71.83
CA THR D 717 -0.53 -37.04 -71.86
C THR D 717 -1.67 -37.95 -71.41
N LYS D 718 -2.90 -37.45 -71.53
CA LYS D 718 -4.06 -38.14 -70.97
C LYS D 718 -5.29 -37.83 -71.80
N VAL D 719 -6.14 -38.83 -72.01
CA VAL D 719 -7.42 -38.65 -72.68
C VAL D 719 -8.54 -39.15 -71.77
N ASP D 720 -9.63 -38.39 -71.72
CA ASP D 720 -10.77 -38.64 -70.85
C ASP D 720 -11.97 -38.82 -71.75
N PHE D 721 -12.52 -40.04 -71.78
CA PHE D 721 -13.76 -40.34 -72.47
C PHE D 721 -14.89 -40.29 -71.46
N SER D 722 -16.06 -39.85 -71.91
CA SER D 722 -17.17 -39.71 -70.98
C SER D 722 -18.47 -39.72 -71.80
N PHE D 723 -18.98 -40.92 -72.07
CA PHE D 723 -20.29 -41.15 -72.70
C PHE D 723 -21.43 -41.22 -71.65
CU CU E . 15.40 72.25 25.78
CU CU F . -18.88 26.64 11.03
CU CU G . -2.60 -42.32 10.71
CU CU H . 6.71 -55.32 -45.59
#